data_2RVB
#
_entry.id   2RVB
#
loop_
_entity.id
_entity.type
_entity.pdbx_description
1 polymer 'DNA repair protein complementing XP-C cells'
2 polymer 'General transcription factor IIH subunit 1'
#
loop_
_entity_poly.entity_id
_entity_poly.type
_entity_poly.pdbx_seq_one_letter_code
_entity_poly.pdbx_strand_id
1 'polypeptide(L)' GSHMAHHLKRGATMNEDSNEEEEESENDWEEVEELSEPVLGDVRESTAFSRS A
2 'polypeptide(L)'
;GSMATSSEEVLLIVKKVRQKKQDGALYLMAERIAWAPEGKDRFTISHMYADIKCQKISPEGKAKIQLQLVLHAGDTTNFH
FSNESTAVKERDAVKDLLQQLLPKFKRKAN
;
B
#
# COMPACT_ATOMS: atom_id res chain seq x y z
N ALA A 5 -17.57 5.01 20.24
CA ALA A 5 -16.56 4.96 21.32
C ALA A 5 -15.39 5.87 20.99
N HIS A 6 -14.39 5.90 21.87
CA HIS A 6 -13.22 6.75 21.65
C HIS A 6 -12.18 5.98 20.84
N HIS A 7 -11.23 6.70 20.27
CA HIS A 7 -10.18 6.08 19.48
C HIS A 7 -9.09 5.52 20.40
N LEU A 8 -8.78 4.25 20.21
CA LEU A 8 -7.77 3.57 21.01
C LEU A 8 -6.36 3.91 20.53
N LYS A 9 -5.89 5.10 20.92
CA LYS A 9 -4.57 5.57 20.55
C LYS A 9 -4.26 6.88 21.26
N ARG A 10 -5.11 7.88 21.04
CA ARG A 10 -4.93 9.17 21.66
C ARG A 10 -5.63 9.23 23.02
N GLY A 11 -4.85 9.11 24.08
CA GLY A 11 -5.41 9.17 25.41
C GLY A 11 -5.31 10.57 26.01
N ALA A 12 -4.42 11.36 25.44
CA ALA A 12 -4.20 12.74 25.86
C ALA A 12 -3.35 13.46 24.83
N THR A 13 -3.07 14.73 25.06
CA THR A 13 -2.26 15.52 24.15
C THR A 13 -0.82 15.01 24.14
N MET A 14 -0.35 14.59 22.97
CA MET A 14 1.00 14.07 22.84
C MET A 14 1.69 14.62 21.59
N ASN A 15 0.95 14.73 20.51
CA ASN A 15 1.51 15.23 19.25
C ASN A 15 0.44 15.94 18.42
N GLU A 16 -0.44 16.65 19.12
CA GLU A 16 -1.52 17.38 18.48
C GLU A 16 -1.01 18.68 17.88
N ASP A 17 0.30 18.80 17.86
CA ASP A 17 0.98 19.97 17.31
C ASP A 17 1.15 19.81 15.80
N SER A 18 1.81 18.72 15.41
CA SER A 18 2.04 18.43 14.01
C SER A 18 1.01 17.41 13.51
N ASN A 19 0.36 16.74 14.46
CA ASN A 19 -0.66 15.73 14.17
C ASN A 19 -0.07 14.61 13.34
N GLU A 20 1.01 14.03 13.83
CA GLU A 20 1.67 12.93 13.14
C GLU A 20 1.39 11.61 13.84
N GLU A 21 2.23 11.25 14.80
CA GLU A 21 2.08 10.00 15.53
C GLU A 21 1.42 10.24 16.88
N GLU A 22 0.09 10.35 16.87
CA GLU A 22 -0.67 10.55 18.10
C GLU A 22 -1.91 9.67 18.12
N GLU A 23 -2.66 9.65 17.02
CA GLU A 23 -3.85 8.85 16.93
C GLU A 23 -4.06 8.32 15.52
N GLU A 24 -4.51 7.07 15.45
CA GLU A 24 -4.79 6.40 14.20
C GLU A 24 -5.39 5.03 14.50
N SER A 25 -6.36 4.61 13.71
CA SER A 25 -7.00 3.32 13.91
C SER A 25 -6.21 2.25 13.16
N GLU A 26 -5.05 1.93 13.70
CA GLU A 26 -4.13 0.97 13.12
C GLU A 26 -4.34 -0.43 13.66
N ASN A 27 -5.44 -0.62 14.35
CA ASN A 27 -5.74 -1.92 14.90
C ASN A 27 -7.09 -2.39 14.37
N ASP A 28 -7.34 -2.05 13.11
CA ASP A 28 -8.59 -2.39 12.46
C ASP A 28 -8.45 -2.30 10.96
N TRP A 29 -7.82 -3.28 10.40
CA TRP A 29 -7.64 -3.35 8.97
C TRP A 29 -8.04 -4.72 8.46
N GLU A 30 -8.73 -4.74 7.34
CA GLU A 30 -9.08 -5.99 6.69
C GLU A 30 -7.78 -6.45 6.08
N GLU A 31 -7.10 -7.33 6.77
CA GLU A 31 -5.79 -7.75 6.37
C GLU A 31 -5.75 -8.54 5.06
N VAL A 32 -5.17 -7.88 4.08
CA VAL A 32 -4.97 -8.39 2.74
C VAL A 32 -3.63 -9.10 2.64
N GLU A 33 -3.62 -10.20 1.94
CA GLU A 33 -2.42 -11.01 1.80
C GLU A 33 -2.02 -11.23 0.35
N GLU A 34 -0.73 -11.46 0.14
CA GLU A 34 -0.19 -11.72 -1.19
C GLU A 34 -1.08 -12.70 -1.96
N LEU A 35 -1.71 -12.18 -3.00
CA LEU A 35 -2.62 -12.96 -3.81
C LEU A 35 -1.98 -13.35 -5.14
N SER A 36 -2.04 -14.63 -5.47
CA SER A 36 -1.47 -15.12 -6.70
C SER A 36 -2.52 -15.79 -7.57
N GLU A 37 -2.27 -15.78 -8.86
CA GLU A 37 -3.16 -16.39 -9.83
C GLU A 37 -2.99 -17.90 -9.82
N PRO A 38 -4.10 -18.66 -9.84
CA PRO A 38 -4.07 -20.11 -9.86
C PRO A 38 -3.63 -20.64 -11.22
N VAL A 39 -2.35 -20.95 -11.32
CA VAL A 39 -1.80 -21.47 -12.56
C VAL A 39 -1.04 -22.76 -12.31
N LEU A 40 -1.17 -23.69 -13.25
CA LEU A 40 -0.51 -24.98 -13.14
C LEU A 40 0.25 -25.29 -14.43
N GLY A 41 0.67 -24.22 -15.10
CA GLY A 41 1.39 -24.36 -16.35
C GLY A 41 1.55 -23.03 -17.05
N ASP A 42 2.78 -22.53 -17.09
CA ASP A 42 3.06 -21.24 -17.72
C ASP A 42 3.35 -21.41 -19.21
N VAL A 43 2.38 -21.97 -19.92
CA VAL A 43 2.50 -22.19 -21.36
C VAL A 43 1.13 -22.08 -22.03
N ARG A 44 0.68 -20.86 -22.26
CA ARG A 44 -0.62 -20.63 -22.89
C ARG A 44 -0.47 -19.86 -24.20
N GLU A 45 0.66 -19.20 -24.36
CA GLU A 45 0.94 -18.42 -25.56
C GLU A 45 2.06 -19.08 -26.35
N SER A 46 3.00 -19.70 -25.62
CA SER A 46 4.12 -20.37 -26.23
C SER A 46 3.66 -21.59 -27.01
N THR A 47 2.54 -22.15 -26.58
CA THR A 47 1.96 -23.32 -27.21
C THR A 47 1.20 -22.94 -28.49
N ALA A 48 0.94 -21.65 -28.64
CA ALA A 48 0.22 -21.15 -29.80
C ALA A 48 1.18 -20.72 -30.90
N PHE A 49 2.43 -21.18 -30.81
CA PHE A 49 3.45 -20.85 -31.79
C PHE A 49 3.07 -21.36 -33.18
N SER A 50 2.19 -22.37 -33.21
CA SER A 50 1.70 -22.98 -34.44
C SER A 50 2.78 -23.82 -35.14
N ARG A 51 3.88 -23.16 -35.53
CA ARG A 51 4.97 -23.85 -36.20
C ARG A 51 6.25 -23.04 -36.06
N SER A 52 7.36 -23.64 -36.45
CA SER A 52 8.65 -22.98 -36.40
C SER A 52 9.12 -22.71 -37.82
N MET B 3 8.15 -2.55 -18.63
CA MET B 3 7.24 -3.58 -18.09
C MET B 3 7.95 -4.41 -17.04
N ALA B 4 7.93 -3.94 -15.79
CA ALA B 4 8.59 -4.61 -14.68
C ALA B 4 10.04 -4.92 -15.03
N THR B 5 10.74 -3.91 -15.52
CA THR B 5 12.12 -4.06 -15.92
C THR B 5 13.03 -3.11 -15.13
N SER B 6 12.70 -2.94 -13.84
CA SER B 6 13.46 -2.07 -12.95
C SER B 6 13.26 -0.59 -13.34
N SER B 7 12.22 -0.35 -14.12
CA SER B 7 11.91 0.99 -14.58
C SER B 7 10.90 1.67 -13.65
N GLU B 8 10.96 3.00 -13.61
CA GLU B 8 10.06 3.78 -12.76
C GLU B 8 8.72 3.98 -13.46
N GLU B 9 8.12 2.88 -13.89
CA GLU B 9 6.84 2.93 -14.56
C GLU B 9 5.71 2.86 -13.53
N VAL B 10 5.09 4.01 -13.30
CA VAL B 10 3.99 4.11 -12.35
C VAL B 10 2.73 3.47 -12.92
N LEU B 11 2.37 2.33 -12.37
CA LEU B 11 1.20 1.60 -12.79
C LEU B 11 -0.06 2.25 -12.24
N LEU B 12 0.01 2.68 -10.99
CA LEU B 12 -1.13 3.32 -10.35
C LEU B 12 -0.73 4.60 -9.64
N ILE B 13 -1.39 5.68 -10.01
CA ILE B 13 -1.14 6.99 -9.41
C ILE B 13 -2.26 7.33 -8.44
N VAL B 14 -1.94 7.27 -7.16
CA VAL B 14 -2.90 7.56 -6.11
C VAL B 14 -2.67 8.98 -5.60
N LYS B 15 -3.77 9.70 -5.37
CA LYS B 15 -3.67 11.08 -4.90
C LYS B 15 -3.93 11.19 -3.40
N LYS B 16 -3.85 12.43 -2.92
CA LYS B 16 -4.03 12.80 -1.51
C LYS B 16 -3.95 11.63 -0.52
N VAL B 17 -2.76 11.10 -0.34
CA VAL B 17 -2.52 10.01 0.59
C VAL B 17 -1.72 10.56 1.75
N ARG B 18 -2.14 10.27 2.97
CA ARG B 18 -1.46 10.79 4.13
C ARG B 18 -0.92 9.67 5.02
N GLN B 19 0.33 9.78 5.40
CA GLN B 19 0.92 8.80 6.30
C GLN B 19 0.99 9.46 7.66
N LYS B 20 0.24 8.92 8.61
CA LYS B 20 0.17 9.50 9.95
C LYS B 20 -0.37 10.93 9.86
N LYS B 21 -1.21 11.15 8.84
CA LYS B 21 -1.87 12.44 8.55
C LYS B 21 -0.97 13.39 7.75
N GLN B 22 0.22 12.93 7.35
CA GLN B 22 1.13 13.75 6.57
C GLN B 22 0.70 13.75 5.11
N ASP B 23 0.49 14.93 4.53
CA ASP B 23 0.02 15.04 3.14
C ASP B 23 1.01 14.43 2.16
N GLY B 24 0.48 13.74 1.15
CA GLY B 24 1.33 13.15 0.15
C GLY B 24 0.54 12.48 -0.95
N ALA B 25 1.26 11.79 -1.82
CA ALA B 25 0.67 11.07 -2.92
C ALA B 25 1.33 9.72 -3.02
N LEU B 26 0.55 8.69 -3.31
CA LEU B 26 1.09 7.34 -3.38
C LEU B 26 1.25 6.93 -4.85
N TYR B 27 2.46 6.54 -5.23
CA TYR B 27 2.74 6.13 -6.59
C TYR B 27 3.20 4.69 -6.64
N LEU B 28 2.43 3.86 -7.32
CA LEU B 28 2.73 2.44 -7.46
C LEU B 28 3.49 2.19 -8.75
N MET B 29 4.75 1.85 -8.66
CA MET B 29 5.56 1.59 -9.85
C MET B 29 5.56 0.10 -10.19
N ALA B 30 6.47 -0.30 -11.07
CA ALA B 30 6.55 -1.68 -11.52
C ALA B 30 6.84 -2.68 -10.40
N GLU B 31 7.89 -2.44 -9.62
CA GLU B 31 8.24 -3.36 -8.54
C GLU B 31 8.39 -2.63 -7.21
N ARG B 32 8.16 -1.32 -7.21
CA ARG B 32 8.31 -0.55 -5.99
C ARG B 32 7.15 0.42 -5.79
N ILE B 33 6.80 0.60 -4.53
CA ILE B 33 5.73 1.51 -4.15
C ILE B 33 6.35 2.69 -3.40
N ALA B 34 6.17 3.89 -3.92
CA ALA B 34 6.74 5.06 -3.30
C ALA B 34 5.69 6.10 -2.99
N TRP B 35 5.95 6.89 -1.98
CA TRP B 35 5.04 7.94 -1.55
C TRP B 35 5.83 9.22 -1.30
N ALA B 36 5.27 10.33 -1.75
CA ALA B 36 5.90 11.63 -1.58
C ALA B 36 4.82 12.67 -1.30
N PRO B 37 5.11 13.65 -0.43
CA PRO B 37 4.14 14.70 -0.08
C PRO B 37 3.53 15.37 -1.32
N GLU B 38 2.25 15.70 -1.24
CA GLU B 38 1.52 16.28 -2.35
C GLU B 38 2.06 17.67 -2.69
N GLY B 39 2.52 17.82 -3.93
CA GLY B 39 3.07 19.09 -4.37
C GLY B 39 4.56 19.15 -4.16
N LYS B 40 5.15 18.05 -3.72
CA LYS B 40 6.58 17.98 -3.47
C LYS B 40 7.23 17.02 -4.46
N ASP B 41 8.45 17.33 -4.86
CA ASP B 41 9.19 16.52 -5.84
C ASP B 41 10.12 15.52 -5.17
N ARG B 42 10.20 15.56 -3.85
CA ARG B 42 11.09 14.66 -3.14
C ARG B 42 10.34 13.55 -2.42
N PHE B 43 10.59 12.32 -2.86
CA PHE B 43 9.96 11.14 -2.27
C PHE B 43 10.53 10.90 -0.87
N THR B 44 9.70 10.38 0.02
CA THR B 44 10.14 10.09 1.38
C THR B 44 9.95 8.61 1.72
N ILE B 45 8.94 8.01 1.12
CA ILE B 45 8.64 6.60 1.36
C ILE B 45 8.88 5.78 0.09
N SER B 46 9.66 4.71 0.22
CA SER B 46 9.95 3.84 -0.92
C SER B 46 10.14 2.40 -0.45
N HIS B 47 9.23 1.54 -0.86
CA HIS B 47 9.29 0.12 -0.49
C HIS B 47 9.15 -0.75 -1.71
N MET B 48 9.91 -1.82 -1.76
CA MET B 48 9.84 -2.75 -2.87
C MET B 48 8.79 -3.80 -2.54
N TYR B 49 8.02 -4.20 -3.55
CA TYR B 49 6.99 -5.23 -3.35
C TYR B 49 7.64 -6.48 -2.77
N ALA B 50 8.90 -6.69 -3.17
CA ALA B 50 9.73 -7.79 -2.72
C ALA B 50 9.82 -7.88 -1.19
N ASP B 51 9.83 -6.73 -0.52
CA ASP B 51 9.96 -6.66 0.94
C ASP B 51 8.61 -6.61 1.64
N ILE B 52 7.56 -6.33 0.89
CA ILE B 52 6.24 -6.29 1.49
C ILE B 52 5.64 -7.68 1.51
N LYS B 53 5.10 -8.07 2.66
CA LYS B 53 4.52 -9.39 2.77
C LYS B 53 3.03 -9.33 2.50
N CYS B 54 2.38 -8.32 3.06
CA CYS B 54 0.96 -8.16 2.89
C CYS B 54 0.55 -6.72 3.19
N GLN B 55 -0.73 -6.45 3.12
CA GLN B 55 -1.23 -5.12 3.37
C GLN B 55 -2.60 -5.22 3.97
N LYS B 56 -2.92 -4.39 4.93
CA LYS B 56 -4.23 -4.45 5.51
C LYS B 56 -4.93 -3.13 5.25
N ILE B 57 -6.24 -3.17 5.11
CA ILE B 57 -7.01 -1.97 4.79
C ILE B 57 -7.99 -1.62 5.90
N SER B 58 -7.97 -0.39 6.38
CA SER B 58 -8.88 0.00 7.44
C SER B 58 -10.23 0.31 6.83
N PRO B 59 -11.20 -0.57 7.13
CA PRO B 59 -12.58 -0.52 6.63
C PRO B 59 -13.37 0.70 7.11
N GLU B 60 -14.51 0.91 6.46
CA GLU B 60 -15.42 2.00 6.79
C GLU B 60 -15.84 1.93 8.25
N GLY B 61 -16.25 3.06 8.79
CA GLY B 61 -16.63 3.13 10.18
C GLY B 61 -15.68 4.05 10.91
N LYS B 62 -14.50 4.21 10.32
CA LYS B 62 -13.49 5.10 10.85
C LYS B 62 -13.63 6.43 10.13
N ALA B 63 -13.01 7.46 10.67
CA ALA B 63 -13.06 8.77 10.05
C ALA B 63 -12.09 8.86 8.88
N LYS B 64 -11.32 7.79 8.69
CA LYS B 64 -10.34 7.76 7.62
C LYS B 64 -10.15 6.35 7.07
N ILE B 65 -10.32 6.22 5.75
CA ILE B 65 -10.11 4.95 5.07
C ILE B 65 -8.62 4.82 4.81
N GLN B 66 -8.00 3.72 5.23
CA GLN B 66 -6.54 3.61 5.09
C GLN B 66 -6.06 2.24 4.64
N LEU B 67 -4.76 2.20 4.33
CA LEU B 67 -4.05 1.00 3.90
C LEU B 67 -2.72 0.86 4.67
N GLN B 68 -2.54 -0.21 5.44
CA GLN B 68 -1.29 -0.40 6.15
C GLN B 68 -0.45 -1.48 5.46
N LEU B 69 0.79 -1.17 5.15
CA LEU B 69 1.68 -2.12 4.48
C LEU B 69 2.48 -2.90 5.51
N VAL B 70 2.29 -4.20 5.54
CA VAL B 70 3.01 -5.04 6.48
C VAL B 70 4.19 -5.69 5.78
N LEU B 71 5.39 -5.22 6.10
CA LEU B 71 6.59 -5.75 5.50
C LEU B 71 7.08 -6.94 6.31
N HIS B 72 7.60 -7.95 5.63
CA HIS B 72 8.10 -9.15 6.31
C HIS B 72 9.44 -8.89 6.97
N ALA B 73 9.87 -7.64 6.93
CA ALA B 73 11.11 -7.21 7.55
C ALA B 73 10.84 -6.64 8.93
N GLY B 74 9.57 -6.57 9.29
CA GLY B 74 9.19 -6.04 10.58
C GLY B 74 8.83 -4.56 10.50
N ASP B 75 8.25 -4.17 9.39
CA ASP B 75 7.86 -2.77 9.17
C ASP B 75 6.40 -2.68 8.75
N THR B 76 5.78 -1.53 9.01
CA THR B 76 4.39 -1.30 8.65
C THR B 76 4.19 0.16 8.25
N THR B 77 3.53 0.39 7.12
CA THR B 77 3.29 1.75 6.65
C THR B 77 1.79 2.05 6.58
N ASN B 78 1.32 3.00 7.39
CA ASN B 78 -0.08 3.39 7.41
C ASN B 78 -0.37 4.49 6.40
N PHE B 79 -1.13 4.18 5.37
CA PHE B 79 -1.47 5.16 4.33
C PHE B 79 -2.95 5.53 4.38
N HIS B 80 -3.21 6.76 4.77
CA HIS B 80 -4.58 7.29 4.86
C HIS B 80 -5.00 7.89 3.52
N PHE B 81 -6.08 7.38 2.96
CA PHE B 81 -6.59 7.88 1.70
C PHE B 81 -7.48 9.10 1.96
N SER B 82 -6.85 10.27 2.00
CA SER B 82 -7.56 11.52 2.26
C SER B 82 -8.08 12.16 0.99
N ASN B 83 -8.12 11.37 -0.08
CA ASN B 83 -8.61 11.87 -1.35
C ASN B 83 -10.12 11.69 -1.42
N GLU B 84 -10.84 12.72 -1.00
CA GLU B 84 -12.31 12.70 -0.96
C GLU B 84 -12.95 12.20 -2.26
N SER B 85 -12.31 12.47 -3.39
CA SER B 85 -12.82 12.07 -4.68
C SER B 85 -12.88 10.55 -4.87
N THR B 86 -11.78 9.85 -4.61
CA THR B 86 -11.74 8.41 -4.81
C THR B 86 -11.12 7.63 -3.65
N ALA B 87 -11.13 8.19 -2.44
CA ALA B 87 -10.54 7.54 -1.26
C ALA B 87 -10.79 6.03 -1.17
N VAL B 88 -12.06 5.67 -0.98
CA VAL B 88 -12.45 4.27 -0.87
C VAL B 88 -12.10 3.48 -2.14
N LYS B 89 -12.36 4.09 -3.28
CA LYS B 89 -12.10 3.46 -4.57
C LYS B 89 -10.61 3.18 -4.77
N GLU B 90 -9.78 4.16 -4.45
CA GLU B 90 -8.33 4.01 -4.57
C GLU B 90 -7.83 2.97 -3.58
N ARG B 91 -8.45 2.96 -2.41
CA ARG B 91 -8.08 2.01 -1.35
C ARG B 91 -8.13 0.57 -1.84
N ASP B 92 -9.21 0.21 -2.50
CA ASP B 92 -9.38 -1.15 -3.00
C ASP B 92 -8.57 -1.42 -4.26
N ALA B 93 -8.34 -0.39 -5.08
CA ALA B 93 -7.58 -0.58 -6.31
C ALA B 93 -6.12 -0.81 -5.97
N VAL B 94 -5.66 -0.05 -4.99
CA VAL B 94 -4.30 -0.16 -4.51
C VAL B 94 -4.12 -1.52 -3.86
N LYS B 95 -5.12 -1.89 -3.04
CA LYS B 95 -5.13 -3.15 -2.34
C LYS B 95 -4.91 -4.31 -3.31
N ASP B 96 -5.78 -4.38 -4.30
CA ASP B 96 -5.74 -5.43 -5.31
C ASP B 96 -4.41 -5.44 -6.04
N LEU B 97 -4.06 -4.31 -6.66
CA LEU B 97 -2.81 -4.21 -7.41
C LEU B 97 -1.62 -4.64 -6.55
N LEU B 98 -1.58 -4.14 -5.32
CA LEU B 98 -0.50 -4.47 -4.41
C LEU B 98 -0.47 -5.94 -4.06
N GLN B 99 -1.61 -6.52 -3.66
CA GLN B 99 -1.62 -7.92 -3.27
C GLN B 99 -1.41 -8.83 -4.46
N GLN B 100 -1.69 -8.33 -5.66
CA GLN B 100 -1.49 -9.11 -6.87
C GLN B 100 0.00 -9.16 -7.23
N LEU B 101 0.69 -8.05 -7.00
CA LEU B 101 2.12 -7.96 -7.30
C LEU B 101 2.98 -8.46 -6.13
N LEU B 102 2.40 -8.42 -4.94
CA LEU B 102 3.08 -8.85 -3.70
C LEU B 102 3.82 -10.18 -3.82
N PRO B 103 3.14 -11.27 -4.22
CA PRO B 103 3.78 -12.57 -4.33
C PRO B 103 4.58 -12.74 -5.62
N LYS B 104 4.45 -11.77 -6.52
CA LYS B 104 5.17 -11.82 -7.79
C LYS B 104 6.61 -11.34 -7.63
N PHE B 105 6.80 -10.41 -6.70
CA PHE B 105 8.12 -9.85 -6.44
C PHE B 105 8.66 -10.33 -5.11
N LYS B 106 8.00 -11.33 -4.54
CA LYS B 106 8.37 -11.88 -3.24
C LYS B 106 9.85 -12.26 -3.17
N ARG B 107 10.60 -11.53 -2.35
CA ARG B 107 12.02 -11.80 -2.18
C ARG B 107 12.27 -12.46 -0.83
N LYS B 108 11.21 -13.02 -0.25
CA LYS B 108 11.30 -13.68 1.04
C LYS B 108 11.88 -15.09 0.91
N ALA B 109 12.23 -15.47 -0.32
CA ALA B 109 12.82 -16.77 -0.57
C ALA B 109 14.31 -16.71 -0.25
N ASN B 110 14.61 -16.32 0.97
CA ASN B 110 15.98 -16.17 1.45
C ASN B 110 15.95 -16.00 2.95
N ALA A 5 1.46 13.76 15.69
CA ALA A 5 2.51 14.00 16.72
C ALA A 5 1.89 14.00 18.12
N HIS A 6 0.77 14.69 18.26
CA HIS A 6 0.09 14.77 19.53
C HIS A 6 -0.92 13.63 19.65
N HIS A 7 -0.44 12.45 20.01
CA HIS A 7 -1.31 11.28 20.16
C HIS A 7 -2.43 11.58 21.15
N LEU A 8 -3.67 11.54 20.65
CA LEU A 8 -4.87 11.81 21.46
C LEU A 8 -4.93 13.29 21.85
N LYS A 9 -4.04 14.09 21.26
CA LYS A 9 -3.95 15.53 21.51
C LYS A 9 -3.71 15.82 22.99
N ARG A 10 -3.19 14.83 23.71
CA ARG A 10 -2.91 15.01 25.13
C ARG A 10 -1.65 14.25 25.55
N GLY A 11 -1.32 13.20 24.81
CA GLY A 11 -0.13 12.43 25.13
C GLY A 11 1.15 13.18 24.80
N ALA A 12 1.03 14.18 23.94
CA ALA A 12 2.18 14.98 23.53
C ALA A 12 1.74 16.41 23.24
N THR A 13 2.69 17.33 23.26
CA THR A 13 2.43 18.73 22.99
C THR A 13 3.70 19.42 22.47
N MET A 14 3.68 19.82 21.21
CA MET A 14 4.82 20.49 20.60
C MET A 14 4.36 21.74 19.85
N ASN A 15 3.79 21.53 18.67
CA ASN A 15 3.30 22.62 17.82
C ASN A 15 2.73 22.05 16.53
N GLU A 16 3.55 21.27 15.85
CA GLU A 16 3.15 20.64 14.60
C GLU A 16 2.58 19.26 14.90
N ASP A 17 1.67 18.76 14.04
CA ASP A 17 1.04 17.46 14.29
C ASP A 17 1.14 16.52 13.09
N SER A 18 1.43 17.06 11.91
CA SER A 18 1.51 16.24 10.70
C SER A 18 2.85 15.51 10.56
N ASN A 19 3.69 15.63 11.58
CA ASN A 19 5.01 14.99 11.55
C ASN A 19 4.96 13.56 12.08
N GLU A 20 4.12 12.73 11.45
CA GLU A 20 3.96 11.32 11.79
C GLU A 20 3.34 11.10 13.17
N GLU A 21 3.17 9.82 13.51
CA GLU A 21 2.59 9.36 14.76
C GLU A 21 1.30 10.08 15.12
N GLU A 22 0.19 9.53 14.64
CA GLU A 22 -1.12 10.09 14.85
C GLU A 22 -2.17 8.99 14.89
N GLU A 23 -3.40 9.33 15.24
CA GLU A 23 -4.48 8.37 15.28
C GLU A 23 -4.94 8.08 13.85
N GLU A 24 -4.22 7.21 13.18
CA GLU A 24 -4.51 6.91 11.79
C GLU A 24 -4.68 5.41 11.57
N SER A 25 -5.41 4.75 12.48
CA SER A 25 -5.67 3.31 12.40
C SER A 25 -4.38 2.53 12.61
N GLU A 26 -4.44 1.43 13.34
CA GLU A 26 -3.25 0.67 13.66
C GLU A 26 -3.50 -0.83 13.63
N ASN A 27 -4.42 -1.27 14.46
CA ASN A 27 -4.78 -2.69 14.57
C ASN A 27 -6.24 -2.87 14.17
N ASP A 28 -6.59 -2.31 13.04
CA ASP A 28 -7.96 -2.36 12.56
C ASP A 28 -8.01 -2.29 11.04
N TRP A 29 -7.52 -3.34 10.42
CA TRP A 29 -7.48 -3.43 8.96
C TRP A 29 -7.82 -4.84 8.51
N GLU A 30 -8.55 -4.94 7.40
CA GLU A 30 -8.84 -6.22 6.82
C GLU A 30 -7.54 -6.64 6.15
N GLU A 31 -6.81 -7.49 6.82
CA GLU A 31 -5.49 -7.87 6.36
C GLU A 31 -5.50 -8.68 5.06
N VAL A 32 -4.99 -8.01 4.04
CA VAL A 32 -4.85 -8.54 2.70
C VAL A 32 -3.54 -9.31 2.53
N GLU A 33 -3.63 -10.39 1.80
CA GLU A 33 -2.51 -11.29 1.57
C GLU A 33 -2.17 -11.39 0.09
N GLU A 34 -0.90 -11.74 -0.20
CA GLU A 34 -0.42 -11.91 -1.56
C GLU A 34 -1.42 -12.70 -2.41
N LEU A 35 -1.87 -12.05 -3.48
CA LEU A 35 -2.84 -12.64 -4.39
C LEU A 35 -2.22 -12.88 -5.76
N SER A 36 -2.47 -14.04 -6.33
CA SER A 36 -1.94 -14.38 -7.64
C SER A 36 -3.05 -14.34 -8.69
N GLU A 37 -2.68 -14.04 -9.93
CA GLU A 37 -3.63 -13.98 -11.03
C GLU A 37 -4.38 -15.30 -11.19
N PRO A 38 -5.70 -15.24 -11.39
CA PRO A 38 -6.53 -16.43 -11.57
C PRO A 38 -6.24 -17.15 -12.88
N VAL A 39 -5.45 -18.19 -12.78
CA VAL A 39 -5.09 -19.00 -13.94
C VAL A 39 -5.86 -20.31 -13.94
N LEU A 40 -6.27 -20.75 -15.11
CA LEU A 40 -7.03 -21.97 -15.23
C LEU A 40 -6.39 -22.90 -16.25
N GLY A 41 -6.39 -24.19 -15.95
CA GLY A 41 -5.81 -25.17 -16.83
C GLY A 41 -5.58 -26.48 -16.11
N ASP A 42 -4.34 -26.96 -16.14
CA ASP A 42 -4.00 -28.21 -15.48
C ASP A 42 -3.34 -27.93 -14.14
N VAL A 43 -3.73 -28.68 -13.13
CA VAL A 43 -3.17 -28.52 -11.79
C VAL A 43 -2.89 -29.89 -11.17
N ARG A 44 -2.75 -30.87 -12.04
CA ARG A 44 -2.49 -32.24 -11.62
C ARG A 44 -1.13 -32.71 -12.13
N GLU A 45 -0.72 -32.17 -13.27
CA GLU A 45 0.54 -32.56 -13.87
C GLU A 45 1.73 -32.22 -12.98
N SER A 46 2.46 -33.27 -12.64
CA SER A 46 3.66 -33.19 -11.82
C SER A 46 4.40 -34.51 -11.93
N THR A 47 4.21 -35.16 -13.07
CA THR A 47 4.84 -36.44 -13.33
C THR A 47 5.91 -36.31 -14.41
N ALA A 48 5.55 -35.66 -15.51
CA ALA A 48 6.45 -35.46 -16.64
C ALA A 48 7.67 -34.67 -16.22
N PHE A 49 7.45 -33.40 -15.91
CA PHE A 49 8.52 -32.52 -15.47
C PHE A 49 8.86 -32.86 -14.03
N SER A 50 7.97 -33.66 -13.42
CA SER A 50 8.12 -34.11 -12.05
C SER A 50 7.98 -32.96 -11.05
N ARG A 51 8.95 -32.07 -11.01
CA ARG A 51 8.89 -30.95 -10.09
C ARG A 51 9.54 -29.71 -10.68
N SER A 52 8.76 -28.65 -10.75
CA SER A 52 9.21 -27.36 -11.26
C SER A 52 8.33 -26.28 -10.63
N MET B 3 5.50 -2.83 -19.46
CA MET B 3 4.26 -3.63 -19.42
C MET B 3 4.27 -4.49 -18.16
N ALA B 4 3.59 -4.01 -17.11
CA ALA B 4 3.48 -4.71 -15.82
C ALA B 4 4.81 -4.63 -15.07
N THR B 5 5.85 -5.17 -15.69
CA THR B 5 7.18 -5.15 -15.10
C THR B 5 8.25 -5.14 -16.19
N SER B 6 8.52 -3.96 -16.72
CA SER B 6 9.52 -3.79 -17.76
C SER B 6 10.44 -2.62 -17.41
N SER B 7 9.89 -1.66 -16.67
CA SER B 7 10.63 -0.48 -16.27
C SER B 7 9.92 0.19 -15.09
N GLU B 8 10.29 1.41 -14.77
CA GLU B 8 9.67 2.13 -13.67
C GLU B 8 8.34 2.71 -14.14
N GLU B 9 7.40 1.84 -14.43
CA GLU B 9 6.09 2.23 -14.90
C GLU B 9 5.12 2.41 -13.75
N VAL B 10 4.80 3.66 -13.45
CA VAL B 10 3.85 3.98 -12.40
C VAL B 10 2.46 3.58 -12.85
N LEU B 11 2.04 2.40 -12.43
CA LEU B 11 0.76 1.84 -12.78
C LEU B 11 -0.40 2.62 -12.17
N LEU B 12 -0.27 2.97 -10.90
CA LEU B 12 -1.33 3.69 -10.22
C LEU B 12 -0.81 4.92 -9.47
N ILE B 13 -1.59 6.00 -9.56
CA ILE B 13 -1.26 7.24 -8.88
C ILE B 13 -2.42 7.68 -8.01
N VAL B 14 -2.22 7.60 -6.71
CA VAL B 14 -3.26 7.97 -5.76
C VAL B 14 -2.99 9.36 -5.19
N LYS B 15 -4.06 10.12 -5.03
CA LYS B 15 -3.94 11.48 -4.50
C LYS B 15 -4.18 11.50 -2.99
N LYS B 16 -4.00 12.70 -2.41
CA LYS B 16 -4.13 12.94 -0.95
C LYS B 16 -4.12 11.68 -0.09
N VAL B 17 -2.95 11.11 0.06
CA VAL B 17 -2.74 9.94 0.89
C VAL B 17 -1.98 10.38 2.13
N ARG B 18 -2.66 10.47 3.25
CA ARG B 18 -2.05 10.92 4.48
C ARG B 18 -1.52 9.77 5.32
N GLN B 19 -0.25 9.81 5.64
CA GLN B 19 0.32 8.80 6.49
C GLN B 19 0.52 9.42 7.87
N LYS B 20 -0.39 9.05 8.77
CA LYS B 20 -0.38 9.57 10.12
C LYS B 20 -0.46 11.10 10.12
N LYS B 21 -1.46 11.59 9.36
CA LYS B 21 -1.78 13.02 9.23
C LYS B 21 -0.87 13.78 8.26
N GLN B 22 -0.01 13.09 7.54
CA GLN B 22 0.86 13.74 6.55
C GLN B 22 0.39 13.34 5.16
N ASP B 23 -0.08 14.30 4.36
CA ASP B 23 -0.61 13.99 3.03
C ASP B 23 0.45 13.98 1.95
N GLY B 24 0.18 13.18 0.94
CA GLY B 24 1.07 13.05 -0.18
C GLY B 24 0.43 12.28 -1.30
N ALA B 25 1.23 11.87 -2.26
CA ALA B 25 0.76 11.11 -3.39
C ALA B 25 1.34 9.72 -3.34
N LEU B 26 0.51 8.73 -3.65
CA LEU B 26 0.94 7.35 -3.61
C LEU B 26 1.19 6.88 -5.04
N TYR B 27 2.43 6.51 -5.33
CA TYR B 27 2.80 6.06 -6.67
C TYR B 27 3.10 4.57 -6.68
N LEU B 28 2.28 3.83 -7.39
CA LEU B 28 2.47 2.39 -7.52
C LEU B 28 3.22 2.09 -8.80
N MET B 29 4.49 1.75 -8.68
CA MET B 29 5.29 1.45 -9.85
C MET B 29 5.26 -0.04 -10.16
N ALA B 30 6.17 -0.48 -11.03
CA ALA B 30 6.21 -1.88 -11.43
C ALA B 30 6.75 -2.80 -10.34
N GLU B 31 7.92 -2.48 -9.79
CA GLU B 31 8.52 -3.33 -8.78
C GLU B 31 8.42 -2.76 -7.36
N ARG B 32 8.20 -1.45 -7.23
CA ARG B 32 8.13 -0.86 -5.91
C ARG B 32 7.04 0.20 -5.78
N ILE B 33 6.58 0.37 -4.56
CA ILE B 33 5.57 1.35 -4.23
C ILE B 33 6.25 2.53 -3.54
N ALA B 34 5.98 3.74 -4.00
CA ALA B 34 6.61 4.91 -3.42
C ALA B 34 5.57 5.96 -3.06
N TRP B 35 5.93 6.82 -2.12
CA TRP B 35 5.05 7.87 -1.66
C TRP B 35 5.85 9.14 -1.40
N ALA B 36 5.22 10.28 -1.66
CA ALA B 36 5.84 11.58 -1.45
C ALA B 36 4.79 12.58 -1.02
N PRO B 37 5.08 13.42 0.00
CA PRO B 37 4.14 14.44 0.50
C PRO B 37 3.67 15.35 -0.62
N GLU B 38 2.42 15.82 -0.54
CA GLU B 38 1.90 16.69 -1.58
C GLU B 38 2.62 18.04 -1.55
N GLY B 39 3.36 18.32 -2.61
CA GLY B 39 4.10 19.56 -2.69
C GLY B 39 5.60 19.31 -2.55
N LYS B 40 5.98 18.04 -2.47
CA LYS B 40 7.38 17.68 -2.34
C LYS B 40 7.99 17.37 -3.70
N ASP B 41 9.31 17.57 -3.78
CA ASP B 41 10.06 17.35 -5.01
C ASP B 41 10.79 16.00 -4.99
N ARG B 42 10.51 15.20 -3.98
CA ARG B 42 11.17 13.90 -3.86
C ARG B 42 10.32 12.93 -3.05
N PHE B 43 10.50 11.64 -3.32
CA PHE B 43 9.78 10.60 -2.63
C PHE B 43 10.49 10.29 -1.31
N THR B 44 9.73 10.30 -0.22
CA THR B 44 10.29 10.03 1.09
C THR B 44 10.07 8.58 1.51
N ILE B 45 9.27 7.87 0.73
CA ILE B 45 8.96 6.49 1.02
C ILE B 45 9.03 5.62 -0.24
N SER B 46 9.75 4.51 -0.16
CA SER B 46 9.89 3.58 -1.27
C SER B 46 10.02 2.15 -0.73
N HIS B 47 9.09 1.29 -1.09
CA HIS B 47 9.11 -0.09 -0.62
C HIS B 47 8.98 -1.06 -1.78
N MET B 48 9.84 -2.06 -1.81
CA MET B 48 9.79 -3.06 -2.85
C MET B 48 8.70 -4.06 -2.51
N TYR B 49 7.91 -4.45 -3.50
CA TYR B 49 6.82 -5.40 -3.28
C TYR B 49 7.36 -6.71 -2.69
N ALA B 50 8.62 -7.00 -3.00
CA ALA B 50 9.30 -8.19 -2.51
C ALA B 50 9.50 -8.17 -0.99
N ASP B 51 9.32 -7.02 -0.35
CA ASP B 51 9.52 -6.90 1.08
C ASP B 51 8.23 -6.63 1.83
N ILE B 52 7.10 -6.71 1.16
CA ILE B 52 5.83 -6.50 1.84
C ILE B 52 5.33 -7.83 2.38
N LYS B 53 5.19 -7.90 3.69
CA LYS B 53 4.75 -9.11 4.37
C LYS B 53 3.25 -9.33 4.25
N CYS B 54 2.50 -8.27 4.48
CA CYS B 54 1.05 -8.30 4.43
C CYS B 54 0.53 -6.88 4.32
N GLN B 55 -0.51 -6.67 3.55
CA GLN B 55 -1.07 -5.35 3.40
C GLN B 55 -2.49 -5.37 3.90
N LYS B 56 -2.82 -4.51 4.82
CA LYS B 56 -4.15 -4.52 5.36
C LYS B 56 -4.88 -3.24 5.01
N ILE B 57 -6.19 -3.26 5.13
CA ILE B 57 -7.02 -2.11 4.76
C ILE B 57 -8.00 -1.75 5.86
N SER B 58 -8.06 -0.48 6.25
CA SER B 58 -8.99 -0.08 7.28
C SER B 58 -10.38 -0.02 6.66
N PRO B 59 -11.26 -0.92 7.15
CA PRO B 59 -12.64 -1.09 6.65
C PRO B 59 -13.57 0.07 7.00
N GLU B 60 -14.74 0.04 6.35
CA GLU B 60 -15.78 1.03 6.57
C GLU B 60 -16.17 1.09 8.04
N GLY B 61 -16.69 2.21 8.45
CA GLY B 61 -17.07 2.40 9.83
C GLY B 61 -16.10 3.34 10.50
N LYS B 62 -14.92 3.44 9.91
CA LYS B 62 -13.89 4.35 10.39
C LYS B 62 -14.12 5.70 9.74
N ALA B 63 -13.52 6.74 10.31
CA ALA B 63 -13.68 8.09 9.76
C ALA B 63 -12.90 8.27 8.47
N LYS B 64 -12.14 7.26 8.09
CA LYS B 64 -11.34 7.32 6.87
C LYS B 64 -10.94 5.92 6.42
N ILE B 65 -11.03 5.70 5.12
CA ILE B 65 -10.66 4.44 4.51
C ILE B 65 -9.13 4.43 4.36
N GLN B 66 -8.48 3.37 4.84
CA GLN B 66 -7.00 3.34 4.79
C GLN B 66 -6.40 2.01 4.36
N LEU B 67 -5.07 2.04 4.15
CA LEU B 67 -4.28 0.87 3.75
C LEU B 67 -2.95 0.82 4.52
N GLN B 68 -2.69 -0.27 5.25
CA GLN B 68 -1.43 -0.39 5.99
C GLN B 68 -0.55 -1.48 5.36
N LEU B 69 0.71 -1.18 5.16
CA LEU B 69 1.66 -2.14 4.57
C LEU B 69 2.58 -2.68 5.66
N VAL B 70 2.36 -3.91 6.07
CA VAL B 70 3.20 -4.54 7.08
C VAL B 70 4.36 -5.23 6.38
N LEU B 71 5.57 -4.84 6.69
CA LEU B 71 6.75 -5.42 6.05
C LEU B 71 7.46 -6.38 6.98
N HIS B 72 8.10 -7.39 6.41
CA HIS B 72 8.81 -8.39 7.20
C HIS B 72 10.15 -7.84 7.68
N ALA B 73 10.43 -6.59 7.31
CA ALA B 73 11.66 -5.93 7.71
C ALA B 73 11.46 -5.21 9.04
N GLY B 74 10.24 -5.29 9.57
CA GLY B 74 9.94 -4.65 10.84
C GLY B 74 9.42 -3.25 10.65
N ASP B 75 8.78 -3.00 9.52
CA ASP B 75 8.25 -1.68 9.21
C ASP B 75 6.77 -1.79 8.80
N THR B 76 6.05 -0.68 8.93
CA THR B 76 4.64 -0.64 8.58
C THR B 76 4.30 0.72 7.96
N THR B 77 3.63 0.69 6.83
CA THR B 77 3.26 1.92 6.15
C THR B 77 1.74 2.12 6.18
N ASN B 78 1.27 3.00 7.05
CA ASN B 78 -0.16 3.26 7.18
C ASN B 78 -0.57 4.45 6.32
N PHE B 79 -1.35 4.18 5.26
CA PHE B 79 -1.80 5.23 4.36
C PHE B 79 -3.29 5.51 4.48
N HIS B 80 -3.61 6.73 4.87
CA HIS B 80 -4.98 7.19 5.00
C HIS B 80 -5.41 7.91 3.72
N PHE B 81 -6.42 7.38 3.06
CA PHE B 81 -6.91 7.99 1.83
C PHE B 81 -7.86 9.13 2.16
N SER B 82 -7.32 10.34 2.25
CA SER B 82 -8.11 11.52 2.57
C SER B 82 -8.81 12.09 1.34
N ASN B 83 -8.52 11.53 0.19
CA ASN B 83 -9.13 11.98 -1.05
C ASN B 83 -10.54 11.41 -1.13
N GLU B 84 -11.51 12.16 -0.62
CA GLU B 84 -12.91 11.73 -0.57
C GLU B 84 -13.45 11.28 -1.93
N SER B 85 -13.09 12.00 -2.97
CA SER B 85 -13.55 11.71 -4.32
C SER B 85 -13.41 10.23 -4.70
N THR B 86 -12.25 9.64 -4.45
CA THR B 86 -12.02 8.25 -4.79
C THR B 86 -11.37 7.44 -3.67
N ALA B 87 -11.49 7.92 -2.43
CA ALA B 87 -10.88 7.26 -1.26
C ALA B 87 -11.05 5.74 -1.27
N VAL B 88 -12.27 5.28 -1.14
CA VAL B 88 -12.57 3.85 -1.13
C VAL B 88 -12.11 3.16 -2.41
N LYS B 89 -12.35 3.81 -3.53
CA LYS B 89 -12.01 3.26 -4.84
C LYS B 89 -10.49 3.09 -4.99
N GLU B 90 -9.74 4.14 -4.66
CA GLU B 90 -8.29 4.11 -4.76
C GLU B 90 -7.72 3.09 -3.80
N ARG B 91 -8.29 3.03 -2.60
CA ARG B 91 -7.85 2.09 -1.57
C ARG B 91 -7.85 0.66 -2.06
N ASP B 92 -8.98 0.20 -2.60
CA ASP B 92 -9.10 -1.16 -3.08
C ASP B 92 -8.35 -1.39 -4.38
N ALA B 93 -8.18 -0.35 -5.17
CA ALA B 93 -7.47 -0.48 -6.43
C ALA B 93 -6.00 -0.68 -6.13
N VAL B 94 -5.54 0.03 -5.11
CA VAL B 94 -4.18 -0.07 -4.64
C VAL B 94 -3.99 -1.44 -4.01
N LYS B 95 -4.96 -1.83 -3.20
CA LYS B 95 -4.95 -3.12 -2.52
C LYS B 95 -4.80 -4.25 -3.54
N ASP B 96 -5.74 -4.30 -4.46
CA ASP B 96 -5.75 -5.32 -5.50
C ASP B 96 -4.42 -5.36 -6.23
N LEU B 97 -3.98 -4.21 -6.75
CA LEU B 97 -2.73 -4.13 -7.48
C LEU B 97 -1.55 -4.58 -6.59
N LEU B 98 -1.55 -4.11 -5.35
CA LEU B 98 -0.50 -4.46 -4.41
C LEU B 98 -0.46 -5.95 -4.14
N GLN B 99 -1.60 -6.53 -3.78
CA GLN B 99 -1.65 -7.96 -3.48
C GLN B 99 -1.40 -8.78 -4.72
N GLN B 100 -1.70 -8.25 -5.88
CA GLN B 100 -1.46 -8.95 -7.13
C GLN B 100 0.04 -9.06 -7.40
N LEU B 101 0.75 -7.97 -7.17
CA LEU B 101 2.19 -7.91 -7.41
C LEU B 101 2.98 -8.50 -6.24
N LEU B 102 2.36 -8.54 -5.06
CA LEU B 102 3.00 -9.06 -3.85
C LEU B 102 3.67 -10.42 -4.03
N PRO B 103 2.92 -11.49 -4.40
CA PRO B 103 3.51 -12.82 -4.54
C PRO B 103 4.37 -12.95 -5.78
N LYS B 104 4.28 -11.96 -6.66
CA LYS B 104 5.07 -11.95 -7.88
C LYS B 104 6.47 -11.40 -7.63
N PHE B 105 6.60 -10.57 -6.60
CA PHE B 105 7.88 -9.97 -6.28
C PHE B 105 8.47 -10.52 -4.98
N LYS B 106 7.65 -10.79 -3.98
CA LYS B 106 8.16 -11.29 -2.71
C LYS B 106 8.67 -12.72 -2.87
N ARG B 107 9.97 -12.87 -2.66
CA ARG B 107 10.62 -14.18 -2.76
C ARG B 107 10.63 -14.85 -1.39
N LYS B 108 10.41 -14.04 -0.37
CA LYS B 108 10.36 -14.54 0.99
C LYS B 108 8.91 -14.69 1.40
N ALA B 109 8.46 -15.93 1.54
CA ALA B 109 7.09 -16.23 1.91
C ALA B 109 6.81 -15.93 3.38
N ASN B 110 6.80 -14.64 3.71
CA ASN B 110 6.54 -14.18 5.07
C ASN B 110 6.58 -12.67 5.09
N ALA A 5 -17.67 38.84 10.48
CA ALA A 5 -16.43 38.42 9.79
C ALA A 5 -16.76 37.82 8.43
N HIS A 6 -15.87 38.01 7.47
CA HIS A 6 -16.08 37.50 6.13
C HIS A 6 -15.64 36.03 6.04
N HIS A 7 -16.62 35.13 6.06
CA HIS A 7 -16.39 33.69 5.98
C HIS A 7 -15.63 33.18 7.21
N LEU A 8 -16.34 32.49 8.09
CA LEU A 8 -15.72 31.94 9.29
C LEU A 8 -14.77 30.82 8.90
N LYS A 9 -13.47 31.11 8.95
CA LYS A 9 -12.46 30.14 8.59
C LYS A 9 -12.19 29.19 9.74
N ARG A 10 -12.01 27.92 9.41
CA ARG A 10 -11.76 26.91 10.42
C ARG A 10 -10.29 26.52 10.43
N GLY A 11 -9.59 26.84 11.51
CA GLY A 11 -8.19 26.52 11.62
C GLY A 11 -7.77 26.32 13.06
N ALA A 12 -6.60 25.75 13.25
CA ALA A 12 -6.07 25.50 14.59
C ALA A 12 -4.70 26.14 14.75
N THR A 13 -4.58 27.04 15.71
CA THR A 13 -3.32 27.73 15.98
C THR A 13 -3.30 28.26 17.41
N MET A 14 -2.85 27.42 18.33
CA MET A 14 -2.76 27.80 19.74
C MET A 14 -1.42 27.34 20.31
N ASN A 15 -1.17 26.03 20.21
CA ASN A 15 0.05 25.40 20.70
C ASN A 15 -0.08 23.89 20.59
N GLU A 16 -1.05 23.34 21.31
CA GLU A 16 -1.30 21.90 21.32
C GLU A 16 -2.28 21.54 20.20
N ASP A 17 -1.97 21.96 18.99
CA ASP A 17 -2.82 21.69 17.83
C ASP A 17 -2.38 20.43 17.11
N SER A 18 -1.40 19.74 17.69
CA SER A 18 -0.87 18.51 17.10
C SER A 18 -1.95 17.42 17.05
N ASN A 19 -2.11 16.85 15.87
CA ASN A 19 -3.09 15.79 15.66
C ASN A 19 -2.41 14.59 15.00
N GLU A 20 -1.14 14.78 14.61
CA GLU A 20 -0.31 13.77 13.97
C GLU A 20 -0.62 12.37 14.51
N GLU A 21 -0.42 12.19 15.81
CA GLU A 21 -0.69 10.92 16.45
C GLU A 21 -2.03 10.99 17.19
N GLU A 22 -2.89 10.00 16.95
CA GLU A 22 -4.21 9.98 17.58
C GLU A 22 -4.90 8.62 17.37
N GLU A 23 -5.19 8.29 16.11
CA GLU A 23 -5.84 7.04 15.76
C GLU A 23 -6.00 6.97 14.25
N GLU A 24 -4.97 6.51 13.56
CA GLU A 24 -5.01 6.42 12.11
C GLU A 24 -5.31 4.98 11.68
N SER A 25 -6.33 4.38 12.32
CA SER A 25 -6.79 3.02 12.01
C SER A 25 -5.69 1.97 12.15
N GLU A 26 -4.72 2.27 12.99
CA GLU A 26 -3.53 1.42 13.22
C GLU A 26 -3.82 -0.08 13.33
N ASN A 27 -4.89 -0.45 14.02
CA ASN A 27 -5.19 -1.87 14.20
C ASN A 27 -6.60 -2.23 13.75
N ASP A 28 -7.00 -1.71 12.60
CA ASP A 28 -8.34 -1.97 12.08
C ASP A 28 -8.31 -2.04 10.57
N TRP A 29 -7.69 -3.07 10.06
CA TRP A 29 -7.58 -3.26 8.62
C TRP A 29 -7.94 -4.68 8.21
N GLU A 30 -8.63 -4.80 7.09
CA GLU A 30 -8.93 -6.09 6.53
C GLU A 30 -7.61 -6.54 5.92
N GLU A 31 -6.91 -7.38 6.65
CA GLU A 31 -5.59 -7.79 6.24
C GLU A 31 -5.57 -8.63 4.97
N VAL A 32 -5.01 -8.00 3.95
CA VAL A 32 -4.85 -8.56 2.61
C VAL A 32 -3.54 -9.33 2.45
N GLU A 33 -3.64 -10.43 1.75
CA GLU A 33 -2.53 -11.33 1.48
C GLU A 33 -2.21 -11.39 -0.01
N GLU A 34 -0.97 -11.74 -0.34
CA GLU A 34 -0.55 -11.86 -1.74
C GLU A 34 -1.57 -12.68 -2.54
N LEU A 35 -2.03 -12.10 -3.63
CA LEU A 35 -3.03 -12.73 -4.47
C LEU A 35 -2.51 -12.95 -5.89
N SER A 36 -2.78 -14.11 -6.44
CA SER A 36 -2.36 -14.42 -7.80
C SER A 36 -3.57 -14.55 -8.71
N GLU A 37 -3.37 -14.25 -9.98
CA GLU A 37 -4.44 -14.33 -10.95
C GLU A 37 -4.93 -15.77 -11.11
N PRO A 38 -6.25 -15.97 -11.12
CA PRO A 38 -6.86 -17.30 -11.28
C PRO A 38 -6.94 -17.74 -12.73
N VAL A 39 -6.12 -17.12 -13.52
CA VAL A 39 -6.04 -17.41 -14.93
C VAL A 39 -5.01 -18.50 -15.17
N LEU A 40 -5.35 -19.44 -16.02
CA LEU A 40 -4.46 -20.54 -16.33
C LEU A 40 -3.63 -20.22 -17.55
N GLY A 41 -2.62 -19.39 -17.34
CA GLY A 41 -1.74 -18.96 -18.40
C GLY A 41 -1.29 -17.54 -18.17
N ASP A 42 -1.49 -16.68 -19.16
CA ASP A 42 -1.12 -15.28 -19.03
C ASP A 42 -2.02 -14.42 -19.90
N VAL A 43 -2.27 -13.21 -19.42
CA VAL A 43 -3.09 -12.25 -20.12
C VAL A 43 -2.84 -10.87 -19.53
N ARG A 44 -1.61 -10.65 -19.06
CA ARG A 44 -1.26 -9.37 -18.44
C ARG A 44 0.24 -9.06 -18.50
N GLU A 45 1.10 -10.06 -18.69
CA GLU A 45 2.53 -9.81 -18.71
C GLU A 45 3.24 -10.54 -19.85
N SER A 46 3.28 -11.87 -19.77
CA SER A 46 3.94 -12.68 -20.78
C SER A 46 3.25 -12.56 -22.14
N THR A 47 2.00 -12.10 -22.14
CA THR A 47 1.24 -11.94 -23.37
C THR A 47 1.81 -10.84 -24.26
N ALA A 48 2.62 -9.97 -23.66
CA ALA A 48 3.24 -8.86 -24.39
C ALA A 48 4.08 -9.37 -25.54
N PHE A 49 5.14 -10.10 -25.22
CA PHE A 49 6.00 -10.67 -26.24
C PHE A 49 5.32 -11.89 -26.84
N SER A 50 4.38 -12.44 -26.05
CA SER A 50 3.59 -13.60 -26.43
C SER A 50 4.44 -14.87 -26.51
N ARG A 51 5.38 -14.92 -27.44
CA ARG A 51 6.24 -16.08 -27.61
C ARG A 51 7.54 -15.69 -28.28
N SER A 52 8.58 -16.44 -27.98
CA SER A 52 9.89 -16.23 -28.57
C SER A 52 10.49 -17.58 -28.92
N MET B 3 9.62 -2.83 -13.62
CA MET B 3 9.12 -4.24 -13.61
C MET B 3 10.30 -5.20 -13.60
N ALA B 4 10.74 -5.62 -14.79
CA ALA B 4 11.87 -6.54 -14.91
C ALA B 4 13.15 -5.79 -14.54
N THR B 5 13.07 -4.48 -14.66
CA THR B 5 14.15 -3.58 -14.33
C THR B 5 13.53 -2.32 -13.74
N SER B 6 14.30 -1.57 -12.97
CA SER B 6 13.78 -0.35 -12.36
C SER B 6 13.74 0.80 -13.35
N SER B 7 12.60 0.97 -13.99
CA SER B 7 12.40 2.05 -14.95
C SER B 7 11.48 3.09 -14.33
N GLU B 8 11.17 2.87 -13.06
CA GLU B 8 10.32 3.76 -12.27
C GLU B 8 8.91 3.84 -12.86
N GLU B 9 8.38 2.71 -13.31
CA GLU B 9 7.05 2.70 -13.89
C GLU B 9 5.99 2.85 -12.81
N VAL B 10 5.43 4.04 -12.70
CA VAL B 10 4.38 4.30 -11.74
C VAL B 10 3.05 3.87 -12.35
N LEU B 11 2.66 2.65 -12.02
CA LEU B 11 1.44 2.06 -12.53
C LEU B 11 0.20 2.76 -11.99
N LEU B 12 0.18 3.03 -10.70
CA LEU B 12 -0.97 3.68 -10.09
C LEU B 12 -0.58 4.92 -9.29
N ILE B 13 -1.15 6.05 -9.68
CA ILE B 13 -0.90 7.31 -8.99
C ILE B 13 -2.10 7.69 -8.15
N VAL B 14 -1.94 7.65 -6.84
CA VAL B 14 -3.01 7.99 -5.92
C VAL B 14 -2.76 9.36 -5.31
N LYS B 15 -3.80 10.18 -5.27
CA LYS B 15 -3.70 11.51 -4.72
C LYS B 15 -3.98 11.52 -3.22
N LYS B 16 -3.96 12.73 -2.65
CA LYS B 16 -4.15 13.00 -1.22
C LYS B 16 -4.01 11.78 -0.32
N VAL B 17 -2.77 11.33 -0.14
CA VAL B 17 -2.49 10.20 0.74
C VAL B 17 -1.70 10.71 1.93
N ARG B 18 -2.19 10.42 3.13
CA ARG B 18 -1.54 10.89 4.34
C ARG B 18 -0.98 9.74 5.16
N GLN B 19 0.30 9.82 5.50
CA GLN B 19 0.90 8.80 6.34
C GLN B 19 1.09 9.38 7.72
N LYS B 20 0.21 8.97 8.63
CA LYS B 20 0.22 9.48 10.01
C LYS B 20 -0.03 10.98 10.00
N LYS B 21 -1.11 11.37 9.31
CA LYS B 21 -1.52 12.77 9.17
C LYS B 21 -0.58 13.61 8.31
N GLN B 22 0.30 12.97 7.56
CA GLN B 22 1.23 13.69 6.67
C GLN B 22 0.75 13.61 5.22
N ASP B 23 0.43 14.75 4.63
CA ASP B 23 -0.07 14.80 3.26
C ASP B 23 0.99 14.46 2.22
N GLY B 24 0.53 13.85 1.13
CA GLY B 24 1.40 13.48 0.05
C GLY B 24 0.64 12.73 -1.04
N ALA B 25 1.39 12.12 -1.94
CA ALA B 25 0.81 11.34 -3.02
C ALA B 25 1.43 9.97 -3.04
N LEU B 26 0.63 8.97 -3.36
CA LEU B 26 1.11 7.59 -3.39
C LEU B 26 1.37 7.17 -4.83
N TYR B 27 2.57 6.69 -5.09
CA TYR B 27 2.95 6.27 -6.43
C TYR B 27 3.28 4.77 -6.46
N LEU B 28 2.33 4.00 -6.95
CA LEU B 28 2.50 2.56 -7.06
C LEU B 28 3.28 2.21 -8.31
N MET B 29 4.54 1.86 -8.14
CA MET B 29 5.36 1.48 -9.29
C MET B 29 5.23 -0.02 -9.52
N ALA B 30 6.12 -0.59 -10.31
CA ALA B 30 6.04 -2.02 -10.60
C ALA B 30 6.73 -2.88 -9.54
N GLU B 31 7.98 -2.58 -9.23
CA GLU B 31 8.73 -3.38 -8.25
C GLU B 31 8.58 -2.85 -6.82
N ARG B 32 8.15 -1.61 -6.69
CA ARG B 32 8.02 -1.02 -5.36
C ARG B 32 6.93 0.05 -5.30
N ILE B 33 6.49 0.32 -4.09
CA ILE B 33 5.48 1.33 -3.82
C ILE B 33 6.15 2.52 -3.16
N ALA B 34 6.02 3.70 -3.75
CA ALA B 34 6.65 4.89 -3.22
C ALA B 34 5.64 5.97 -2.87
N TRP B 35 6.00 6.82 -1.92
CA TRP B 35 5.13 7.90 -1.49
C TRP B 35 5.96 9.15 -1.25
N ALA B 36 5.39 10.31 -1.56
CA ALA B 36 6.08 11.58 -1.39
C ALA B 36 5.07 12.67 -1.04
N PRO B 37 5.36 13.47 0.01
CA PRO B 37 4.47 14.57 0.45
C PRO B 37 4.16 15.53 -0.70
N GLU B 38 3.01 16.18 -0.69
CA GLU B 38 2.68 17.08 -1.78
C GLU B 38 3.58 18.31 -1.76
N GLY B 39 4.00 18.76 -2.94
CA GLY B 39 4.90 19.90 -3.04
C GLY B 39 6.34 19.45 -2.92
N LYS B 40 6.58 18.22 -3.36
CA LYS B 40 7.90 17.60 -3.30
C LYS B 40 8.51 17.40 -4.67
N ASP B 41 9.78 17.01 -4.67
CA ASP B 41 10.50 16.71 -5.89
C ASP B 41 11.07 15.29 -5.84
N ARG B 42 11.13 14.72 -4.64
CA ARG B 42 11.65 13.38 -4.44
C ARG B 42 10.68 12.55 -3.60
N PHE B 43 10.88 11.24 -3.62
CA PHE B 43 10.06 10.32 -2.85
C PHE B 43 10.74 10.04 -1.51
N THR B 44 10.00 10.15 -0.42
CA THR B 44 10.56 9.91 0.89
C THR B 44 10.26 8.49 1.37
N ILE B 45 9.28 7.87 0.77
CA ILE B 45 8.88 6.51 1.12
C ILE B 45 9.01 5.59 -0.09
N SER B 46 9.68 4.47 0.09
CA SER B 46 9.86 3.50 -0.98
C SER B 46 9.95 2.09 -0.40
N HIS B 47 8.95 1.26 -0.69
CA HIS B 47 8.92 -0.10 -0.18
C HIS B 47 8.82 -1.10 -1.32
N MET B 48 9.77 -2.00 -1.39
CA MET B 48 9.80 -3.01 -2.44
C MET B 48 8.71 -4.03 -2.22
N TYR B 49 8.04 -4.44 -3.30
CA TYR B 49 6.98 -5.45 -3.22
C TYR B 49 7.53 -6.73 -2.59
N ALA B 50 8.79 -7.03 -2.91
CA ALA B 50 9.48 -8.20 -2.39
C ALA B 50 9.76 -8.09 -0.89
N ASP B 51 9.46 -6.94 -0.29
CA ASP B 51 9.70 -6.73 1.13
C ASP B 51 8.40 -6.57 1.91
N ILE B 52 7.27 -6.74 1.25
CA ILE B 52 5.99 -6.62 1.93
C ILE B 52 5.55 -8.00 2.40
N LYS B 53 5.23 -8.10 3.68
CA LYS B 53 4.79 -9.37 4.26
C LYS B 53 3.28 -9.54 4.10
N CYS B 54 2.55 -8.48 4.40
CA CYS B 54 1.09 -8.47 4.31
C CYS B 54 0.63 -7.03 4.13
N GLN B 55 -0.50 -6.82 3.47
CA GLN B 55 -1.01 -5.48 3.28
C GLN B 55 -2.43 -5.44 3.79
N LYS B 56 -2.74 -4.53 4.67
CA LYS B 56 -4.08 -4.48 5.20
C LYS B 56 -4.75 -3.17 4.84
N ILE B 57 -6.07 -3.16 4.86
CA ILE B 57 -6.83 -1.99 4.47
C ILE B 57 -7.88 -1.62 5.51
N SER B 58 -7.93 -0.36 5.93
CA SER B 58 -8.93 0.04 6.89
C SER B 58 -10.25 0.20 6.14
N PRO B 59 -11.20 -0.68 6.49
CA PRO B 59 -12.51 -0.77 5.86
C PRO B 59 -13.49 0.32 6.28
N GLU B 60 -14.59 0.40 5.53
CA GLU B 60 -15.65 1.34 5.78
C GLU B 60 -16.13 1.20 7.23
N GLY B 61 -16.51 2.31 7.82
CA GLY B 61 -16.93 2.32 9.20
C GLY B 61 -15.97 3.14 10.03
N LYS B 62 -14.73 3.18 9.57
CA LYS B 62 -13.70 3.97 10.22
C LYS B 62 -13.86 5.42 9.77
N ALA B 63 -13.24 6.35 10.48
CA ALA B 63 -13.35 7.76 10.14
C ALA B 63 -12.53 8.09 8.91
N LYS B 64 -11.80 7.11 8.40
CA LYS B 64 -10.97 7.30 7.22
C LYS B 64 -10.62 5.96 6.58
N ILE B 65 -10.58 5.95 5.25
CA ILE B 65 -10.24 4.75 4.49
C ILE B 65 -8.73 4.71 4.31
N GLN B 66 -8.10 3.60 4.69
CA GLN B 66 -6.63 3.55 4.63
C GLN B 66 -6.07 2.19 4.19
N LEU B 67 -4.75 2.20 3.97
CA LEU B 67 -3.98 1.03 3.55
C LEU B 67 -2.69 0.90 4.38
N GLN B 68 -2.50 -0.21 5.11
CA GLN B 68 -1.27 -0.39 5.88
C GLN B 68 -0.41 -1.48 5.26
N LEU B 69 0.87 -1.20 5.09
CA LEU B 69 1.79 -2.16 4.51
C LEU B 69 2.66 -2.78 5.61
N VAL B 70 2.40 -4.04 5.92
CA VAL B 70 3.18 -4.75 6.91
C VAL B 70 4.38 -5.39 6.23
N LEU B 71 5.55 -4.84 6.45
CA LEU B 71 6.74 -5.36 5.83
C LEU B 71 7.35 -6.45 6.70
N HIS B 72 7.97 -7.43 6.07
CA HIS B 72 8.57 -8.52 6.81
C HIS B 72 9.93 -8.13 7.38
N ALA B 73 10.37 -6.92 7.05
CA ALA B 73 11.64 -6.40 7.55
C ALA B 73 11.44 -5.78 8.93
N GLY B 74 10.20 -5.79 9.40
CA GLY B 74 9.89 -5.20 10.69
C GLY B 74 9.43 -3.77 10.57
N ASP B 75 8.76 -3.47 9.46
CA ASP B 75 8.27 -2.14 9.18
C ASP B 75 6.79 -2.18 8.82
N THR B 76 6.12 -1.05 8.97
CA THR B 76 4.71 -0.93 8.65
C THR B 76 4.41 0.47 8.11
N THR B 77 3.71 0.54 6.99
CA THR B 77 3.40 1.82 6.38
C THR B 77 1.89 2.07 6.38
N ASN B 78 1.46 3.04 7.17
CA ASN B 78 0.04 3.38 7.27
C ASN B 78 -0.31 4.52 6.31
N PHE B 79 -1.02 4.21 5.24
CA PHE B 79 -1.42 5.20 4.25
C PHE B 79 -2.91 5.54 4.36
N HIS B 80 -3.18 6.75 4.78
CA HIS B 80 -4.55 7.25 4.94
C HIS B 80 -4.98 7.95 3.65
N PHE B 81 -6.04 7.44 3.04
CA PHE B 81 -6.56 8.03 1.80
C PHE B 81 -7.47 9.21 2.12
N SER B 82 -6.94 10.41 1.96
CA SER B 82 -7.69 11.62 2.25
C SER B 82 -8.25 12.24 0.97
N ASN B 83 -8.27 11.46 -0.11
CA ASN B 83 -8.80 11.94 -1.37
C ASN B 83 -10.31 11.82 -1.33
N GLU B 84 -10.98 12.93 -1.13
CA GLU B 84 -12.43 12.98 -0.99
C GLU B 84 -13.20 12.55 -2.25
N SER B 85 -12.49 12.17 -3.30
CA SER B 85 -13.18 11.77 -4.53
C SER B 85 -13.56 10.29 -4.49
N THR B 86 -12.58 9.40 -4.42
CA THR B 86 -12.86 7.96 -4.37
C THR B 86 -12.01 7.25 -3.32
N ALA B 87 -11.61 7.97 -2.27
CA ALA B 87 -10.76 7.43 -1.18
C ALA B 87 -11.03 5.96 -0.89
N VAL B 88 -12.31 5.63 -0.75
CA VAL B 88 -12.72 4.27 -0.45
C VAL B 88 -12.29 3.28 -1.54
N LYS B 89 -12.71 3.54 -2.77
CA LYS B 89 -12.42 2.65 -3.88
C LYS B 89 -10.97 2.79 -4.33
N GLU B 90 -10.33 3.91 -4.02
CA GLU B 90 -8.93 4.10 -4.36
C GLU B 90 -8.13 3.08 -3.56
N ARG B 91 -8.58 2.84 -2.34
CA ARG B 91 -7.96 1.86 -1.46
C ARG B 91 -8.16 0.47 -2.06
N ASP B 92 -9.37 0.23 -2.55
CA ASP B 92 -9.74 -1.05 -3.15
C ASP B 92 -8.86 -1.38 -4.36
N ALA B 93 -8.62 -0.37 -5.21
CA ALA B 93 -7.85 -0.57 -6.42
C ALA B 93 -6.38 -0.75 -6.06
N VAL B 94 -5.93 0.06 -5.12
CA VAL B 94 -4.56 -0.01 -4.64
C VAL B 94 -4.32 -1.38 -4.00
N LYS B 95 -5.31 -1.81 -3.23
CA LYS B 95 -5.27 -3.10 -2.55
C LYS B 95 -5.06 -4.21 -3.56
N ASP B 96 -5.97 -4.29 -4.52
CA ASP B 96 -5.90 -5.32 -5.55
C ASP B 96 -4.59 -5.28 -6.30
N LEU B 97 -4.21 -4.09 -6.79
CA LEU B 97 -2.96 -3.95 -7.53
C LEU B 97 -1.79 -4.45 -6.69
N LEU B 98 -1.76 -4.03 -5.44
CA LEU B 98 -0.70 -4.43 -4.52
C LEU B 98 -0.66 -5.93 -4.33
N GLN B 99 -1.78 -6.53 -3.94
CA GLN B 99 -1.81 -7.97 -3.69
C GLN B 99 -1.64 -8.78 -4.96
N GLN B 100 -1.93 -8.19 -6.11
CA GLN B 100 -1.77 -8.91 -7.38
C GLN B 100 -0.29 -8.97 -7.77
N LEU B 101 0.42 -7.88 -7.51
CA LEU B 101 1.83 -7.80 -7.85
C LEU B 101 2.72 -8.35 -6.72
N LEU B 102 2.20 -8.30 -5.50
CA LEU B 102 2.94 -8.77 -4.31
C LEU B 102 3.58 -10.14 -4.45
N PRO B 103 2.81 -11.21 -4.74
CA PRO B 103 3.37 -12.56 -4.82
C PRO B 103 4.29 -12.75 -6.03
N LYS B 104 4.34 -11.76 -6.91
CA LYS B 104 5.20 -11.82 -8.08
C LYS B 104 6.61 -11.36 -7.73
N PHE B 105 6.71 -10.42 -6.80
CA PHE B 105 8.00 -9.87 -6.38
C PHE B 105 8.42 -10.45 -5.03
N LYS B 106 7.45 -10.69 -4.16
CA LYS B 106 7.72 -11.25 -2.84
C LYS B 106 8.42 -12.61 -2.96
N ARG B 107 9.69 -12.66 -2.58
CA ARG B 107 10.46 -13.89 -2.66
C ARG B 107 11.00 -14.29 -1.29
N LYS B 108 10.61 -13.55 -0.26
CA LYS B 108 11.05 -13.84 1.09
C LYS B 108 9.95 -13.50 2.08
N ALA B 109 9.99 -14.12 3.25
CA ALA B 109 8.99 -13.87 4.28
C ALA B 109 9.57 -13.07 5.44
N ASN B 110 10.76 -12.55 5.21
CA ASN B 110 11.47 -11.76 6.21
C ASN B 110 12.76 -11.21 5.61
N ALA A 5 -5.13 18.16 12.41
CA ALA A 5 -5.86 19.44 12.53
C ALA A 5 -5.03 20.42 13.35
N HIS A 6 -5.66 21.49 13.83
CA HIS A 6 -4.96 22.48 14.66
C HIS A 6 -4.73 21.92 16.05
N HIS A 7 -3.71 21.11 16.18
CA HIS A 7 -3.39 20.46 17.43
C HIS A 7 -2.32 21.22 18.20
N LEU A 8 -2.38 21.10 19.53
CA LEU A 8 -1.40 21.73 20.40
C LEU A 8 -0.40 20.69 20.88
N LYS A 9 -0.82 19.43 20.86
CA LYS A 9 0.01 18.31 21.31
C LYS A 9 0.93 17.85 20.17
N ARG A 10 1.54 18.80 19.48
CA ARG A 10 2.43 18.50 18.37
C ARG A 10 3.77 17.97 18.87
N GLY A 11 3.91 16.65 18.88
CA GLY A 11 5.14 16.03 19.32
C GLY A 11 5.13 15.77 20.81
N ALA A 12 3.96 15.82 21.41
CA ALA A 12 3.81 15.59 22.84
C ALA A 12 2.80 14.48 23.08
N THR A 13 2.27 14.42 24.29
CA THR A 13 1.28 13.41 24.65
C THR A 13 0.00 13.61 23.84
N MET A 14 -0.25 12.70 22.90
CA MET A 14 -1.44 12.78 22.06
C MET A 14 -2.14 11.43 22.02
N ASN A 15 -2.04 10.70 23.12
CA ASN A 15 -2.65 9.38 23.23
C ASN A 15 -3.95 9.47 24.03
N GLU A 16 -4.02 10.49 24.86
CA GLU A 16 -5.18 10.75 25.71
C GLU A 16 -6.30 11.39 24.90
N ASP A 17 -6.79 12.51 25.41
CA ASP A 17 -7.85 13.26 24.75
C ASP A 17 -7.38 13.78 23.40
N SER A 18 -8.35 14.06 22.53
CA SER A 18 -8.08 14.58 21.19
C SER A 18 -7.25 13.61 20.35
N ASN A 19 -7.33 12.32 20.67
CA ASN A 19 -6.58 11.32 19.94
C ASN A 19 -7.23 11.03 18.58
N GLU A 20 -6.92 11.87 17.60
CA GLU A 20 -7.44 11.71 16.25
C GLU A 20 -6.28 11.60 15.27
N GLU A 21 -5.20 12.31 15.56
CA GLU A 21 -4.03 12.30 14.70
C GLU A 21 -3.30 10.98 14.82
N GLU A 22 -3.22 10.47 16.05
CA GLU A 22 -2.55 9.19 16.30
C GLU A 22 -3.47 8.03 15.98
N GLU A 23 -4.72 8.34 15.69
CA GLU A 23 -5.70 7.33 15.35
C GLU A 23 -5.83 7.24 13.84
N GLU A 24 -5.01 6.43 13.21
CA GLU A 24 -5.09 6.25 11.79
C GLU A 24 -5.35 4.77 11.48
N SER A 25 -6.26 4.20 12.26
CA SER A 25 -6.68 2.80 12.12
C SER A 25 -5.52 1.82 12.27
N GLU A 26 -4.51 2.22 13.02
CA GLU A 26 -3.28 1.44 13.27
C GLU A 26 -3.49 -0.08 13.31
N ASN A 27 -4.48 -0.53 14.07
CA ASN A 27 -4.74 -1.95 14.20
C ASN A 27 -6.16 -2.30 13.82
N ASP A 28 -6.66 -1.69 12.75
CA ASP A 28 -8.02 -1.92 12.31
C ASP A 28 -8.08 -1.97 10.80
N TRP A 29 -7.48 -2.99 10.25
CA TRP A 29 -7.45 -3.19 8.82
C TRP A 29 -7.81 -4.61 8.43
N GLU A 30 -8.54 -4.74 7.35
CA GLU A 30 -8.86 -6.05 6.80
C GLU A 30 -7.56 -6.46 6.12
N GLU A 31 -6.78 -7.26 6.82
CA GLU A 31 -5.48 -7.65 6.35
C GLU A 31 -5.47 -8.51 5.10
N VAL A 32 -4.98 -7.88 4.04
CA VAL A 32 -4.82 -8.45 2.71
C VAL A 32 -3.52 -9.24 2.56
N GLU A 33 -3.62 -10.34 1.87
CA GLU A 33 -2.49 -11.24 1.64
C GLU A 33 -2.11 -11.29 0.16
N GLU A 34 -0.85 -11.63 -0.12
CA GLU A 34 -0.36 -11.74 -1.48
C GLU A 34 -1.29 -12.66 -2.30
N LEU A 35 -2.03 -12.06 -3.20
CA LEU A 35 -3.00 -12.78 -4.00
C LEU A 35 -2.42 -13.19 -5.35
N SER A 36 -2.53 -14.46 -5.64
CA SER A 36 -2.03 -14.98 -6.89
C SER A 36 -3.17 -15.44 -7.77
N GLU A 37 -2.85 -15.69 -9.02
CA GLU A 37 -3.81 -16.14 -10.01
C GLU A 37 -4.35 -17.53 -9.62
N PRO A 38 -5.67 -17.63 -9.41
CA PRO A 38 -6.31 -18.89 -9.05
C PRO A 38 -6.34 -19.88 -10.21
N VAL A 39 -5.51 -20.90 -10.11
CA VAL A 39 -5.44 -21.93 -11.13
C VAL A 39 -5.77 -23.29 -10.53
N LEU A 40 -6.47 -24.10 -11.30
CA LEU A 40 -6.86 -25.43 -10.84
C LEU A 40 -6.68 -26.45 -11.97
N GLY A 41 -6.28 -27.65 -11.60
CA GLY A 41 -6.06 -28.69 -12.57
C GLY A 41 -5.24 -29.83 -12.01
N ASP A 42 -4.54 -30.54 -12.87
CA ASP A 42 -3.72 -31.66 -12.43
C ASP A 42 -2.27 -31.21 -12.25
N VAL A 43 -1.43 -32.11 -11.76
CA VAL A 43 -0.03 -31.80 -11.53
C VAL A 43 0.82 -33.05 -11.69
N ARG A 44 0.24 -34.08 -12.27
CA ARG A 44 0.93 -35.34 -12.49
C ARG A 44 0.32 -36.08 -13.67
N GLU A 45 0.84 -37.26 -13.95
CA GLU A 45 0.36 -38.08 -15.05
C GLU A 45 0.01 -39.47 -14.53
N SER A 46 -0.63 -40.27 -15.36
CA SER A 46 -1.01 -41.62 -14.99
C SER A 46 0.18 -42.54 -15.11
N THR A 47 0.93 -42.41 -16.19
CA THR A 47 2.12 -43.22 -16.40
C THR A 47 3.23 -42.71 -15.47
N ALA A 48 3.12 -41.45 -15.10
CA ALA A 48 4.06 -40.81 -14.22
C ALA A 48 3.41 -40.48 -12.89
N PHE A 49 3.18 -41.51 -12.08
CA PHE A 49 2.57 -41.34 -10.77
C PHE A 49 3.36 -40.33 -9.95
N SER A 50 4.68 -40.43 -10.07
CA SER A 50 5.62 -39.57 -9.37
C SER A 50 7.02 -39.84 -9.91
N ARG A 51 8.01 -39.13 -9.40
CA ARG A 51 9.39 -39.32 -9.85
C ARG A 51 10.35 -39.06 -8.71
N SER A 52 11.21 -40.03 -8.46
CA SER A 52 12.21 -39.92 -7.40
C SER A 52 13.45 -40.72 -7.83
N MET B 3 12.87 -0.32 -12.38
CA MET B 3 12.74 -1.11 -13.62
C MET B 3 14.05 -1.09 -14.38
N ALA B 4 14.03 -1.60 -15.61
CA ALA B 4 15.23 -1.61 -16.45
C ALA B 4 15.42 -0.24 -17.09
N THR B 5 15.94 -0.20 -18.31
CA THR B 5 16.12 1.08 -18.97
C THR B 5 14.81 1.56 -19.60
N SER B 6 13.86 1.85 -18.74
CA SER B 6 12.59 2.36 -19.17
C SER B 6 12.43 3.77 -18.61
N SER B 7 11.58 3.93 -17.62
CA SER B 7 11.38 5.24 -17.00
C SER B 7 10.60 5.11 -15.69
N GLU B 8 10.74 3.97 -15.02
CA GLU B 8 10.07 3.70 -13.74
C GLU B 8 8.56 3.78 -13.93
N GLU B 9 8.02 2.74 -14.54
CA GLU B 9 6.61 2.65 -14.85
C GLU B 9 5.71 2.70 -13.62
N VAL B 10 5.10 3.86 -13.41
CA VAL B 10 4.15 4.04 -12.32
C VAL B 10 2.79 3.55 -12.80
N LEU B 11 2.44 2.34 -12.40
CA LEU B 11 1.21 1.70 -12.80
C LEU B 11 -0.03 2.39 -12.21
N LEU B 12 0.04 2.76 -10.95
CA LEU B 12 -1.10 3.41 -10.31
C LEU B 12 -0.69 4.68 -9.57
N ILE B 13 -1.33 5.78 -9.95
CA ILE B 13 -1.08 7.07 -9.33
C ILE B 13 -2.22 7.42 -8.39
N VAL B 14 -1.93 7.35 -7.10
CA VAL B 14 -2.91 7.64 -6.07
C VAL B 14 -2.66 9.05 -5.53
N LYS B 15 -3.73 9.76 -5.23
CA LYS B 15 -3.61 11.11 -4.72
C LYS B 15 -3.87 11.20 -3.22
N LYS B 16 -3.78 12.43 -2.71
CA LYS B 16 -3.97 12.78 -1.29
C LYS B 16 -3.91 11.61 -0.31
N VAL B 17 -2.71 11.06 -0.14
CA VAL B 17 -2.48 9.96 0.79
C VAL B 17 -1.63 10.49 1.93
N ARG B 18 -2.01 10.17 3.16
CA ARG B 18 -1.28 10.67 4.31
C ARG B 18 -0.84 9.55 5.26
N GLN B 19 0.38 9.67 5.75
CA GLN B 19 0.88 8.71 6.72
C GLN B 19 1.00 9.45 8.04
N LYS B 20 0.05 9.21 8.94
CA LYS B 20 -0.01 9.88 10.23
C LYS B 20 -0.33 11.36 9.98
N LYS B 21 -1.31 11.57 9.08
CA LYS B 21 -1.80 12.89 8.70
C LYS B 21 -0.80 13.68 7.85
N GLN B 22 0.31 13.03 7.48
CA GLN B 22 1.33 13.68 6.65
C GLN B 22 0.91 13.63 5.17
N ASP B 23 0.71 14.80 4.57
CA ASP B 23 0.25 14.88 3.18
C ASP B 23 1.24 14.27 2.20
N GLY B 24 0.70 13.62 1.18
CA GLY B 24 1.52 13.01 0.16
C GLY B 24 0.72 12.33 -0.92
N ALA B 25 1.40 11.73 -1.85
CA ALA B 25 0.78 11.01 -2.95
C ALA B 25 1.39 9.63 -3.04
N LEU B 26 0.58 8.63 -3.34
CA LEU B 26 1.05 7.27 -3.41
C LEU B 26 1.24 6.87 -4.87
N TYR B 27 2.44 6.45 -5.23
CA TYR B 27 2.74 6.06 -6.60
C TYR B 27 3.17 4.60 -6.67
N LEU B 28 2.31 3.77 -7.24
CA LEU B 28 2.60 2.34 -7.41
C LEU B 28 3.36 2.13 -8.70
N MET B 29 4.61 1.69 -8.60
CA MET B 29 5.41 1.48 -9.80
C MET B 29 5.48 0.00 -10.16
N ALA B 30 6.42 -0.33 -11.02
CA ALA B 30 6.58 -1.70 -11.51
C ALA B 30 7.03 -2.70 -10.43
N GLU B 31 8.11 -2.38 -9.71
CA GLU B 31 8.61 -3.33 -8.70
C GLU B 31 8.42 -2.82 -7.28
N ARG B 32 8.10 -1.55 -7.11
CA ARG B 32 7.95 -1.01 -5.76
C ARG B 32 6.85 0.03 -5.64
N ILE B 33 6.42 0.23 -4.41
CA ILE B 33 5.41 1.19 -4.08
C ILE B 33 6.09 2.38 -3.39
N ALA B 34 5.95 3.57 -3.95
CA ALA B 34 6.58 4.74 -3.38
C ALA B 34 5.56 5.81 -3.05
N TRP B 35 5.90 6.62 -2.06
CA TRP B 35 5.02 7.69 -1.62
C TRP B 35 5.84 8.95 -1.38
N ALA B 36 5.33 10.07 -1.85
CA ALA B 36 5.99 11.36 -1.70
C ALA B 36 4.97 12.43 -1.43
N PRO B 37 5.25 13.34 -0.48
CA PRO B 37 4.34 14.43 -0.12
C PRO B 37 3.87 15.23 -1.33
N GLU B 38 2.62 15.67 -1.31
CA GLU B 38 2.04 16.43 -2.42
C GLU B 38 2.73 17.77 -2.57
N GLY B 39 3.34 17.99 -3.73
CA GLY B 39 4.04 19.23 -3.98
C GLY B 39 5.49 19.15 -3.60
N LYS B 40 5.94 17.96 -3.24
CA LYS B 40 7.32 17.74 -2.84
C LYS B 40 8.03 16.86 -3.88
N ASP B 41 9.24 17.25 -4.23
CA ASP B 41 10.04 16.54 -5.24
C ASP B 41 10.78 15.34 -4.68
N ARG B 42 10.83 15.21 -3.36
CA ARG B 42 11.56 14.11 -2.74
C ARG B 42 10.63 13.04 -2.17
N PHE B 43 10.88 11.81 -2.58
CA PHE B 43 10.11 10.66 -2.12
C PHE B 43 10.63 10.23 -0.75
N THR B 44 9.74 10.10 0.21
CA THR B 44 10.13 9.72 1.57
C THR B 44 9.81 8.27 1.87
N ILE B 45 9.06 7.63 0.98
CA ILE B 45 8.67 6.24 1.16
C ILE B 45 8.87 5.43 -0.11
N SER B 46 9.62 4.33 0.01
CA SER B 46 9.90 3.44 -1.12
C SER B 46 10.05 2.00 -0.64
N HIS B 47 9.05 1.17 -0.91
CA HIS B 47 9.09 -0.24 -0.49
C HIS B 47 8.90 -1.14 -1.69
N MET B 48 9.76 -2.13 -1.83
CA MET B 48 9.67 -3.06 -2.94
C MET B 48 8.62 -4.11 -2.62
N TYR B 49 7.87 -4.53 -3.61
CA TYR B 49 6.83 -5.54 -3.41
C TYR B 49 7.45 -6.82 -2.86
N ALA B 50 8.72 -7.03 -3.18
CA ALA B 50 9.45 -8.20 -2.72
C ALA B 50 9.60 -8.25 -1.20
N ASP B 51 9.53 -7.09 -0.54
CA ASP B 51 9.69 -7.02 0.91
C ASP B 51 8.34 -6.94 1.64
N ILE B 52 7.26 -6.76 0.90
CA ILE B 52 5.96 -6.67 1.55
C ILE B 52 5.37 -8.04 1.77
N LYS B 53 5.33 -8.43 3.03
CA LYS B 53 4.81 -9.73 3.43
C LYS B 53 3.29 -9.79 3.27
N CYS B 54 2.63 -8.72 3.66
CA CYS B 54 1.18 -8.61 3.62
C CYS B 54 0.79 -7.13 3.61
N GLN B 55 -0.47 -6.84 3.38
CA GLN B 55 -0.97 -5.48 3.39
C GLN B 55 -2.30 -5.50 4.08
N LYS B 56 -2.80 -4.37 4.53
CA LYS B 56 -4.08 -4.35 5.17
C LYS B 56 -4.82 -3.09 4.79
N ILE B 57 -6.14 -3.09 4.97
CA ILE B 57 -6.95 -1.95 4.59
C ILE B 57 -7.94 -1.57 5.69
N SER B 58 -7.98 -0.30 6.07
CA SER B 58 -8.92 0.12 7.09
C SER B 58 -10.29 0.26 6.43
N PRO B 59 -11.20 -0.63 6.86
CA PRO B 59 -12.56 -0.74 6.33
C PRO B 59 -13.52 0.32 6.86
N GLU B 60 -14.68 0.39 6.21
CA GLU B 60 -15.73 1.32 6.58
C GLU B 60 -16.06 1.17 8.06
N GLY B 61 -16.45 2.28 8.67
CA GLY B 61 -16.75 2.28 10.09
C GLY B 61 -15.76 3.17 10.79
N LYS B 62 -14.59 3.30 10.16
CA LYS B 62 -13.54 4.15 10.67
C LYS B 62 -13.78 5.57 10.16
N ALA B 63 -13.06 6.54 10.69
CA ALA B 63 -13.24 7.92 10.26
C ALA B 63 -12.50 8.21 8.97
N LYS B 64 -11.75 7.23 8.49
CA LYS B 64 -10.99 7.39 7.27
C LYS B 64 -10.63 6.05 6.64
N ILE B 65 -10.73 5.99 5.32
CA ILE B 65 -10.40 4.78 4.55
C ILE B 65 -8.90 4.76 4.33
N GLN B 66 -8.23 3.67 4.72
CA GLN B 66 -6.78 3.62 4.60
C GLN B 66 -6.23 2.25 4.19
N LEU B 67 -4.93 2.23 3.91
CA LEU B 67 -4.18 1.04 3.51
C LEU B 67 -2.85 0.94 4.26
N GLN B 68 -2.60 -0.15 4.99
CA GLN B 68 -1.33 -0.30 5.68
C GLN B 68 -0.51 -1.44 5.06
N LEU B 69 0.80 -1.29 5.06
CA LEU B 69 1.69 -2.30 4.51
C LEU B 69 2.45 -3.00 5.62
N VAL B 70 2.55 -4.31 5.55
CA VAL B 70 3.28 -5.08 6.55
C VAL B 70 4.45 -5.79 5.89
N LEU B 71 5.64 -5.26 6.08
CA LEU B 71 6.82 -5.85 5.49
C LEU B 71 7.37 -6.95 6.39
N HIS B 72 7.99 -7.97 5.79
CA HIS B 72 8.53 -9.07 6.58
C HIS B 72 9.82 -8.67 7.29
N ALA B 73 10.30 -7.47 7.00
CA ALA B 73 11.51 -6.96 7.62
C ALA B 73 11.19 -6.32 8.98
N GLY B 74 9.91 -6.32 9.33
CA GLY B 74 9.49 -5.74 10.60
C GLY B 74 9.11 -4.28 10.46
N ASP B 75 8.59 -3.92 9.29
CA ASP B 75 8.19 -2.56 9.00
C ASP B 75 6.72 -2.51 8.57
N THR B 76 6.05 -1.43 8.90
CA THR B 76 4.66 -1.25 8.55
C THR B 76 4.42 0.19 8.09
N THR B 77 3.76 0.35 6.95
CA THR B 77 3.49 1.67 6.42
C THR B 77 2.00 1.96 6.40
N ASN B 78 1.58 3.02 7.09
CA ASN B 78 0.17 3.39 7.13
C ASN B 78 -0.15 4.46 6.09
N PHE B 79 -1.04 4.14 5.16
CA PHE B 79 -1.44 5.08 4.12
C PHE B 79 -2.91 5.45 4.25
N HIS B 80 -3.14 6.63 4.78
CA HIS B 80 -4.48 7.16 4.98
C HIS B 80 -4.92 7.94 3.74
N PHE B 81 -5.99 7.49 3.10
CA PHE B 81 -6.50 8.15 1.91
C PHE B 81 -7.38 9.33 2.30
N SER B 82 -6.78 10.51 2.38
CA SER B 82 -7.49 11.72 2.75
C SER B 82 -8.27 12.27 1.55
N ASN B 83 -8.14 11.60 0.42
CA ASN B 83 -8.84 11.99 -0.80
C ASN B 83 -10.27 11.49 -0.73
N GLU B 84 -11.17 12.32 -0.21
CA GLU B 84 -12.57 11.94 -0.03
C GLU B 84 -13.25 11.51 -1.33
N SER B 85 -12.89 12.17 -2.42
CA SER B 85 -13.47 11.89 -3.72
C SER B 85 -13.33 10.41 -4.14
N THR B 86 -12.17 9.82 -3.94
CA THR B 86 -11.96 8.43 -4.33
C THR B 86 -11.29 7.59 -3.25
N ALA B 87 -11.37 8.01 -1.98
CA ALA B 87 -10.74 7.29 -0.87
C ALA B 87 -10.99 5.78 -0.92
N VAL B 88 -12.24 5.39 -0.80
CA VAL B 88 -12.63 3.98 -0.82
C VAL B 88 -12.21 3.30 -2.11
N LYS B 89 -12.43 3.98 -3.22
CA LYS B 89 -12.13 3.45 -4.54
C LYS B 89 -10.61 3.24 -4.73
N GLU B 90 -9.82 4.25 -4.37
CA GLU B 90 -8.38 4.18 -4.50
C GLU B 90 -7.82 3.09 -3.58
N ARG B 91 -8.36 3.02 -2.37
CA ARG B 91 -7.91 2.03 -1.38
C ARG B 91 -7.98 0.61 -1.93
N ASP B 92 -9.13 0.22 -2.45
CA ASP B 92 -9.32 -1.12 -2.97
C ASP B 92 -8.60 -1.34 -4.29
N ALA B 93 -8.39 -0.27 -5.07
CA ALA B 93 -7.72 -0.41 -6.35
C ALA B 93 -6.25 -0.67 -6.09
N VAL B 94 -5.73 0.04 -5.10
CA VAL B 94 -4.36 -0.12 -4.69
C VAL B 94 -4.20 -1.48 -4.05
N LYS B 95 -5.17 -1.85 -3.21
CA LYS B 95 -5.19 -3.13 -2.54
C LYS B 95 -5.05 -4.26 -3.53
N ASP B 96 -5.94 -4.27 -4.51
CA ASP B 96 -5.94 -5.28 -5.56
C ASP B 96 -4.63 -5.29 -6.31
N LEU B 97 -4.23 -4.15 -6.86
CA LEU B 97 -2.99 -4.06 -7.62
C LEU B 97 -1.82 -4.54 -6.78
N LEU B 98 -1.76 -4.10 -5.53
CA LEU B 98 -0.70 -4.49 -4.63
C LEU B 98 -0.70 -5.99 -4.37
N GLN B 99 -1.84 -6.54 -3.96
CA GLN B 99 -1.91 -7.97 -3.65
C GLN B 99 -1.77 -8.83 -4.90
N GLN B 100 -2.04 -8.26 -6.06
CA GLN B 100 -1.91 -9.02 -7.30
C GLN B 100 -0.44 -9.08 -7.74
N LEU B 101 0.28 -7.99 -7.51
CA LEU B 101 1.68 -7.91 -7.88
C LEU B 101 2.60 -8.43 -6.77
N LEU B 102 2.15 -8.29 -5.53
CA LEU B 102 2.91 -8.72 -4.36
C LEU B 102 3.55 -10.09 -4.48
N PRO B 103 2.77 -11.17 -4.67
CA PRO B 103 3.32 -12.52 -4.74
C PRO B 103 4.26 -12.76 -5.92
N LYS B 104 4.34 -11.81 -6.83
CA LYS B 104 5.22 -11.93 -7.98
C LYS B 104 6.64 -11.50 -7.62
N PHE B 105 6.74 -10.55 -6.71
CA PHE B 105 8.04 -10.04 -6.28
C PHE B 105 8.39 -10.50 -4.88
N LYS B 106 7.38 -10.59 -4.03
CA LYS B 106 7.56 -10.99 -2.64
C LYS B 106 8.21 -12.36 -2.52
N ARG B 107 9.35 -12.38 -1.83
CA ARG B 107 10.10 -13.61 -1.61
C ARG B 107 9.27 -14.55 -0.74
N LYS B 108 9.13 -15.79 -1.19
CA LYS B 108 8.35 -16.79 -0.46
C LYS B 108 9.14 -17.35 0.72
N ALA B 109 9.37 -16.53 1.72
CA ALA B 109 10.09 -16.94 2.91
C ALA B 109 9.57 -16.23 4.15
N ASN B 110 8.48 -15.50 3.94
CA ASN B 110 7.83 -14.72 5.00
C ASN B 110 6.73 -13.86 4.41
N ALA A 5 7.39 17.35 15.08
CA ALA A 5 7.23 16.58 16.33
C ALA A 5 5.76 16.42 16.70
N HIS A 6 5.34 15.17 16.91
CA HIS A 6 3.95 14.87 17.26
C HIS A 6 3.64 15.25 18.70
N HIS A 7 2.62 14.62 19.29
CA HIS A 7 2.20 14.90 20.67
C HIS A 7 3.31 14.63 21.69
N LEU A 8 4.35 13.92 21.27
CA LEU A 8 5.46 13.60 22.16
C LEU A 8 6.27 14.84 22.54
N LYS A 9 6.04 15.94 21.82
CA LYS A 9 6.76 17.19 22.10
C LYS A 9 5.93 18.39 21.67
N ARG A 10 5.09 18.19 20.65
CA ARG A 10 4.24 19.24 20.09
C ARG A 10 5.06 20.28 19.34
N GLY A 11 5.09 20.13 18.02
CA GLY A 11 5.84 21.04 17.18
C GLY A 11 5.66 20.70 15.72
N ALA A 12 4.70 21.34 15.07
CA ALA A 12 4.43 21.11 13.66
C ALA A 12 5.54 21.71 12.80
N THR A 13 6.29 20.86 12.12
CA THR A 13 7.39 21.31 11.28
C THR A 13 7.68 20.33 10.14
N MET A 14 7.23 19.09 10.28
CA MET A 14 7.50 18.09 9.24
C MET A 14 6.28 17.22 8.94
N ASN A 15 6.08 16.17 9.71
CA ASN A 15 4.98 15.24 9.48
C ASN A 15 3.77 15.62 10.32
N GLU A 16 3.51 16.91 10.43
CA GLU A 16 2.40 17.40 11.21
C GLU A 16 1.50 18.30 10.37
N ASP A 17 0.62 17.70 9.57
CA ASP A 17 -0.31 18.44 8.75
C ASP A 17 -1.61 18.66 9.51
N SER A 18 -2.01 17.62 10.25
CA SER A 18 -3.22 17.67 11.04
C SER A 18 -2.90 18.16 12.45
N ASN A 19 -3.92 18.30 13.28
CA ASN A 19 -3.73 18.76 14.65
C ASN A 19 -3.61 17.56 15.57
N GLU A 20 -4.08 16.43 15.10
CA GLU A 20 -4.04 15.18 15.85
C GLU A 20 -3.34 14.10 15.01
N GLU A 21 -2.02 14.07 15.08
CA GLU A 21 -1.22 13.10 14.35
C GLU A 21 -1.50 11.69 14.83
N GLU A 22 -1.65 11.54 16.14
CA GLU A 22 -1.87 10.23 16.74
C GLU A 22 -3.21 9.62 16.31
N GLU A 23 -4.02 10.41 15.63
CA GLU A 23 -5.30 9.92 15.14
C GLU A 23 -5.07 9.19 13.82
N GLU A 24 -5.14 7.87 13.87
CA GLU A 24 -4.98 7.02 12.69
C GLU A 24 -5.22 5.58 13.11
N SER A 25 -5.54 4.69 12.16
CA SER A 25 -5.81 3.30 12.50
C SER A 25 -4.54 2.55 12.88
N GLU A 26 -4.70 1.43 13.57
CA GLU A 26 -3.57 0.65 14.05
C GLU A 26 -3.63 -0.80 13.60
N ASN A 27 -4.68 -1.51 13.96
CA ASN A 27 -4.82 -2.92 13.60
C ASN A 27 -6.24 -3.23 13.14
N ASP A 28 -6.98 -2.18 12.87
CA ASP A 28 -8.36 -2.29 12.43
C ASP A 28 -8.39 -2.16 10.93
N TRP A 29 -7.67 -3.05 10.33
CA TRP A 29 -7.56 -3.12 8.89
C TRP A 29 -7.97 -4.51 8.40
N GLU A 30 -8.66 -4.55 7.26
CA GLU A 30 -9.01 -5.82 6.65
C GLU A 30 -7.70 -6.27 6.06
N GLU A 31 -7.05 -7.19 6.75
CA GLU A 31 -5.74 -7.63 6.35
C GLU A 31 -5.73 -8.40 5.03
N VAL A 32 -5.13 -7.74 4.05
CA VAL A 32 -4.97 -8.26 2.71
C VAL A 32 -3.68 -9.08 2.60
N GLU A 33 -3.77 -10.17 1.88
CA GLU A 33 -2.66 -11.09 1.74
C GLU A 33 -2.25 -11.28 0.29
N GLU A 34 -0.98 -11.66 0.09
CA GLU A 34 -0.42 -11.90 -1.24
C GLU A 34 -1.40 -12.72 -2.09
N LEU A 35 -1.88 -12.10 -3.15
CA LEU A 35 -2.84 -12.73 -4.03
C LEU A 35 -2.19 -13.18 -5.34
N SER A 36 -2.47 -14.42 -5.71
CA SER A 36 -1.93 -14.99 -6.92
C SER A 36 -3.04 -15.55 -7.79
N GLU A 37 -2.78 -15.62 -9.09
CA GLU A 37 -3.74 -16.13 -10.04
C GLU A 37 -3.98 -17.62 -9.81
N PRO A 38 -5.23 -18.00 -9.48
CA PRO A 38 -5.60 -19.40 -9.23
C PRO A 38 -5.86 -20.16 -10.51
N VAL A 39 -5.65 -19.47 -11.60
CA VAL A 39 -5.85 -20.02 -12.92
C VAL A 39 -4.73 -19.56 -13.84
N LEU A 40 -4.22 -20.47 -14.64
CA LEU A 40 -3.13 -20.17 -15.55
C LEU A 40 -3.26 -21.02 -16.80
N GLY A 41 -2.20 -21.10 -17.60
CA GLY A 41 -2.22 -21.91 -18.80
C GLY A 41 -1.85 -23.35 -18.50
N ASP A 42 -1.94 -23.70 -17.22
CA ASP A 42 -1.62 -25.03 -16.74
C ASP A 42 -2.61 -25.40 -15.63
N VAL A 43 -2.82 -26.68 -15.42
CA VAL A 43 -3.74 -27.16 -14.40
C VAL A 43 -3.01 -27.21 -13.06
N ARG A 44 -2.52 -26.04 -12.65
CA ARG A 44 -1.77 -25.90 -11.43
C ARG A 44 -2.65 -26.06 -10.20
N GLU A 45 -2.68 -27.30 -9.69
CA GLU A 45 -3.44 -27.66 -8.49
C GLU A 45 -4.94 -27.40 -8.67
N SER A 46 -5.36 -27.16 -9.91
CA SER A 46 -6.76 -26.90 -10.21
C SER A 46 -7.57 -28.19 -10.13
N THR A 47 -6.86 -29.32 -10.18
CA THR A 47 -7.50 -30.62 -10.11
C THR A 47 -7.89 -30.97 -8.69
N ALA A 48 -7.45 -30.15 -7.73
CA ALA A 48 -7.75 -30.38 -6.33
C ALA A 48 -9.12 -29.82 -5.95
N PHE A 49 -9.87 -29.39 -6.95
CA PHE A 49 -11.20 -28.83 -6.73
C PHE A 49 -12.14 -29.90 -6.15
N SER A 50 -11.75 -31.16 -6.36
CA SER A 50 -12.48 -32.33 -5.87
C SER A 50 -13.79 -32.54 -6.64
N ARG A 51 -14.69 -31.56 -6.58
CA ARG A 51 -15.97 -31.65 -7.27
C ARG A 51 -16.58 -30.26 -7.46
N SER A 52 -17.71 -30.22 -8.13
CA SER A 52 -18.42 -28.98 -8.37
C SER A 52 -19.81 -29.09 -7.78
N MET B 3 8.44 6.07 -15.45
CA MET B 3 8.58 6.95 -16.63
C MET B 3 9.72 6.45 -17.51
N ALA B 4 9.38 5.65 -18.52
CA ALA B 4 10.37 5.07 -19.43
C ALA B 4 11.30 4.16 -18.66
N THR B 5 10.74 3.52 -17.64
CA THR B 5 11.49 2.62 -16.78
C THR B 5 10.62 1.44 -16.37
N SER B 6 11.01 0.25 -16.81
CA SER B 6 10.26 -0.97 -16.51
C SER B 6 10.09 -1.19 -15.00
N SER B 7 11.00 -0.66 -14.21
CA SER B 7 10.95 -0.81 -12.76
C SER B 7 10.22 0.36 -12.11
N GLU B 8 10.55 1.56 -12.55
CA GLU B 8 9.97 2.78 -12.00
C GLU B 8 8.76 3.25 -12.80
N GLU B 9 8.01 2.31 -13.32
CA GLU B 9 6.81 2.66 -14.07
C GLU B 9 5.64 2.77 -13.13
N VAL B 10 5.20 3.99 -12.89
CA VAL B 10 4.10 4.26 -11.99
C VAL B 10 2.78 3.81 -12.60
N LEU B 11 2.36 2.63 -12.18
CA LEU B 11 1.12 2.02 -12.65
C LEU B 11 -0.08 2.77 -12.10
N LEU B 12 -0.04 3.04 -10.80
CA LEU B 12 -1.13 3.73 -10.13
C LEU B 12 -0.65 4.92 -9.31
N ILE B 13 -1.34 6.06 -9.49
CA ILE B 13 -1.03 7.26 -8.75
C ILE B 13 -2.20 7.62 -7.87
N VAL B 14 -2.04 7.42 -6.57
CA VAL B 14 -3.08 7.70 -5.61
C VAL B 14 -2.94 9.12 -5.08
N LYS B 15 -4.05 9.78 -4.88
CA LYS B 15 -4.03 11.16 -4.40
C LYS B 15 -4.20 11.24 -2.88
N LYS B 16 -4.05 12.48 -2.37
CA LYS B 16 -4.12 12.80 -0.93
C LYS B 16 -4.00 11.60 0.01
N VAL B 17 -2.83 10.98 0.01
CA VAL B 17 -2.55 9.86 0.89
C VAL B 17 -1.80 10.39 2.10
N ARG B 18 -2.44 10.36 3.25
CA ARG B 18 -1.85 10.87 4.46
C ARG B 18 -1.17 9.79 5.29
N GLN B 19 0.14 9.91 5.44
CA GLN B 19 0.88 8.96 6.24
C GLN B 19 1.28 9.68 7.54
N LYS B 20 0.70 9.22 8.64
CA LYS B 20 0.96 9.80 9.96
C LYS B 20 0.48 11.25 9.98
N LYS B 21 -0.64 11.50 9.28
CA LYS B 21 -1.26 12.82 9.19
C LYS B 21 -0.46 13.78 8.31
N GLN B 22 0.03 13.27 7.19
CA GLN B 22 0.77 14.08 6.21
C GLN B 22 0.32 13.64 4.82
N ASP B 23 -0.30 14.54 4.05
CA ASP B 23 -0.82 14.17 2.74
C ASP B 23 0.26 14.12 1.67
N GLY B 24 0.03 13.29 0.68
CA GLY B 24 0.96 13.13 -0.40
C GLY B 24 0.37 12.32 -1.53
N ALA B 25 1.23 11.90 -2.43
CA ALA B 25 0.82 11.11 -3.57
C ALA B 25 1.46 9.75 -3.48
N LEU B 26 0.68 8.72 -3.76
CA LEU B 26 1.19 7.37 -3.69
C LEU B 26 1.49 6.88 -5.10
N TYR B 27 2.77 6.68 -5.38
CA TYR B 27 3.20 6.23 -6.69
C TYR B 27 3.47 4.73 -6.70
N LEU B 28 2.52 3.97 -7.22
CA LEU B 28 2.66 2.52 -7.32
C LEU B 28 3.44 2.17 -8.57
N MET B 29 4.72 1.88 -8.40
CA MET B 29 5.55 1.52 -9.54
C MET B 29 5.55 0.00 -9.69
N ALA B 30 6.36 -0.52 -10.59
CA ALA B 30 6.41 -1.94 -10.81
C ALA B 30 7.25 -2.66 -9.76
N GLU B 31 8.47 -2.18 -9.55
CA GLU B 31 9.37 -2.80 -8.58
C GLU B 31 9.08 -2.39 -7.14
N ARG B 32 8.63 -1.16 -6.93
CA ARG B 32 8.36 -0.70 -5.58
C ARG B 32 7.28 0.36 -5.52
N ILE B 33 6.64 0.46 -4.37
CA ILE B 33 5.61 1.43 -4.12
C ILE B 33 6.24 2.59 -3.34
N ALA B 34 6.17 3.79 -3.90
CA ALA B 34 6.76 4.95 -3.25
C ALA B 34 5.72 6.01 -2.96
N TRP B 35 5.96 6.76 -1.90
CA TRP B 35 5.05 7.82 -1.50
C TRP B 35 5.83 9.10 -1.23
N ALA B 36 5.22 10.23 -1.59
CA ALA B 36 5.83 11.54 -1.38
C ALA B 36 4.74 12.58 -1.09
N PRO B 37 4.95 13.47 -0.11
CA PRO B 37 3.96 14.51 0.27
C PRO B 37 3.52 15.35 -0.91
N GLU B 38 2.30 15.89 -0.87
CA GLU B 38 1.81 16.69 -1.98
C GLU B 38 2.56 18.01 -2.08
N GLY B 39 3.18 18.25 -3.24
CA GLY B 39 3.94 19.48 -3.45
C GLY B 39 5.43 19.25 -3.25
N LYS B 40 5.79 17.99 -3.05
CA LYS B 40 7.18 17.61 -2.82
C LYS B 40 7.97 17.50 -4.13
N ASP B 41 9.27 17.30 -4.00
CA ASP B 41 10.13 17.12 -5.16
C ASP B 41 10.82 15.75 -5.11
N ARG B 42 10.92 15.18 -3.91
CA ARG B 42 11.55 13.88 -3.72
C ARG B 42 10.62 12.91 -3.01
N PHE B 43 10.92 11.62 -3.10
CA PHE B 43 10.11 10.60 -2.44
C PHE B 43 10.66 10.34 -1.05
N THR B 44 9.78 10.27 -0.06
CA THR B 44 10.19 10.05 1.32
C THR B 44 9.90 8.62 1.76
N ILE B 45 9.03 7.94 1.01
CA ILE B 45 8.64 6.57 1.31
C ILE B 45 8.85 5.69 0.09
N SER B 46 9.55 4.57 0.27
CA SER B 46 9.80 3.64 -0.83
C SER B 46 9.89 2.20 -0.31
N HIS B 47 8.96 1.36 -0.72
CA HIS B 47 8.95 -0.04 -0.29
C HIS B 47 8.82 -0.96 -1.50
N MET B 48 9.75 -1.89 -1.64
CA MET B 48 9.71 -2.83 -2.75
C MET B 48 8.68 -3.91 -2.47
N TYR B 49 7.93 -4.29 -3.50
CA TYR B 49 6.92 -5.35 -3.37
C TYR B 49 7.58 -6.61 -2.82
N ALA B 50 8.83 -6.82 -3.25
CA ALA B 50 9.64 -7.95 -2.83
C ALA B 50 9.87 -8.01 -1.32
N ASP B 51 9.61 -6.91 -0.62
CA ASP B 51 9.83 -6.84 0.82
C ASP B 51 8.51 -6.70 1.59
N ILE B 52 7.42 -6.50 0.87
CA ILE B 52 6.14 -6.36 1.54
C ILE B 52 5.50 -7.72 1.75
N LYS B 53 5.37 -8.08 3.01
CA LYS B 53 4.79 -9.33 3.40
C LYS B 53 3.26 -9.32 3.24
N CYS B 54 2.64 -8.25 3.72
CA CYS B 54 1.19 -8.12 3.68
C CYS B 54 0.79 -6.66 3.57
N GLN B 55 -0.50 -6.44 3.50
CA GLN B 55 -1.07 -5.10 3.41
C GLN B 55 -2.47 -5.16 3.95
N LYS B 56 -2.84 -4.25 4.81
CA LYS B 56 -4.18 -4.27 5.36
C LYS B 56 -4.89 -2.96 5.03
N ILE B 57 -6.20 -2.95 5.11
CA ILE B 57 -6.97 -1.77 4.75
C ILE B 57 -8.00 -1.41 5.84
N SER B 58 -8.00 -0.16 6.30
CA SER B 58 -8.95 0.22 7.34
C SER B 58 -10.34 0.30 6.73
N PRO B 59 -11.22 -0.61 7.20
CA PRO B 59 -12.62 -0.74 6.75
C PRO B 59 -13.49 0.47 7.03
N GLU B 60 -14.66 0.47 6.40
CA GLU B 60 -15.64 1.53 6.55
C GLU B 60 -16.11 1.61 7.99
N GLY B 61 -16.61 2.77 8.37
CA GLY B 61 -17.08 2.97 9.73
C GLY B 61 -16.17 3.91 10.48
N LYS B 62 -14.95 4.05 9.98
CA LYS B 62 -13.99 4.94 10.58
C LYS B 62 -14.12 6.31 9.94
N ALA B 63 -13.41 7.30 10.46
CA ALA B 63 -13.47 8.65 9.92
C ALA B 63 -12.67 8.76 8.64
N LYS B 64 -11.98 7.69 8.27
CA LYS B 64 -11.17 7.69 7.07
C LYS B 64 -10.86 6.28 6.60
N ILE B 65 -10.75 6.13 5.30
CA ILE B 65 -10.42 4.86 4.68
C ILE B 65 -8.90 4.78 4.55
N GLN B 66 -8.29 3.68 4.98
CA GLN B 66 -6.82 3.62 4.96
C GLN B 66 -6.25 2.29 4.46
N LEU B 67 -4.93 2.30 4.24
CA LEU B 67 -4.17 1.15 3.78
C LEU B 67 -2.84 1.02 4.54
N GLN B 68 -2.64 -0.06 5.29
CA GLN B 68 -1.38 -0.24 6.01
C GLN B 68 -0.54 -1.31 5.30
N LEU B 69 0.77 -1.16 5.35
CA LEU B 69 1.68 -2.10 4.72
C LEU B 69 2.46 -2.86 5.79
N VAL B 70 2.59 -4.16 5.59
CA VAL B 70 3.33 -5.02 6.53
C VAL B 70 4.51 -5.63 5.80
N LEU B 71 5.72 -5.24 6.16
CA LEU B 71 6.90 -5.78 5.51
C LEU B 71 7.46 -6.93 6.32
N HIS B 72 7.97 -7.95 5.64
CA HIS B 72 8.53 -9.12 6.34
C HIS B 72 9.89 -8.78 6.95
N ALA B 73 10.34 -7.56 6.71
CA ALA B 73 11.61 -7.09 7.25
C ALA B 73 11.40 -6.49 8.64
N GLY B 74 10.16 -6.51 9.11
CA GLY B 74 9.84 -5.96 10.41
C GLY B 74 9.46 -4.50 10.32
N ASP B 75 8.78 -4.14 9.23
CA ASP B 75 8.36 -2.77 9.01
C ASP B 75 6.87 -2.72 8.69
N THR B 76 6.24 -1.59 8.99
CA THR B 76 4.82 -1.40 8.73
C THR B 76 4.55 0.06 8.40
N THR B 77 3.82 0.31 7.31
CA THR B 77 3.51 1.67 6.89
C THR B 77 2.01 1.92 6.94
N ASN B 78 1.60 3.13 7.30
CA ASN B 78 0.17 3.46 7.38
C ASN B 78 -0.17 4.56 6.37
N PHE B 79 -1.01 4.23 5.40
CA PHE B 79 -1.42 5.19 4.39
C PHE B 79 -2.91 5.50 4.48
N HIS B 80 -3.23 6.67 5.01
CA HIS B 80 -4.60 7.12 5.16
C HIS B 80 -5.07 7.86 3.91
N PHE B 81 -6.07 7.31 3.24
CA PHE B 81 -6.61 7.93 2.04
C PHE B 81 -7.57 9.04 2.41
N SER B 82 -7.07 10.28 2.42
CA SER B 82 -7.89 11.43 2.77
C SER B 82 -8.56 12.04 1.55
N ASN B 83 -8.42 11.36 0.42
CA ASN B 83 -9.03 11.83 -0.82
C ASN B 83 -10.47 11.37 -0.86
N GLU B 84 -11.37 12.22 -0.36
CA GLU B 84 -12.80 11.90 -0.27
C GLU B 84 -13.39 11.44 -1.60
N SER B 85 -12.96 12.08 -2.68
CA SER B 85 -13.43 11.77 -4.03
C SER B 85 -13.38 10.27 -4.36
N THR B 86 -12.25 9.62 -4.12
CA THR B 86 -12.12 8.21 -4.46
C THR B 86 -11.48 7.38 -3.34
N ALA B 87 -11.50 7.89 -2.11
CA ALA B 87 -10.90 7.20 -0.95
C ALA B 87 -11.13 5.69 -0.94
N VAL B 88 -12.38 5.28 -0.80
CA VAL B 88 -12.74 3.87 -0.74
C VAL B 88 -12.33 3.14 -2.02
N LYS B 89 -12.58 3.77 -3.15
CA LYS B 89 -12.29 3.18 -4.45
C LYS B 89 -10.78 2.99 -4.65
N GLU B 90 -10.00 4.02 -4.30
CA GLU B 90 -8.55 3.95 -4.42
C GLU B 90 -8.00 2.87 -3.49
N ARG B 91 -8.60 2.76 -2.31
CA ARG B 91 -8.19 1.77 -1.33
C ARG B 91 -8.15 0.37 -1.91
N ASP B 92 -9.28 -0.07 -2.47
CA ASP B 92 -9.38 -1.40 -3.04
C ASP B 92 -8.59 -1.54 -4.33
N ALA B 93 -8.37 -0.45 -5.04
CA ALA B 93 -7.63 -0.51 -6.29
C ALA B 93 -6.17 -0.69 -5.97
N VAL B 94 -5.72 0.03 -4.95
CA VAL B 94 -4.35 -0.06 -4.50
C VAL B 94 -4.13 -1.43 -3.87
N LYS B 95 -5.13 -1.86 -3.10
CA LYS B 95 -5.11 -3.15 -2.44
C LYS B 95 -4.91 -4.25 -3.44
N ASP B 96 -5.84 -4.34 -4.38
CA ASP B 96 -5.80 -5.34 -5.43
C ASP B 96 -4.49 -5.31 -6.19
N LEU B 97 -4.12 -4.14 -6.71
CA LEU B 97 -2.88 -4.01 -7.46
C LEU B 97 -1.69 -4.48 -6.63
N LEU B 98 -1.66 -4.07 -5.37
CA LEU B 98 -0.58 -4.43 -4.47
C LEU B 98 -0.54 -5.94 -4.22
N GLN B 99 -1.65 -6.51 -3.75
CA GLN B 99 -1.68 -7.95 -3.44
C GLN B 99 -1.50 -8.80 -4.69
N GLN B 100 -1.80 -8.25 -5.85
CA GLN B 100 -1.64 -8.98 -7.10
C GLN B 100 -0.17 -9.01 -7.50
N LEU B 101 0.53 -7.91 -7.28
CA LEU B 101 1.94 -7.80 -7.65
C LEU B 101 2.86 -8.27 -6.53
N LEU B 102 2.39 -8.17 -5.29
CA LEU B 102 3.17 -8.55 -4.10
C LEU B 102 3.89 -9.90 -4.24
N PRO B 103 3.18 -11.02 -4.42
CA PRO B 103 3.82 -12.32 -4.51
C PRO B 103 4.57 -12.52 -5.82
N LYS B 104 4.41 -11.59 -6.75
CA LYS B 104 5.09 -11.67 -8.03
C LYS B 104 6.50 -11.06 -7.94
N PHE B 105 6.68 -10.14 -7.01
CA PHE B 105 7.97 -9.47 -6.86
C PHE B 105 8.74 -9.95 -5.64
N LYS B 106 8.07 -10.65 -4.71
CA LYS B 106 8.72 -11.14 -3.50
C LYS B 106 10.00 -11.92 -3.82
N ARG B 107 11.14 -11.35 -3.42
CA ARG B 107 12.44 -11.95 -3.66
C ARG B 107 13.30 -11.91 -2.41
N LYS B 108 12.70 -11.55 -1.29
CA LYS B 108 13.43 -11.48 -0.03
C LYS B 108 12.96 -12.60 0.90
N ALA B 109 11.69 -12.52 1.28
CA ALA B 109 11.10 -13.52 2.16
C ALA B 109 9.60 -13.54 1.93
N ASN B 110 8.86 -14.16 2.83
CA ASN B 110 7.41 -14.22 2.71
C ASN B 110 6.81 -13.08 3.51
N ALA A 5 -8.39 1.38 16.83
CA ALA A 5 -9.47 1.52 17.83
C ALA A 5 -9.53 2.96 18.31
N HIS A 6 -10.61 3.65 17.94
CA HIS A 6 -10.79 5.04 18.31
C HIS A 6 -11.20 5.18 19.78
N HIS A 7 -10.22 5.06 20.65
CA HIS A 7 -10.45 5.16 22.09
C HIS A 7 -9.22 5.77 22.75
N LEU A 8 -8.15 4.98 22.82
CA LEU A 8 -6.90 5.44 23.43
C LEU A 8 -6.08 6.19 22.39
N LYS A 9 -6.67 7.26 21.86
CA LYS A 9 -6.02 8.07 20.84
C LYS A 9 -5.03 9.04 21.46
N ARG A 10 -5.32 9.45 22.69
CA ARG A 10 -4.48 10.40 23.41
C ARG A 10 -4.70 10.22 24.91
N GLY A 11 -3.61 10.11 25.66
CA GLY A 11 -3.72 9.95 27.10
C GLY A 11 -3.51 11.23 27.86
N ALA A 12 -2.53 12.01 27.44
CA ALA A 12 -2.23 13.28 28.07
C ALA A 12 -2.59 14.43 27.15
N THR A 13 -2.18 15.64 27.51
CA THR A 13 -2.47 16.81 26.71
C THR A 13 -1.77 16.71 25.35
N MET A 14 -0.46 16.50 25.39
CA MET A 14 0.33 16.37 24.18
C MET A 14 1.74 15.88 24.54
N ASN A 15 1.78 14.85 25.37
CA ASN A 15 3.06 14.28 25.81
C ASN A 15 3.47 13.15 24.89
N GLU A 16 2.48 12.39 24.44
CA GLU A 16 2.72 11.26 23.56
C GLU A 16 2.20 11.55 22.16
N ASP A 17 2.16 12.83 21.80
CA ASP A 17 1.69 13.23 20.48
C ASP A 17 2.74 14.07 19.77
N SER A 18 2.82 13.88 18.47
CA SER A 18 3.76 14.63 17.64
C SER A 18 3.22 14.69 16.22
N ASN A 19 1.89 14.61 16.10
CA ASN A 19 1.18 14.62 14.82
C ASN A 19 1.42 13.31 14.07
N GLU A 20 2.69 13.03 13.77
CA GLU A 20 3.08 11.82 13.05
C GLU A 20 2.82 10.57 13.90
N GLU A 21 2.50 10.77 15.16
CA GLU A 21 2.21 9.69 16.05
C GLU A 21 0.89 9.94 16.77
N GLU A 22 -0.12 9.18 16.37
CA GLU A 22 -1.45 9.28 16.91
C GLU A 22 -2.26 8.11 16.37
N GLU A 23 -3.43 7.86 16.92
CA GLU A 23 -4.25 6.75 16.47
C GLU A 23 -4.83 7.02 15.08
N GLU A 24 -4.16 6.51 14.08
CA GLU A 24 -4.57 6.65 12.69
C GLU A 24 -5.02 5.27 12.20
N SER A 25 -5.61 4.51 13.14
CA SER A 25 -6.07 3.15 12.89
C SER A 25 -4.86 2.22 12.76
N GLU A 26 -4.72 1.29 13.68
CA GLU A 26 -3.56 0.41 13.70
C GLU A 26 -3.94 -1.00 14.08
N ASN A 27 -5.23 -1.21 14.26
CA ASN A 27 -5.76 -2.51 14.65
C ASN A 27 -7.18 -2.63 14.14
N ASP A 28 -7.40 -2.00 13.00
CA ASP A 28 -8.72 -1.96 12.38
C ASP A 28 -8.59 -2.00 10.87
N TRP A 29 -8.04 -3.07 10.36
CA TRP A 29 -7.87 -3.22 8.92
C TRP A 29 -8.22 -4.62 8.47
N GLU A 30 -8.90 -4.71 7.35
CA GLU A 30 -9.20 -6.00 6.76
C GLU A 30 -7.88 -6.41 6.15
N GLU A 31 -7.15 -7.23 6.88
CA GLU A 31 -5.81 -7.61 6.47
C GLU A 31 -5.75 -8.46 5.22
N VAL A 32 -5.21 -7.83 4.18
CA VAL A 32 -5.02 -8.41 2.88
C VAL A 32 -3.66 -9.10 2.79
N GLU A 33 -3.65 -10.24 2.15
CA GLU A 33 -2.46 -11.07 2.01
C GLU A 33 -2.04 -11.25 0.56
N GLU A 34 -0.75 -11.54 0.37
CA GLU A 34 -0.17 -11.78 -0.95
C GLU A 34 -1.04 -12.74 -1.76
N LEU A 35 -1.71 -12.19 -2.76
CA LEU A 35 -2.61 -12.95 -3.61
C LEU A 35 -1.92 -13.38 -4.89
N SER A 36 -2.06 -14.66 -5.22
CA SER A 36 -1.43 -15.21 -6.41
C SER A 36 -2.04 -14.63 -7.68
N GLU A 37 -1.22 -14.57 -8.71
CA GLU A 37 -1.62 -14.05 -10.01
C GLU A 37 -2.77 -14.86 -10.61
N PRO A 38 -3.90 -14.21 -10.88
CA PRO A 38 -5.07 -14.85 -11.46
C PRO A 38 -4.89 -15.07 -12.96
N VAL A 39 -4.58 -16.30 -13.32
CA VAL A 39 -4.36 -16.65 -14.72
C VAL A 39 -5.61 -17.27 -15.34
N LEU A 40 -5.87 -16.91 -16.59
CA LEU A 40 -7.02 -17.41 -17.31
C LEU A 40 -6.69 -17.50 -18.80
N GLY A 41 -7.63 -17.98 -19.60
CA GLY A 41 -7.43 -18.10 -21.03
C GLY A 41 -7.82 -16.83 -21.76
N ASP A 42 -8.36 -15.87 -21.00
CA ASP A 42 -8.78 -14.59 -21.55
C ASP A 42 -8.63 -13.53 -20.48
N VAL A 43 -8.66 -12.27 -20.87
CA VAL A 43 -8.53 -11.17 -19.93
C VAL A 43 -9.84 -10.40 -19.86
N ARG A 44 -10.86 -11.03 -20.41
CA ARG A 44 -12.19 -10.47 -20.45
C ARG A 44 -13.21 -11.60 -20.50
N GLU A 45 -14.37 -11.40 -19.89
CA GLU A 45 -15.40 -12.43 -19.89
C GLU A 45 -16.58 -11.98 -20.74
N SER A 46 -17.37 -12.93 -21.20
CA SER A 46 -18.52 -12.64 -22.04
C SER A 46 -19.79 -12.57 -21.20
N THR A 47 -20.06 -13.61 -20.43
CA THR A 47 -21.24 -13.62 -19.56
C THR A 47 -21.06 -12.51 -18.53
N ALA A 48 -19.85 -12.47 -17.98
CA ALA A 48 -19.46 -11.44 -17.04
C ALA A 48 -18.90 -10.29 -17.85
N PHE A 49 -19.77 -9.73 -18.70
CA PHE A 49 -19.44 -8.64 -19.61
C PHE A 49 -18.52 -7.60 -19.00
N SER A 50 -17.24 -7.72 -19.32
CA SER A 50 -16.24 -6.78 -18.85
C SER A 50 -15.94 -5.78 -19.96
N ARG A 51 -15.60 -6.31 -21.13
CA ARG A 51 -15.31 -5.50 -22.30
C ARG A 51 -15.17 -6.39 -23.53
N SER A 52 -16.30 -6.77 -24.09
CA SER A 52 -16.33 -7.59 -25.29
C SER A 52 -16.81 -6.75 -26.46
N MET B 3 7.69 -0.64 -19.79
CA MET B 3 8.64 -0.66 -20.93
C MET B 3 9.50 -1.91 -20.83
N ALA B 4 10.63 -1.93 -21.53
CA ALA B 4 11.53 -3.08 -21.49
C ALA B 4 11.99 -3.31 -20.06
N THR B 5 12.54 -2.26 -19.45
CA THR B 5 13.00 -2.32 -18.09
C THR B 5 11.94 -1.74 -17.16
N SER B 6 10.81 -2.43 -17.06
CA SER B 6 9.71 -1.99 -16.21
C SER B 6 10.13 -1.98 -14.75
N SER B 7 10.16 -0.80 -14.15
CA SER B 7 10.55 -0.64 -12.76
C SER B 7 9.90 0.58 -12.14
N GLU B 8 10.15 1.75 -12.73
CA GLU B 8 9.62 3.00 -12.21
C GLU B 8 8.37 3.43 -12.97
N GLU B 9 7.71 2.46 -13.57
CA GLU B 9 6.48 2.74 -14.31
C GLU B 9 5.33 2.93 -13.32
N VAL B 10 4.92 4.16 -13.12
CA VAL B 10 3.82 4.47 -12.22
C VAL B 10 2.52 3.93 -12.79
N LEU B 11 2.15 2.76 -12.31
CA LEU B 11 0.94 2.07 -12.75
C LEU B 11 -0.30 2.70 -12.13
N LEU B 12 -0.21 3.05 -10.86
CA LEU B 12 -1.34 3.65 -10.16
C LEU B 12 -0.94 4.92 -9.43
N ILE B 13 -1.67 6.00 -9.72
CA ILE B 13 -1.41 7.29 -9.10
C ILE B 13 -2.53 7.62 -8.12
N VAL B 14 -2.22 7.55 -6.84
CA VAL B 14 -3.17 7.84 -5.78
C VAL B 14 -2.93 9.23 -5.24
N LYS B 15 -4.00 9.97 -5.01
CA LYS B 15 -3.88 11.33 -4.50
C LYS B 15 -4.14 11.41 -3.00
N LYS B 16 -4.07 12.64 -2.48
CA LYS B 16 -4.25 12.98 -1.06
C LYS B 16 -4.17 11.79 -0.10
N VAL B 17 -2.95 11.30 0.11
CA VAL B 17 -2.69 10.20 1.02
C VAL B 17 -1.85 10.70 2.19
N ARG B 18 -2.39 10.62 3.39
CA ARG B 18 -1.67 11.08 4.56
C ARG B 18 -1.17 9.92 5.39
N GLN B 19 0.08 9.94 5.77
CA GLN B 19 0.63 8.89 6.60
C GLN B 19 0.79 9.42 8.02
N LYS B 20 -0.12 9.00 8.88
CA LYS B 20 -0.12 9.44 10.28
C LYS B 20 -0.21 10.96 10.36
N LYS B 21 -1.18 11.51 9.61
CA LYS B 21 -1.47 12.95 9.57
C LYS B 21 -0.50 13.73 8.67
N GLN B 22 0.35 13.04 7.92
CA GLN B 22 1.28 13.73 7.03
C GLN B 22 0.78 13.63 5.58
N ASP B 23 0.48 14.76 4.97
CA ASP B 23 -0.07 14.79 3.61
C ASP B 23 0.94 14.40 2.55
N GLY B 24 0.43 13.72 1.53
CA GLY B 24 1.25 13.29 0.42
C GLY B 24 0.43 12.58 -0.62
N ALA B 25 1.11 11.91 -1.53
CA ALA B 25 0.46 11.16 -2.58
C ALA B 25 1.10 9.78 -2.69
N LEU B 26 0.30 8.78 -2.97
CA LEU B 26 0.80 7.42 -3.06
C LEU B 26 0.95 7.02 -4.53
N TYR B 27 2.16 6.66 -4.94
CA TYR B 27 2.40 6.27 -6.31
C TYR B 27 2.86 4.81 -6.40
N LEU B 28 2.11 4.02 -7.16
CA LEU B 28 2.42 2.62 -7.35
C LEU B 28 3.20 2.42 -8.64
N MET B 29 4.46 2.04 -8.53
CA MET B 29 5.29 1.81 -9.71
C MET B 29 5.24 0.34 -10.10
N ALA B 30 6.16 -0.08 -10.95
CA ALA B 30 6.18 -1.46 -11.40
C ALA B 30 6.93 -2.36 -10.44
N GLU B 31 8.07 -1.88 -9.92
CA GLU B 31 8.88 -2.67 -8.99
C GLU B 31 8.63 -2.33 -7.53
N ARG B 32 8.32 -1.07 -7.23
CA ARG B 32 8.13 -0.68 -5.85
C ARG B 32 7.04 0.38 -5.68
N ILE B 33 6.55 0.49 -4.46
CA ILE B 33 5.53 1.46 -4.10
C ILE B 33 6.19 2.63 -3.38
N ALA B 34 5.91 3.84 -3.81
CA ALA B 34 6.53 5.00 -3.18
C ALA B 34 5.51 6.06 -2.82
N TRP B 35 5.85 6.84 -1.81
CA TRP B 35 4.98 7.90 -1.34
C TRP B 35 5.79 9.19 -1.19
N ALA B 36 5.16 10.32 -1.51
CA ALA B 36 5.79 11.62 -1.43
C ALA B 36 4.74 12.67 -1.07
N PRO B 37 5.10 13.69 -0.28
CA PRO B 37 4.15 14.75 0.11
C PRO B 37 3.59 15.48 -1.11
N GLU B 38 2.33 15.92 -1.02
CA GLU B 38 1.69 16.62 -2.12
C GLU B 38 2.43 17.91 -2.45
N GLY B 39 2.93 17.99 -3.67
CA GLY B 39 3.66 19.18 -4.09
C GLY B 39 5.10 18.85 -4.39
N LYS B 40 5.52 17.64 -4.08
CA LYS B 40 6.89 17.23 -4.35
C LYS B 40 6.99 16.33 -5.58
N ASP B 41 8.13 16.40 -6.22
CA ASP B 41 8.41 15.65 -7.44
C ASP B 41 9.17 14.36 -7.13
N ARG B 42 9.84 14.35 -5.99
CA ARG B 42 10.62 13.19 -5.58
C ARG B 42 9.97 12.47 -4.41
N PHE B 43 9.92 11.15 -4.50
CA PHE B 43 9.32 10.32 -3.46
C PHE B 43 10.20 10.35 -2.21
N THR B 44 9.58 10.33 -1.05
CA THR B 44 10.31 10.35 0.20
C THR B 44 10.48 8.94 0.74
N ILE B 45 9.46 8.11 0.58
CA ILE B 45 9.49 6.74 1.05
C ILE B 45 9.23 5.77 -0.10
N SER B 46 9.90 4.62 -0.09
CA SER B 46 9.73 3.62 -1.12
C SER B 46 9.91 2.22 -0.56
N HIS B 47 8.97 1.33 -0.89
CA HIS B 47 9.02 -0.05 -0.42
C HIS B 47 8.93 -0.99 -1.61
N MET B 48 9.82 -1.96 -1.66
CA MET B 48 9.81 -2.92 -2.75
C MET B 48 8.67 -3.89 -2.52
N TYR B 49 7.95 -4.22 -3.58
CA TYR B 49 6.82 -5.16 -3.47
C TYR B 49 7.31 -6.46 -2.84
N ALA B 50 8.55 -6.82 -3.15
CA ALA B 50 9.18 -8.01 -2.62
C ALA B 50 9.14 -8.05 -1.09
N ASP B 51 9.55 -6.94 -0.45
CA ASP B 51 9.62 -6.84 1.02
C ASP B 51 8.24 -6.79 1.69
N ILE B 52 7.21 -6.46 0.94
CA ILE B 52 5.90 -6.39 1.55
C ILE B 52 5.32 -7.79 1.67
N LYS B 53 4.91 -8.15 2.88
CA LYS B 53 4.38 -9.48 3.12
C LYS B 53 2.85 -9.47 3.15
N CYS B 54 2.27 -8.34 3.52
CA CYS B 54 0.82 -8.21 3.61
C CYS B 54 0.43 -6.74 3.57
N GLN B 55 -0.85 -6.48 3.37
CA GLN B 55 -1.35 -5.12 3.34
C GLN B 55 -2.77 -5.13 3.85
N LYS B 56 -3.05 -4.36 4.86
CA LYS B 56 -4.39 -4.35 5.40
C LYS B 56 -5.08 -3.07 5.02
N ILE B 57 -6.40 -3.08 5.04
CA ILE B 57 -7.18 -1.93 4.64
C ILE B 57 -8.19 -1.54 5.72
N SER B 58 -8.23 -0.27 6.09
CA SER B 58 -9.21 0.16 7.08
C SER B 58 -10.54 0.34 6.38
N PRO B 59 -11.49 -0.53 6.75
CA PRO B 59 -12.84 -0.58 6.16
C PRO B 59 -13.75 0.57 6.59
N GLU B 60 -14.87 0.67 5.89
CA GLU B 60 -15.88 1.67 6.15
C GLU B 60 -16.31 1.63 7.62
N GLY B 61 -16.77 2.77 8.11
CA GLY B 61 -17.17 2.87 9.49
C GLY B 61 -16.27 3.83 10.22
N LYS B 62 -15.07 3.98 9.67
CA LYS B 62 -14.09 4.90 10.22
C LYS B 62 -14.26 6.25 9.57
N ALA B 63 -13.64 7.28 10.13
CA ALA B 63 -13.75 8.62 9.58
C ALA B 63 -12.86 8.80 8.35
N LYS B 64 -12.09 7.76 8.04
CA LYS B 64 -11.20 7.80 6.89
C LYS B 64 -10.86 6.40 6.40
N ILE B 65 -10.81 6.25 5.09
CA ILE B 65 -10.46 4.98 4.46
C ILE B 65 -8.94 4.88 4.41
N GLN B 66 -8.37 3.74 4.80
CA GLN B 66 -6.90 3.65 4.83
C GLN B 66 -6.35 2.30 4.39
N LEU B 67 -5.02 2.26 4.21
CA LEU B 67 -4.28 1.06 3.82
C LEU B 67 -2.96 0.96 4.61
N GLN B 68 -2.79 -0.11 5.40
CA GLN B 68 -1.55 -0.28 6.14
C GLN B 68 -0.71 -1.40 5.52
N LEU B 69 0.55 -1.13 5.26
CA LEU B 69 1.45 -2.12 4.67
C LEU B 69 2.19 -2.87 5.76
N VAL B 70 2.28 -4.18 5.61
CA VAL B 70 2.97 -5.02 6.57
C VAL B 70 4.14 -5.70 5.88
N LEU B 71 5.34 -5.23 6.18
CA LEU B 71 6.53 -5.80 5.57
C LEU B 71 7.05 -6.94 6.43
N HIS B 72 7.54 -7.99 5.80
CA HIS B 72 8.06 -9.15 6.52
C HIS B 72 9.40 -8.83 7.17
N ALA B 73 9.86 -7.61 6.98
CA ALA B 73 11.12 -7.16 7.55
C ALA B 73 10.88 -6.53 8.92
N GLY B 74 9.62 -6.49 9.33
CA GLY B 74 9.27 -5.92 10.61
C GLY B 74 8.91 -4.45 10.49
N ASP B 75 8.30 -4.09 9.37
CA ASP B 75 7.92 -2.70 9.12
C ASP B 75 6.44 -2.63 8.73
N THR B 76 5.82 -1.50 9.02
CA THR B 76 4.42 -1.28 8.70
C THR B 76 4.21 0.17 8.28
N THR B 77 3.52 0.37 7.17
CA THR B 77 3.28 1.72 6.67
C THR B 77 1.79 2.03 6.61
N ASN B 78 1.34 2.98 7.43
CA ASN B 78 -0.06 3.36 7.46
C ASN B 78 -0.35 4.48 6.47
N PHE B 79 -1.23 4.21 5.51
CA PHE B 79 -1.59 5.20 4.51
C PHE B 79 -3.06 5.58 4.62
N HIS B 80 -3.30 6.78 5.11
CA HIS B 80 -4.64 7.31 5.28
C HIS B 80 -5.10 8.02 3.99
N PHE B 81 -6.11 7.48 3.35
CA PHE B 81 -6.63 8.05 2.11
C PHE B 81 -7.56 9.22 2.43
N SER B 82 -7.00 10.42 2.41
CA SER B 82 -7.76 11.62 2.70
C SER B 82 -8.36 12.22 1.42
N ASN B 83 -8.33 11.44 0.35
CA ASN B 83 -8.87 11.88 -0.93
C ASN B 83 -10.35 11.52 -1.01
N GLU B 84 -11.20 12.45 -0.60
CA GLU B 84 -12.64 12.25 -0.56
C GLU B 84 -13.18 11.81 -1.92
N SER B 85 -12.53 12.27 -2.99
CA SER B 85 -12.91 11.96 -4.35
C SER B 85 -12.95 10.45 -4.64
N THR B 86 -11.84 9.75 -4.39
CA THR B 86 -11.78 8.34 -4.71
C THR B 86 -11.17 7.48 -3.59
N ALA B 87 -11.16 7.98 -2.36
CA ALA B 87 -10.58 7.26 -1.20
C ALA B 87 -10.85 5.75 -1.21
N VAL B 88 -12.11 5.37 -1.10
CA VAL B 88 -12.49 3.96 -1.08
C VAL B 88 -12.04 3.23 -2.35
N LYS B 89 -12.29 3.87 -3.49
CA LYS B 89 -11.96 3.30 -4.79
C LYS B 89 -10.44 3.10 -4.94
N GLU B 90 -9.66 4.10 -4.55
CA GLU B 90 -8.21 4.03 -4.64
C GLU B 90 -7.67 2.95 -3.69
N ARG B 91 -8.22 2.93 -2.48
CA ARG B 91 -7.80 1.97 -1.45
C ARG B 91 -7.85 0.53 -1.98
N ASP B 92 -8.99 0.15 -2.52
CA ASP B 92 -9.18 -1.21 -3.02
C ASP B 92 -8.40 -1.47 -4.31
N ALA B 93 -8.19 -0.45 -5.11
CA ALA B 93 -7.45 -0.61 -6.35
C ALA B 93 -6.00 -0.85 -6.01
N VAL B 94 -5.53 -0.10 -5.03
CA VAL B 94 -4.17 -0.23 -4.55
C VAL B 94 -4.02 -1.59 -3.90
N LYS B 95 -5.01 -1.95 -3.10
CA LYS B 95 -5.04 -3.24 -2.41
C LYS B 95 -4.85 -4.39 -3.38
N ASP B 96 -5.73 -4.43 -4.38
CA ASP B 96 -5.70 -5.47 -5.41
C ASP B 96 -4.36 -5.50 -6.13
N LEU B 97 -3.94 -4.35 -6.64
CA LEU B 97 -2.68 -4.25 -7.37
C LEU B 97 -1.52 -4.69 -6.49
N LEU B 98 -1.53 -4.25 -5.25
CA LEU B 98 -0.47 -4.58 -4.30
C LEU B 98 -0.45 -6.07 -4.00
N GLN B 99 -1.59 -6.63 -3.60
CA GLN B 99 -1.64 -8.05 -3.25
C GLN B 99 -1.38 -8.95 -4.44
N GLN B 100 -1.57 -8.44 -5.64
CA GLN B 100 -1.31 -9.23 -6.84
C GLN B 100 0.18 -9.21 -7.19
N LEU B 101 0.82 -8.07 -6.95
CA LEU B 101 2.24 -7.92 -7.24
C LEU B 101 3.10 -8.40 -6.06
N LEU B 102 2.49 -8.45 -4.88
CA LEU B 102 3.18 -8.87 -3.67
C LEU B 102 3.92 -10.20 -3.80
N PRO B 103 3.21 -11.30 -4.13
CA PRO B 103 3.85 -12.60 -4.25
C PRO B 103 4.60 -12.77 -5.55
N LYS B 104 4.35 -11.86 -6.48
CA LYS B 104 5.01 -11.88 -7.78
C LYS B 104 6.43 -11.33 -7.64
N PHE B 105 6.67 -10.58 -6.59
CA PHE B 105 7.98 -10.00 -6.36
C PHE B 105 8.79 -10.81 -5.36
N LYS B 106 8.29 -12.00 -5.04
CA LYS B 106 8.99 -12.88 -4.11
C LYS B 106 10.30 -13.34 -4.76
N ARG B 107 11.38 -13.36 -3.96
CA ARG B 107 12.71 -13.76 -4.44
C ARG B 107 13.34 -12.61 -5.24
N LYS B 108 12.58 -12.12 -6.22
CA LYS B 108 12.99 -11.02 -7.08
C LYS B 108 11.88 -10.70 -8.06
N ALA B 109 11.34 -11.74 -8.67
CA ALA B 109 10.27 -11.61 -9.64
C ALA B 109 9.59 -12.96 -9.84
N ASN B 110 8.59 -12.98 -10.69
CA ASN B 110 7.84 -14.18 -11.00
C ASN B 110 7.19 -14.03 -12.36
N ALA A 5 23.00 15.86 -4.34
CA ALA A 5 22.20 14.77 -3.75
C ALA A 5 22.85 13.44 -4.03
N HIS A 6 22.61 12.45 -3.18
CA HIS A 6 23.19 11.13 -3.34
C HIS A 6 22.13 10.06 -3.13
N HIS A 7 22.36 8.87 -3.68
CA HIS A 7 21.44 7.73 -3.56
C HIS A 7 20.15 8.01 -4.32
N LEU A 8 19.22 8.70 -3.69
CA LEU A 8 17.93 9.04 -4.29
C LEU A 8 17.10 7.81 -4.65
N LYS A 9 16.54 7.18 -3.62
CA LYS A 9 15.68 5.99 -3.77
C LYS A 9 16.33 4.88 -4.59
N ARG A 10 17.25 4.15 -3.99
CA ARG A 10 17.92 3.05 -4.68
C ARG A 10 17.75 1.76 -3.90
N GLY A 11 17.44 1.89 -2.62
CA GLY A 11 17.26 0.72 -1.77
C GLY A 11 15.85 0.18 -1.85
N ALA A 12 15.71 -1.11 -1.55
CA ALA A 12 14.40 -1.77 -1.57
C ALA A 12 13.52 -1.22 -0.47
N THR A 13 14.01 -1.30 0.76
CA THR A 13 13.29 -0.81 1.91
C THR A 13 13.85 0.53 2.36
N MET A 14 13.33 1.61 1.79
CA MET A 14 13.81 2.95 2.14
C MET A 14 12.65 3.84 2.58
N ASN A 15 12.68 4.23 3.84
CA ASN A 15 11.65 5.07 4.41
C ASN A 15 12.28 6.25 5.16
N GLU A 16 11.78 7.45 4.92
CA GLU A 16 12.30 8.65 5.57
C GLU A 16 11.16 9.39 6.27
N ASP A 17 10.15 8.64 6.66
CA ASP A 17 8.97 9.21 7.30
C ASP A 17 8.75 8.58 8.67
N SER A 18 7.50 8.57 9.10
CA SER A 18 7.12 7.98 10.38
C SER A 18 6.23 6.77 10.14
N ASN A 19 6.54 5.66 10.81
CA ASN A 19 5.77 4.42 10.62
C ASN A 19 5.22 3.88 11.94
N GLU A 20 4.77 4.77 12.81
CA GLU A 20 4.19 4.36 14.09
C GLU A 20 2.73 4.80 14.18
N GLU A 21 2.21 4.94 15.40
CA GLU A 21 0.82 5.34 15.58
C GLU A 21 0.68 6.39 16.68
N GLU A 22 -0.22 7.33 16.46
CA GLU A 22 -0.50 8.39 17.42
C GLU A 22 -2.00 8.71 17.41
N GLU A 23 -2.57 8.78 16.22
CA GLU A 23 -3.97 9.07 16.04
C GLU A 23 -4.36 8.78 14.59
N GLU A 24 -4.32 7.53 14.20
CA GLU A 24 -4.70 7.16 12.85
C GLU A 24 -5.61 5.94 12.91
N SER A 25 -6.06 5.63 14.12
CA SER A 25 -6.94 4.49 14.41
C SER A 25 -6.49 3.24 13.65
N GLU A 26 -5.48 2.59 14.18
CA GLU A 26 -4.93 1.38 13.56
C GLU A 26 -5.56 0.11 14.09
N ASN A 27 -4.97 -1.03 13.70
CA ASN A 27 -5.41 -2.39 14.09
C ASN A 27 -6.82 -2.74 13.60
N ASP A 28 -7.35 -1.91 12.71
CA ASP A 28 -8.70 -2.13 12.17
C ASP A 28 -8.65 -2.11 10.67
N TRP A 29 -7.94 -3.05 10.10
CA TRP A 29 -7.82 -3.15 8.66
C TRP A 29 -8.18 -4.54 8.18
N GLU A 30 -8.85 -4.61 7.05
CA GLU A 30 -9.18 -5.86 6.42
C GLU A 30 -7.86 -6.31 5.84
N GLU A 31 -7.21 -7.21 6.54
CA GLU A 31 -5.89 -7.65 6.18
C GLU A 31 -5.83 -8.41 4.86
N VAL A 32 -5.20 -7.75 3.90
CA VAL A 32 -4.98 -8.26 2.57
C VAL A 32 -3.67 -9.02 2.52
N GLU A 33 -3.68 -10.13 1.81
CA GLU A 33 -2.52 -11.00 1.75
C GLU A 33 -2.04 -11.28 0.35
N GLU A 34 -0.76 -11.63 0.24
CA GLU A 34 -0.12 -11.97 -1.02
C GLU A 34 -1.04 -12.85 -1.85
N LEU A 35 -1.58 -12.28 -2.91
CA LEU A 35 -2.55 -12.95 -3.76
C LEU A 35 -1.92 -13.52 -5.02
N SER A 36 -2.35 -14.70 -5.39
CA SER A 36 -1.87 -15.37 -6.60
C SER A 36 -2.56 -14.80 -7.83
N GLU A 37 -2.24 -15.36 -8.99
CA GLU A 37 -2.81 -14.93 -10.27
C GLU A 37 -4.33 -14.88 -10.20
N PRO A 38 -4.93 -13.78 -10.69
CA PRO A 38 -6.39 -13.60 -10.69
C PRO A 38 -7.10 -14.62 -11.56
N VAL A 39 -7.76 -15.57 -10.92
CA VAL A 39 -8.50 -16.59 -11.62
C VAL A 39 -9.88 -16.07 -11.99
N LEU A 40 -10.34 -16.41 -13.18
CA LEU A 40 -11.64 -15.96 -13.65
C LEU A 40 -12.45 -17.12 -14.20
N GLY A 41 -13.71 -17.18 -13.81
CA GLY A 41 -14.59 -18.25 -14.27
C GLY A 41 -15.85 -17.72 -14.92
N ASP A 42 -16.12 -16.44 -14.67
CA ASP A 42 -17.29 -15.77 -15.21
C ASP A 42 -17.03 -15.28 -16.62
N VAL A 43 -15.85 -15.58 -17.08
CA VAL A 43 -15.40 -15.22 -18.41
C VAL A 43 -14.41 -16.25 -18.91
N ARG A 44 -14.43 -16.53 -20.20
CA ARG A 44 -13.53 -17.52 -20.78
C ARG A 44 -12.65 -16.88 -21.84
N GLU A 45 -11.68 -17.63 -22.33
CA GLU A 45 -10.77 -17.17 -23.35
C GLU A 45 -11.45 -17.22 -24.72
N SER A 46 -11.68 -18.43 -25.20
CA SER A 46 -12.34 -18.63 -26.48
C SER A 46 -13.23 -19.87 -26.43
N THR A 47 -13.10 -20.66 -25.38
CA THR A 47 -13.90 -21.86 -25.20
C THR A 47 -15.39 -21.51 -25.23
N ALA A 48 -15.71 -20.36 -24.66
CA ALA A 48 -17.08 -19.89 -24.63
C ALA A 48 -17.13 -18.43 -25.05
N PHE A 49 -16.93 -18.19 -26.33
CA PHE A 49 -16.98 -16.84 -26.88
C PHE A 49 -18.40 -16.30 -26.72
N SER A 50 -19.36 -17.21 -26.80
CA SER A 50 -20.78 -16.93 -26.68
C SER A 50 -21.55 -18.23 -26.81
N ARG A 51 -22.86 -18.14 -27.03
CA ARG A 51 -23.67 -19.33 -27.19
C ARG A 51 -24.72 -19.13 -28.26
N SER A 52 -24.70 -20.01 -29.24
CA SER A 52 -25.63 -19.98 -30.35
C SER A 52 -25.92 -21.41 -30.79
N MET B 3 14.89 6.20 -14.48
CA MET B 3 15.23 7.14 -13.38
C MET B 3 16.08 6.43 -12.33
N ALA B 4 15.50 5.43 -11.68
CA ALA B 4 16.23 4.68 -10.66
C ALA B 4 16.53 3.28 -11.18
N THR B 5 15.49 2.55 -11.54
CA THR B 5 15.64 1.22 -12.08
C THR B 5 15.41 1.22 -13.58
N SER B 6 14.76 2.30 -14.06
CA SER B 6 14.44 2.47 -15.46
C SER B 6 13.28 1.56 -15.85
N SER B 7 12.57 1.11 -14.83
CA SER B 7 11.40 0.25 -15.00
C SER B 7 10.39 0.57 -13.92
N GLU B 8 10.47 1.80 -13.41
CA GLU B 8 9.61 2.29 -12.35
C GLU B 8 8.27 2.79 -12.91
N GLU B 9 7.66 1.97 -13.75
CA GLU B 9 6.38 2.31 -14.37
C GLU B 9 5.29 2.45 -13.31
N VAL B 10 4.91 3.68 -13.04
CA VAL B 10 3.85 3.97 -12.08
C VAL B 10 2.51 3.55 -12.66
N LEU B 11 2.12 2.34 -12.32
CA LEU B 11 0.88 1.74 -12.79
C LEU B 11 -0.34 2.44 -12.19
N LEU B 12 -0.29 2.71 -10.91
CA LEU B 12 -1.40 3.36 -10.24
C LEU B 12 -0.97 4.62 -9.48
N ILE B 13 -1.61 5.73 -9.82
CA ILE B 13 -1.33 7.01 -9.19
C ILE B 13 -2.50 7.42 -8.31
N VAL B 14 -2.25 7.50 -7.02
CA VAL B 14 -3.26 7.89 -6.05
C VAL B 14 -2.96 9.29 -5.55
N LYS B 15 -3.99 10.09 -5.38
CA LYS B 15 -3.84 11.46 -4.93
C LYS B 15 -4.08 11.59 -3.43
N LYS B 16 -3.96 12.83 -2.94
CA LYS B 16 -4.11 13.21 -1.54
C LYS B 16 -4.06 12.03 -0.55
N VAL B 17 -2.85 11.52 -0.35
CA VAL B 17 -2.61 10.43 0.58
C VAL B 17 -1.75 10.97 1.71
N ARG B 18 -2.26 10.94 2.92
CA ARG B 18 -1.53 11.45 4.05
C ARG B 18 -0.98 10.33 4.90
N GLN B 19 0.33 10.30 5.06
CA GLN B 19 0.93 9.29 5.91
C GLN B 19 1.35 9.98 7.20
N LYS B 20 0.77 9.53 8.31
CA LYS B 20 1.05 10.12 9.61
C LYS B 20 0.70 11.61 9.59
N LYS B 21 -0.41 11.93 8.93
CA LYS B 21 -0.91 13.29 8.81
C LYS B 21 -0.06 14.14 7.85
N GLN B 22 0.81 13.48 7.08
CA GLN B 22 1.67 14.19 6.13
C GLN B 22 1.11 14.07 4.71
N ASP B 23 0.86 15.21 4.09
CA ASP B 23 0.30 15.28 2.73
C ASP B 23 1.22 14.64 1.70
N GLY B 24 0.64 13.89 0.76
CA GLY B 24 1.43 13.26 -0.27
C GLY B 24 0.60 12.55 -1.31
N ALA B 25 1.27 11.98 -2.30
CA ALA B 25 0.62 11.23 -3.37
C ALA B 25 1.21 9.83 -3.38
N LEU B 26 0.39 8.85 -3.68
CA LEU B 26 0.85 7.47 -3.66
C LEU B 26 1.08 7.00 -5.10
N TYR B 27 2.30 6.55 -5.39
CA TYR B 27 2.66 6.09 -6.72
C TYR B 27 3.00 4.60 -6.74
N LEU B 28 2.09 3.80 -7.26
CA LEU B 28 2.31 2.36 -7.36
C LEU B 28 3.11 2.06 -8.62
N MET B 29 4.37 1.72 -8.45
CA MET B 29 5.22 1.42 -9.59
C MET B 29 5.17 -0.06 -9.91
N ALA B 30 6.09 -0.52 -10.75
CA ALA B 30 6.11 -1.91 -11.16
C ALA B 30 6.76 -2.83 -10.13
N GLU B 31 7.90 -2.42 -9.60
CA GLU B 31 8.62 -3.25 -8.64
C GLU B 31 8.40 -2.80 -7.20
N ARG B 32 8.07 -1.54 -7.00
CA ARG B 32 7.88 -1.03 -5.65
C ARG B 32 6.79 0.02 -5.55
N ILE B 33 6.34 0.25 -4.33
CA ILE B 33 5.34 1.24 -4.04
C ILE B 33 6.02 2.44 -3.38
N ALA B 34 5.87 3.61 -3.97
CA ALA B 34 6.49 4.78 -3.42
C ALA B 34 5.47 5.88 -3.17
N TRP B 35 5.76 6.72 -2.20
CA TRP B 35 4.89 7.81 -1.84
C TRP B 35 5.72 9.07 -1.66
N ALA B 36 5.22 10.18 -2.16
CA ALA B 36 5.92 11.45 -2.05
C ALA B 36 4.98 12.53 -1.55
N PRO B 37 5.43 13.34 -0.60
CA PRO B 37 4.63 14.42 -0.02
C PRO B 37 4.14 15.42 -1.06
N GLU B 38 2.90 15.87 -0.91
CA GLU B 38 2.28 16.82 -1.84
C GLU B 38 3.08 18.12 -1.91
N GLY B 39 3.34 18.56 -3.14
CA GLY B 39 4.08 19.79 -3.35
C GLY B 39 5.59 19.60 -3.21
N LYS B 40 5.99 18.41 -2.83
CA LYS B 40 7.41 18.11 -2.65
C LYS B 40 7.86 17.09 -3.69
N ASP B 41 9.03 17.31 -4.27
CA ASP B 41 9.57 16.45 -5.32
C ASP B 41 10.44 15.32 -4.78
N ARG B 42 10.56 15.22 -3.46
CA ARG B 42 11.39 14.18 -2.89
C ARG B 42 10.55 13.07 -2.29
N PHE B 43 10.63 11.90 -2.89
CA PHE B 43 9.91 10.72 -2.43
C PHE B 43 10.52 10.24 -1.12
N THR B 44 9.74 10.20 -0.07
CA THR B 44 10.23 9.76 1.22
C THR B 44 9.98 8.27 1.42
N ILE B 45 8.81 7.82 1.01
CA ILE B 45 8.43 6.42 1.16
C ILE B 45 8.74 5.64 -0.11
N SER B 46 9.51 4.58 0.03
CA SER B 46 9.87 3.71 -1.09
C SER B 46 10.04 2.28 -0.58
N HIS B 47 9.03 1.45 -0.80
CA HIS B 47 9.06 0.06 -0.35
C HIS B 47 8.88 -0.89 -1.52
N MET B 48 9.88 -1.70 -1.78
CA MET B 48 9.80 -2.67 -2.86
C MET B 48 8.83 -3.78 -2.47
N TYR B 49 8.09 -4.28 -3.45
CA TYR B 49 7.13 -5.35 -3.19
C TYR B 49 7.87 -6.58 -2.66
N ALA B 50 9.17 -6.63 -2.95
CA ALA B 50 10.04 -7.70 -2.50
C ALA B 50 10.14 -7.79 -0.99
N ASP B 51 9.91 -6.67 -0.30
CA ASP B 51 9.98 -6.61 1.16
C ASP B 51 8.60 -6.58 1.79
N ILE B 52 7.57 -6.42 0.99
CA ILE B 52 6.22 -6.38 1.52
C ILE B 52 5.62 -7.77 1.51
N LYS B 53 5.04 -8.17 2.62
CA LYS B 53 4.44 -9.49 2.72
C LYS B 53 2.94 -9.42 2.47
N CYS B 54 2.34 -8.34 2.91
CA CYS B 54 0.91 -8.14 2.78
C CYS B 54 0.55 -6.70 3.14
N GLN B 55 -0.73 -6.39 3.10
CA GLN B 55 -1.19 -5.04 3.44
C GLN B 55 -2.61 -5.11 3.92
N LYS B 56 -2.95 -4.35 4.91
CA LYS B 56 -4.31 -4.36 5.41
C LYS B 56 -4.95 -3.02 5.11
N ILE B 57 -6.25 -3.02 4.90
CA ILE B 57 -6.96 -1.81 4.54
C ILE B 57 -8.02 -1.44 5.58
N SER B 58 -8.03 -0.22 6.04
CA SER B 58 -9.02 0.19 7.01
C SER B 58 -10.29 0.54 6.25
N PRO B 59 -11.31 -0.32 6.44
CA PRO B 59 -12.61 -0.25 5.77
C PRO B 59 -13.42 1.00 6.07
N GLU B 60 -14.47 1.19 5.27
CA GLU B 60 -15.37 2.32 5.44
C GLU B 60 -16.07 2.22 6.78
N GLY B 61 -16.42 3.37 7.33
CA GLY B 61 -17.05 3.39 8.63
C GLY B 61 -16.14 4.10 9.61
N LYS B 62 -14.86 4.08 9.27
CA LYS B 62 -13.85 4.76 10.07
C LYS B 62 -13.89 6.25 9.77
N ALA B 63 -13.17 7.03 10.55
CA ALA B 63 -13.12 8.47 10.33
C ALA B 63 -12.20 8.80 9.16
N LYS B 64 -11.55 7.75 8.64
CA LYS B 64 -10.63 7.88 7.53
C LYS B 64 -10.36 6.52 6.91
N ILE B 65 -10.32 6.47 5.59
CA ILE B 65 -10.05 5.23 4.86
C ILE B 65 -8.56 5.13 4.64
N GLN B 66 -7.94 4.00 4.99
CA GLN B 66 -6.49 3.91 4.86
C GLN B 66 -5.99 2.52 4.41
N LEU B 67 -4.69 2.47 4.13
CA LEU B 67 -3.99 1.26 3.71
C LEU B 67 -2.71 1.07 4.55
N GLN B 68 -2.59 -0.02 5.28
CA GLN B 68 -1.38 -0.28 6.06
C GLN B 68 -0.54 -1.36 5.37
N LEU B 69 0.72 -1.06 5.13
CA LEU B 69 1.63 -2.01 4.47
C LEU B 69 2.35 -2.84 5.52
N VAL B 70 2.26 -4.15 5.41
CA VAL B 70 2.93 -5.04 6.34
C VAL B 70 4.13 -5.68 5.67
N LEU B 71 5.31 -5.21 6.01
CA LEU B 71 6.53 -5.73 5.44
C LEU B 71 6.99 -6.93 6.25
N HIS B 72 7.45 -7.97 5.57
CA HIS B 72 7.91 -9.18 6.25
C HIS B 72 9.26 -8.93 6.94
N ALA B 73 9.75 -7.71 6.80
CA ALA B 73 11.00 -7.30 7.41
C ALA B 73 10.74 -6.74 8.80
N GLY B 74 9.47 -6.60 9.14
CA GLY B 74 9.10 -6.07 10.45
C GLY B 74 8.77 -4.59 10.39
N ASP B 75 8.22 -4.15 9.27
CA ASP B 75 7.86 -2.75 9.09
C ASP B 75 6.41 -2.62 8.62
N THR B 76 5.74 -1.55 9.02
CA THR B 76 4.37 -1.31 8.63
C THR B 76 4.17 0.16 8.27
N THR B 77 3.55 0.42 7.12
CA THR B 77 3.31 1.80 6.68
C THR B 77 1.82 2.12 6.62
N ASN B 78 1.38 3.11 7.39
CA ASN B 78 -0.02 3.51 7.43
C ASN B 78 -0.28 4.66 6.44
N PHE B 79 -1.08 4.38 5.41
CA PHE B 79 -1.42 5.38 4.40
C PHE B 79 -2.87 5.84 4.55
N HIS B 80 -3.05 7.08 5.00
CA HIS B 80 -4.39 7.64 5.18
C HIS B 80 -4.84 8.29 3.88
N PHE B 81 -5.85 7.72 3.25
CA PHE B 81 -6.38 8.25 1.99
C PHE B 81 -7.28 9.45 2.28
N SER B 82 -6.78 10.64 1.99
CA SER B 82 -7.53 11.86 2.23
C SER B 82 -8.15 12.42 0.96
N ASN B 83 -8.24 11.59 -0.08
CA ASN B 83 -8.84 12.01 -1.34
C ASN B 83 -10.35 11.81 -1.25
N GLU B 84 -11.06 12.89 -0.99
CA GLU B 84 -12.51 12.83 -0.80
C GLU B 84 -13.26 12.37 -2.05
N SER B 85 -12.56 12.14 -3.15
CA SER B 85 -13.21 11.68 -4.37
C SER B 85 -13.36 10.16 -4.40
N THR B 86 -12.24 9.45 -4.36
CA THR B 86 -12.27 7.98 -4.40
C THR B 86 -11.32 7.36 -3.37
N ALA B 87 -11.10 8.04 -2.24
CA ALA B 87 -10.19 7.54 -1.20
C ALA B 87 -10.40 6.06 -0.89
N VAL B 88 -11.65 5.68 -0.75
CA VAL B 88 -11.98 4.31 -0.40
C VAL B 88 -11.73 3.37 -1.57
N LYS B 89 -12.18 3.78 -2.73
CA LYS B 89 -12.08 2.97 -3.93
C LYS B 89 -10.65 2.87 -4.44
N GLU B 90 -9.88 3.94 -4.30
CA GLU B 90 -8.49 3.91 -4.72
C GLU B 90 -7.74 2.94 -3.85
N ARG B 91 -8.10 2.91 -2.56
CA ARG B 91 -7.49 1.98 -1.61
C ARG B 91 -7.79 0.55 -2.04
N ASP B 92 -9.00 0.35 -2.55
CA ASP B 92 -9.45 -0.97 -3.00
C ASP B 92 -8.64 -1.45 -4.20
N ALA B 93 -8.36 -0.54 -5.12
CA ALA B 93 -7.61 -0.88 -6.32
C ALA B 93 -6.14 -1.05 -5.98
N VAL B 94 -5.65 -0.18 -5.10
CA VAL B 94 -4.28 -0.25 -4.64
C VAL B 94 -4.07 -1.60 -3.96
N LYS B 95 -5.08 -1.98 -3.18
CA LYS B 95 -5.09 -3.23 -2.45
C LYS B 95 -4.87 -4.41 -3.40
N ASP B 96 -5.73 -4.48 -4.40
CA ASP B 96 -5.69 -5.55 -5.39
C ASP B 96 -4.37 -5.57 -6.13
N LEU B 97 -4.00 -4.44 -6.72
CA LEU B 97 -2.75 -4.33 -7.47
C LEU B 97 -1.58 -4.76 -6.59
N LEU B 98 -1.57 -4.31 -5.35
CA LEU B 98 -0.52 -4.65 -4.42
C LEU B 98 -0.45 -6.15 -4.15
N GLN B 99 -1.57 -6.74 -3.73
CA GLN B 99 -1.58 -8.17 -3.42
C GLN B 99 -1.36 -9.03 -4.66
N GLN B 100 -1.63 -8.48 -5.83
CA GLN B 100 -1.43 -9.22 -7.07
C GLN B 100 0.05 -9.22 -7.46
N LEU B 101 0.71 -8.10 -7.25
CA LEU B 101 2.13 -7.95 -7.61
C LEU B 101 3.07 -8.41 -6.49
N LEU B 102 2.60 -8.28 -5.25
CA LEU B 102 3.39 -8.66 -4.07
C LEU B 102 4.14 -9.98 -4.19
N PRO B 103 3.43 -11.11 -4.36
CA PRO B 103 4.07 -12.43 -4.41
C PRO B 103 5.03 -12.63 -5.58
N LYS B 104 5.08 -11.66 -6.49
CA LYS B 104 5.99 -11.75 -7.64
C LYS B 104 7.37 -11.24 -7.25
N PHE B 105 7.39 -10.21 -6.43
CA PHE B 105 8.64 -9.60 -5.99
C PHE B 105 9.03 -10.09 -4.59
N LYS B 106 8.02 -10.45 -3.80
CA LYS B 106 8.20 -10.95 -2.44
C LYS B 106 9.41 -11.87 -2.31
N ARG B 107 10.35 -11.51 -1.43
CA ARG B 107 11.55 -12.30 -1.23
C ARG B 107 11.32 -13.40 -0.20
N LYS B 108 10.13 -13.42 0.38
CA LYS B 108 9.77 -14.43 1.37
C LYS B 108 9.74 -15.80 0.68
N ALA B 109 10.51 -16.74 1.23
CA ALA B 109 10.61 -18.09 0.68
C ALA B 109 9.35 -18.90 0.98
N ASN B 110 8.22 -18.38 0.53
CA ASN B 110 6.91 -19.00 0.71
C ASN B 110 5.87 -18.09 0.08
N ALA A 5 14.88 35.00 0.49
CA ALA A 5 15.69 33.81 0.14
C ALA A 5 14.83 32.56 0.24
N HIS A 6 15.38 31.42 -0.15
CA HIS A 6 14.65 30.17 -0.10
C HIS A 6 14.78 29.53 1.27
N HIS A 7 14.14 30.16 2.25
CA HIS A 7 14.17 29.69 3.62
C HIS A 7 13.03 30.30 4.41
N LEU A 8 12.30 29.48 5.15
CA LEU A 8 11.19 29.95 5.96
C LEU A 8 11.65 30.08 7.41
N LYS A 9 11.79 31.32 7.86
CA LYS A 9 12.23 31.58 9.23
C LYS A 9 11.11 31.31 10.24
N ARG A 10 10.84 30.03 10.48
CA ARG A 10 9.82 29.64 11.44
C ARG A 10 10.38 29.70 12.85
N GLY A 11 11.30 28.81 13.17
CA GLY A 11 11.89 28.78 14.48
C GLY A 11 11.02 28.07 15.50
N ALA A 12 9.81 28.58 15.68
CA ALA A 12 8.86 28.00 16.63
C ALA A 12 8.12 26.82 16.02
N THR A 13 8.85 25.78 15.66
CA THR A 13 8.27 24.58 15.09
C THR A 13 7.84 23.62 16.20
N MET A 14 6.53 23.56 16.46
CA MET A 14 6.00 22.68 17.49
C MET A 14 5.34 21.46 16.87
N ASN A 15 4.29 21.70 16.10
CA ASN A 15 3.55 20.62 15.45
C ASN A 15 2.76 21.16 14.27
N GLU A 16 2.29 22.39 14.40
CA GLU A 16 1.51 23.05 13.36
C GLU A 16 2.40 23.53 12.21
N ASP A 17 3.58 22.95 12.15
CA ASP A 17 4.54 23.26 11.11
C ASP A 17 4.65 22.09 10.15
N SER A 18 4.38 20.90 10.69
CA SER A 18 4.43 19.68 9.91
C SER A 18 3.02 19.32 9.45
N ASN A 19 2.16 18.98 10.40
CA ASN A 19 0.78 18.61 10.13
C ASN A 19 0.05 18.30 11.44
N GLU A 20 -0.54 17.12 11.53
CA GLU A 20 -1.26 16.71 12.74
C GLU A 20 -0.49 15.61 13.47
N GLU A 21 0.19 14.77 12.68
CA GLU A 21 1.02 13.67 13.19
C GLU A 21 0.24 12.52 13.83
N GLU A 22 -0.66 12.82 14.77
CA GLU A 22 -1.40 11.75 15.44
C GLU A 22 -2.86 11.66 15.05
N GLU A 23 -3.49 10.56 15.48
CA GLU A 23 -4.90 10.23 15.24
C GLU A 23 -5.05 9.60 13.85
N GLU A 24 -5.23 8.29 13.82
CA GLU A 24 -5.40 7.55 12.57
C GLU A 24 -5.64 6.08 12.89
N SER A 25 -6.08 5.31 11.89
CA SER A 25 -6.32 3.88 12.09
C SER A 25 -5.00 3.15 12.03
N GLU A 26 -4.81 2.15 12.89
CA GLU A 26 -3.52 1.44 12.97
C GLU A 26 -3.68 -0.03 13.33
N ASN A 27 -4.72 -0.37 14.07
CA ASN A 27 -4.93 -1.75 14.50
C ASN A 27 -6.35 -2.16 14.15
N ASP A 28 -6.75 -1.82 12.94
CA ASP A 28 -8.08 -2.06 12.46
C ASP A 28 -8.13 -2.08 10.94
N TRP A 29 -7.67 -3.16 10.38
CA TRP A 29 -7.64 -3.33 8.94
C TRP A 29 -7.98 -4.75 8.53
N GLU A 30 -8.70 -4.88 7.42
CA GLU A 30 -8.99 -6.18 6.87
C GLU A 30 -7.68 -6.59 6.23
N GLU A 31 -6.93 -7.41 6.93
CA GLU A 31 -5.60 -7.77 6.49
C GLU A 31 -5.57 -8.62 5.21
N VAL A 32 -5.04 -7.96 4.18
CA VAL A 32 -4.87 -8.52 2.85
C VAL A 32 -3.54 -9.27 2.74
N GLU A 33 -3.60 -10.37 2.04
CA GLU A 33 -2.44 -11.24 1.84
C GLU A 33 -2.05 -11.30 0.37
N GLU A 34 -0.77 -11.61 0.12
CA GLU A 34 -0.24 -11.74 -1.23
C GLU A 34 -1.14 -12.67 -2.05
N LEU A 35 -1.80 -12.10 -3.04
CA LEU A 35 -2.73 -12.84 -3.87
C LEU A 35 -2.10 -13.27 -5.18
N SER A 36 -2.21 -14.55 -5.46
CA SER A 36 -1.68 -15.13 -6.67
C SER A 36 -2.81 -15.66 -7.54
N GLU A 37 -2.60 -15.70 -8.85
CA GLU A 37 -3.60 -16.18 -9.81
C GLU A 37 -4.13 -17.55 -9.42
N PRO A 38 -5.40 -17.63 -9.00
CA PRO A 38 -6.02 -18.87 -8.60
C PRO A 38 -6.77 -19.54 -9.76
N VAL A 39 -6.23 -20.66 -10.22
CA VAL A 39 -6.86 -21.39 -11.30
C VAL A 39 -7.58 -22.62 -10.76
N LEU A 40 -8.79 -22.84 -11.26
CA LEU A 40 -9.62 -23.96 -10.83
C LEU A 40 -10.66 -24.27 -11.89
N GLY A 41 -11.48 -25.27 -11.63
CA GLY A 41 -12.52 -25.64 -12.56
C GLY A 41 -13.80 -24.87 -12.30
N ASP A 42 -13.92 -23.72 -12.93
CA ASP A 42 -15.10 -22.87 -12.77
C ASP A 42 -16.31 -23.49 -13.44
N VAL A 43 -17.46 -23.36 -12.80
CA VAL A 43 -18.70 -23.92 -13.31
C VAL A 43 -19.72 -22.82 -13.59
N ARG A 44 -20.11 -22.68 -14.85
CA ARG A 44 -21.08 -21.66 -15.24
C ARG A 44 -22.31 -22.29 -15.91
N GLU A 45 -22.69 -23.47 -15.44
CA GLU A 45 -23.85 -24.17 -15.97
C GLU A 45 -24.95 -24.25 -14.92
N SER A 46 -25.26 -25.45 -14.46
CA SER A 46 -26.26 -25.66 -13.44
C SER A 46 -25.73 -25.22 -12.09
N THR A 47 -24.42 -25.31 -11.92
CA THR A 47 -23.76 -24.92 -10.69
C THR A 47 -23.29 -23.48 -10.76
N ALA A 48 -23.80 -22.74 -11.73
CA ALA A 48 -23.44 -21.34 -11.93
C ALA A 48 -23.85 -20.47 -10.75
N PHE A 49 -24.75 -20.98 -9.92
CA PHE A 49 -25.20 -20.26 -8.74
C PHE A 49 -24.01 -20.01 -7.81
N SER A 50 -22.96 -20.81 -8.02
CA SER A 50 -21.71 -20.73 -7.27
C SER A 50 -21.91 -21.10 -5.80
N ARG A 51 -22.56 -20.23 -5.04
CA ARG A 51 -22.79 -20.47 -3.63
C ARG A 51 -24.01 -19.70 -3.14
N SER A 52 -25.19 -20.22 -3.44
CA SER A 52 -26.44 -19.59 -3.03
C SER A 52 -26.99 -20.35 -1.81
N MET B 3 9.92 2.31 -19.34
CA MET B 3 10.43 3.68 -19.61
C MET B 3 11.51 4.06 -18.60
N ALA B 4 11.12 4.14 -17.33
CA ALA B 4 12.06 4.50 -16.28
C ALA B 4 12.71 3.25 -15.71
N THR B 5 13.71 2.75 -16.42
CA THR B 5 14.44 1.54 -16.02
C THR B 5 13.55 0.29 -16.10
N SER B 6 12.29 0.50 -16.49
CA SER B 6 11.31 -0.57 -16.61
C SER B 6 10.94 -1.12 -15.22
N SER B 7 11.30 -0.36 -14.20
CA SER B 7 11.03 -0.74 -12.84
C SER B 7 10.26 0.38 -12.12
N GLU B 8 10.54 1.61 -12.52
CA GLU B 8 9.91 2.78 -11.93
C GLU B 8 8.69 3.21 -12.73
N GLU B 9 8.04 2.25 -13.36
CA GLU B 9 6.84 2.52 -14.14
C GLU B 9 5.66 2.69 -13.18
N VAL B 10 5.25 3.93 -12.98
CA VAL B 10 4.13 4.23 -12.08
C VAL B 10 2.83 3.69 -12.66
N LEU B 11 2.41 2.55 -12.14
CA LEU B 11 1.19 1.90 -12.58
C LEU B 11 -0.04 2.60 -12.03
N LEU B 12 0.04 2.98 -10.77
CA LEU B 12 -1.08 3.65 -10.12
C LEU B 12 -0.63 4.88 -9.34
N ILE B 13 -1.32 5.99 -9.59
CA ILE B 13 -1.03 7.24 -8.89
C ILE B 13 -2.18 7.57 -7.95
N VAL B 14 -1.92 7.41 -6.67
CA VAL B 14 -2.91 7.66 -5.65
C VAL B 14 -2.72 9.06 -5.09
N LYS B 15 -3.82 9.73 -4.80
CA LYS B 15 -3.77 11.10 -4.29
C LYS B 15 -4.02 11.15 -2.79
N LYS B 16 -3.93 12.38 -2.26
CA LYS B 16 -4.11 12.70 -0.84
C LYS B 16 -4.04 11.50 0.10
N VAL B 17 -2.85 10.92 0.18
CA VAL B 17 -2.60 9.80 1.06
C VAL B 17 -1.85 10.34 2.27
N ARG B 18 -2.43 10.18 3.44
CA ARG B 18 -1.82 10.69 4.64
C ARG B 18 -1.23 9.58 5.50
N GLN B 19 0.06 9.68 5.77
CA GLN B 19 0.72 8.71 6.62
C GLN B 19 0.94 9.38 7.96
N LYS B 20 0.17 8.96 8.96
CA LYS B 20 0.23 9.56 10.29
C LYS B 20 -0.10 11.05 10.17
N LYS B 21 -1.22 11.30 9.49
CA LYS B 21 -1.74 12.64 9.25
C LYS B 21 -0.89 13.47 8.29
N GLN B 22 0.11 12.87 7.67
CA GLN B 22 0.94 13.61 6.72
C GLN B 22 0.45 13.39 5.31
N ASP B 23 0.02 14.45 4.66
CA ASP B 23 -0.55 14.39 3.32
C ASP B 23 0.51 14.20 2.23
N GLY B 24 0.10 13.46 1.21
CA GLY B 24 0.97 13.19 0.08
C GLY B 24 0.27 12.38 -0.98
N ALA B 25 1.03 11.86 -1.92
CA ALA B 25 0.48 11.04 -2.98
C ALA B 25 1.21 9.70 -2.99
N LEU B 26 0.49 8.65 -3.30
CA LEU B 26 1.07 7.32 -3.30
C LEU B 26 1.33 6.87 -4.74
N TYR B 27 2.59 6.65 -5.07
CA TYR B 27 2.97 6.24 -6.41
C TYR B 27 3.32 4.76 -6.45
N LEU B 28 2.46 3.99 -7.10
CA LEU B 28 2.66 2.55 -7.23
C LEU B 28 3.44 2.24 -8.49
N MET B 29 4.73 1.97 -8.35
CA MET B 29 5.55 1.63 -9.49
C MET B 29 5.51 0.12 -9.71
N ALA B 30 6.37 -0.37 -10.58
CA ALA B 30 6.40 -1.79 -10.86
C ALA B 30 7.20 -2.56 -9.81
N GLU B 31 8.42 -2.11 -9.55
CA GLU B 31 9.29 -2.77 -8.58
C GLU B 31 9.02 -2.35 -7.14
N ARG B 32 8.58 -1.11 -6.94
CA ARG B 32 8.35 -0.64 -5.58
C ARG B 32 7.25 0.41 -5.49
N ILE B 33 6.68 0.51 -4.30
CA ILE B 33 5.64 1.48 -4.01
C ILE B 33 6.26 2.63 -3.22
N ALA B 34 6.15 3.84 -3.74
CA ALA B 34 6.74 4.99 -3.07
C ALA B 34 5.71 6.06 -2.75
N TRP B 35 5.94 6.78 -1.68
CA TRP B 35 5.04 7.83 -1.25
C TRP B 35 5.80 9.15 -1.05
N ALA B 36 5.15 10.25 -1.39
CA ALA B 36 5.74 11.57 -1.26
C ALA B 36 4.67 12.59 -0.91
N PRO B 37 4.97 13.56 -0.01
CA PRO B 37 4.01 14.60 0.40
C PRO B 37 3.40 15.34 -0.79
N GLU B 38 2.15 15.79 -0.65
CA GLU B 38 1.47 16.47 -1.73
C GLU B 38 2.17 17.80 -2.03
N GLY B 39 2.71 17.89 -3.24
CA GLY B 39 3.42 19.09 -3.63
C GLY B 39 4.92 18.89 -3.58
N LYS B 40 5.35 17.68 -3.25
CA LYS B 40 6.76 17.39 -3.18
C LYS B 40 7.17 16.40 -4.26
N ASP B 41 8.32 16.68 -4.86
CA ASP B 41 8.89 15.88 -5.92
C ASP B 41 9.91 14.89 -5.38
N ARG B 42 9.85 14.62 -4.09
CA ARG B 42 10.79 13.72 -3.48
C ARG B 42 10.09 12.65 -2.65
N PHE B 43 10.23 11.40 -3.06
CA PHE B 43 9.62 10.29 -2.35
C PHE B 43 10.39 10.03 -1.06
N THR B 44 9.71 10.10 0.06
CA THR B 44 10.34 9.90 1.34
C THR B 44 10.23 8.45 1.80
N ILE B 45 9.25 7.74 1.26
CA ILE B 45 9.04 6.34 1.62
C ILE B 45 8.96 5.48 0.37
N SER B 46 9.65 4.34 0.37
CA SER B 46 9.64 3.43 -0.77
C SER B 46 9.81 1.99 -0.30
N HIS B 47 8.89 1.12 -0.73
CA HIS B 47 8.93 -0.29 -0.37
C HIS B 47 8.82 -1.16 -1.61
N MET B 48 9.71 -2.12 -1.74
CA MET B 48 9.66 -3.01 -2.90
C MET B 48 8.65 -4.12 -2.62
N TYR B 49 7.87 -4.47 -3.64
CA TYR B 49 6.86 -5.53 -3.49
C TYR B 49 7.50 -6.80 -2.95
N ALA B 50 8.72 -7.05 -3.40
CA ALA B 50 9.52 -8.19 -2.96
C ALA B 50 9.72 -8.25 -1.44
N ASP B 51 9.59 -7.10 -0.75
CA ASP B 51 9.81 -7.04 0.69
C ASP B 51 8.51 -6.94 1.49
N ILE B 52 7.40 -6.73 0.82
CA ILE B 52 6.14 -6.64 1.54
C ILE B 52 5.57 -8.03 1.73
N LYS B 53 5.20 -8.35 2.95
CA LYS B 53 4.69 -9.66 3.28
C LYS B 53 3.16 -9.69 3.31
N CYS B 54 2.58 -8.58 3.75
CA CYS B 54 1.12 -8.46 3.86
C CYS B 54 0.74 -6.99 3.74
N GLN B 55 -0.55 -6.74 3.59
CA GLN B 55 -1.07 -5.38 3.48
C GLN B 55 -2.48 -5.38 4.01
N LYS B 56 -2.82 -4.45 4.86
CA LYS B 56 -4.16 -4.44 5.41
C LYS B 56 -4.87 -3.15 5.04
N ILE B 57 -6.19 -3.18 5.12
CA ILE B 57 -6.99 -2.01 4.74
C ILE B 57 -8.01 -1.63 5.81
N SER B 58 -8.05 -0.36 6.20
CA SER B 58 -9.03 0.06 7.18
C SER B 58 -10.37 0.18 6.48
N PRO B 59 -11.30 -0.71 6.88
CA PRO B 59 -12.64 -0.85 6.29
C PRO B 59 -13.63 0.24 6.66
N GLU B 60 -14.75 0.24 5.94
CA GLU B 60 -15.83 1.19 6.16
C GLU B 60 -16.31 1.10 7.61
N GLY B 61 -16.84 2.20 8.11
CA GLY B 61 -17.29 2.26 9.48
C GLY B 61 -16.44 3.25 10.22
N LYS B 62 -15.20 3.36 9.76
CA LYS B 62 -14.27 4.31 10.32
C LYS B 62 -14.49 5.65 9.66
N ALA B 63 -14.03 6.72 10.28
CA ALA B 63 -14.18 8.05 9.71
C ALA B 63 -13.15 8.27 8.61
N LYS B 64 -12.28 7.30 8.41
CA LYS B 64 -11.23 7.39 7.41
C LYS B 64 -10.95 6.05 6.75
N ILE B 65 -10.67 6.10 5.45
CA ILE B 65 -10.35 4.92 4.66
C ILE B 65 -8.83 4.79 4.59
N GLN B 66 -8.26 3.63 4.95
CA GLN B 66 -6.79 3.54 4.96
C GLN B 66 -6.23 2.19 4.48
N LEU B 67 -4.90 2.16 4.32
CA LEU B 67 -4.14 0.99 3.89
C LEU B 67 -2.83 0.87 4.67
N GLN B 68 -2.59 -0.24 5.35
CA GLN B 68 -1.33 -0.42 6.08
C GLN B 68 -0.49 -1.52 5.43
N LEU B 69 0.79 -1.27 5.27
CA LEU B 69 1.70 -2.23 4.67
C LEU B 69 2.49 -2.96 5.73
N VAL B 70 2.60 -4.27 5.60
CA VAL B 70 3.35 -5.09 6.55
C VAL B 70 4.47 -5.80 5.82
N LEU B 71 5.69 -5.32 5.97
CA LEU B 71 6.82 -5.92 5.31
C LEU B 71 7.31 -7.11 6.14
N HIS B 72 7.97 -8.07 5.49
CA HIS B 72 8.47 -9.22 6.21
C HIS B 72 9.78 -8.90 6.91
N ALA B 73 10.33 -7.73 6.59
CA ALA B 73 11.58 -7.28 7.18
C ALA B 73 11.35 -6.67 8.56
N GLY B 74 10.07 -6.55 8.93
CA GLY B 74 9.74 -6.00 10.23
C GLY B 74 9.28 -4.55 10.14
N ASP B 75 8.94 -4.13 8.93
CA ASP B 75 8.48 -2.75 8.70
C ASP B 75 6.98 -2.72 8.44
N THR B 76 6.33 -1.64 8.84
CA THR B 76 4.90 -1.48 8.65
C THR B 76 4.58 -0.01 8.39
N THR B 77 3.81 0.26 7.36
CA THR B 77 3.47 1.64 7.02
C THR B 77 1.95 1.85 7.02
N ASN B 78 1.51 3.02 7.47
CA ASN B 78 0.09 3.33 7.52
C ASN B 78 -0.26 4.46 6.55
N PHE B 79 -1.04 4.16 5.53
CA PHE B 79 -1.43 5.15 4.53
C PHE B 79 -2.94 5.41 4.58
N HIS B 80 -3.30 6.64 4.89
CA HIS B 80 -4.70 7.06 4.97
C HIS B 80 -5.13 7.70 3.66
N PHE B 81 -6.19 7.17 3.06
CA PHE B 81 -6.70 7.71 1.81
C PHE B 81 -7.65 8.87 2.10
N SER B 82 -7.08 10.05 2.22
CA SER B 82 -7.86 11.25 2.52
C SER B 82 -8.26 11.99 1.24
N ASN B 83 -8.25 11.28 0.12
CA ASN B 83 -8.63 11.89 -1.14
C ASN B 83 -10.13 11.79 -1.33
N GLU B 84 -10.80 12.89 -1.06
CA GLU B 84 -12.26 12.98 -1.13
C GLU B 84 -12.83 12.50 -2.47
N SER B 85 -12.05 12.57 -3.54
CA SER B 85 -12.54 12.16 -4.85
C SER B 85 -12.52 10.64 -5.06
N THR B 86 -11.45 9.97 -4.68
CA THR B 86 -11.36 8.53 -4.92
C THR B 86 -10.88 7.70 -3.72
N ALA B 87 -10.95 8.27 -2.51
CA ALA B 87 -10.49 7.59 -1.28
C ALA B 87 -10.80 6.08 -1.24
N VAL B 88 -12.07 5.73 -1.12
CA VAL B 88 -12.50 4.34 -1.06
C VAL B 88 -12.05 3.55 -2.29
N LYS B 89 -12.29 4.12 -3.45
CA LYS B 89 -11.95 3.48 -4.72
C LYS B 89 -10.45 3.18 -4.82
N GLU B 90 -9.64 4.16 -4.45
CA GLU B 90 -8.19 4.01 -4.50
C GLU B 90 -7.72 2.95 -3.52
N ARG B 91 -8.32 2.90 -2.33
CA ARG B 91 -7.93 1.92 -1.32
C ARG B 91 -8.01 0.50 -1.87
N ASP B 92 -9.16 0.14 -2.41
CA ASP B 92 -9.36 -1.20 -2.93
C ASP B 92 -8.59 -1.44 -4.22
N ALA B 93 -8.37 -0.40 -5.00
CA ALA B 93 -7.64 -0.55 -6.26
C ALA B 93 -6.18 -0.77 -5.94
N VAL B 94 -5.69 -0.02 -4.96
CA VAL B 94 -4.33 -0.15 -4.50
C VAL B 94 -4.16 -1.52 -3.85
N LYS B 95 -5.16 -1.89 -3.07
CA LYS B 95 -5.19 -3.18 -2.39
C LYS B 95 -5.01 -4.31 -3.39
N ASP B 96 -5.90 -4.35 -4.36
CA ASP B 96 -5.85 -5.37 -5.40
C ASP B 96 -4.52 -5.36 -6.14
N LEU B 97 -4.15 -4.20 -6.66
CA LEU B 97 -2.89 -4.05 -7.39
C LEU B 97 -1.72 -4.54 -6.55
N LEU B 98 -1.68 -4.11 -5.29
CA LEU B 98 -0.62 -4.50 -4.38
C LEU B 98 -0.60 -6.00 -4.14
N GLN B 99 -1.71 -6.58 -3.70
CA GLN B 99 -1.75 -8.01 -3.41
C GLN B 99 -1.56 -8.85 -4.66
N GLN B 100 -1.87 -8.29 -5.82
CA GLN B 100 -1.72 -9.03 -7.07
C GLN B 100 -0.26 -9.03 -7.51
N LEU B 101 0.43 -7.91 -7.30
CA LEU B 101 1.82 -7.77 -7.70
C LEU B 101 2.78 -8.26 -6.63
N LEU B 102 2.34 -8.20 -5.38
CA LEU B 102 3.16 -8.63 -4.23
C LEU B 102 3.89 -9.96 -4.44
N PRO B 103 3.15 -11.05 -4.70
CA PRO B 103 3.79 -12.36 -4.89
C PRO B 103 4.46 -12.51 -6.25
N LYS B 104 4.26 -11.53 -7.12
CA LYS B 104 4.86 -11.56 -8.45
C LYS B 104 6.29 -11.03 -8.41
N PHE B 105 6.54 -10.11 -7.50
CA PHE B 105 7.86 -9.51 -7.34
C PHE B 105 8.59 -10.13 -6.16
N LYS B 106 8.03 -11.21 -5.63
CA LYS B 106 8.61 -11.89 -4.49
C LYS B 106 10.01 -12.42 -4.79
N ARG B 107 10.95 -11.93 -4.02
CA ARG B 107 12.35 -12.33 -4.15
C ARG B 107 13.04 -12.34 -2.79
N LYS B 108 12.23 -12.18 -1.74
CA LYS B 108 12.75 -12.16 -0.38
C LYS B 108 11.66 -12.62 0.58
N ALA B 109 12.07 -13.16 1.72
CA ALA B 109 11.13 -13.62 2.73
C ALA B 109 11.47 -12.97 4.06
N ASN B 110 12.35 -11.99 3.96
CA ASN B 110 12.84 -11.23 5.10
C ASN B 110 13.60 -10.04 4.55
N ALA A 5 12.31 14.95 30.20
CA ALA A 5 11.70 16.25 30.56
C ALA A 5 10.99 16.85 29.36
N HIS A 6 11.71 17.64 28.58
CA HIS A 6 11.15 18.26 27.38
C HIS A 6 11.27 17.30 26.21
N HIS A 7 10.15 16.74 25.79
CA HIS A 7 10.13 15.79 24.68
C HIS A 7 9.30 16.36 23.54
N LEU A 8 9.83 16.27 22.33
CA LEU A 8 9.13 16.77 21.15
C LEU A 8 8.08 15.77 20.68
N LYS A 9 8.29 14.51 21.03
CA LYS A 9 7.39 13.43 20.67
C LYS A 9 7.73 12.19 21.50
N ARG A 10 8.88 11.61 21.22
CA ARG A 10 9.37 10.45 21.94
C ARG A 10 10.69 10.80 22.61
N GLY A 11 11.58 11.40 21.84
CA GLY A 11 12.87 11.82 22.37
C GLY A 11 12.83 13.25 22.86
N ALA A 12 13.91 13.70 23.48
CA ALA A 12 14.00 15.05 23.99
C ALA A 12 14.30 16.06 22.89
N THR A 13 15.58 16.39 22.72
CA THR A 13 16.00 17.35 21.70
C THR A 13 16.28 16.64 20.38
N MET A 14 15.74 15.45 20.23
CA MET A 14 15.91 14.65 19.03
C MET A 14 14.86 13.56 19.00
N ASN A 15 14.33 13.28 17.82
CA ASN A 15 13.31 12.25 17.66
C ASN A 15 13.65 11.35 16.49
N GLU A 16 13.18 10.11 16.53
CA GLU A 16 13.45 9.15 15.46
C GLU A 16 12.23 9.04 14.54
N ASP A 17 11.39 10.06 14.61
CA ASP A 17 10.19 10.14 13.80
C ASP A 17 9.82 11.60 13.57
N SER A 18 9.51 11.93 12.33
CA SER A 18 9.12 13.28 11.99
C SER A 18 7.63 13.43 12.21
N ASN A 19 6.87 12.69 11.42
CA ASN A 19 5.42 12.68 11.53
C ASN A 19 4.94 11.32 11.05
N GLU A 20 5.68 10.31 11.49
CA GLU A 20 5.40 8.93 11.14
C GLU A 20 4.65 8.26 12.26
N GLU A 21 4.36 9.03 13.31
CA GLU A 21 3.64 8.52 14.46
C GLU A 21 2.50 9.46 14.83
N GLU A 22 1.30 8.89 14.94
CA GLU A 22 0.08 9.62 15.28
C GLU A 22 -1.10 8.66 15.10
N GLU A 23 -2.31 9.12 15.37
CA GLU A 23 -3.49 8.31 15.18
C GLU A 23 -3.74 8.16 13.69
N GLU A 24 -3.78 6.94 13.19
CA GLU A 24 -4.03 6.73 11.78
C GLU A 24 -4.39 5.26 11.52
N SER A 25 -5.22 4.72 12.41
CA SER A 25 -5.66 3.32 12.34
C SER A 25 -4.47 2.39 12.55
N GLU A 26 -4.60 1.42 13.44
CA GLU A 26 -3.47 0.56 13.76
C GLU A 26 -3.86 -0.92 13.78
N ASN A 27 -4.87 -1.23 14.56
CA ASN A 27 -5.34 -2.61 14.70
C ASN A 27 -6.77 -2.74 14.20
N ASP A 28 -7.05 -2.09 13.08
CA ASP A 28 -8.39 -2.10 12.51
C ASP A 28 -8.34 -2.01 11.00
N TRP A 29 -7.84 -3.08 10.42
CA TRP A 29 -7.73 -3.17 8.98
C TRP A 29 -8.07 -4.57 8.53
N GLU A 30 -8.79 -4.69 7.43
CA GLU A 30 -9.08 -5.99 6.87
C GLU A 30 -7.78 -6.39 6.24
N GLU A 31 -7.05 -7.23 6.94
CA GLU A 31 -5.73 -7.61 6.51
C GLU A 31 -5.71 -8.43 5.23
N VAL A 32 -5.18 -7.77 4.21
CA VAL A 32 -5.02 -8.33 2.88
C VAL A 32 -3.70 -9.08 2.77
N GLU A 33 -3.76 -10.19 2.09
CA GLU A 33 -2.63 -11.09 1.93
C GLU A 33 -2.17 -11.20 0.49
N GLU A 34 -0.90 -11.57 0.32
CA GLU A 34 -0.29 -11.76 -0.99
C GLU A 34 -1.20 -12.64 -1.86
N LEU A 35 -1.83 -12.03 -2.85
CA LEU A 35 -2.77 -12.70 -3.71
C LEU A 35 -2.15 -13.08 -5.06
N SER A 36 -2.51 -14.25 -5.54
CA SER A 36 -2.02 -14.74 -6.82
C SER A 36 -3.00 -14.34 -7.94
N GLU A 37 -2.69 -14.74 -9.15
CA GLU A 37 -3.53 -14.45 -10.32
C GLU A 37 -4.99 -14.83 -10.06
N PRO A 38 -5.89 -13.82 -10.02
CA PRO A 38 -7.30 -14.05 -9.78
C PRO A 38 -8.00 -14.67 -10.98
N VAL A 39 -8.18 -15.98 -10.92
CA VAL A 39 -8.85 -16.68 -11.99
C VAL A 39 -10.34 -16.68 -11.77
N LEU A 40 -11.08 -16.39 -12.82
CA LEU A 40 -12.53 -16.33 -12.73
C LEU A 40 -13.17 -17.34 -13.66
N GLY A 41 -12.41 -18.39 -13.96
CA GLY A 41 -12.91 -19.44 -14.83
C GLY A 41 -13.48 -20.59 -14.03
N ASP A 42 -14.52 -21.23 -14.56
CA ASP A 42 -15.16 -22.35 -13.89
C ASP A 42 -16.04 -23.10 -14.89
N VAL A 43 -16.87 -24.01 -14.39
CA VAL A 43 -17.74 -24.80 -15.27
C VAL A 43 -19.22 -24.54 -14.99
N ARG A 44 -19.50 -23.41 -14.37
CA ARG A 44 -20.88 -23.02 -14.06
C ARG A 44 -21.00 -21.52 -13.89
N GLU A 45 -22.15 -20.98 -14.27
CA GLU A 45 -22.40 -19.55 -14.17
C GLU A 45 -23.20 -19.27 -12.89
N SER A 46 -23.06 -18.06 -12.36
CA SER A 46 -23.75 -17.65 -11.15
C SER A 46 -23.97 -16.14 -11.12
N THR A 47 -23.41 -15.44 -12.11
CA THR A 47 -23.49 -13.98 -12.22
C THR A 47 -22.69 -13.32 -11.11
N ALA A 48 -23.07 -13.59 -9.86
CA ALA A 48 -22.36 -13.06 -8.71
C ALA A 48 -21.17 -13.97 -8.43
N PHE A 49 -20.27 -14.02 -9.40
CA PHE A 49 -19.09 -14.85 -9.31
C PHE A 49 -18.09 -14.34 -8.30
N SER A 50 -18.28 -14.70 -7.05
CA SER A 50 -17.39 -14.31 -5.97
C SER A 50 -16.22 -15.29 -5.89
N ARG A 51 -15.97 -15.98 -7.01
CA ARG A 51 -14.92 -16.98 -7.12
C ARG A 51 -15.19 -18.13 -6.15
N SER A 52 -16.45 -18.37 -5.89
CA SER A 52 -16.87 -19.44 -4.99
C SER A 52 -17.28 -20.66 -5.80
N MET B 3 15.03 -0.07 -11.03
CA MET B 3 16.16 0.08 -10.08
C MET B 3 16.81 -1.27 -9.85
N ALA B 4 16.01 -2.24 -9.42
CA ALA B 4 16.50 -3.58 -9.18
C ALA B 4 16.64 -4.31 -10.51
N THR B 5 15.80 -3.93 -11.45
CA THR B 5 15.83 -4.49 -12.78
C THR B 5 15.65 -3.38 -13.81
N SER B 6 14.41 -3.18 -14.26
CA SER B 6 14.10 -2.15 -15.25
C SER B 6 12.59 -1.93 -15.29
N SER B 7 11.97 -1.76 -14.13
CA SER B 7 10.53 -1.56 -14.07
C SER B 7 10.11 -0.68 -12.90
N GLU B 8 9.84 0.59 -13.17
CA GLU B 8 9.42 1.51 -12.13
C GLU B 8 8.23 2.31 -12.63
N GLU B 9 7.53 1.73 -13.58
CA GLU B 9 6.36 2.35 -14.18
C GLU B 9 5.28 2.58 -13.15
N VAL B 10 4.93 3.84 -12.94
CA VAL B 10 3.88 4.19 -12.01
C VAL B 10 2.54 3.70 -12.57
N LEU B 11 2.20 2.48 -12.20
CA LEU B 11 0.99 1.82 -12.64
C LEU B 11 -0.24 2.49 -12.05
N LEU B 12 -0.18 2.79 -10.77
CA LEU B 12 -1.30 3.44 -10.10
C LEU B 12 -0.87 4.72 -9.40
N ILE B 13 -1.50 5.81 -9.80
CA ILE B 13 -1.23 7.12 -9.20
C ILE B 13 -2.33 7.47 -8.22
N VAL B 14 -2.00 7.41 -6.95
CA VAL B 14 -2.94 7.71 -5.90
C VAL B 14 -2.71 9.12 -5.38
N LYS B 15 -3.77 9.85 -5.14
CA LYS B 15 -3.66 11.22 -4.67
C LYS B 15 -3.93 11.33 -3.18
N LYS B 16 -3.88 12.56 -2.69
CA LYS B 16 -4.08 12.93 -1.27
C LYS B 16 -3.95 11.75 -0.29
N VAL B 17 -2.74 11.22 -0.17
CA VAL B 17 -2.47 10.12 0.74
C VAL B 17 -1.64 10.63 1.91
N ARG B 18 -2.18 10.50 3.11
CA ARG B 18 -1.47 10.98 4.28
C ARG B 18 -1.05 9.81 5.17
N GLN B 19 0.22 9.74 5.50
CA GLN B 19 0.70 8.68 6.36
C GLN B 19 0.96 9.23 7.75
N LYS B 20 0.09 8.88 8.69
CA LYS B 20 0.20 9.33 10.06
C LYS B 20 0.15 10.85 10.14
N LYS B 21 -0.86 11.42 9.46
CA LYS B 21 -1.10 12.87 9.42
C LYS B 21 -0.07 13.61 8.56
N GLN B 22 0.65 12.88 7.72
CA GLN B 22 1.66 13.49 6.84
C GLN B 22 1.15 13.49 5.41
N ASP B 23 0.99 14.68 4.82
CA ASP B 23 0.47 14.80 3.46
C ASP B 23 1.41 14.18 2.43
N GLY B 24 0.83 13.56 1.41
CA GLY B 24 1.62 12.95 0.37
C GLY B 24 0.78 12.35 -0.74
N ALA B 25 1.46 11.74 -1.68
CA ALA B 25 0.82 11.08 -2.80
C ALA B 25 1.43 9.68 -2.93
N LEU B 26 0.60 8.71 -3.25
CA LEU B 26 1.08 7.34 -3.35
C LEU B 26 1.25 6.96 -4.82
N TYR B 27 2.46 6.59 -5.20
CA TYR B 27 2.74 6.20 -6.57
C TYR B 27 3.19 4.75 -6.64
N LEU B 28 2.32 3.91 -7.20
CA LEU B 28 2.59 2.48 -7.32
C LEU B 28 3.39 2.18 -8.57
N MET B 29 4.67 1.90 -8.41
CA MET B 29 5.52 1.56 -9.53
C MET B 29 5.50 0.05 -9.72
N ALA B 30 6.27 -0.47 -10.66
CA ALA B 30 6.30 -1.90 -10.89
C ALA B 30 7.17 -2.62 -9.85
N GLU B 31 8.41 -2.16 -9.70
CA GLU B 31 9.36 -2.76 -8.76
C GLU B 31 9.02 -2.47 -7.31
N ARG B 32 8.54 -1.26 -7.04
CA ARG B 32 8.25 -0.88 -5.65
C ARG B 32 7.15 0.17 -5.56
N ILE B 33 6.63 0.33 -4.36
CA ILE B 33 5.59 1.31 -4.09
C ILE B 33 6.24 2.49 -3.38
N ALA B 34 6.13 3.67 -3.96
CA ALA B 34 6.75 4.85 -3.37
C ALA B 34 5.72 5.90 -3.00
N TRP B 35 5.98 6.59 -1.93
CA TRP B 35 5.11 7.65 -1.45
C TRP B 35 5.94 8.89 -1.19
N ALA B 36 5.42 10.04 -1.59
CA ALA B 36 6.09 11.31 -1.40
C ALA B 36 5.07 12.39 -1.12
N PRO B 37 5.40 13.34 -0.23
CA PRO B 37 4.50 14.44 0.12
C PRO B 37 3.87 15.12 -1.10
N GLU B 38 2.60 15.48 -1.00
CA GLU B 38 1.87 16.09 -2.10
C GLU B 38 2.46 17.46 -2.44
N GLY B 39 2.84 17.62 -3.69
CA GLY B 39 3.43 18.86 -4.14
C GLY B 39 4.93 18.86 -3.97
N LYS B 40 5.46 17.75 -3.46
CA LYS B 40 6.89 17.61 -3.24
C LYS B 40 7.45 16.54 -4.19
N ASP B 41 8.60 16.82 -4.80
CA ASP B 41 9.22 15.91 -5.75
C ASP B 41 10.25 15.00 -5.07
N ARG B 42 10.19 14.93 -3.76
CA ARG B 42 11.13 14.10 -3.02
C ARG B 42 10.42 12.94 -2.35
N PHE B 43 10.71 11.73 -2.82
CA PHE B 43 10.13 10.52 -2.25
C PHE B 43 10.78 10.21 -0.92
N THR B 44 9.99 10.15 0.13
CA THR B 44 10.51 9.87 1.45
C THR B 44 10.41 8.38 1.79
N ILE B 45 9.40 7.72 1.25
CA ILE B 45 9.21 6.29 1.52
C ILE B 45 9.04 5.49 0.23
N SER B 46 9.73 4.36 0.16
CA SER B 46 9.65 3.49 -1.00
C SER B 46 9.82 2.03 -0.55
N HIS B 47 8.77 1.23 -0.69
CA HIS B 47 8.80 -0.17 -0.28
C HIS B 47 8.85 -1.07 -1.48
N MET B 48 9.82 -1.97 -1.51
CA MET B 48 9.93 -2.91 -2.61
C MET B 48 8.86 -3.98 -2.46
N TYR B 49 8.21 -4.35 -3.55
CA TYR B 49 7.17 -5.38 -3.51
C TYR B 49 7.73 -6.66 -2.89
N ALA B 50 9.01 -6.90 -3.18
CA ALA B 50 9.72 -8.07 -2.68
C ALA B 50 9.88 -8.07 -1.15
N ASP B 51 9.50 -6.98 -0.49
CA ASP B 51 9.62 -6.85 0.95
C ASP B 51 8.26 -6.76 1.64
N ILE B 52 7.21 -6.46 0.90
CA ILE B 52 5.89 -6.36 1.50
C ILE B 52 5.28 -7.73 1.65
N LYS B 53 5.07 -8.14 2.88
CA LYS B 53 4.54 -9.46 3.15
C LYS B 53 3.02 -9.47 3.08
N CYS B 54 2.40 -8.37 3.47
CA CYS B 54 0.94 -8.24 3.49
C CYS B 54 0.56 -6.77 3.51
N GLN B 55 -0.73 -6.50 3.35
CA GLN B 55 -1.22 -5.13 3.38
C GLN B 55 -2.63 -5.15 3.92
N LYS B 56 -2.93 -4.33 4.90
CA LYS B 56 -4.24 -4.33 5.46
C LYS B 56 -4.96 -3.04 5.10
N ILE B 57 -6.28 -3.02 5.20
CA ILE B 57 -7.06 -1.86 4.81
C ILE B 57 -8.08 -1.47 5.87
N SER B 58 -8.12 -0.19 6.27
CA SER B 58 -9.10 0.22 7.25
C SER B 58 -10.42 0.40 6.53
N PRO B 59 -11.36 -0.51 6.88
CA PRO B 59 -12.70 -0.63 6.26
C PRO B 59 -13.70 0.45 6.65
N GLU B 60 -14.81 0.45 5.91
CA GLU B 60 -15.91 1.37 6.14
C GLU B 60 -16.37 1.29 7.58
N GLY B 61 -16.85 2.42 8.09
CA GLY B 61 -17.26 2.51 9.47
C GLY B 61 -16.34 3.47 10.16
N LYS B 62 -15.12 3.51 9.65
CA LYS B 62 -14.11 4.43 10.12
C LYS B 62 -14.24 5.70 9.32
N ALA B 63 -13.98 6.83 9.95
CA ALA B 63 -14.05 8.11 9.27
C ALA B 63 -12.82 8.28 8.38
N LYS B 64 -11.92 7.31 8.46
CA LYS B 64 -10.68 7.33 7.71
C LYS B 64 -10.46 6.03 6.93
N ILE B 65 -10.56 6.11 5.61
CA ILE B 65 -10.33 4.96 4.73
C ILE B 65 -8.81 4.86 4.49
N GLN B 66 -8.19 3.74 4.86
CA GLN B 66 -6.73 3.64 4.73
C GLN B 66 -6.20 2.26 4.36
N LEU B 67 -4.89 2.22 4.09
CA LEU B 67 -4.15 1.00 3.74
C LEU B 67 -2.85 0.91 4.56
N GLN B 68 -2.69 -0.14 5.37
CA GLN B 68 -1.45 -0.30 6.14
C GLN B 68 -0.58 -1.39 5.49
N LEU B 69 0.66 -1.05 5.20
CA LEU B 69 1.58 -2.00 4.57
C LEU B 69 2.38 -2.72 5.65
N VAL B 70 2.52 -4.03 5.49
CA VAL B 70 3.26 -4.84 6.44
C VAL B 70 4.41 -5.54 5.72
N LEU B 71 5.62 -5.04 5.93
CA LEU B 71 6.79 -5.63 5.30
C LEU B 71 7.34 -6.74 6.17
N HIS B 72 7.81 -7.81 5.55
CA HIS B 72 8.36 -8.94 6.28
C HIS B 72 9.77 -8.62 6.78
N ALA B 73 10.18 -7.37 6.57
CA ALA B 73 11.49 -6.91 6.99
C ALA B 73 11.37 -6.17 8.33
N GLY B 74 10.14 -6.02 8.81
CA GLY B 74 9.91 -5.33 10.07
C GLY B 74 9.46 -3.90 9.87
N ASP B 75 8.88 -3.61 8.71
CA ASP B 75 8.40 -2.27 8.40
C ASP B 75 6.89 -2.28 8.19
N THR B 76 6.24 -1.20 8.58
CA THR B 76 4.80 -1.06 8.43
C THR B 76 4.44 0.42 8.23
N THR B 77 3.63 0.70 7.21
CA THR B 77 3.23 2.09 6.96
C THR B 77 1.72 2.23 6.82
N ASN B 78 1.17 3.24 7.49
CA ASN B 78 -0.27 3.49 7.45
C ASN B 78 -0.60 4.59 6.45
N PHE B 79 -1.13 4.21 5.30
CA PHE B 79 -1.49 5.17 4.27
C PHE B 79 -2.96 5.55 4.36
N HIS B 80 -3.22 6.76 4.83
CA HIS B 80 -4.57 7.28 4.97
C HIS B 80 -4.98 7.98 3.67
N PHE B 81 -6.02 7.46 3.04
CA PHE B 81 -6.53 8.02 1.80
C PHE B 81 -7.46 9.18 2.09
N SER B 82 -6.90 10.38 2.15
CA SER B 82 -7.68 11.58 2.44
C SER B 82 -8.22 12.19 1.15
N ASN B 83 -8.22 11.41 0.08
CA ASN B 83 -8.71 11.88 -1.20
C ASN B 83 -10.20 11.61 -1.29
N GLU B 84 -10.99 12.59 -0.87
CA GLU B 84 -12.45 12.50 -0.88
C GLU B 84 -12.99 11.96 -2.21
N SER B 85 -12.35 12.39 -3.29
CA SER B 85 -12.74 12.00 -4.63
C SER B 85 -12.84 10.47 -4.82
N THR B 86 -11.76 9.74 -4.56
CA THR B 86 -11.78 8.30 -4.76
C THR B 86 -11.18 7.49 -3.60
N ALA B 87 -11.14 8.07 -2.39
CA ALA B 87 -10.56 7.41 -1.20
C ALA B 87 -10.85 5.91 -1.13
N VAL B 88 -12.13 5.55 -1.00
CA VAL B 88 -12.53 4.16 -0.91
C VAL B 88 -12.07 3.35 -2.13
N LYS B 89 -12.29 3.91 -3.30
CA LYS B 89 -11.93 3.26 -4.56
C LYS B 89 -10.42 3.05 -4.65
N GLU B 90 -9.66 4.07 -4.30
CA GLU B 90 -8.20 4.01 -4.34
C GLU B 90 -7.68 2.97 -3.36
N ARG B 91 -8.27 2.92 -2.17
CA ARG B 91 -7.86 1.97 -1.13
C ARG B 91 -7.87 0.54 -1.66
N ASP B 92 -9.01 0.12 -2.20
CA ASP B 92 -9.15 -1.24 -2.70
C ASP B 92 -8.42 -1.46 -4.03
N ALA B 93 -8.26 -0.40 -4.82
CA ALA B 93 -7.57 -0.54 -6.09
C ALA B 93 -6.10 -0.77 -5.82
N VAL B 94 -5.59 -0.02 -4.85
CA VAL B 94 -4.22 -0.16 -4.43
C VAL B 94 -4.02 -1.52 -3.81
N LYS B 95 -4.99 -1.94 -2.99
CA LYS B 95 -4.96 -3.24 -2.34
C LYS B 95 -4.79 -4.34 -3.37
N ASP B 96 -5.72 -4.37 -4.30
CA ASP B 96 -5.71 -5.37 -5.37
C ASP B 96 -4.42 -5.35 -6.14
N LEU B 97 -4.04 -4.19 -6.66
CA LEU B 97 -2.80 -4.07 -7.42
C LEU B 97 -1.62 -4.57 -6.61
N LEU B 98 -1.56 -4.15 -5.35
CA LEU B 98 -0.48 -4.55 -4.47
C LEU B 98 -0.48 -6.05 -4.19
N GLN B 99 -1.58 -6.56 -3.66
CA GLN B 99 -1.66 -7.98 -3.33
C GLN B 99 -1.51 -8.86 -4.55
N GLN B 100 -1.94 -8.39 -5.71
CA GLN B 100 -1.81 -9.17 -6.94
C GLN B 100 -0.37 -9.20 -7.43
N LEU B 101 0.30 -8.06 -7.38
CA LEU B 101 1.68 -7.96 -7.87
C LEU B 101 2.70 -8.42 -6.83
N LEU B 102 2.38 -8.23 -5.56
CA LEU B 102 3.26 -8.59 -4.44
C LEU B 102 3.99 -9.93 -4.60
N PRO B 103 3.26 -11.05 -4.74
CA PRO B 103 3.89 -12.36 -4.82
C PRO B 103 4.78 -12.57 -6.06
N LYS B 104 4.75 -11.63 -6.99
CA LYS B 104 5.58 -11.73 -8.18
C LYS B 104 6.97 -11.17 -7.89
N PHE B 105 7.10 -10.54 -6.73
CA PHE B 105 8.37 -9.95 -6.32
C PHE B 105 8.78 -10.45 -4.94
N LYS B 106 7.79 -10.76 -4.11
CA LYS B 106 8.01 -11.23 -2.75
C LYS B 106 9.01 -12.39 -2.70
N ARG B 107 10.14 -12.16 -2.04
CA ARG B 107 11.14 -13.19 -1.89
C ARG B 107 10.73 -14.12 -0.76
N LYS B 108 10.85 -15.43 -1.00
CA LYS B 108 10.49 -16.46 -0.02
C LYS B 108 8.96 -16.61 0.04
N ALA B 109 8.49 -17.78 0.45
CA ALA B 109 7.05 -18.04 0.52
C ALA B 109 6.39 -17.40 1.74
N ASN B 110 6.79 -16.17 2.04
CA ASN B 110 6.27 -15.41 3.16
C ASN B 110 6.98 -14.07 3.23
N ALA A 5 0.19 19.69 0.36
CA ALA A 5 0.29 20.79 1.35
C ALA A 5 -1.10 21.31 1.71
N HIS A 6 -1.22 21.90 2.89
CA HIS A 6 -2.49 22.44 3.36
C HIS A 6 -2.82 23.73 2.61
N HIS A 7 -4.09 24.12 2.64
CA HIS A 7 -4.55 25.34 1.97
C HIS A 7 -5.90 25.79 2.52
N LEU A 8 -6.57 26.66 1.79
CA LEU A 8 -7.88 27.20 2.20
C LEU A 8 -8.91 26.09 2.41
N LYS A 9 -8.81 25.03 1.61
CA LYS A 9 -9.73 23.90 1.71
C LYS A 9 -9.24 22.91 2.77
N ARG A 10 -8.42 23.40 3.70
CA ARG A 10 -7.83 22.61 4.79
C ARG A 10 -6.72 21.70 4.25
N GLY A 11 -6.89 21.24 3.03
CA GLY A 11 -5.93 20.37 2.41
C GLY A 11 -6.48 18.98 2.23
N ALA A 12 -5.80 18.00 2.80
CA ALA A 12 -6.23 16.61 2.71
C ALA A 12 -6.50 16.08 4.11
N THR A 13 -6.75 16.99 5.02
CA THR A 13 -7.03 16.64 6.40
C THR A 13 -8.51 16.30 6.58
N MET A 14 -8.77 15.09 7.08
CA MET A 14 -10.14 14.64 7.30
C MET A 14 -10.46 14.61 8.79
N ASN A 15 -9.95 13.60 9.47
CA ASN A 15 -10.17 13.47 10.90
C ASN A 15 -9.02 14.11 11.65
N GLU A 16 -7.86 14.12 11.01
CA GLU A 16 -6.67 14.69 11.59
C GLU A 16 -6.54 16.15 11.16
N ASP A 17 -5.58 16.86 11.73
CA ASP A 17 -5.36 18.25 11.39
C ASP A 17 -3.87 18.55 11.37
N SER A 18 -3.52 19.83 11.39
CA SER A 18 -2.14 20.27 11.38
C SER A 18 -1.45 19.93 12.70
N ASN A 19 -2.25 19.82 13.75
CA ASN A 19 -1.74 19.50 15.07
C ASN A 19 -2.35 18.19 15.56
N GLU A 20 -1.75 17.08 15.14
CA GLU A 20 -2.24 15.76 15.50
C GLU A 20 -1.10 14.75 15.32
N GLU A 21 -1.20 13.60 15.98
CA GLU A 21 -0.17 12.58 15.88
C GLU A 21 -0.76 11.20 15.61
N GLU A 22 -1.61 10.68 16.50
CA GLU A 22 -2.13 9.34 16.29
C GLU A 22 -3.65 9.22 16.38
N GLU A 23 -4.16 8.46 15.41
CA GLU A 23 -5.57 8.12 15.22
C GLU A 23 -5.73 7.54 13.81
N GLU A 24 -4.59 7.21 13.20
CA GLU A 24 -4.57 6.69 11.84
C GLU A 24 -4.77 5.17 11.82
N SER A 25 -5.87 4.74 12.44
CA SER A 25 -6.22 3.31 12.54
C SER A 25 -5.16 2.54 13.34
N GLU A 26 -5.33 1.22 13.43
CA GLU A 26 -4.40 0.40 14.19
C GLU A 26 -4.33 -1.04 13.69
N ASN A 27 -5.39 -1.81 13.94
CA ASN A 27 -5.45 -3.21 13.51
C ASN A 27 -6.84 -3.49 12.95
N ASP A 28 -7.52 -2.41 12.69
CA ASP A 28 -8.88 -2.38 12.18
C ASP A 28 -8.88 -2.44 10.67
N TRP A 29 -7.98 -3.23 10.17
CA TRP A 29 -7.81 -3.37 8.75
C TRP A 29 -8.17 -4.78 8.29
N GLU A 30 -8.82 -4.86 7.14
CA GLU A 30 -9.13 -6.12 6.52
C GLU A 30 -7.80 -6.56 5.95
N GLU A 31 -7.12 -7.41 6.68
CA GLU A 31 -5.78 -7.81 6.31
C GLU A 31 -5.71 -8.62 5.01
N VAL A 32 -5.13 -7.97 4.02
CA VAL A 32 -4.92 -8.52 2.69
C VAL A 32 -3.60 -9.28 2.60
N GLU A 33 -3.65 -10.38 1.89
CA GLU A 33 -2.51 -11.27 1.73
C GLU A 33 -2.09 -11.37 0.26
N GLU A 34 -0.82 -11.72 0.06
CA GLU A 34 -0.24 -11.90 -1.27
C GLU A 34 -1.19 -12.73 -2.15
N LEU A 35 -1.70 -12.11 -3.20
CA LEU A 35 -2.63 -12.78 -4.09
C LEU A 35 -2.01 -13.08 -5.44
N SER A 36 -2.17 -14.31 -5.88
CA SER A 36 -1.64 -14.73 -7.17
C SER A 36 -2.74 -15.24 -8.06
N GLU A 37 -2.51 -15.14 -9.34
CA GLU A 37 -3.45 -15.59 -10.34
C GLU A 37 -3.15 -17.03 -10.74
N PRO A 38 -4.16 -17.91 -10.68
CA PRO A 38 -4.01 -19.31 -11.07
C PRO A 38 -4.05 -19.48 -12.58
N VAL A 39 -4.07 -18.35 -13.23
CA VAL A 39 -4.10 -18.30 -14.68
C VAL A 39 -2.96 -17.45 -15.17
N LEU A 40 -2.31 -17.89 -16.24
CA LEU A 40 -1.19 -17.18 -16.80
C LEU A 40 -1.54 -16.64 -18.18
N GLY A 41 -2.81 -16.34 -18.35
CA GLY A 41 -3.31 -15.82 -19.60
C GLY A 41 -4.81 -15.68 -19.57
N ASP A 42 -5.33 -14.62 -20.19
CA ASP A 42 -6.77 -14.41 -20.22
C ASP A 42 -7.36 -14.88 -21.53
N VAL A 43 -8.57 -15.42 -21.46
CA VAL A 43 -9.26 -15.91 -22.63
C VAL A 43 -10.29 -14.89 -23.12
N ARG A 44 -9.79 -13.70 -23.42
CA ARG A 44 -10.64 -12.61 -23.87
C ARG A 44 -11.25 -12.91 -25.23
N GLU A 45 -12.54 -13.19 -25.23
CA GLU A 45 -13.30 -13.51 -26.44
C GLU A 45 -13.29 -12.34 -27.43
N SER A 46 -13.31 -11.12 -26.90
CA SER A 46 -13.32 -9.92 -27.72
C SER A 46 -12.01 -9.74 -28.49
N THR A 47 -10.94 -10.37 -28.02
CA THR A 47 -9.65 -10.27 -28.67
C THR A 47 -9.39 -11.49 -29.56
N ALA A 48 -10.41 -12.32 -29.73
CA ALA A 48 -10.29 -13.51 -30.56
C ALA A 48 -11.39 -13.57 -31.60
N PHE A 49 -12.63 -13.42 -31.13
CA PHE A 49 -13.86 -13.49 -31.95
C PHE A 49 -13.97 -14.82 -32.73
N SER A 50 -13.07 -15.03 -33.67
CA SER A 50 -13.04 -16.24 -34.48
C SER A 50 -11.66 -16.41 -35.11
N ARG A 51 -10.71 -15.60 -34.65
CA ARG A 51 -9.35 -15.63 -35.16
C ARG A 51 -8.46 -16.35 -34.18
N SER A 52 -7.58 -17.20 -34.69
CA SER A 52 -6.64 -17.93 -33.85
C SER A 52 -5.54 -17.01 -33.37
N MET B 3 7.97 -0.47 -19.92
CA MET B 3 7.89 0.22 -21.23
C MET B 3 8.92 1.33 -21.30
N ALA B 4 8.78 2.33 -20.44
CA ALA B 4 9.71 3.44 -20.41
C ALA B 4 10.73 3.22 -19.31
N THR B 5 10.24 3.18 -18.08
CA THR B 5 11.09 2.94 -16.93
C THR B 5 11.03 1.47 -16.56
N SER B 6 9.85 0.89 -16.76
CA SER B 6 9.58 -0.53 -16.48
C SER B 6 9.60 -0.81 -14.97
N SER B 7 10.76 -0.65 -14.35
CA SER B 7 10.89 -0.90 -12.91
C SER B 7 10.19 0.21 -12.13
N GLU B 8 10.45 1.44 -12.54
CA GLU B 8 9.86 2.61 -11.90
C GLU B 8 8.61 3.05 -12.64
N GLU B 9 7.97 2.12 -13.32
CA GLU B 9 6.76 2.43 -14.05
C GLU B 9 5.60 2.54 -13.08
N VAL B 10 5.17 3.77 -12.82
CA VAL B 10 4.07 4.02 -11.92
C VAL B 10 2.76 3.53 -12.52
N LEU B 11 2.35 2.35 -12.09
CA LEU B 11 1.13 1.72 -12.56
C LEU B 11 -0.09 2.45 -12.05
N LEU B 12 -0.06 2.81 -10.77
CA LEU B 12 -1.18 3.50 -10.16
C LEU B 12 -0.73 4.75 -9.41
N ILE B 13 -1.38 5.87 -9.72
CA ILE B 13 -1.09 7.13 -9.06
C ILE B 13 -2.25 7.51 -8.16
N VAL B 14 -2.02 7.39 -6.87
CA VAL B 14 -3.03 7.70 -5.88
C VAL B 14 -2.79 9.11 -5.35
N LYS B 15 -3.87 9.85 -5.12
CA LYS B 15 -3.75 11.21 -4.65
C LYS B 15 -4.04 11.31 -3.16
N LYS B 16 -3.86 12.54 -2.64
CA LYS B 16 -4.05 12.90 -1.24
C LYS B 16 -4.08 11.72 -0.26
N VAL B 17 -2.92 11.13 -0.05
CA VAL B 17 -2.75 10.03 0.87
C VAL B 17 -1.95 10.52 2.08
N ARG B 18 -2.58 10.56 3.23
CA ARG B 18 -1.91 11.02 4.43
C ARG B 18 -1.25 9.89 5.18
N GLN B 19 0.01 10.07 5.49
CA GLN B 19 0.76 9.08 6.27
C GLN B 19 1.32 9.80 7.48
N LYS B 20 0.89 9.35 8.66
CA LYS B 20 1.32 9.96 9.91
C LYS B 20 0.97 11.44 9.95
N LYS B 21 -0.28 11.72 9.57
CA LYS B 21 -0.86 13.07 9.60
C LYS B 21 -0.24 14.02 8.55
N GLN B 22 0.31 13.49 7.48
CA GLN B 22 0.89 14.35 6.44
C GLN B 22 0.41 13.89 5.06
N ASP B 23 -0.10 14.82 4.27
CA ASP B 23 -0.63 14.51 2.94
C ASP B 23 0.47 14.26 1.93
N GLY B 24 0.17 13.40 0.97
CA GLY B 24 1.11 13.08 -0.06
C GLY B 24 0.47 12.29 -1.19
N ALA B 25 1.24 11.97 -2.19
CA ALA B 25 0.76 11.22 -3.32
C ALA B 25 1.36 9.82 -3.27
N LEU B 26 0.56 8.83 -3.60
CA LEU B 26 1.03 7.46 -3.55
C LEU B 26 1.31 6.97 -4.98
N TYR B 27 2.57 6.74 -5.29
CA TYR B 27 2.96 6.29 -6.61
C TYR B 27 3.32 4.81 -6.60
N LEU B 28 2.42 4.00 -7.13
CA LEU B 28 2.63 2.57 -7.20
C LEU B 28 3.42 2.20 -8.44
N MET B 29 4.71 1.96 -8.26
CA MET B 29 5.55 1.57 -9.39
C MET B 29 5.45 0.06 -9.56
N ALA B 30 6.32 -0.51 -10.39
CA ALA B 30 6.30 -1.95 -10.61
C ALA B 30 7.13 -2.67 -9.57
N GLU B 31 8.36 -2.22 -9.39
CA GLU B 31 9.27 -2.85 -8.43
C GLU B 31 8.99 -2.47 -6.99
N ARG B 32 8.48 -1.26 -6.77
CA ARG B 32 8.21 -0.81 -5.42
C ARG B 32 7.15 0.28 -5.35
N ILE B 33 6.60 0.46 -4.16
CA ILE B 33 5.60 1.48 -3.92
C ILE B 33 6.25 2.68 -3.26
N ALA B 34 6.08 3.86 -3.82
CA ALA B 34 6.70 5.06 -3.28
C ALA B 34 5.66 6.11 -2.92
N TRP B 35 5.97 6.89 -1.89
CA TRP B 35 5.08 7.94 -1.43
C TRP B 35 5.86 9.25 -1.24
N ALA B 36 5.21 10.36 -1.56
CA ALA B 36 5.82 11.67 -1.44
C ALA B 36 4.75 12.70 -1.08
N PRO B 37 5.06 13.67 -0.18
CA PRO B 37 4.09 14.70 0.24
C PRO B 37 3.48 15.45 -0.94
N GLU B 38 2.20 15.80 -0.83
CA GLU B 38 1.51 16.52 -1.91
C GLU B 38 2.18 17.85 -2.17
N GLY B 39 2.74 17.99 -3.37
CA GLY B 39 3.41 19.20 -3.75
C GLY B 39 4.91 19.00 -3.86
N LYS B 40 5.38 17.80 -3.56
CA LYS B 40 6.81 17.51 -3.64
C LYS B 40 7.11 16.57 -4.80
N ASP B 41 8.19 16.88 -5.51
CA ASP B 41 8.64 16.13 -6.67
C ASP B 41 9.50 14.92 -6.27
N ARG B 42 10.04 14.95 -5.06
CA ARG B 42 10.91 13.88 -4.60
C ARG B 42 10.20 12.98 -3.60
N PHE B 43 10.18 11.68 -3.89
CA PHE B 43 9.56 10.70 -3.02
C PHE B 43 10.34 10.59 -1.71
N THR B 44 9.63 10.53 -0.60
CA THR B 44 10.29 10.43 0.70
C THR B 44 10.36 8.99 1.18
N ILE B 45 9.32 8.22 0.91
CA ILE B 45 9.27 6.83 1.35
C ILE B 45 9.07 5.89 0.16
N SER B 46 9.75 4.74 0.20
CA SER B 46 9.64 3.76 -0.85
C SER B 46 9.79 2.34 -0.27
N HIS B 47 8.85 1.46 -0.61
CA HIS B 47 8.89 0.08 -0.13
C HIS B 47 8.84 -0.88 -1.30
N MET B 48 9.79 -1.80 -1.37
CA MET B 48 9.83 -2.76 -2.46
C MET B 48 8.75 -3.81 -2.25
N TYR B 49 8.04 -4.18 -3.32
CA TYR B 49 6.99 -5.19 -3.24
C TYR B 49 7.55 -6.46 -2.62
N ALA B 50 8.77 -6.79 -3.01
CA ALA B 50 9.50 -7.95 -2.50
C ALA B 50 9.64 -7.93 -0.98
N ASP B 51 9.60 -6.74 -0.38
CA ASP B 51 9.78 -6.58 1.06
C ASP B 51 8.46 -6.51 1.84
N ILE B 52 7.34 -6.48 1.14
CA ILE B 52 6.07 -6.40 1.84
C ILE B 52 5.66 -7.83 2.22
N LYS B 53 5.17 -8.02 3.43
CA LYS B 53 4.77 -9.35 3.87
C LYS B 53 3.25 -9.51 3.84
N CYS B 54 2.56 -8.44 4.19
CA CYS B 54 1.10 -8.40 4.23
C CYS B 54 0.65 -6.97 4.06
N GLN B 55 -0.58 -6.77 3.64
CA GLN B 55 -1.11 -5.42 3.46
C GLN B 55 -2.54 -5.40 3.95
N LYS B 56 -2.87 -4.54 4.86
CA LYS B 56 -4.21 -4.51 5.37
C LYS B 56 -4.90 -3.20 5.02
N ILE B 57 -6.21 -3.21 4.99
CA ILE B 57 -6.97 -2.03 4.62
C ILE B 57 -8.03 -1.71 5.67
N SER B 58 -8.07 -0.49 6.18
CA SER B 58 -9.06 -0.16 7.19
C SER B 58 -10.38 0.16 6.50
N PRO B 59 -11.35 -0.75 6.72
CA PRO B 59 -12.71 -0.72 6.15
C PRO B 59 -13.55 0.50 6.52
N GLU B 60 -14.64 0.65 5.80
CA GLU B 60 -15.59 1.73 6.01
C GLU B 60 -16.23 1.61 7.40
N GLY B 61 -16.71 2.72 7.91
CA GLY B 61 -17.31 2.73 9.23
C GLY B 61 -16.45 3.52 10.19
N LYS B 62 -15.25 3.83 9.73
CA LYS B 62 -14.31 4.61 10.50
C LYS B 62 -14.29 6.02 9.96
N ALA B 63 -13.61 6.92 10.66
CA ALA B 63 -13.54 8.31 10.22
C ALA B 63 -12.54 8.48 9.08
N LYS B 64 -11.85 7.41 8.73
CA LYS B 64 -10.86 7.47 7.67
C LYS B 64 -10.58 6.09 7.07
N ILE B 65 -10.55 6.04 5.75
CA ILE B 65 -10.26 4.81 5.02
C ILE B 65 -8.76 4.73 4.78
N GLN B 66 -8.12 3.62 5.15
CA GLN B 66 -6.67 3.55 5.02
C GLN B 66 -6.13 2.19 4.57
N LEU B 67 -4.83 2.17 4.30
CA LEU B 67 -4.08 0.99 3.87
C LEU B 67 -2.79 0.83 4.70
N GLN B 68 -2.67 -0.25 5.49
CA GLN B 68 -1.46 -0.46 6.28
C GLN B 68 -0.59 -1.56 5.66
N LEU B 69 0.64 -1.21 5.33
CA LEU B 69 1.58 -2.15 4.74
C LEU B 69 2.44 -2.78 5.81
N VAL B 70 2.37 -4.09 5.93
CA VAL B 70 3.16 -4.81 6.92
C VAL B 70 4.32 -5.51 6.24
N LEU B 71 5.52 -4.99 6.44
CA LEU B 71 6.69 -5.57 5.81
C LEU B 71 7.22 -6.73 6.66
N HIS B 72 7.95 -7.63 6.05
CA HIS B 72 8.49 -8.77 6.79
C HIS B 72 9.76 -8.37 7.52
N ALA B 73 10.35 -7.25 7.11
CA ALA B 73 11.57 -6.74 7.72
C ALA B 73 11.27 -6.10 9.09
N GLY B 74 9.99 -5.96 9.40
CA GLY B 74 9.59 -5.37 10.67
C GLY B 74 9.10 -3.95 10.51
N ASP B 75 8.72 -3.58 9.30
CA ASP B 75 8.23 -2.24 9.02
C ASP B 75 6.72 -2.27 8.75
N THR B 76 6.05 -1.16 9.03
CA THR B 76 4.62 -1.04 8.80
C THR B 76 4.27 0.38 8.42
N THR B 77 3.50 0.55 7.35
CA THR B 77 3.13 1.89 6.91
C THR B 77 1.62 2.08 6.85
N ASN B 78 1.13 3.12 7.53
CA ASN B 78 -0.30 3.41 7.55
C ASN B 78 -0.61 4.53 6.55
N PHE B 79 -1.22 4.18 5.42
CA PHE B 79 -1.55 5.16 4.40
C PHE B 79 -3.04 5.51 4.44
N HIS B 80 -3.35 6.76 4.76
CA HIS B 80 -4.73 7.22 4.83
C HIS B 80 -5.17 7.80 3.48
N PHE B 81 -6.24 7.24 2.93
CA PHE B 81 -6.76 7.71 1.66
C PHE B 81 -7.67 8.91 1.90
N SER B 82 -7.04 10.06 2.07
CA SER B 82 -7.75 11.30 2.36
C SER B 82 -8.20 11.99 1.07
N ASN B 83 -8.81 11.22 0.18
CA ASN B 83 -9.28 11.75 -1.07
C ASN B 83 -10.79 11.60 -1.15
N GLU B 84 -11.50 12.67 -0.79
CA GLU B 84 -12.96 12.69 -0.77
C GLU B 84 -13.57 12.20 -2.08
N SER B 85 -12.82 12.34 -3.18
CA SER B 85 -13.30 11.92 -4.48
C SER B 85 -13.36 10.40 -4.65
N THR B 86 -12.25 9.71 -4.43
CA THR B 86 -12.21 8.27 -4.64
C THR B 86 -11.54 7.50 -3.50
N ALA B 87 -11.53 8.05 -2.29
CA ALA B 87 -10.89 7.43 -1.11
C ALA B 87 -11.07 5.92 -1.03
N VAL B 88 -12.30 5.48 -0.79
CA VAL B 88 -12.61 4.05 -0.68
C VAL B 88 -12.27 3.29 -1.95
N LYS B 89 -12.61 3.88 -3.08
CA LYS B 89 -12.38 3.26 -4.38
C LYS B 89 -10.89 3.05 -4.65
N GLU B 90 -10.10 4.07 -4.35
CA GLU B 90 -8.65 4.01 -4.54
C GLU B 90 -8.05 2.94 -3.62
N ARG B 91 -8.58 2.88 -2.40
CA ARG B 91 -8.12 1.92 -1.40
C ARG B 91 -8.13 0.49 -1.95
N ASP B 92 -9.26 0.08 -2.50
CA ASP B 92 -9.39 -1.27 -3.03
C ASP B 92 -8.58 -1.49 -4.29
N ALA B 93 -8.44 -0.48 -5.13
CA ALA B 93 -7.69 -0.63 -6.36
C ALA B 93 -6.22 -0.77 -6.02
N VAL B 94 -5.80 0.00 -5.03
CA VAL B 94 -4.44 -0.05 -4.54
C VAL B 94 -4.20 -1.42 -3.92
N LYS B 95 -5.17 -1.86 -3.14
CA LYS B 95 -5.13 -3.14 -2.47
C LYS B 95 -4.94 -4.26 -3.49
N ASP B 96 -5.84 -4.29 -4.45
CA ASP B 96 -5.83 -5.30 -5.50
C ASP B 96 -4.51 -5.30 -6.24
N LEU B 97 -4.11 -4.14 -6.74
CA LEU B 97 -2.85 -4.01 -7.47
C LEU B 97 -1.68 -4.48 -6.60
N LEU B 98 -1.65 -4.00 -5.36
CA LEU B 98 -0.59 -4.37 -4.43
C LEU B 98 -0.54 -5.87 -4.20
N GLN B 99 -1.66 -6.46 -3.79
CA GLN B 99 -1.69 -7.89 -3.50
C GLN B 99 -1.46 -8.74 -4.74
N GLN B 100 -1.70 -8.18 -5.92
CA GLN B 100 -1.48 -8.91 -7.15
C GLN B 100 0.00 -8.93 -7.51
N LEU B 101 0.68 -7.80 -7.29
CA LEU B 101 2.09 -7.69 -7.61
C LEU B 101 2.97 -8.15 -6.45
N LEU B 102 2.41 -8.13 -5.24
CA LEU B 102 3.12 -8.53 -4.03
C LEU B 102 3.88 -9.85 -4.18
N PRO B 103 3.19 -10.97 -4.51
CA PRO B 103 3.85 -12.26 -4.63
C PRO B 103 4.60 -12.41 -5.96
N LYS B 104 4.44 -11.45 -6.84
CA LYS B 104 5.12 -11.48 -8.14
C LYS B 104 6.55 -10.97 -8.00
N PHE B 105 6.74 -10.08 -7.04
CA PHE B 105 8.06 -9.50 -6.80
C PHE B 105 8.68 -10.08 -5.56
N LYS B 106 8.03 -11.08 -4.97
CA LYS B 106 8.53 -11.71 -3.76
C LYS B 106 9.84 -12.44 -4.03
N ARG B 107 10.94 -11.82 -3.61
CA ARG B 107 12.26 -12.38 -3.80
C ARG B 107 12.94 -12.57 -2.46
N LYS B 108 12.19 -12.36 -1.39
CA LYS B 108 12.70 -12.49 -0.03
C LYS B 108 11.53 -12.63 0.94
N ALA B 109 11.82 -13.04 2.16
CA ALA B 109 10.80 -13.21 3.19
C ALA B 109 11.23 -12.56 4.48
N ASN B 110 12.22 -11.68 4.37
CA ASN B 110 12.76 -10.96 5.52
C ASN B 110 13.57 -9.79 5.00
N ALA A 5 10.58 -2.15 18.84
CA ALA A 5 11.40 -2.10 17.61
C ALA A 5 10.79 -2.99 16.54
N HIS A 6 10.91 -2.56 15.29
CA HIS A 6 10.38 -3.31 14.17
C HIS A 6 11.38 -4.38 13.72
N HIS A 7 11.34 -5.52 14.39
CA HIS A 7 12.21 -6.64 14.07
C HIS A 7 11.39 -7.90 13.95
N LEU A 8 10.88 -8.12 12.74
CA LEU A 8 10.04 -9.28 12.46
C LEU A 8 8.80 -9.26 13.36
N LYS A 9 8.50 -8.07 13.87
CA LYS A 9 7.36 -7.82 14.76
C LYS A 9 7.23 -6.33 14.99
N ARG A 10 6.04 -5.86 15.26
CA ARG A 10 5.81 -4.45 15.52
C ARG A 10 5.52 -4.25 17.00
N GLY A 11 5.85 -3.09 17.52
CA GLY A 11 5.61 -2.81 18.93
C GLY A 11 6.70 -1.96 19.53
N ALA A 12 6.31 -1.07 20.43
CA ALA A 12 7.26 -0.19 21.09
C ALA A 12 7.95 -0.91 22.24
N THR A 13 9.26 -0.81 22.29
CA THR A 13 10.05 -1.41 23.33
C THR A 13 10.52 -0.34 24.30
N MET A 14 10.57 0.89 23.79
CA MET A 14 10.98 2.04 24.57
C MET A 14 10.17 3.27 24.14
N ASN A 15 10.15 3.52 22.83
CA ASN A 15 9.43 4.66 22.25
C ASN A 15 9.60 4.68 20.73
N GLU A 16 9.57 3.49 20.13
CA GLU A 16 9.72 3.37 18.69
C GLU A 16 8.59 2.55 18.09
N ASP A 17 7.47 3.22 17.83
CA ASP A 17 6.29 2.59 17.23
C ASP A 17 5.43 3.66 16.57
N SER A 18 4.12 3.55 16.65
CA SER A 18 3.22 4.51 16.06
C SER A 18 1.93 4.59 16.87
N ASN A 19 2.03 4.20 18.13
CA ASN A 19 0.87 4.20 19.03
C ASN A 19 0.90 5.45 19.90
N GLU A 20 2.09 6.05 20.00
CA GLU A 20 2.29 7.27 20.76
C GLU A 20 1.45 8.39 20.15
N GLU A 21 1.25 8.25 18.85
CA GLU A 21 0.45 9.17 18.07
C GLU A 21 -0.43 8.34 17.17
N GLU A 22 -1.68 8.14 17.56
CA GLU A 22 -2.58 7.35 16.75
C GLU A 22 -3.94 8.01 16.59
N GLU A 23 -3.99 8.98 15.70
CA GLU A 23 -5.22 9.66 15.40
C GLU A 23 -5.68 9.22 14.01
N GLU A 24 -4.91 8.31 13.45
CA GLU A 24 -5.18 7.81 12.12
C GLU A 24 -6.18 6.66 12.17
N SER A 25 -6.54 6.30 13.39
CA SER A 25 -7.52 5.24 13.65
C SER A 25 -7.17 3.94 12.90
N GLU A 26 -6.04 3.34 13.25
CA GLU A 26 -5.61 2.11 12.63
C GLU A 26 -5.99 0.89 13.48
N ASN A 27 -5.10 -0.13 13.50
CA ASN A 27 -5.28 -1.36 14.29
C ASN A 27 -6.58 -2.12 13.94
N ASP A 28 -7.13 -1.82 12.78
CA ASP A 28 -8.35 -2.43 12.32
C ASP A 28 -8.41 -2.33 10.81
N TRP A 29 -7.74 -3.26 10.21
CA TRP A 29 -7.65 -3.33 8.77
C TRP A 29 -8.04 -4.71 8.29
N GLU A 30 -8.75 -4.75 7.16
CA GLU A 30 -9.10 -6.01 6.54
C GLU A 30 -7.81 -6.46 5.91
N GLU A 31 -7.14 -7.36 6.58
CA GLU A 31 -5.82 -7.78 6.15
C GLU A 31 -5.81 -8.53 4.84
N VAL A 32 -5.23 -7.87 3.86
CA VAL A 32 -5.06 -8.39 2.52
C VAL A 32 -3.73 -9.11 2.42
N GLU A 33 -3.73 -10.22 1.73
CA GLU A 33 -2.54 -11.05 1.63
C GLU A 33 -2.08 -11.28 0.20
N GLU A 34 -0.79 -11.57 0.06
CA GLU A 34 -0.17 -11.84 -1.23
C GLU A 34 -1.07 -12.74 -2.07
N LEU A 35 -1.55 -12.20 -3.18
CA LEU A 35 -2.44 -12.91 -4.06
C LEU A 35 -1.76 -13.18 -5.40
N SER A 36 -1.87 -14.41 -5.87
CA SER A 36 -1.26 -14.80 -7.13
C SER A 36 -2.33 -15.20 -8.14
N GLU A 37 -2.01 -15.02 -9.42
CA GLU A 37 -2.91 -15.36 -10.50
C GLU A 37 -3.27 -16.85 -10.46
N PRO A 38 -4.54 -17.19 -10.74
CA PRO A 38 -5.03 -18.58 -10.74
C PRO A 38 -4.53 -19.41 -11.91
N VAL A 39 -3.36 -19.08 -12.38
CA VAL A 39 -2.73 -19.79 -13.49
C VAL A 39 -1.81 -20.87 -12.96
N LEU A 40 -1.82 -22.01 -13.62
CA LEU A 40 -0.99 -23.13 -13.20
C LEU A 40 0.17 -23.33 -14.17
N GLY A 41 1.28 -22.70 -13.85
CA GLY A 41 2.45 -22.82 -14.70
C GLY A 41 2.50 -21.72 -15.74
N ASP A 42 1.65 -21.85 -16.75
CA ASP A 42 1.58 -20.87 -17.84
C ASP A 42 0.23 -20.98 -18.52
N VAL A 43 -0.16 -19.93 -19.24
CA VAL A 43 -1.44 -19.91 -19.93
C VAL A 43 -1.27 -20.46 -21.35
N ARG A 44 -1.74 -21.67 -21.58
CA ARG A 44 -1.63 -22.29 -22.88
C ARG A 44 -2.75 -21.88 -23.80
N GLU A 45 -2.37 -21.41 -24.98
CA GLU A 45 -3.31 -20.99 -26.00
C GLU A 45 -3.29 -21.99 -27.15
N SER A 46 -3.35 -21.49 -28.39
CA SER A 46 -3.31 -22.32 -29.56
C SER A 46 -2.96 -21.49 -30.78
N THR A 47 -2.01 -20.58 -30.61
CA THR A 47 -1.58 -19.71 -31.70
C THR A 47 -0.08 -19.48 -31.62
N ALA A 48 0.48 -19.67 -30.44
CA ALA A 48 1.91 -19.48 -30.22
C ALA A 48 2.62 -20.82 -30.08
N PHE A 49 2.21 -21.59 -29.08
CA PHE A 49 2.79 -22.90 -28.85
C PHE A 49 2.51 -23.79 -30.05
N SER A 50 1.47 -23.40 -30.79
CA SER A 50 1.04 -24.09 -32.00
C SER A 50 0.46 -25.47 -31.71
N ARG A 51 -0.66 -25.78 -32.35
CA ARG A 51 -1.32 -27.06 -32.16
C ARG A 51 -1.85 -27.58 -33.49
N SER A 52 -2.23 -28.85 -33.49
CA SER A 52 -2.79 -29.47 -34.67
C SER A 52 -4.26 -29.79 -34.41
N MET B 3 15.65 -1.46 -8.44
CA MET B 3 16.83 -2.27 -8.84
C MET B 3 17.04 -2.18 -10.33
N ALA B 4 16.28 -2.93 -11.11
CA ALA B 4 16.40 -2.90 -12.56
C ALA B 4 15.43 -1.88 -13.13
N THR B 5 14.17 -2.06 -12.80
CA THR B 5 13.11 -1.17 -13.23
C THR B 5 13.01 0.01 -12.27
N SER B 6 14.03 0.85 -12.29
CA SER B 6 14.08 2.02 -11.42
C SER B 6 13.91 3.30 -12.24
N SER B 7 13.00 3.27 -13.20
CA SER B 7 12.73 4.41 -14.05
C SER B 7 11.65 5.30 -13.43
N GLU B 8 11.15 4.86 -12.28
CA GLU B 8 10.10 5.57 -11.53
C GLU B 8 8.77 5.45 -12.26
N GLU B 9 8.63 4.33 -12.95
CA GLU B 9 7.43 4.03 -13.70
C GLU B 9 6.25 3.74 -12.77
N VAL B 10 5.37 4.70 -12.64
CA VAL B 10 4.20 4.59 -11.80
C VAL B 10 3.03 3.98 -12.57
N LEU B 11 2.54 2.85 -12.07
CA LEU B 11 1.42 2.15 -12.66
C LEU B 11 0.11 2.73 -12.15
N LEU B 12 0.07 2.97 -10.86
CA LEU B 12 -1.13 3.52 -10.22
C LEU B 12 -0.82 4.80 -9.46
N ILE B 13 -1.47 5.89 -9.86
CA ILE B 13 -1.27 7.18 -9.23
C ILE B 13 -2.41 7.49 -8.26
N VAL B 14 -2.09 7.44 -6.98
CA VAL B 14 -3.05 7.71 -5.93
C VAL B 14 -2.79 9.10 -5.37
N LYS B 15 -3.85 9.84 -5.10
CA LYS B 15 -3.71 11.20 -4.60
C LYS B 15 -3.99 11.29 -3.10
N LYS B 16 -3.92 12.53 -2.59
CA LYS B 16 -4.12 12.89 -1.18
C LYS B 16 -4.04 11.72 -0.18
N VAL B 17 -2.83 11.25 0.05
CA VAL B 17 -2.58 10.18 1.00
C VAL B 17 -1.75 10.74 2.15
N ARG B 18 -2.20 10.53 3.37
CA ARG B 18 -1.51 11.05 4.53
C ARG B 18 -1.00 9.93 5.43
N GLN B 19 0.26 10.00 5.79
CA GLN B 19 0.83 9.00 6.68
C GLN B 19 1.18 9.69 8.00
N LYS B 20 0.43 9.37 9.03
CA LYS B 20 0.62 9.96 10.35
C LYS B 20 0.39 11.47 10.27
N LYS B 21 -0.65 11.83 9.52
CA LYS B 21 -1.07 13.23 9.32
C LYS B 21 -0.15 14.01 8.38
N GLN B 22 0.71 13.32 7.65
CA GLN B 22 1.61 14.00 6.72
C GLN B 22 1.03 13.96 5.32
N ASP B 23 0.96 15.13 4.67
CA ASP B 23 0.39 15.23 3.31
C ASP B 23 1.27 14.49 2.30
N GLY B 24 0.63 13.81 1.36
CA GLY B 24 1.36 13.13 0.33
C GLY B 24 0.48 12.47 -0.68
N ALA B 25 1.10 11.76 -1.59
CA ALA B 25 0.42 11.02 -2.63
C ALA B 25 1.08 9.66 -2.75
N LEU B 26 0.30 8.64 -3.03
CA LEU B 26 0.83 7.30 -3.11
C LEU B 26 0.98 6.90 -4.58
N TYR B 27 2.21 6.61 -4.99
CA TYR B 27 2.48 6.22 -6.37
C TYR B 27 2.98 4.78 -6.45
N LEU B 28 2.16 3.93 -7.05
CA LEU B 28 2.49 2.52 -7.21
C LEU B 28 3.32 2.32 -8.46
N MET B 29 4.61 2.07 -8.31
CA MET B 29 5.48 1.88 -9.45
C MET B 29 5.55 0.40 -9.83
N ALA B 30 6.53 0.05 -10.66
CA ALA B 30 6.69 -1.33 -11.10
C ALA B 30 7.39 -2.22 -10.09
N GLU B 31 8.55 -1.79 -9.61
CA GLU B 31 9.33 -2.58 -8.66
C GLU B 31 9.03 -2.25 -7.20
N ARG B 32 8.52 -1.06 -6.95
CA ARG B 32 8.25 -0.67 -5.57
C ARG B 32 7.12 0.33 -5.45
N ILE B 33 6.59 0.42 -4.25
CA ILE B 33 5.52 1.36 -3.95
C ILE B 33 6.12 2.55 -3.22
N ALA B 34 5.94 3.74 -3.76
CA ALA B 34 6.51 4.92 -3.15
C ALA B 34 5.46 5.98 -2.87
N TRP B 35 5.70 6.74 -1.82
CA TRP B 35 4.81 7.80 -1.41
C TRP B 35 5.60 9.10 -1.28
N ALA B 36 5.02 10.18 -1.78
CA ALA B 36 5.65 11.48 -1.73
C ALA B 36 4.62 12.55 -1.46
N PRO B 37 4.95 13.52 -0.59
CA PRO B 37 4.03 14.61 -0.24
C PRO B 37 3.45 15.31 -1.49
N GLU B 38 2.21 15.77 -1.40
CA GLU B 38 1.53 16.41 -2.51
C GLU B 38 2.25 17.68 -2.93
N GLY B 39 2.67 17.72 -4.19
CA GLY B 39 3.38 18.88 -4.71
C GLY B 39 4.88 18.69 -4.66
N LYS B 40 5.30 17.54 -4.15
CA LYS B 40 6.72 17.22 -4.04
C LYS B 40 7.06 16.09 -5.00
N ASP B 41 8.18 16.23 -5.71
CA ASP B 41 8.60 15.23 -6.69
C ASP B 41 9.39 14.08 -6.07
N ARG B 42 9.89 14.27 -4.87
CA ARG B 42 10.71 13.23 -4.27
C ARG B 42 9.97 12.46 -3.21
N PHE B 43 9.88 11.16 -3.45
CA PHE B 43 9.23 10.22 -2.57
C PHE B 43 10.09 9.97 -1.36
N THR B 44 9.56 10.26 -0.18
CA THR B 44 10.30 10.08 1.05
C THR B 44 10.06 8.67 1.60
N ILE B 45 9.13 7.97 0.98
CA ILE B 45 8.80 6.61 1.36
C ILE B 45 8.81 5.71 0.14
N SER B 46 9.59 4.64 0.18
CA SER B 46 9.69 3.71 -0.93
C SER B 46 9.90 2.28 -0.40
N HIS B 47 8.96 1.40 -0.69
CA HIS B 47 9.04 0.02 -0.24
C HIS B 47 8.99 -0.94 -1.41
N MET B 48 10.02 -1.74 -1.56
CA MET B 48 10.09 -2.71 -2.64
C MET B 48 9.05 -3.80 -2.40
N TYR B 49 8.32 -4.19 -3.44
CA TYR B 49 7.29 -5.22 -3.31
C TYR B 49 7.93 -6.51 -2.79
N ALA B 50 9.20 -6.69 -3.12
CA ALA B 50 9.97 -7.85 -2.70
C ALA B 50 10.15 -7.93 -1.18
N ASP B 51 9.87 -6.84 -0.47
CA ASP B 51 10.03 -6.80 0.99
C ASP B 51 8.70 -6.70 1.71
N ILE B 52 7.63 -6.52 0.96
CA ILE B 52 6.31 -6.45 1.55
C ILE B 52 5.66 -7.83 1.49
N LYS B 53 5.03 -8.23 2.58
CA LYS B 53 4.41 -9.54 2.62
C LYS B 53 2.92 -9.44 2.35
N CYS B 54 2.31 -8.39 2.90
CA CYS B 54 0.88 -8.20 2.75
C CYS B 54 0.50 -6.75 3.00
N GLN B 55 -0.78 -6.47 2.92
CA GLN B 55 -1.29 -5.12 3.13
C GLN B 55 -2.68 -5.20 3.71
N LYS B 56 -2.96 -4.44 4.72
CA LYS B 56 -4.27 -4.48 5.31
C LYS B 56 -4.98 -3.16 5.04
N ILE B 57 -6.29 -3.19 4.97
CA ILE B 57 -7.05 -1.97 4.65
C ILE B 57 -8.06 -1.62 5.75
N SER B 58 -8.02 -0.39 6.24
CA SER B 58 -8.95 0.01 7.29
C SER B 58 -10.33 0.23 6.69
N PRO B 59 -11.27 -0.65 7.09
CA PRO B 59 -12.66 -0.67 6.60
C PRO B 59 -13.47 0.55 7.04
N GLU B 60 -14.64 0.70 6.42
CA GLU B 60 -15.56 1.78 6.72
C GLU B 60 -15.98 1.72 8.18
N GLY B 61 -16.39 2.86 8.70
CA GLY B 61 -16.78 2.94 10.10
C GLY B 61 -15.81 3.80 10.86
N LYS B 62 -14.67 4.04 10.24
CA LYS B 62 -13.64 4.88 10.80
C LYS B 62 -13.74 6.26 10.17
N ALA B 63 -13.02 7.22 10.72
CA ALA B 63 -13.05 8.57 10.18
C ALA B 63 -12.19 8.67 8.93
N LYS B 64 -11.52 7.58 8.59
CA LYS B 64 -10.65 7.58 7.42
C LYS B 64 -10.44 6.16 6.88
N ILE B 65 -10.55 6.03 5.56
CA ILE B 65 -10.34 4.76 4.88
C ILE B 65 -8.86 4.67 4.55
N GLN B 66 -8.19 3.59 4.96
CA GLN B 66 -6.74 3.52 4.77
C GLN B 66 -6.19 2.15 4.38
N LEU B 67 -4.89 2.14 4.06
CA LEU B 67 -4.15 0.95 3.68
C LEU B 67 -2.84 0.86 4.50
N GLN B 68 -2.66 -0.22 5.27
CA GLN B 68 -1.43 -0.39 6.03
C GLN B 68 -0.57 -1.46 5.35
N LEU B 69 0.70 -1.17 5.17
CA LEU B 69 1.62 -2.10 4.53
C LEU B 69 2.31 -2.95 5.59
N VAL B 70 2.28 -4.26 5.41
CA VAL B 70 2.92 -5.18 6.34
C VAL B 70 4.10 -5.84 5.65
N LEU B 71 5.30 -5.44 6.04
CA LEU B 71 6.50 -6.00 5.45
C LEU B 71 6.89 -7.27 6.18
N HIS B 72 7.40 -8.26 5.44
CA HIS B 72 7.78 -9.52 6.04
C HIS B 72 9.07 -9.39 6.85
N ALA B 73 9.56 -8.17 6.94
CA ALA B 73 10.75 -7.86 7.70
C ALA B 73 10.35 -7.47 9.12
N GLY B 74 9.04 -7.27 9.31
CA GLY B 74 8.52 -6.90 10.61
C GLY B 74 8.25 -5.41 10.72
N ASP B 75 7.90 -4.79 9.60
CA ASP B 75 7.62 -3.36 9.57
C ASP B 75 6.22 -3.13 9.00
N THR B 76 5.60 -2.01 9.39
CA THR B 76 4.27 -1.68 8.92
C THR B 76 4.17 -0.20 8.58
N THR B 77 3.62 0.10 7.41
CA THR B 77 3.47 1.48 6.96
C THR B 77 1.99 1.86 6.88
N ASN B 78 1.59 2.89 7.60
CA ASN B 78 0.20 3.34 7.61
C ASN B 78 -0.04 4.42 6.56
N PHE B 79 -0.94 4.16 5.62
CA PHE B 79 -1.28 5.12 4.57
C PHE B 79 -2.76 5.46 4.61
N HIS B 80 -3.06 6.66 5.09
CA HIS B 80 -4.44 7.16 5.19
C HIS B 80 -4.86 7.85 3.89
N PHE B 81 -5.95 7.36 3.30
CA PHE B 81 -6.46 7.94 2.07
C PHE B 81 -7.37 9.11 2.38
N SER B 82 -6.79 10.30 2.39
CA SER B 82 -7.54 11.51 2.71
C SER B 82 -8.12 12.14 1.44
N ASN B 83 -8.10 11.40 0.35
CA ASN B 83 -8.63 11.89 -0.90
C ASN B 83 -10.13 11.66 -0.96
N GLU B 84 -10.88 12.64 -0.51
CA GLU B 84 -12.34 12.55 -0.47
C GLU B 84 -12.92 12.06 -1.81
N SER B 85 -12.29 12.49 -2.89
CA SER B 85 -12.71 12.14 -4.23
C SER B 85 -12.79 10.62 -4.46
N THR B 86 -11.67 9.91 -4.29
CA THR B 86 -11.66 8.47 -4.54
C THR B 86 -10.96 7.65 -3.46
N ALA B 87 -10.89 8.16 -2.23
CA ALA B 87 -10.21 7.46 -1.12
C ALA B 87 -10.52 5.96 -1.07
N VAL B 88 -11.79 5.64 -0.89
CA VAL B 88 -12.22 4.25 -0.82
C VAL B 88 -11.88 3.48 -2.08
N LYS B 89 -12.16 4.09 -3.22
CA LYS B 89 -11.93 3.47 -4.52
C LYS B 89 -10.43 3.21 -4.75
N GLU B 90 -9.60 4.21 -4.47
CA GLU B 90 -8.17 4.09 -4.64
C GLU B 90 -7.61 3.01 -3.73
N ARG B 91 -8.12 2.98 -2.50
CA ARG B 91 -7.68 2.00 -1.50
C ARG B 91 -7.79 0.57 -2.04
N ASP B 92 -8.96 0.23 -2.58
CA ASP B 92 -9.19 -1.10 -3.09
C ASP B 92 -8.41 -1.41 -4.36
N ALA B 93 -8.17 -0.38 -5.17
CA ALA B 93 -7.44 -0.58 -6.42
C ALA B 93 -5.97 -0.83 -6.08
N VAL B 94 -5.50 -0.06 -5.11
CA VAL B 94 -4.15 -0.21 -4.62
C VAL B 94 -3.99 -1.57 -3.98
N LYS B 95 -4.99 -1.93 -3.18
CA LYS B 95 -5.04 -3.21 -2.48
C LYS B 95 -4.82 -4.35 -3.45
N ASP B 96 -5.70 -4.41 -4.45
CA ASP B 96 -5.66 -5.45 -5.47
C ASP B 96 -4.33 -5.48 -6.22
N LEU B 97 -3.93 -4.33 -6.74
CA LEU B 97 -2.68 -4.23 -7.48
C LEU B 97 -1.50 -4.68 -6.61
N LEU B 98 -1.47 -4.20 -5.38
CA LEU B 98 -0.41 -4.55 -4.44
C LEU B 98 -0.37 -6.04 -4.15
N GLN B 99 -1.50 -6.60 -3.71
CA GLN B 99 -1.53 -8.02 -3.37
C GLN B 99 -1.27 -8.91 -4.57
N GLN B 100 -1.55 -8.41 -5.77
CA GLN B 100 -1.32 -9.18 -6.98
C GLN B 100 0.16 -9.17 -7.37
N LEU B 101 0.83 -8.06 -7.10
CA LEU B 101 2.24 -7.92 -7.45
C LEU B 101 3.16 -8.41 -6.34
N LEU B 102 2.71 -8.26 -5.10
CA LEU B 102 3.49 -8.65 -3.92
C LEU B 102 4.18 -10.01 -4.01
N PRO B 103 3.43 -11.12 -4.17
CA PRO B 103 4.03 -12.45 -4.20
C PRO B 103 4.91 -12.67 -5.43
N LYS B 104 4.77 -11.82 -6.43
CA LYS B 104 5.56 -11.94 -7.64
C LYS B 104 6.92 -11.24 -7.48
N PHE B 105 7.09 -10.53 -6.38
CA PHE B 105 8.34 -9.81 -6.11
C PHE B 105 9.00 -10.31 -4.82
N LYS B 106 8.18 -10.77 -3.87
CA LYS B 106 8.67 -11.27 -2.58
C LYS B 106 9.98 -12.04 -2.67
N ARG B 107 11.04 -11.46 -2.13
CA ARG B 107 12.36 -12.08 -2.16
C ARG B 107 12.55 -12.97 -0.94
N LYS B 108 11.57 -12.94 -0.04
CA LYS B 108 11.61 -13.74 1.17
C LYS B 108 10.54 -14.81 1.10
N ALA B 109 10.94 -16.08 1.28
CA ALA B 109 10.01 -17.20 1.25
C ALA B 109 9.24 -17.31 2.56
N ASN B 110 8.74 -16.17 3.02
CA ASN B 110 7.98 -16.08 4.25
C ASN B 110 7.37 -14.69 4.35
N ALA A 5 -10.96 -9.03 8.31
CA ALA A 5 -11.05 -10.01 7.20
C ALA A 5 -10.63 -11.38 7.68
N HIS A 6 -9.57 -11.42 8.46
CA HIS A 6 -9.07 -12.67 9.01
C HIS A 6 -9.05 -12.58 10.53
N HIS A 7 -8.53 -13.62 11.17
CA HIS A 7 -8.46 -13.64 12.63
C HIS A 7 -7.11 -13.13 13.11
N LEU A 8 -6.49 -12.29 12.30
CA LEU A 8 -5.19 -11.72 12.63
C LEU A 8 -5.35 -10.30 13.16
N LYS A 9 -6.27 -10.14 14.09
CA LYS A 9 -6.56 -8.84 14.69
C LYS A 9 -6.45 -8.93 16.21
N ARG A 10 -6.29 -7.78 16.84
CA ARG A 10 -6.19 -7.69 18.29
C ARG A 10 -7.42 -7.00 18.87
N GLY A 11 -7.81 -5.91 18.22
CA GLY A 11 -8.96 -5.15 18.66
C GLY A 11 -8.71 -3.66 18.55
N ALA A 12 -9.76 -2.89 18.34
CA ALA A 12 -9.64 -1.45 18.21
C ALA A 12 -9.31 -0.80 19.55
N THR A 13 -8.08 -0.35 19.69
CA THR A 13 -7.61 0.31 20.92
C THR A 13 -6.39 1.17 20.62
N MET A 14 -6.63 2.33 20.02
CA MET A 14 -5.57 3.30 19.66
C MET A 14 -6.12 4.36 18.71
N ASN A 15 -7.15 3.98 17.94
CA ASN A 15 -7.77 4.92 16.99
C ASN A 15 -8.51 6.00 17.76
N GLU A 16 -8.81 5.68 19.01
CA GLU A 16 -9.54 6.55 19.91
C GLU A 16 -8.58 7.43 20.70
N ASP A 17 -7.42 7.69 20.12
CA ASP A 17 -6.40 8.51 20.76
C ASP A 17 -6.72 9.99 20.58
N SER A 18 -6.20 10.81 21.49
CA SER A 18 -6.43 12.24 21.45
C SER A 18 -5.22 12.95 20.84
N ASN A 19 -4.12 12.21 20.73
CA ASN A 19 -2.89 12.73 20.15
C ASN A 19 -3.10 13.06 18.67
N GLU A 20 -2.81 14.30 18.30
CA GLU A 20 -2.97 14.78 16.94
C GLU A 20 -2.06 14.03 15.95
N GLU A 21 -0.96 13.51 16.45
CA GLU A 21 -0.02 12.77 15.62
C GLU A 21 -0.61 11.41 15.27
N GLU A 22 -1.29 10.80 16.23
CA GLU A 22 -1.93 9.51 16.03
C GLU A 22 -3.35 9.71 15.51
N GLU A 23 -4.34 9.13 16.19
CA GLU A 23 -5.75 9.27 15.79
C GLU A 23 -6.03 8.51 14.48
N GLU A 24 -5.05 7.78 14.01
CA GLU A 24 -5.18 7.00 12.80
C GLU A 24 -5.60 5.59 13.18
N SER A 25 -5.73 4.68 12.21
CA SER A 25 -6.12 3.31 12.54
C SER A 25 -4.89 2.48 12.89
N GLU A 26 -5.08 1.45 13.70
CA GLU A 26 -3.96 0.64 14.16
C GLU A 26 -3.99 -0.80 13.63
N ASN A 27 -5.04 -1.53 13.95
CA ASN A 27 -5.11 -2.93 13.52
C ASN A 27 -6.50 -3.34 13.06
N ASP A 28 -7.33 -2.36 12.81
CA ASP A 28 -8.69 -2.64 12.37
C ASP A 28 -8.77 -2.51 10.88
N TRP A 29 -7.83 -3.15 10.26
CA TRP A 29 -7.71 -3.17 8.83
C TRP A 29 -8.13 -4.54 8.32
N GLU A 30 -8.88 -4.57 7.24
CA GLU A 30 -9.25 -5.82 6.66
C GLU A 30 -8.00 -6.29 5.97
N GLU A 31 -7.33 -7.19 6.64
CA GLU A 31 -6.04 -7.67 6.22
C GLU A 31 -6.07 -8.45 4.91
N VAL A 32 -5.47 -7.81 3.93
CA VAL A 32 -5.31 -8.35 2.61
C VAL A 32 -3.98 -9.07 2.55
N GLU A 33 -3.98 -10.19 1.90
CA GLU A 33 -2.78 -10.99 1.82
C GLU A 33 -2.26 -11.14 0.39
N GLU A 34 -0.96 -11.35 0.26
CA GLU A 34 -0.31 -11.55 -1.03
C GLU A 34 -1.14 -12.49 -1.92
N LEU A 35 -1.52 -12.01 -3.11
CA LEU A 35 -2.34 -12.78 -4.02
C LEU A 35 -1.71 -12.86 -5.41
N SER A 36 -1.74 -14.04 -6.01
CA SER A 36 -1.20 -14.21 -7.35
C SER A 36 -1.73 -15.46 -8.03
N GLU A 37 -1.63 -15.44 -9.33
CA GLU A 37 -2.03 -16.53 -10.20
C GLU A 37 -1.27 -17.80 -9.88
N PRO A 38 -1.97 -18.91 -9.63
CA PRO A 38 -1.35 -20.19 -9.34
C PRO A 38 -0.78 -20.84 -10.61
N VAL A 39 0.51 -20.70 -10.77
CA VAL A 39 1.20 -21.26 -11.93
C VAL A 39 2.39 -22.09 -11.50
N LEU A 40 2.57 -23.21 -12.16
CA LEU A 40 3.67 -24.12 -11.85
C LEU A 40 4.48 -24.38 -13.11
N GLY A 41 4.72 -23.33 -13.89
CA GLY A 41 5.46 -23.45 -15.11
C GLY A 41 4.55 -23.32 -16.31
N ASP A 42 4.92 -23.94 -17.44
CA ASP A 42 4.09 -23.87 -18.63
C ASP A 42 2.99 -24.92 -18.58
N VAL A 43 2.40 -25.06 -17.41
CA VAL A 43 1.30 -25.99 -17.20
C VAL A 43 0.19 -25.27 -16.48
N ARG A 44 0.40 -23.97 -16.33
CA ARG A 44 -0.53 -23.08 -15.64
C ARG A 44 -0.92 -23.66 -14.29
N GLU A 45 -2.13 -24.17 -14.19
CA GLU A 45 -2.62 -24.76 -12.95
C GLU A 45 -2.52 -26.27 -13.03
N SER A 46 -3.00 -26.83 -14.14
CA SER A 46 -2.98 -28.27 -14.38
C SER A 46 -3.12 -28.56 -15.87
N THR A 47 -3.31 -27.53 -16.68
CA THR A 47 -3.47 -27.69 -18.12
C THR A 47 -2.17 -28.14 -18.78
N ALA A 48 -1.99 -29.43 -18.86
CA ALA A 48 -0.81 -30.03 -19.47
C ALA A 48 -1.19 -31.27 -20.24
N PHE A 49 -1.20 -32.39 -19.54
CA PHE A 49 -1.58 -33.67 -20.12
C PHE A 49 -3.08 -33.65 -20.39
N SER A 50 -3.77 -32.89 -19.56
CA SER A 50 -5.20 -32.72 -19.63
C SER A 50 -5.63 -31.71 -18.56
N ARG A 51 -6.89 -31.78 -18.15
CA ARG A 51 -7.40 -30.88 -17.12
C ARG A 51 -8.54 -31.56 -16.38
N SER A 52 -8.40 -31.66 -15.07
CA SER A 52 -9.41 -32.27 -14.23
C SER A 52 -9.68 -31.35 -13.04
N MET B 3 10.15 6.30 -14.59
CA MET B 3 10.92 5.66 -15.68
C MET B 3 12.35 6.21 -15.74
N ALA B 4 12.92 6.53 -14.58
CA ALA B 4 14.29 7.04 -14.52
C ALA B 4 15.29 5.89 -14.38
N THR B 5 14.76 4.70 -14.11
CA THR B 5 15.59 3.52 -13.96
C THR B 5 15.24 2.48 -15.02
N SER B 6 15.84 1.31 -14.92
CA SER B 6 15.59 0.23 -15.87
C SER B 6 14.14 -0.26 -15.77
N SER B 7 13.53 0.00 -14.63
CA SER B 7 12.14 -0.37 -14.37
C SER B 7 11.56 0.61 -13.36
N GLU B 8 10.61 1.41 -13.81
CA GLU B 8 9.98 2.41 -12.96
C GLU B 8 8.67 2.86 -13.57
N GLU B 9 7.79 1.91 -13.75
CA GLU B 9 6.50 2.18 -14.37
C GLU B 9 5.41 2.36 -13.33
N VAL B 10 4.99 3.60 -13.14
CA VAL B 10 3.94 3.92 -12.18
C VAL B 10 2.59 3.46 -12.72
N LEU B 11 2.13 2.33 -12.20
CA LEU B 11 0.87 1.74 -12.61
C LEU B 11 -0.31 2.50 -12.02
N LEU B 12 -0.19 2.86 -10.75
CA LEU B 12 -1.26 3.57 -10.07
C LEU B 12 -0.78 4.83 -9.38
N ILE B 13 -1.54 5.90 -9.55
CA ILE B 13 -1.23 7.19 -8.93
C ILE B 13 -2.37 7.59 -8.01
N VAL B 14 -2.11 7.50 -6.72
CA VAL B 14 -3.09 7.83 -5.70
C VAL B 14 -2.88 9.26 -5.23
N LYS B 15 -3.97 9.96 -4.99
CA LYS B 15 -3.91 11.35 -4.54
C LYS B 15 -4.12 11.47 -3.04
N LYS B 16 -3.98 12.72 -2.57
CA LYS B 16 -4.11 13.11 -1.15
C LYS B 16 -4.03 11.95 -0.14
N VAL B 17 -2.82 11.43 0.04
CA VAL B 17 -2.58 10.35 0.97
C VAL B 17 -1.79 10.89 2.16
N ARG B 18 -2.37 10.82 3.35
CA ARG B 18 -1.71 11.31 4.53
C ARG B 18 -1.19 10.17 5.38
N GLN B 19 0.11 10.10 5.53
CA GLN B 19 0.70 9.07 6.35
C GLN B 19 1.16 9.73 7.65
N LYS B 20 0.49 9.36 8.74
CA LYS B 20 0.78 9.94 10.05
C LYS B 20 0.40 11.41 10.04
N LYS B 21 -0.71 11.71 9.37
CA LYS B 21 -1.28 13.06 9.24
C LYS B 21 -0.55 13.96 8.25
N GLN B 22 0.46 13.47 7.54
CA GLN B 22 1.16 14.32 6.58
C GLN B 22 0.73 13.99 5.16
N ASP B 23 0.40 15.03 4.40
CA ASP B 23 -0.10 14.86 3.03
C ASP B 23 0.97 14.43 2.06
N GLY B 24 0.53 13.72 1.04
CA GLY B 24 1.41 13.25 0.01
C GLY B 24 0.67 12.47 -1.06
N ALA B 25 1.39 11.98 -2.03
CA ALA B 25 0.81 11.20 -3.11
C ALA B 25 1.40 9.80 -3.09
N LEU B 26 0.56 8.82 -3.35
CA LEU B 26 1.00 7.43 -3.33
C LEU B 26 1.18 6.94 -4.77
N TYR B 27 2.42 6.62 -5.12
CA TYR B 27 2.72 6.16 -6.47
C TYR B 27 3.04 4.67 -6.48
N LEU B 28 2.18 3.89 -7.13
CA LEU B 28 2.37 2.45 -7.24
C LEU B 28 3.06 2.10 -8.54
N MET B 29 4.26 1.57 -8.44
CA MET B 29 5.01 1.17 -9.63
C MET B 29 4.85 -0.32 -9.84
N ALA B 30 5.50 -0.85 -10.87
CA ALA B 30 5.40 -2.27 -11.16
C ALA B 30 6.47 -3.05 -10.41
N GLU B 31 7.34 -2.34 -9.70
CA GLU B 31 8.43 -2.96 -8.97
C GLU B 31 8.34 -2.65 -7.48
N ARG B 32 8.06 -1.39 -7.15
CA ARG B 32 7.99 -0.97 -5.77
C ARG B 32 6.94 0.12 -5.58
N ILE B 33 6.60 0.36 -4.33
CA ILE B 33 5.63 1.38 -3.97
C ILE B 33 6.38 2.58 -3.40
N ALA B 34 5.99 3.78 -3.81
CA ALA B 34 6.66 4.98 -3.34
C ALA B 34 5.67 6.06 -2.97
N TRP B 35 5.99 6.80 -1.93
CA TRP B 35 5.14 7.88 -1.47
C TRP B 35 5.97 9.15 -1.27
N ALA B 36 5.38 10.28 -1.64
CA ALA B 36 6.04 11.57 -1.52
C ALA B 36 5.01 12.65 -1.21
N PRO B 37 5.34 13.62 -0.34
CA PRO B 37 4.42 14.70 0.03
C PRO B 37 3.89 15.44 -1.19
N GLU B 38 2.67 15.96 -1.08
CA GLU B 38 2.06 16.68 -2.20
C GLU B 38 2.90 17.89 -2.59
N GLY B 39 3.35 17.89 -3.83
CA GLY B 39 4.18 18.98 -4.31
C GLY B 39 5.65 18.64 -4.25
N LYS B 40 5.96 17.35 -4.12
CA LYS B 40 7.34 16.92 -4.08
C LYS B 40 7.78 16.32 -5.40
N ASP B 41 8.99 16.65 -5.78
CA ASP B 41 9.60 16.21 -7.03
C ASP B 41 10.22 14.83 -6.90
N ARG B 42 10.46 14.40 -5.67
CA ARG B 42 11.07 13.10 -5.43
C ARG B 42 10.36 12.38 -4.29
N PHE B 43 10.37 11.06 -4.34
CA PHE B 43 9.74 10.25 -3.31
C PHE B 43 10.59 10.24 -2.05
N THR B 44 9.93 10.28 -0.90
CA THR B 44 10.63 10.28 0.37
C THR B 44 10.66 8.88 0.97
N ILE B 45 9.62 8.10 0.68
CA ILE B 45 9.52 6.74 1.18
C ILE B 45 9.20 5.77 0.06
N SER B 46 9.93 4.67 0.00
CA SER B 46 9.71 3.68 -1.04
C SER B 46 9.96 2.28 -0.49
N HIS B 47 9.05 1.37 -0.80
CA HIS B 47 9.16 -0.01 -0.35
C HIS B 47 9.08 -0.94 -1.55
N MET B 48 10.02 -1.87 -1.62
CA MET B 48 10.02 -2.84 -2.70
C MET B 48 8.99 -3.90 -2.41
N TYR B 49 8.27 -4.36 -3.41
CA TYR B 49 7.27 -5.40 -3.22
C TYR B 49 7.94 -6.65 -2.65
N ALA B 50 9.23 -6.79 -2.95
CA ALA B 50 10.04 -7.90 -2.49
C ALA B 50 10.22 -7.90 -0.96
N ASP B 51 9.89 -6.79 -0.30
CA ASP B 51 10.04 -6.66 1.14
C ASP B 51 8.69 -6.63 1.83
N ILE B 52 7.63 -6.43 1.08
CA ILE B 52 6.30 -6.39 1.66
C ILE B 52 5.72 -7.80 1.68
N LYS B 53 5.11 -8.18 2.79
CA LYS B 53 4.56 -9.51 2.89
C LYS B 53 3.04 -9.51 2.90
N CYS B 54 2.45 -8.46 3.44
CA CYS B 54 1.00 -8.39 3.57
C CYS B 54 0.53 -6.94 3.53
N GLN B 55 -0.77 -6.74 3.36
CA GLN B 55 -1.32 -5.38 3.34
C GLN B 55 -2.76 -5.35 3.81
N LYS B 56 -3.04 -4.58 4.84
CA LYS B 56 -4.40 -4.51 5.34
C LYS B 56 -4.99 -3.15 5.02
N ILE B 57 -6.31 -3.07 5.00
CA ILE B 57 -6.99 -1.82 4.65
C ILE B 57 -8.01 -1.43 5.71
N SER B 58 -8.03 -0.18 6.13
CA SER B 58 -9.01 0.24 7.12
C SER B 58 -10.35 0.40 6.43
N PRO B 59 -11.29 -0.48 6.80
CA PRO B 59 -12.65 -0.54 6.24
C PRO B 59 -13.49 0.68 6.52
N GLU B 60 -14.59 0.77 5.77
CA GLU B 60 -15.55 1.85 5.90
C GLU B 60 -16.21 1.77 7.26
N GLY B 61 -16.71 2.89 7.73
CA GLY B 61 -17.33 2.94 9.04
C GLY B 61 -16.46 3.76 9.95
N LYS B 62 -15.17 3.77 9.64
CA LYS B 62 -14.21 4.56 10.37
C LYS B 62 -14.22 5.98 9.82
N ALA B 63 -13.63 6.90 10.55
CA ALA B 63 -13.57 8.29 10.10
C ALA B 63 -12.59 8.48 8.95
N LYS B 64 -11.89 7.42 8.59
CA LYS B 64 -10.91 7.49 7.52
C LYS B 64 -10.69 6.11 6.86
N ILE B 65 -10.48 6.15 5.55
CA ILE B 65 -10.20 4.94 4.78
C ILE B 65 -8.69 4.86 4.59
N GLN B 66 -8.07 3.76 4.97
CA GLN B 66 -6.60 3.68 4.89
C GLN B 66 -6.07 2.32 4.45
N LEU B 67 -4.76 2.29 4.20
CA LEU B 67 -4.05 1.09 3.79
C LEU B 67 -2.76 0.91 4.62
N GLN B 68 -2.65 -0.18 5.37
CA GLN B 68 -1.43 -0.42 6.14
C GLN B 68 -0.60 -1.52 5.49
N LEU B 69 0.67 -1.23 5.24
CA LEU B 69 1.57 -2.19 4.63
C LEU B 69 2.32 -2.98 5.69
N VAL B 70 2.24 -4.30 5.60
CA VAL B 70 2.93 -5.16 6.54
C VAL B 70 4.13 -5.78 5.86
N LEU B 71 5.31 -5.26 6.19
CA LEU B 71 6.53 -5.78 5.59
C LEU B 71 7.00 -7.00 6.37
N HIS B 72 7.56 -7.98 5.68
CA HIS B 72 8.03 -9.20 6.34
C HIS B 72 9.35 -8.96 7.05
N ALA B 73 9.78 -7.69 7.07
CA ALA B 73 10.99 -7.29 7.74
C ALA B 73 10.69 -6.80 9.15
N GLY B 74 9.39 -6.71 9.46
CA GLY B 74 8.97 -6.25 10.76
C GLY B 74 8.60 -4.78 10.76
N ASP B 75 8.09 -4.30 9.63
CA ASP B 75 7.70 -2.91 9.48
C ASP B 75 6.27 -2.80 8.97
N THR B 76 5.62 -1.70 9.30
CA THR B 76 4.25 -1.45 8.87
C THR B 76 4.09 0.01 8.45
N THR B 77 3.51 0.24 7.29
CA THR B 77 3.31 1.59 6.78
C THR B 77 1.84 1.94 6.69
N ASN B 78 1.40 2.91 7.48
CA ASN B 78 0.01 3.34 7.49
C ASN B 78 -0.22 4.46 6.47
N PHE B 79 -1.09 4.23 5.51
CA PHE B 79 -1.41 5.24 4.50
C PHE B 79 -2.89 5.63 4.58
N HIS B 80 -3.15 6.81 5.12
CA HIS B 80 -4.51 7.32 5.26
C HIS B 80 -4.93 8.06 3.99
N PHE B 81 -5.94 7.55 3.31
CA PHE B 81 -6.44 8.16 2.09
C PHE B 81 -7.34 9.33 2.44
N SER B 82 -6.77 10.53 2.47
CA SER B 82 -7.52 11.73 2.80
C SER B 82 -8.15 12.35 1.55
N ASN B 83 -8.39 11.53 0.54
CA ASN B 83 -8.98 12.00 -0.70
C ASN B 83 -10.46 11.60 -0.72
N GLU B 84 -11.31 12.50 -0.23
CA GLU B 84 -12.76 12.27 -0.16
C GLU B 84 -13.34 11.82 -1.51
N SER B 85 -12.74 12.30 -2.59
CA SER B 85 -13.20 11.97 -3.94
C SER B 85 -13.17 10.47 -4.23
N THR B 86 -12.02 9.84 -4.06
CA THR B 86 -11.92 8.41 -4.38
C THR B 86 -11.20 7.59 -3.31
N ALA B 87 -11.16 8.07 -2.06
CA ALA B 87 -10.48 7.35 -0.97
C ALA B 87 -10.78 5.85 -0.96
N VAL B 88 -12.07 5.52 -0.87
CA VAL B 88 -12.50 4.13 -0.85
C VAL B 88 -12.11 3.39 -2.13
N LYS B 89 -12.32 4.04 -3.25
CA LYS B 89 -12.02 3.45 -4.56
C LYS B 89 -10.51 3.24 -4.74
N GLU B 90 -9.73 4.26 -4.42
CA GLU B 90 -8.28 4.17 -4.54
C GLU B 90 -7.74 3.09 -3.61
N ARG B 91 -8.32 3.01 -2.41
CA ARG B 91 -7.92 2.00 -1.41
C ARG B 91 -7.95 0.60 -2.00
N ASP B 92 -9.07 0.25 -2.60
CA ASP B 92 -9.25 -1.09 -3.17
C ASP B 92 -8.38 -1.32 -4.40
N ALA B 93 -8.09 -0.27 -5.15
CA ALA B 93 -7.29 -0.41 -6.35
C ALA B 93 -5.85 -0.64 -5.94
N VAL B 94 -5.43 0.10 -4.91
CA VAL B 94 -4.10 -0.04 -4.37
C VAL B 94 -3.97 -1.42 -3.75
N LYS B 95 -5.01 -1.81 -3.03
CA LYS B 95 -5.09 -3.11 -2.36
C LYS B 95 -4.82 -4.23 -3.35
N ASP B 96 -5.63 -4.27 -4.40
CA ASP B 96 -5.53 -5.28 -5.44
C ASP B 96 -4.17 -5.24 -6.11
N LEU B 97 -3.79 -4.09 -6.64
CA LEU B 97 -2.51 -3.95 -7.33
C LEU B 97 -1.35 -4.40 -6.44
N LEU B 98 -1.41 -4.02 -5.17
CA LEU B 98 -0.36 -4.38 -4.23
C LEU B 98 -0.32 -5.88 -3.98
N GLN B 99 -1.46 -6.45 -3.59
CA GLN B 99 -1.52 -7.87 -3.28
C GLN B 99 -1.25 -8.73 -4.50
N GLN B 100 -1.61 -8.23 -5.69
CA GLN B 100 -1.40 -8.98 -6.92
C GLN B 100 0.07 -9.01 -7.31
N LEU B 101 0.76 -7.90 -7.07
CA LEU B 101 2.18 -7.80 -7.42
C LEU B 101 3.10 -8.30 -6.31
N LEU B 102 2.62 -8.22 -5.07
CA LEU B 102 3.41 -8.61 -3.89
C LEU B 102 4.12 -9.96 -4.01
N PRO B 103 3.41 -11.10 -4.03
CA PRO B 103 4.05 -12.41 -4.05
C PRO B 103 4.92 -12.67 -5.30
N LYS B 104 4.84 -11.76 -6.27
CA LYS B 104 5.65 -11.90 -7.47
C LYS B 104 7.06 -11.40 -7.21
N PHE B 105 7.18 -10.41 -6.33
CA PHE B 105 8.46 -9.82 -5.98
C PHE B 105 8.89 -10.21 -4.58
N LYS B 106 7.91 -10.34 -3.69
CA LYS B 106 8.12 -10.68 -2.29
C LYS B 106 9.07 -11.87 -2.11
N ARG B 107 10.25 -11.60 -1.56
CA ARG B 107 11.23 -12.64 -1.32
C ARG B 107 11.36 -12.82 0.19
N LYS B 108 12.22 -12.01 0.79
CA LYS B 108 12.45 -12.06 2.24
C LYS B 108 13.52 -11.04 2.63
N ALA B 109 13.10 -9.81 2.84
CA ALA B 109 14.02 -8.76 3.25
C ALA B 109 14.10 -8.70 4.77
N ASN B 110 15.31 -8.62 5.29
CA ASN B 110 15.57 -8.56 6.74
C ASN B 110 14.76 -9.62 7.49
N ALA A 5 12.98 15.80 20.09
CA ALA A 5 13.50 14.54 19.53
C ALA A 5 12.38 13.81 18.80
N HIS A 6 12.40 13.92 17.49
CA HIS A 6 11.38 13.32 16.62
C HIS A 6 11.03 11.88 17.00
N HIS A 7 9.79 11.72 17.48
CA HIS A 7 9.22 10.42 17.85
C HIS A 7 9.82 9.84 19.12
N LEU A 8 9.28 8.68 19.51
CA LEU A 8 9.74 7.92 20.68
C LEU A 8 9.48 8.66 22.00
N LYS A 9 8.20 8.86 22.33
CA LYS A 9 7.85 9.53 23.58
C LYS A 9 6.35 9.40 23.87
N ARG A 10 5.56 9.28 22.81
CA ARG A 10 4.10 9.12 22.91
C ARG A 10 3.41 10.38 23.46
N GLY A 11 4.18 11.43 23.69
CA GLY A 11 3.63 12.67 24.21
C GLY A 11 3.37 12.64 25.69
N ALA A 12 2.80 11.54 26.18
CA ALA A 12 2.49 11.37 27.60
C ALA A 12 3.74 11.12 28.42
N THR A 13 4.65 12.08 28.41
CA THR A 13 5.89 12.00 29.14
C THR A 13 6.34 13.40 29.55
N MET A 14 6.64 14.21 28.54
CA MET A 14 7.05 15.59 28.75
C MET A 14 6.72 16.39 27.50
N ASN A 15 5.62 16.01 26.85
CA ASN A 15 5.15 16.64 25.62
C ASN A 15 6.14 16.36 24.50
N GLU A 16 7.13 17.23 24.35
CA GLU A 16 8.16 17.09 23.33
C GLU A 16 7.54 16.98 21.94
N ASP A 17 8.27 16.37 21.01
CA ASP A 17 7.76 16.18 19.65
C ASP A 17 7.81 14.70 19.30
N SER A 18 6.66 14.14 18.95
CA SER A 18 6.56 12.73 18.61
C SER A 18 5.31 12.46 17.79
N ASN A 19 5.14 11.21 17.36
CA ASN A 19 3.97 10.82 16.58
C ASN A 19 3.80 9.31 16.64
N GLU A 20 4.87 8.61 16.25
CA GLU A 20 4.91 7.14 16.25
C GLU A 20 4.08 6.57 15.11
N GLU A 21 3.57 5.34 15.27
CA GLU A 21 2.82 4.68 14.19
C GLU A 21 1.37 4.33 14.59
N GLU A 22 1.09 4.19 15.87
CA GLU A 22 -0.27 3.84 16.31
C GLU A 22 -1.03 5.10 16.72
N GLU A 23 -1.45 5.88 15.74
CA GLU A 23 -2.21 7.11 16.00
C GLU A 23 -3.01 7.54 14.78
N GLU A 24 -3.25 6.61 13.88
CA GLU A 24 -4.00 6.91 12.67
C GLU A 24 -5.32 6.16 12.66
N SER A 25 -5.87 5.92 13.86
CA SER A 25 -7.15 5.23 14.02
C SER A 25 -7.14 3.89 13.28
N GLU A 26 -6.13 3.10 13.57
CA GLU A 26 -5.96 1.80 12.94
C GLU A 26 -6.46 0.68 13.83
N ASN A 27 -5.70 -0.43 13.85
CA ASN A 27 -6.02 -1.62 14.63
C ASN A 27 -7.35 -2.20 14.19
N ASP A 28 -7.57 -2.16 12.88
CA ASP A 28 -8.79 -2.66 12.27
C ASP A 28 -8.69 -2.49 10.78
N TRP A 29 -8.09 -3.47 10.18
CA TRP A 29 -7.90 -3.49 8.75
C TRP A 29 -8.28 -4.85 8.20
N GLU A 30 -8.95 -4.86 7.05
CA GLU A 30 -9.28 -6.09 6.38
C GLU A 30 -7.96 -6.54 5.79
N GLU A 31 -7.32 -7.47 6.47
CA GLU A 31 -6.00 -7.91 6.09
C GLU A 31 -5.93 -8.62 4.74
N VAL A 32 -5.31 -7.91 3.82
CA VAL A 32 -5.06 -8.36 2.46
C VAL A 32 -3.76 -9.15 2.38
N GLU A 33 -3.79 -10.20 1.59
CA GLU A 33 -2.64 -11.08 1.48
C GLU A 33 -2.15 -11.27 0.05
N GLU A 34 -0.86 -11.61 -0.05
CA GLU A 34 -0.22 -11.87 -1.34
C GLU A 34 -1.13 -12.70 -2.24
N LEU A 35 -1.65 -12.05 -3.27
CA LEU A 35 -2.58 -12.67 -4.18
C LEU A 35 -1.89 -13.03 -5.50
N SER A 36 -2.07 -14.27 -5.92
CA SER A 36 -1.49 -14.76 -7.15
C SER A 36 -2.58 -15.12 -8.15
N GLU A 37 -2.22 -15.11 -9.43
CA GLU A 37 -3.15 -15.42 -10.51
C GLU A 37 -3.74 -16.82 -10.35
N PRO A 38 -5.07 -16.92 -10.28
CA PRO A 38 -5.76 -18.19 -10.16
C PRO A 38 -6.06 -18.83 -11.51
N VAL A 39 -6.55 -20.07 -11.48
CA VAL A 39 -6.91 -20.84 -12.67
C VAL A 39 -5.82 -20.80 -13.76
N LEU A 40 -6.22 -20.96 -15.02
CA LEU A 40 -5.34 -20.95 -16.20
C LEU A 40 -4.14 -21.91 -16.05
N GLY A 41 -4.32 -22.90 -15.19
CA GLY A 41 -3.30 -23.89 -14.96
C GLY A 41 -3.77 -24.91 -13.94
N ASP A 42 -5.07 -25.15 -13.95
CA ASP A 42 -5.70 -26.08 -13.03
C ASP A 42 -6.67 -26.99 -13.77
N VAL A 43 -7.21 -27.96 -13.04
CA VAL A 43 -8.18 -28.90 -13.60
C VAL A 43 -9.32 -29.09 -12.60
N ARG A 44 -10.54 -29.19 -13.10
CA ARG A 44 -11.69 -29.35 -12.21
C ARG A 44 -12.72 -30.32 -12.79
N GLU A 45 -12.62 -30.57 -14.08
CA GLU A 45 -13.55 -31.48 -14.76
C GLU A 45 -13.01 -32.90 -14.68
N SER A 46 -11.71 -33.05 -14.77
CA SER A 46 -11.06 -34.34 -14.69
C SER A 46 -11.00 -34.81 -13.24
N THR A 47 -10.88 -33.84 -12.34
CA THR A 47 -10.82 -34.12 -10.90
C THR A 47 -12.21 -34.26 -10.30
N ALA A 48 -13.23 -34.07 -11.13
CA ALA A 48 -14.62 -34.16 -10.67
C ALA A 48 -15.06 -35.61 -10.46
N PHE A 49 -14.15 -36.54 -10.72
CA PHE A 49 -14.44 -37.97 -10.55
C PHE A 49 -14.73 -38.26 -9.08
N SER A 50 -14.31 -37.33 -8.22
CA SER A 50 -14.49 -37.42 -6.78
C SER A 50 -13.68 -38.58 -6.18
N ARG A 51 -14.19 -39.79 -6.32
CA ARG A 51 -13.52 -40.97 -5.80
C ARG A 51 -14.09 -42.22 -6.45
N SER A 52 -13.47 -42.65 -7.55
CA SER A 52 -13.91 -43.82 -8.26
C SER A 52 -13.50 -45.08 -7.49
N MET B 3 11.95 4.90 -15.04
CA MET B 3 11.50 5.73 -16.17
C MET B 3 11.77 5.03 -17.50
N ALA B 4 10.70 4.60 -18.15
CA ALA B 4 10.77 3.93 -19.45
C ALA B 4 11.56 2.61 -19.37
N THR B 5 11.53 1.98 -18.21
CA THR B 5 12.23 0.73 -18.00
C THR B 5 11.63 -0.05 -16.83
N SER B 6 12.37 -0.12 -15.75
CA SER B 6 11.96 -0.80 -14.52
C SER B 6 12.78 -0.22 -13.37
N SER B 7 12.91 1.09 -13.39
CA SER B 7 13.69 1.80 -12.40
C SER B 7 12.80 2.67 -11.51
N GLU B 8 11.66 3.08 -12.06
CA GLU B 8 10.71 3.93 -11.36
C GLU B 8 9.50 4.19 -12.26
N GLU B 9 8.74 3.14 -12.51
CA GLU B 9 7.57 3.26 -13.37
C GLU B 9 6.31 3.25 -12.52
N VAL B 10 5.71 4.43 -12.35
CA VAL B 10 4.50 4.58 -11.57
C VAL B 10 3.28 4.09 -12.34
N LEU B 11 2.73 2.98 -11.89
CA LEU B 11 1.56 2.38 -12.51
C LEU B 11 0.29 3.04 -11.99
N LEU B 12 0.25 3.27 -10.69
CA LEU B 12 -0.92 3.89 -10.05
C LEU B 12 -0.55 5.13 -9.27
N ILE B 13 -1.33 6.20 -9.46
CA ILE B 13 -1.11 7.46 -8.76
C ILE B 13 -2.34 7.84 -7.95
N VAL B 14 -2.22 7.76 -6.64
CA VAL B 14 -3.31 8.10 -5.75
C VAL B 14 -3.11 9.49 -5.18
N LYS B 15 -4.20 10.23 -5.03
CA LYS B 15 -4.15 11.58 -4.52
C LYS B 15 -4.34 11.62 -3.00
N LYS B 16 -4.28 12.84 -2.47
CA LYS B 16 -4.42 13.14 -1.04
C LYS B 16 -4.28 11.94 -0.10
N VAL B 17 -3.03 11.52 0.12
CA VAL B 17 -2.74 10.42 1.02
C VAL B 17 -1.96 10.96 2.22
N ARG B 18 -2.47 10.73 3.41
CA ARG B 18 -1.82 11.21 4.61
C ARG B 18 -1.09 10.09 5.33
N GLN B 19 0.21 10.22 5.45
CA GLN B 19 0.99 9.23 6.18
C GLN B 19 1.35 9.84 7.51
N LYS B 20 0.77 9.32 8.58
CA LYS B 20 1.02 9.82 9.92
C LYS B 20 0.59 11.29 10.00
N LYS B 21 -0.46 11.62 9.23
CA LYS B 21 -1.03 12.97 9.14
C LYS B 21 -0.27 13.88 8.16
N GLN B 22 0.62 13.30 7.36
CA GLN B 22 1.39 14.10 6.37
C GLN B 22 0.74 14.01 5.00
N ASP B 23 0.50 15.15 4.37
CA ASP B 23 -0.11 15.19 3.04
C ASP B 23 0.86 14.75 1.97
N GLY B 24 0.34 13.97 1.02
CA GLY B 24 1.16 13.50 -0.06
C GLY B 24 0.38 12.64 -1.03
N ALA B 25 1.08 12.06 -1.97
CA ALA B 25 0.48 11.20 -2.96
C ALA B 25 1.10 9.82 -2.88
N LEU B 26 0.30 8.80 -3.10
CA LEU B 26 0.79 7.44 -3.04
C LEU B 26 1.00 6.93 -4.46
N TYR B 27 2.23 6.55 -4.77
CA TYR B 27 2.58 6.08 -6.10
C TYR B 27 2.91 4.60 -6.10
N LEU B 28 2.20 3.86 -6.94
CA LEU B 28 2.43 2.43 -7.08
C LEU B 28 3.28 2.16 -8.30
N MET B 29 4.56 1.92 -8.10
CA MET B 29 5.44 1.64 -9.22
C MET B 29 5.41 0.16 -9.58
N ALA B 30 6.21 -0.22 -10.56
CA ALA B 30 6.26 -1.61 -11.00
C ALA B 30 7.30 -2.38 -10.18
N GLU B 31 8.08 -1.65 -9.39
CA GLU B 31 9.13 -2.27 -8.59
C GLU B 31 8.81 -2.16 -7.10
N ARG B 32 8.36 -0.98 -6.69
CA ARG B 32 8.05 -0.75 -5.29
C ARG B 32 6.95 0.30 -5.13
N ILE B 33 6.45 0.39 -3.90
CA ILE B 33 5.42 1.36 -3.58
C ILE B 33 6.09 2.56 -2.92
N ALA B 34 5.83 3.75 -3.45
CA ALA B 34 6.46 4.94 -2.90
C ALA B 34 5.45 6.03 -2.61
N TRP B 35 5.78 6.87 -1.65
CA TRP B 35 4.93 7.97 -1.25
C TRP B 35 5.73 9.26 -1.21
N ALA B 36 5.12 10.35 -1.65
CA ALA B 36 5.78 11.65 -1.66
C ALA B 36 4.76 12.74 -1.34
N PRO B 37 5.16 13.74 -0.53
CA PRO B 37 4.27 14.85 -0.16
C PRO B 37 3.66 15.53 -1.39
N GLU B 38 2.45 16.06 -1.25
CA GLU B 38 1.76 16.71 -2.37
C GLU B 38 2.57 17.90 -2.87
N GLY B 39 3.03 17.80 -4.11
CA GLY B 39 3.81 18.87 -4.69
C GLY B 39 5.28 18.52 -4.78
N LYS B 40 5.64 17.33 -4.31
CA LYS B 40 7.03 16.90 -4.34
C LYS B 40 7.27 15.89 -5.47
N ASP B 41 8.37 16.10 -6.17
CA ASP B 41 8.76 15.24 -7.28
C ASP B 41 9.52 14.01 -6.79
N ARG B 42 10.08 14.12 -5.59
CA ARG B 42 10.85 13.04 -5.02
C ARG B 42 10.09 12.33 -3.92
N PHE B 43 10.05 11.01 -4.03
CA PHE B 43 9.36 10.18 -3.05
C PHE B 43 10.27 9.95 -1.86
N THR B 44 9.80 10.35 -0.69
CA THR B 44 10.58 10.22 0.53
C THR B 44 10.42 8.84 1.14
N ILE B 45 9.34 8.17 0.79
CA ILE B 45 9.06 6.83 1.29
C ILE B 45 9.00 5.85 0.12
N SER B 46 9.76 4.78 0.18
CA SER B 46 9.77 3.79 -0.88
C SER B 46 9.97 2.39 -0.32
N HIS B 47 9.00 1.51 -0.52
CA HIS B 47 9.09 0.13 -0.04
C HIS B 47 9.04 -0.86 -1.19
N MET B 48 10.13 -1.59 -1.39
CA MET B 48 10.21 -2.57 -2.45
C MET B 48 9.19 -3.67 -2.21
N TYR B 49 8.43 -4.04 -3.24
CA TYR B 49 7.42 -5.09 -3.10
C TYR B 49 8.06 -6.38 -2.59
N ALA B 50 9.33 -6.54 -2.93
CA ALA B 50 10.11 -7.71 -2.51
C ALA B 50 10.21 -7.83 -0.99
N ASP B 51 9.91 -6.76 -0.27
CA ASP B 51 9.99 -6.75 1.18
C ASP B 51 8.62 -6.63 1.81
N ILE B 52 7.58 -6.50 0.99
CA ILE B 52 6.24 -6.40 1.53
C ILE B 52 5.64 -7.80 1.53
N LYS B 53 5.03 -8.21 2.62
CA LYS B 53 4.45 -9.54 2.66
C LYS B 53 2.96 -9.49 2.42
N CYS B 54 2.33 -8.45 2.92
CA CYS B 54 0.90 -8.26 2.80
C CYS B 54 0.52 -6.85 3.17
N GLN B 55 -0.76 -6.56 3.14
CA GLN B 55 -1.25 -5.23 3.47
C GLN B 55 -2.64 -5.37 4.05
N LYS B 56 -3.04 -4.47 4.90
CA LYS B 56 -4.37 -4.55 5.45
C LYS B 56 -5.06 -3.21 5.19
N ILE B 57 -6.36 -3.22 5.05
CA ILE B 57 -7.09 -2.01 4.72
C ILE B 57 -8.16 -1.66 5.76
N SER B 58 -8.16 -0.43 6.27
CA SER B 58 -9.17 -0.06 7.25
C SER B 58 -10.47 0.15 6.51
N PRO B 59 -11.42 -0.76 6.80
CA PRO B 59 -12.75 -0.84 6.17
C PRO B 59 -13.59 0.42 6.20
N GLU B 60 -14.62 0.43 5.37
CA GLU B 60 -15.55 1.53 5.28
C GLU B 60 -16.31 1.62 6.60
N GLY B 61 -16.57 2.83 7.05
CA GLY B 61 -17.24 3.01 8.31
C GLY B 61 -16.34 3.69 9.30
N LYS B 62 -15.03 3.52 9.09
CA LYS B 62 -14.03 4.16 9.94
C LYS B 62 -14.03 5.65 9.64
N ALA B 63 -13.36 6.43 10.48
CA ALA B 63 -13.30 7.87 10.27
C ALA B 63 -12.54 8.21 8.99
N LYS B 64 -11.77 7.24 8.50
CA LYS B 64 -11.01 7.41 7.28
C LYS B 64 -10.60 6.05 6.72
N ILE B 65 -10.73 5.93 5.41
CA ILE B 65 -10.37 4.70 4.72
C ILE B 65 -8.87 4.66 4.55
N GLN B 66 -8.22 3.60 5.00
CA GLN B 66 -6.77 3.56 4.95
C GLN B 66 -6.19 2.21 4.53
N LEU B 67 -4.89 2.19 4.31
CA LEU B 67 -4.14 1.02 3.90
C LEU B 67 -2.86 0.86 4.74
N GLN B 68 -2.73 -0.24 5.49
CA GLN B 68 -1.53 -0.47 6.26
C GLN B 68 -0.68 -1.53 5.57
N LEU B 69 0.60 -1.25 5.38
CA LEU B 69 1.50 -2.18 4.73
C LEU B 69 2.18 -3.05 5.77
N VAL B 70 2.17 -4.36 5.55
CA VAL B 70 2.81 -5.30 6.46
C VAL B 70 4.00 -5.94 5.78
N LEU B 71 5.19 -5.55 6.21
CA LEU B 71 6.40 -6.07 5.61
C LEU B 71 6.81 -7.35 6.34
N HIS B 72 7.38 -8.29 5.60
CA HIS B 72 7.80 -9.56 6.18
C HIS B 72 9.10 -9.41 6.96
N ALA B 73 9.55 -8.16 7.08
CA ALA B 73 10.77 -7.85 7.81
C ALA B 73 10.41 -7.37 9.21
N GLY B 74 9.11 -7.29 9.49
CA GLY B 74 8.65 -6.85 10.78
C GLY B 74 8.37 -5.37 10.81
N ASP B 75 7.88 -4.84 9.70
CA ASP B 75 7.57 -3.42 9.59
C ASP B 75 6.15 -3.21 9.08
N THR B 76 5.55 -2.07 9.42
CA THR B 76 4.19 -1.76 9.00
C THR B 76 4.06 -0.27 8.70
N THR B 77 3.48 0.07 7.56
CA THR B 77 3.30 1.46 7.18
C THR B 77 1.82 1.81 6.98
N ASN B 78 1.30 2.70 7.82
CA ASN B 78 -0.10 3.10 7.73
C ASN B 78 -0.29 4.28 6.77
N PHE B 79 -1.14 4.11 5.76
CA PHE B 79 -1.42 5.16 4.79
C PHE B 79 -2.90 5.54 4.82
N HIS B 80 -3.17 6.77 5.22
CA HIS B 80 -4.54 7.29 5.31
C HIS B 80 -4.94 7.95 3.99
N PHE B 81 -6.03 7.47 3.40
CA PHE B 81 -6.53 8.04 2.15
C PHE B 81 -7.50 9.18 2.46
N SER B 82 -7.08 10.41 2.20
CA SER B 82 -7.90 11.57 2.48
C SER B 82 -8.49 12.18 1.23
N ASN B 83 -8.46 11.46 0.12
CA ASN B 83 -9.02 11.95 -1.12
C ASN B 83 -10.53 11.75 -1.08
N GLU B 84 -11.22 12.77 -0.60
CA GLU B 84 -12.68 12.74 -0.43
C GLU B 84 -13.44 12.18 -1.64
N SER B 85 -12.89 12.30 -2.83
CA SER B 85 -13.56 11.81 -4.03
C SER B 85 -13.71 10.29 -4.05
N THR B 86 -12.60 9.56 -4.07
CA THR B 86 -12.66 8.10 -4.09
C THR B 86 -11.68 7.45 -3.12
N ALA B 87 -11.39 8.11 -2.00
CA ALA B 87 -10.44 7.59 -1.00
C ALA B 87 -10.64 6.11 -0.72
N VAL B 88 -11.90 5.72 -0.65
CA VAL B 88 -12.26 4.34 -0.39
C VAL B 88 -11.83 3.41 -1.53
N LYS B 89 -12.18 3.77 -2.75
CA LYS B 89 -11.89 2.94 -3.90
C LYS B 89 -10.46 3.10 -4.39
N GLU B 90 -9.85 4.24 -4.11
CA GLU B 90 -8.46 4.45 -4.47
C GLU B 90 -7.63 3.46 -3.65
N ARG B 91 -8.06 3.27 -2.41
CA ARG B 91 -7.44 2.32 -1.51
C ARG B 91 -7.67 0.90 -2.00
N ASP B 92 -8.86 0.67 -2.54
CA ASP B 92 -9.24 -0.65 -3.06
C ASP B 92 -8.41 -1.03 -4.28
N ALA B 93 -8.13 -0.05 -5.13
CA ALA B 93 -7.35 -0.29 -6.33
C ALA B 93 -5.91 -0.55 -5.96
N VAL B 94 -5.43 0.22 -5.00
CA VAL B 94 -4.09 0.07 -4.50
C VAL B 94 -3.94 -1.30 -3.85
N LYS B 95 -4.94 -1.66 -3.06
CA LYS B 95 -5.00 -2.95 -2.38
C LYS B 95 -4.80 -4.09 -3.35
N ASP B 96 -5.68 -4.13 -4.34
CA ASP B 96 -5.66 -5.18 -5.36
C ASP B 96 -4.34 -5.20 -6.10
N LEU B 97 -3.94 -4.06 -6.67
CA LEU B 97 -2.69 -3.96 -7.41
C LEU B 97 -1.51 -4.41 -6.56
N LEU B 98 -1.49 -3.97 -5.31
CA LEU B 98 -0.42 -4.33 -4.40
C LEU B 98 -0.39 -5.82 -4.12
N GLN B 99 -1.54 -6.40 -3.74
CA GLN B 99 -1.56 -7.83 -3.42
C GLN B 99 -1.32 -8.68 -4.67
N GLN B 100 -1.58 -8.12 -5.84
CA GLN B 100 -1.36 -8.85 -7.09
C GLN B 100 0.14 -8.91 -7.41
N LEU B 101 0.83 -7.81 -7.15
CA LEU B 101 2.26 -7.73 -7.43
C LEU B 101 3.10 -8.24 -6.26
N LEU B 102 2.51 -8.23 -5.07
CA LEU B 102 3.18 -8.66 -3.85
C LEU B 102 3.93 -9.99 -3.95
N PRO B 103 3.23 -11.11 -4.22
CA PRO B 103 3.87 -12.43 -4.28
C PRO B 103 4.80 -12.59 -5.48
N LYS B 104 4.80 -11.60 -6.38
CA LYS B 104 5.64 -11.65 -7.56
C LYS B 104 7.04 -11.13 -7.25
N PHE B 105 7.14 -10.27 -6.24
CA PHE B 105 8.42 -9.70 -5.84
C PHE B 105 8.83 -10.18 -4.45
N LYS B 106 7.85 -10.59 -3.67
CA LYS B 106 8.04 -11.08 -2.30
C LYS B 106 9.27 -12.00 -2.17
N ARG B 107 10.31 -11.48 -1.51
CA ARG B 107 11.55 -12.21 -1.31
C ARG B 107 11.37 -13.32 -0.27
N LYS B 108 10.45 -13.11 0.66
CA LYS B 108 10.19 -14.07 1.72
C LYS B 108 9.31 -15.21 1.19
N ALA B 109 9.90 -16.09 0.40
CA ALA B 109 9.17 -17.22 -0.16
C ALA B 109 9.26 -18.42 0.78
N ASN B 110 9.89 -18.17 1.91
CA ASN B 110 10.09 -19.17 2.95
C ASN B 110 10.48 -18.45 4.22
N ALA A 5 30.38 9.01 9.92
CA ALA A 5 29.12 9.77 9.83
C ALA A 5 28.66 9.84 8.38
N HIS A 6 27.35 9.97 8.18
CA HIS A 6 26.79 10.03 6.84
C HIS A 6 25.41 10.69 6.89
N HIS A 7 24.97 11.24 5.77
CA HIS A 7 23.67 11.90 5.71
C HIS A 7 22.56 10.87 5.48
N LEU A 8 22.14 10.23 6.57
CA LEU A 8 21.09 9.22 6.50
C LEU A 8 19.71 9.87 6.64
N LYS A 9 19.39 10.75 5.70
CA LYS A 9 18.11 11.44 5.71
C LYS A 9 17.06 10.64 4.95
N ARG A 10 16.78 9.44 5.45
CA ARG A 10 15.80 8.55 4.84
C ARG A 10 15.58 7.32 5.72
N GLY A 11 14.75 7.50 6.73
CA GLY A 11 14.46 6.39 7.63
C GLY A 11 13.03 6.42 8.12
N ALA A 12 12.84 6.04 9.38
CA ALA A 12 11.52 6.02 9.98
C ALA A 12 11.56 6.74 11.31
N THR A 13 10.59 7.63 11.53
CA THR A 13 10.49 8.40 12.77
C THR A 13 11.75 9.25 12.99
N MET A 14 11.80 10.40 12.34
CA MET A 14 12.93 11.31 12.46
C MET A 14 12.48 12.75 12.21
N ASN A 15 12.29 13.10 10.95
CA ASN A 15 11.85 14.45 10.60
C ASN A 15 10.68 14.39 9.63
N GLU A 16 10.97 14.19 8.35
CA GLU A 16 9.95 14.11 7.32
C GLU A 16 9.93 12.69 6.76
N ASP A 17 10.53 11.80 7.53
CA ASP A 17 10.65 10.39 7.18
C ASP A 17 9.35 9.65 7.48
N SER A 18 9.44 8.32 7.52
CA SER A 18 8.27 7.50 7.80
C SER A 18 7.95 7.53 9.29
N ASN A 19 7.44 8.67 9.74
CA ASN A 19 7.07 8.84 11.14
C ASN A 19 5.72 8.17 11.39
N GLU A 20 5.77 6.85 11.56
CA GLU A 20 4.56 6.06 11.76
C GLU A 20 4.17 5.93 13.23
N GLU A 21 4.71 6.78 14.09
CA GLU A 21 4.38 6.72 15.50
C GLU A 21 3.14 7.53 15.84
N GLU A 22 2.68 8.35 14.90
CA GLU A 22 1.49 9.16 15.13
C GLU A 22 0.22 8.31 14.97
N GLU A 23 -0.92 8.94 15.13
CA GLU A 23 -2.21 8.28 15.01
C GLU A 23 -2.69 8.32 13.56
N GLU A 24 -3.32 7.23 13.12
CA GLU A 24 -3.87 7.09 11.78
C GLU A 24 -4.24 5.63 11.58
N SER A 25 -5.19 5.17 12.40
CA SER A 25 -5.64 3.78 12.44
C SER A 25 -4.58 2.92 13.11
N GLU A 26 -4.82 1.62 13.24
CA GLU A 26 -3.88 0.77 13.95
C GLU A 26 -3.93 -0.72 13.56
N ASN A 27 -5.05 -1.37 13.78
CA ASN A 27 -5.15 -2.80 13.49
C ASN A 27 -6.54 -3.20 13.02
N ASP A 28 -7.34 -2.20 12.73
CA ASP A 28 -8.70 -2.41 12.29
C ASP A 28 -8.73 -2.40 10.79
N TRP A 29 -7.85 -3.17 10.22
CA TRP A 29 -7.72 -3.28 8.79
C TRP A 29 -8.10 -4.66 8.31
N GLU A 30 -8.76 -4.72 7.16
CA GLU A 30 -9.09 -5.97 6.53
C GLU A 30 -7.76 -6.44 5.95
N GLU A 31 -7.10 -7.29 6.69
CA GLU A 31 -5.77 -7.72 6.31
C GLU A 31 -5.71 -8.54 5.03
N VAL A 32 -5.11 -7.90 4.04
CA VAL A 32 -4.90 -8.45 2.71
C VAL A 32 -3.60 -9.25 2.63
N GLU A 33 -3.68 -10.35 1.92
CA GLU A 33 -2.56 -11.26 1.75
C GLU A 33 -2.08 -11.29 0.30
N GLU A 34 -0.81 -11.64 0.12
CA GLU A 34 -0.23 -11.74 -1.21
C GLU A 34 -1.09 -12.68 -2.07
N LEU A 35 -1.79 -12.08 -3.01
CA LEU A 35 -2.69 -12.80 -3.87
C LEU A 35 -2.00 -13.35 -5.10
N SER A 36 -2.09 -14.65 -5.24
CA SER A 36 -1.47 -15.35 -6.36
C SER A 36 -2.53 -16.13 -7.12
N GLU A 37 -2.27 -16.33 -8.41
CA GLU A 37 -3.16 -17.07 -9.28
C GLU A 37 -3.37 -18.49 -8.76
N PRO A 38 -4.63 -18.95 -8.73
CA PRO A 38 -4.97 -20.29 -8.24
C PRO A 38 -4.77 -21.37 -9.29
N VAL A 39 -4.17 -20.95 -10.37
CA VAL A 39 -3.88 -21.85 -11.49
C VAL A 39 -2.39 -21.86 -11.79
N LEU A 40 -1.87 -23.03 -12.10
CA LEU A 40 -0.45 -23.19 -12.40
C LEU A 40 -0.28 -23.87 -13.75
N GLY A 41 0.42 -23.21 -14.65
CA GLY A 41 0.65 -23.77 -15.97
C GLY A 41 -0.50 -23.48 -16.91
N ASP A 42 -1.64 -24.11 -16.65
CA ASP A 42 -2.83 -23.92 -17.47
C ASP A 42 -3.75 -22.90 -16.82
N VAL A 43 -4.45 -22.14 -17.65
CA VAL A 43 -5.37 -21.12 -17.17
C VAL A 43 -6.79 -21.72 -17.13
N ARG A 44 -6.97 -22.65 -16.21
CA ARG A 44 -8.24 -23.32 -16.06
C ARG A 44 -9.24 -22.47 -15.28
N GLU A 45 -10.23 -21.95 -15.99
CA GLU A 45 -11.27 -21.13 -15.38
C GLU A 45 -12.24 -22.02 -14.60
N SER A 46 -12.28 -23.29 -15.00
CA SER A 46 -13.13 -24.32 -14.37
C SER A 46 -14.59 -24.21 -14.79
N THR A 47 -14.95 -23.11 -15.44
CA THR A 47 -16.32 -22.93 -15.91
C THR A 47 -16.64 -23.97 -16.97
N ALA A 48 -15.68 -24.20 -17.85
CA ALA A 48 -15.83 -25.19 -18.91
C ALA A 48 -14.87 -26.35 -18.68
N PHE A 49 -15.19 -27.17 -17.68
CA PHE A 49 -14.37 -28.33 -17.35
C PHE A 49 -14.44 -29.36 -18.47
N SER A 50 -15.50 -29.23 -19.29
CA SER A 50 -15.77 -30.08 -20.43
C SER A 50 -17.15 -29.74 -20.97
N ARG A 51 -18.07 -29.48 -20.04
CA ARG A 51 -19.43 -29.11 -20.38
C ARG A 51 -19.42 -27.72 -21.01
N SER A 52 -20.20 -27.55 -22.08
CA SER A 52 -20.29 -26.28 -22.76
C SER A 52 -21.12 -25.30 -21.93
N MET B 3 10.35 -11.49 -8.45
CA MET B 3 11.00 -10.16 -8.51
C MET B 3 11.32 -9.80 -9.96
N ALA B 4 11.24 -8.51 -10.29
CA ALA B 4 11.53 -8.03 -11.63
C ALA B 4 11.93 -6.57 -11.58
N THR B 5 12.30 -6.01 -12.73
CA THR B 5 12.70 -4.61 -12.82
C THR B 5 12.49 -4.09 -14.24
N SER B 6 11.76 -2.99 -14.37
CA SER B 6 11.49 -2.42 -15.68
C SER B 6 11.67 -0.90 -15.67
N SER B 7 12.45 -0.42 -14.70
CA SER B 7 12.76 1.01 -14.54
C SER B 7 11.61 1.78 -13.90
N GLU B 8 10.98 1.17 -12.90
CA GLU B 8 9.88 1.77 -12.15
C GLU B 8 8.67 2.09 -13.01
N GLU B 9 7.90 1.06 -13.33
CA GLU B 9 6.70 1.24 -14.13
C GLU B 9 5.57 1.76 -13.25
N VAL B 10 5.27 3.04 -13.37
CA VAL B 10 4.21 3.66 -12.59
C VAL B 10 2.86 3.16 -13.09
N LEU B 11 2.35 2.14 -12.43
CA LEU B 11 1.10 1.52 -12.78
C LEU B 11 -0.08 2.31 -12.27
N LEU B 12 0.00 2.75 -11.03
CA LEU B 12 -1.09 3.50 -10.42
C LEU B 12 -0.61 4.75 -9.71
N ILE B 13 -1.36 5.84 -9.91
CA ILE B 13 -1.06 7.10 -9.27
C ILE B 13 -2.20 7.49 -8.35
N VAL B 14 -1.95 7.41 -7.06
CA VAL B 14 -2.94 7.73 -6.05
C VAL B 14 -2.71 9.15 -5.54
N LYS B 15 -3.79 9.88 -5.35
CA LYS B 15 -3.69 11.25 -4.88
C LYS B 15 -3.96 11.37 -3.38
N LYS B 16 -3.91 12.61 -2.90
CA LYS B 16 -4.09 12.99 -1.49
C LYS B 16 -3.98 11.82 -0.50
N VAL B 17 -2.77 11.29 -0.36
CA VAL B 17 -2.50 10.19 0.56
C VAL B 17 -1.71 10.72 1.75
N ARG B 18 -2.23 10.52 2.94
CA ARG B 18 -1.58 10.98 4.15
C ARG B 18 -1.03 9.82 4.95
N GLN B 19 0.27 9.82 5.20
CA GLN B 19 0.84 8.76 6.01
C GLN B 19 1.13 9.35 7.39
N LYS B 20 0.29 8.99 8.35
CA LYS B 20 0.43 9.47 9.71
C LYS B 20 0.41 11.00 9.77
N LYS B 21 -0.62 11.58 9.15
CA LYS B 21 -0.84 13.03 9.11
C LYS B 21 0.09 13.77 8.15
N GLN B 22 0.82 13.04 7.32
CA GLN B 22 1.72 13.68 6.36
C GLN B 22 1.14 13.62 4.96
N ASP B 23 0.97 14.79 4.34
CA ASP B 23 0.41 14.88 2.99
C ASP B 23 1.34 14.26 1.96
N GLY B 24 0.76 13.65 0.93
CA GLY B 24 1.57 13.06 -0.11
C GLY B 24 0.76 12.37 -1.18
N ALA B 25 1.47 11.81 -2.15
CA ALA B 25 0.87 11.09 -3.24
C ALA B 25 1.47 9.69 -3.28
N LEU B 26 0.65 8.71 -3.58
CA LEU B 26 1.12 7.33 -3.60
C LEU B 26 1.31 6.87 -5.05
N TYR B 27 2.55 6.55 -5.40
CA TYR B 27 2.87 6.11 -6.75
C TYR B 27 3.19 4.63 -6.75
N LEU B 28 2.29 3.85 -7.33
CA LEU B 28 2.44 2.41 -7.41
C LEU B 28 3.22 2.00 -8.64
N MET B 29 4.49 1.68 -8.45
CA MET B 29 5.31 1.23 -9.55
C MET B 29 5.22 -0.30 -9.62
N ALA B 30 5.98 -0.89 -10.51
CA ALA B 30 5.94 -2.34 -10.65
C ALA B 30 6.83 -3.02 -9.60
N GLU B 31 8.08 -2.57 -9.54
CA GLU B 31 9.05 -3.14 -8.62
C GLU B 31 8.84 -2.68 -7.18
N ARG B 32 8.34 -1.47 -6.98
CA ARG B 32 8.14 -0.97 -5.63
C ARG B 32 7.04 0.06 -5.54
N ILE B 33 6.53 0.24 -4.34
CA ILE B 33 5.50 1.22 -4.07
C ILE B 33 6.16 2.40 -3.37
N ALA B 34 6.06 3.58 -3.97
CA ALA B 34 6.68 4.76 -3.39
C ALA B 34 5.67 5.84 -3.10
N TRP B 35 5.95 6.63 -2.09
CA TRP B 35 5.08 7.70 -1.68
C TRP B 35 5.91 8.96 -1.45
N ALA B 36 5.40 10.08 -1.93
CA ALA B 36 6.09 11.35 -1.78
C ALA B 36 5.08 12.44 -1.50
N PRO B 37 5.39 13.37 -0.59
CA PRO B 37 4.49 14.47 -0.23
C PRO B 37 3.95 15.21 -1.46
N GLU B 38 2.67 15.59 -1.40
CA GLU B 38 2.00 16.26 -2.50
C GLU B 38 2.67 17.61 -2.79
N GLY B 39 3.14 17.77 -4.01
CA GLY B 39 3.80 19.00 -4.40
C GLY B 39 5.27 18.99 -4.06
N LYS B 40 5.77 17.84 -3.62
CA LYS B 40 7.17 17.70 -3.25
C LYS B 40 7.87 16.77 -4.23
N ASP B 41 9.07 17.14 -4.63
CA ASP B 41 9.86 16.39 -5.60
C ASP B 41 10.67 15.26 -4.96
N ARG B 42 10.71 15.21 -3.65
CA ARG B 42 11.49 14.18 -2.96
C ARG B 42 10.62 13.10 -2.34
N PHE B 43 10.90 11.85 -2.71
CA PHE B 43 10.18 10.71 -2.19
C PHE B 43 10.74 10.35 -0.82
N THR B 44 9.86 10.29 0.18
CA THR B 44 10.27 9.97 1.53
C THR B 44 9.96 8.52 1.89
N ILE B 45 9.10 7.90 1.09
CA ILE B 45 8.70 6.52 1.32
C ILE B 45 8.89 5.66 0.07
N SER B 46 9.59 4.54 0.23
CA SER B 46 9.85 3.62 -0.87
C SER B 46 9.95 2.19 -0.34
N HIS B 47 8.97 1.35 -0.68
CA HIS B 47 8.96 -0.04 -0.23
C HIS B 47 8.86 -0.98 -1.42
N MET B 48 9.75 -1.96 -1.47
CA MET B 48 9.75 -2.92 -2.55
C MET B 48 8.63 -3.93 -2.33
N TYR B 49 7.92 -4.28 -3.40
CA TYR B 49 6.83 -5.26 -3.31
C TYR B 49 7.35 -6.53 -2.66
N ALA B 50 8.56 -6.89 -3.05
CA ALA B 50 9.27 -8.05 -2.54
C ALA B 50 9.20 -8.18 -1.01
N ASP B 51 9.46 -7.09 -0.30
CA ASP B 51 9.49 -7.11 1.17
C ASP B 51 8.14 -6.95 1.83
N ILE B 52 7.11 -6.59 1.08
CA ILE B 52 5.80 -6.44 1.69
C ILE B 52 5.20 -7.82 1.91
N LYS B 53 5.27 -8.27 3.15
CA LYS B 53 4.78 -9.58 3.54
C LYS B 53 3.26 -9.66 3.46
N CYS B 54 2.61 -8.57 3.86
CA CYS B 54 1.15 -8.50 3.89
C CYS B 54 0.74 -7.03 3.83
N GLN B 55 -0.53 -6.77 3.59
CA GLN B 55 -1.04 -5.43 3.55
C GLN B 55 -2.42 -5.46 4.15
N LYS B 56 -2.85 -4.41 4.77
CA LYS B 56 -4.18 -4.41 5.34
C LYS B 56 -4.89 -3.12 4.97
N ILE B 57 -6.20 -3.11 5.06
CA ILE B 57 -6.98 -1.94 4.67
C ILE B 57 -8.05 -1.59 5.72
N SER B 58 -8.08 -0.36 6.19
CA SER B 58 -9.06 0.01 7.20
C SER B 58 -10.41 0.27 6.53
N PRO B 59 -11.36 -0.63 6.82
CA PRO B 59 -12.74 -0.63 6.29
C PRO B 59 -13.61 0.49 6.83
N GLU B 60 -14.77 0.65 6.21
CA GLU B 60 -15.75 1.64 6.64
C GLU B 60 -16.04 1.49 8.13
N GLY B 61 -16.46 2.57 8.76
CA GLY B 61 -16.72 2.55 10.17
C GLY B 61 -15.76 3.47 10.88
N LYS B 62 -14.58 3.59 10.30
CA LYS B 62 -13.56 4.48 10.83
C LYS B 62 -13.68 5.81 10.10
N ALA B 63 -13.25 6.88 10.74
CA ALA B 63 -13.34 8.22 10.16
C ALA B 63 -12.42 8.39 8.94
N LYS B 64 -11.63 7.37 8.64
CA LYS B 64 -10.71 7.45 7.51
C LYS B 64 -10.40 6.08 6.92
N ILE B 65 -10.63 5.97 5.61
CA ILE B 65 -10.36 4.74 4.88
C ILE B 65 -8.87 4.70 4.57
N GLN B 66 -8.18 3.63 4.95
CA GLN B 66 -6.73 3.58 4.76
C GLN B 66 -6.19 2.21 4.35
N LEU B 67 -4.90 2.19 4.02
CA LEU B 67 -4.16 1.00 3.63
C LEU B 67 -2.85 0.88 4.45
N GLN B 68 -2.69 -0.16 5.25
CA GLN B 68 -1.47 -0.32 6.02
C GLN B 68 -0.61 -1.41 5.38
N LEU B 69 0.68 -1.16 5.25
CA LEU B 69 1.60 -2.13 4.67
C LEU B 69 2.40 -2.81 5.78
N VAL B 70 2.52 -4.11 5.69
CA VAL B 70 3.28 -4.87 6.68
C VAL B 70 4.43 -5.60 6.00
N LEU B 71 5.63 -5.08 6.18
CA LEU B 71 6.80 -5.68 5.55
C LEU B 71 7.38 -6.75 6.45
N HIS B 72 7.94 -7.80 5.86
CA HIS B 72 8.52 -8.89 6.65
C HIS B 72 9.87 -8.50 7.22
N ALA B 73 10.28 -7.27 6.94
CA ALA B 73 11.55 -6.74 7.43
C ALA B 73 11.35 -6.06 8.79
N GLY B 74 10.09 -6.02 9.23
CA GLY B 74 9.78 -5.39 10.50
C GLY B 74 9.38 -3.95 10.33
N ASP B 75 8.71 -3.66 9.22
CA ASP B 75 8.27 -2.31 8.92
C ASP B 75 6.78 -2.29 8.57
N THR B 76 6.10 -1.20 8.90
CA THR B 76 4.68 -1.05 8.64
C THR B 76 4.38 0.39 8.25
N THR B 77 3.64 0.57 7.15
CA THR B 77 3.28 1.91 6.68
C THR B 77 1.77 2.11 6.64
N ASN B 78 1.28 3.16 7.30
CA ASN B 78 -0.15 3.44 7.31
C ASN B 78 -0.49 4.53 6.30
N PHE B 79 -1.08 4.14 5.18
CA PHE B 79 -1.44 5.09 4.14
C PHE B 79 -2.91 5.47 4.23
N HIS B 80 -3.16 6.69 4.67
CA HIS B 80 -4.52 7.20 4.81
C HIS B 80 -4.96 7.89 3.52
N PHE B 81 -6.05 7.42 2.95
CA PHE B 81 -6.58 7.99 1.72
C PHE B 81 -7.43 9.20 2.05
N SER B 82 -6.78 10.35 2.16
CA SER B 82 -7.47 11.60 2.49
C SER B 82 -8.06 12.25 1.25
N ASN B 83 -8.12 11.49 0.16
CA ASN B 83 -8.65 12.00 -1.09
C ASN B 83 -10.16 11.75 -1.13
N GLU B 84 -10.92 12.72 -0.66
CA GLU B 84 -12.38 12.63 -0.62
C GLU B 84 -12.97 12.19 -1.96
N SER B 85 -12.33 12.61 -3.04
CA SER B 85 -12.77 12.30 -4.38
C SER B 85 -12.85 10.79 -4.66
N THR B 86 -11.76 10.07 -4.44
CA THR B 86 -11.75 8.63 -4.73
C THR B 86 -11.13 7.78 -3.62
N ALA B 87 -11.12 8.27 -2.38
CA ALA B 87 -10.53 7.55 -1.24
C ALA B 87 -10.84 6.06 -1.22
N VAL B 88 -12.11 5.73 -1.03
CA VAL B 88 -12.55 4.33 -0.96
C VAL B 88 -12.21 3.58 -2.24
N LYS B 89 -12.40 4.23 -3.37
CA LYS B 89 -12.15 3.62 -4.67
C LYS B 89 -10.66 3.33 -4.87
N GLU B 90 -9.82 4.31 -4.56
CA GLU B 90 -8.37 4.15 -4.69
C GLU B 90 -7.89 3.09 -3.71
N ARG B 91 -8.47 3.11 -2.51
CA ARG B 91 -8.14 2.16 -1.46
C ARG B 91 -8.18 0.72 -1.95
N ASP B 92 -9.29 0.35 -2.56
CA ASP B 92 -9.47 -1.01 -3.06
C ASP B 92 -8.66 -1.28 -4.33
N ALA B 93 -8.44 -0.25 -5.14
CA ALA B 93 -7.69 -0.43 -6.38
C ALA B 93 -6.23 -0.66 -6.04
N VAL B 94 -5.76 0.09 -5.06
CA VAL B 94 -4.40 -0.03 -4.59
C VAL B 94 -4.23 -1.40 -3.94
N LYS B 95 -5.21 -1.77 -3.13
CA LYS B 95 -5.22 -3.05 -2.44
C LYS B 95 -5.06 -4.19 -3.41
N ASP B 96 -5.96 -4.24 -4.38
CA ASP B 96 -5.95 -5.28 -5.41
C ASP B 96 -4.65 -5.28 -6.18
N LEU B 97 -4.29 -4.14 -6.75
CA LEU B 97 -3.05 -4.03 -7.52
C LEU B 97 -1.86 -4.51 -6.70
N LEU B 98 -1.79 -4.06 -5.46
CA LEU B 98 -0.70 -4.45 -4.57
C LEU B 98 -0.69 -5.95 -4.31
N GLN B 99 -1.81 -6.51 -3.86
CA GLN B 99 -1.85 -7.94 -3.56
C GLN B 99 -1.67 -8.80 -4.79
N GLN B 100 -2.04 -8.28 -5.95
CA GLN B 100 -1.90 -9.02 -7.20
C GLN B 100 -0.43 -9.06 -7.63
N LEU B 101 0.25 -7.95 -7.50
CA LEU B 101 1.65 -7.85 -7.91
C LEU B 101 2.63 -8.27 -6.81
N LEU B 102 2.23 -8.09 -5.55
CA LEU B 102 3.05 -8.43 -4.39
C LEU B 102 3.83 -9.74 -4.53
N PRO B 103 3.16 -10.88 -4.76
CA PRO B 103 3.83 -12.16 -4.86
C PRO B 103 4.64 -12.35 -6.14
N LYS B 104 4.53 -11.40 -7.07
CA LYS B 104 5.28 -11.49 -8.34
C LYS B 104 6.70 -10.97 -8.13
N PHE B 105 6.82 -9.95 -7.31
CA PHE B 105 8.12 -9.35 -7.02
C PHE B 105 8.58 -9.79 -5.64
N LYS B 106 7.69 -10.51 -4.98
CA LYS B 106 7.88 -11.00 -3.62
C LYS B 106 9.24 -11.63 -3.35
N ARG B 107 9.74 -11.33 -2.16
CA ARG B 107 10.98 -11.86 -1.63
C ARG B 107 10.60 -12.69 -0.41
N LYS B 108 9.60 -13.53 -0.63
CA LYS B 108 9.01 -14.39 0.39
C LYS B 108 10.03 -15.08 1.30
N ALA B 109 10.24 -14.48 2.45
CA ALA B 109 11.14 -15.03 3.46
C ALA B 109 10.39 -15.07 4.78
N ASN B 110 9.10 -14.80 4.67
CA ASN B 110 8.18 -14.77 5.78
C ASN B 110 6.79 -14.44 5.25
N ALA A 5 16.02 16.08 32.74
CA ALA A 5 14.69 15.44 32.70
C ALA A 5 14.43 14.69 33.99
N HIS A 6 13.18 14.60 34.41
CA HIS A 6 12.82 13.91 35.63
C HIS A 6 11.66 12.96 35.40
N HIS A 7 11.69 11.81 36.05
CA HIS A 7 10.65 10.81 35.89
C HIS A 7 9.50 11.11 36.86
N LEU A 8 8.87 12.26 36.66
CA LEU A 8 7.74 12.67 37.49
C LEU A 8 6.51 11.86 37.12
N LYS A 9 6.23 11.81 35.83
CA LYS A 9 5.10 11.05 35.33
C LYS A 9 5.57 9.65 34.96
N ARG A 10 4.64 8.76 34.65
CA ARG A 10 5.01 7.39 34.29
C ARG A 10 5.45 7.34 32.83
N GLY A 11 6.56 8.01 32.56
CA GLY A 11 7.10 8.05 31.22
C GLY A 11 8.12 9.16 31.08
N ALA A 12 7.65 10.35 30.77
CA ALA A 12 8.53 11.50 30.61
C ALA A 12 8.15 12.61 31.58
N THR A 13 8.87 13.73 31.50
CA THR A 13 8.60 14.87 32.37
C THR A 13 7.40 15.66 31.88
N MET A 14 7.34 15.88 30.58
CA MET A 14 6.25 16.63 29.97
C MET A 14 5.53 15.76 28.97
N ASN A 15 4.20 15.79 29.02
CA ASN A 15 3.37 15.00 28.12
C ASN A 15 1.98 15.60 28.05
N GLU A 16 1.92 16.89 28.35
CA GLU A 16 0.66 17.62 28.39
C GLU A 16 0.31 18.18 27.01
N ASP A 17 -0.04 17.30 26.09
CA ASP A 17 -0.43 17.71 24.75
C ASP A 17 -1.51 16.79 24.20
N SER A 18 -2.44 17.40 23.48
CA SER A 18 -3.55 16.69 22.87
C SER A 18 -4.09 17.50 21.71
N ASN A 19 -3.21 18.27 21.07
CA ASN A 19 -3.60 19.13 19.96
C ASN A 19 -3.84 18.32 18.68
N GLU A 20 -3.00 17.31 18.45
CA GLU A 20 -3.11 16.46 17.26
C GLU A 20 -2.05 15.36 17.34
N GLU A 21 -1.36 15.16 16.21
CA GLU A 21 -0.31 14.15 16.09
C GLU A 21 -0.87 12.74 16.10
N GLU A 22 -1.25 12.23 17.25
CA GLU A 22 -1.75 10.88 17.33
C GLU A 22 -3.26 10.79 17.54
N GLU A 23 -3.88 10.16 16.57
CA GLU A 23 -5.31 9.90 16.54
C GLU A 23 -5.61 9.05 15.30
N GLU A 24 -4.54 8.49 14.75
CA GLU A 24 -4.63 7.67 13.55
C GLU A 24 -4.88 6.21 13.96
N SER A 25 -5.70 6.04 15.00
CA SER A 25 -6.03 4.73 15.54
C SER A 25 -6.65 3.82 14.49
N GLU A 26 -6.14 2.60 14.42
CA GLU A 26 -6.62 1.60 13.48
C GLU A 26 -6.79 0.26 14.15
N ASN A 27 -5.86 -0.68 13.90
CA ASN A 27 -5.93 -2.03 14.45
C ASN A 27 -7.26 -2.67 14.04
N ASP A 28 -7.78 -2.18 12.93
CA ASP A 28 -9.04 -2.60 12.36
C ASP A 28 -8.94 -2.47 10.87
N TRP A 29 -8.19 -3.38 10.32
CA TRP A 29 -7.97 -3.43 8.90
C TRP A 29 -8.37 -4.81 8.38
N GLU A 30 -9.04 -4.84 7.25
CA GLU A 30 -9.40 -6.09 6.62
C GLU A 30 -8.09 -6.56 6.03
N GLU A 31 -7.44 -7.44 6.75
CA GLU A 31 -6.13 -7.87 6.37
C GLU A 31 -6.08 -8.66 5.08
N VAL A 32 -5.48 -8.01 4.10
CA VAL A 32 -5.24 -8.55 2.78
C VAL A 32 -3.92 -9.27 2.76
N GLU A 33 -3.90 -10.37 2.07
CA GLU A 33 -2.70 -11.16 2.00
C GLU A 33 -2.19 -11.35 0.58
N GLU A 34 -0.89 -11.57 0.44
CA GLU A 34 -0.25 -11.80 -0.86
C GLU A 34 -1.09 -12.76 -1.70
N LEU A 35 -1.57 -12.28 -2.84
CA LEU A 35 -2.41 -13.09 -3.70
C LEU A 35 -1.71 -13.43 -5.00
N SER A 36 -1.64 -14.72 -5.28
CA SER A 36 -1.00 -15.21 -6.49
C SER A 36 -2.01 -15.96 -7.34
N GLU A 37 -1.78 -15.96 -8.64
CA GLU A 37 -2.65 -16.65 -9.59
C GLU A 37 -2.83 -18.12 -9.19
N PRO A 38 -4.07 -18.52 -8.88
CA PRO A 38 -4.37 -19.89 -8.47
C PRO A 38 -4.33 -20.87 -9.64
N VAL A 39 -3.25 -21.63 -9.70
CA VAL A 39 -3.07 -22.62 -10.76
C VAL A 39 -2.61 -23.94 -10.16
N LEU A 40 -3.12 -25.03 -10.69
CA LEU A 40 -2.77 -26.37 -10.20
C LEU A 40 -2.52 -27.30 -11.37
N GLY A 41 -2.12 -26.74 -12.50
CA GLY A 41 -1.86 -27.53 -13.67
C GLY A 41 -1.88 -26.69 -14.93
N ASP A 42 -1.64 -27.34 -16.06
CA ASP A 42 -1.63 -26.64 -17.35
C ASP A 42 -2.97 -26.83 -18.06
N VAL A 43 -3.77 -25.75 -18.08
CA VAL A 43 -5.07 -25.81 -18.72
C VAL A 43 -5.73 -24.42 -18.76
N ARG A 44 -6.30 -24.06 -19.91
CA ARG A 44 -6.98 -22.77 -20.08
C ARG A 44 -8.28 -22.98 -20.83
N GLU A 45 -8.16 -23.60 -21.99
CA GLU A 45 -9.30 -23.89 -22.86
C GLU A 45 -10.25 -24.88 -22.21
N SER A 46 -9.69 -26.00 -21.76
CA SER A 46 -10.47 -27.06 -21.13
C SER A 46 -11.02 -26.63 -19.75
N THR A 47 -10.72 -25.41 -19.36
CA THR A 47 -11.21 -24.89 -18.08
C THR A 47 -12.53 -24.15 -18.30
N ALA A 48 -12.88 -23.95 -19.57
CA ALA A 48 -14.10 -23.26 -19.95
C ALA A 48 -15.15 -24.24 -20.43
N PHE A 49 -14.99 -24.69 -21.68
CA PHE A 49 -15.91 -25.65 -22.27
C PHE A 49 -15.73 -27.01 -21.60
N SER A 50 -14.71 -27.07 -20.74
CA SER A 50 -14.39 -28.27 -19.99
C SER A 50 -13.80 -29.36 -20.89
N ARG A 51 -14.58 -29.88 -21.81
CA ARG A 51 -14.10 -30.90 -22.72
C ARG A 51 -14.89 -30.93 -24.02
N SER A 52 -14.15 -30.79 -25.11
CA SER A 52 -14.71 -30.80 -26.44
C SER A 52 -13.63 -31.31 -27.39
N MET B 3 14.53 4.99 -13.95
CA MET B 3 15.85 5.64 -13.73
C MET B 3 16.51 5.06 -12.48
N ALA B 4 15.85 5.18 -11.34
CA ALA B 4 16.37 4.65 -10.09
C ALA B 4 16.12 3.15 -10.07
N THR B 5 14.95 2.77 -10.53
CA THR B 5 14.57 1.37 -10.61
C THR B 5 14.70 0.90 -12.06
N SER B 6 14.54 -0.40 -12.27
CA SER B 6 14.65 -1.00 -13.59
C SER B 6 13.78 -0.30 -14.63
N SER B 7 12.48 -0.29 -14.39
CA SER B 7 11.54 0.33 -15.30
C SER B 7 10.98 1.62 -14.71
N GLU B 8 10.66 1.57 -13.41
CA GLU B 8 10.10 2.72 -12.70
C GLU B 8 8.73 3.07 -13.28
N GLU B 9 8.04 2.05 -13.76
CA GLU B 9 6.73 2.22 -14.37
C GLU B 9 5.66 2.40 -13.30
N VAL B 10 5.20 3.63 -13.14
CA VAL B 10 4.17 3.95 -12.16
C VAL B 10 2.80 3.53 -12.71
N LEU B 11 2.37 2.35 -12.31
CA LEU B 11 1.10 1.79 -12.74
C LEU B 11 -0.08 2.57 -12.17
N LEU B 12 -0.02 2.88 -10.90
CA LEU B 12 -1.10 3.59 -10.24
C LEU B 12 -0.62 4.83 -9.50
N ILE B 13 -1.34 5.94 -9.67
CA ILE B 13 -1.01 7.18 -8.99
C ILE B 13 -2.15 7.56 -8.06
N VAL B 14 -1.91 7.42 -6.78
CA VAL B 14 -2.89 7.72 -5.76
C VAL B 14 -2.66 9.13 -5.22
N LYS B 15 -3.74 9.83 -4.93
CA LYS B 15 -3.64 11.19 -4.43
C LYS B 15 -3.86 11.25 -2.92
N LYS B 16 -3.73 12.47 -2.38
CA LYS B 16 -3.86 12.77 -0.94
C LYS B 16 -3.79 11.56 -0.01
N VAL B 17 -2.62 10.95 0.03
CA VAL B 17 -2.35 9.83 0.91
C VAL B 17 -1.55 10.39 2.07
N ARG B 18 -1.98 10.14 3.29
CA ARG B 18 -1.29 10.69 4.43
C ARG B 18 -0.76 9.61 5.37
N GLN B 19 0.51 9.69 5.67
CA GLN B 19 1.12 8.78 6.61
C GLN B 19 1.38 9.56 7.88
N LYS B 20 0.55 9.34 8.89
CA LYS B 20 0.66 10.06 10.16
C LYS B 20 0.31 11.53 9.95
N LYS B 21 -0.74 11.74 9.16
CA LYS B 21 -1.26 13.08 8.83
C LYS B 21 -0.38 13.83 7.84
N GLN B 22 0.64 13.18 7.32
CA GLN B 22 1.54 13.81 6.36
C GLN B 22 1.01 13.64 4.95
N ASP B 23 0.70 14.76 4.28
CA ASP B 23 0.14 14.72 2.93
C ASP B 23 1.13 14.12 1.93
N GLY B 24 0.58 13.44 0.93
CA GLY B 24 1.41 12.86 -0.10
C GLY B 24 0.60 12.15 -1.15
N ALA B 25 1.30 11.61 -2.13
CA ALA B 25 0.68 10.85 -3.19
C ALA B 25 1.34 9.49 -3.24
N LEU B 26 0.58 8.46 -3.53
CA LEU B 26 1.11 7.12 -3.54
C LEU B 26 1.35 6.68 -4.99
N TYR B 27 2.61 6.51 -5.35
CA TYR B 27 2.99 6.10 -6.69
C TYR B 27 3.30 4.61 -6.75
N LEU B 28 2.33 3.85 -7.22
CA LEU B 28 2.46 2.41 -7.35
C LEU B 28 3.20 2.05 -8.62
N MET B 29 4.47 1.70 -8.49
CA MET B 29 5.25 1.31 -9.65
C MET B 29 5.16 -0.21 -9.79
N ALA B 30 5.86 -0.75 -10.76
CA ALA B 30 5.83 -2.18 -10.99
C ALA B 30 6.72 -2.93 -10.00
N GLU B 31 7.96 -2.47 -9.86
CA GLU B 31 8.93 -3.12 -8.99
C GLU B 31 8.84 -2.63 -7.53
N ARG B 32 8.38 -1.41 -7.32
CA ARG B 32 8.30 -0.87 -5.96
C ARG B 32 7.14 0.11 -5.79
N ILE B 33 6.71 0.25 -4.55
CA ILE B 33 5.66 1.18 -4.20
C ILE B 33 6.30 2.37 -3.48
N ALA B 34 6.13 3.55 -4.03
CA ALA B 34 6.72 4.74 -3.44
C ALA B 34 5.69 5.79 -3.11
N TRP B 35 5.97 6.60 -2.12
CA TRP B 35 5.07 7.65 -1.70
C TRP B 35 5.86 8.94 -1.47
N ALA B 36 5.29 10.05 -1.92
CA ALA B 36 5.92 11.35 -1.77
C ALA B 36 4.87 12.42 -1.49
N PRO B 37 5.16 13.38 -0.60
CA PRO B 37 4.25 14.46 -0.24
C PRO B 37 3.58 15.12 -1.47
N GLU B 38 2.30 15.45 -1.33
CA GLU B 38 1.53 16.03 -2.41
C GLU B 38 2.04 17.42 -2.78
N GLY B 39 2.54 17.53 -4.01
CA GLY B 39 3.06 18.80 -4.47
C GLY B 39 4.55 18.92 -4.26
N LYS B 40 5.16 17.86 -3.74
CA LYS B 40 6.59 17.85 -3.49
C LYS B 40 7.27 16.83 -4.40
N ASP B 41 8.50 17.13 -4.82
CA ASP B 41 9.25 16.26 -5.71
C ASP B 41 10.17 15.31 -4.95
N ARG B 42 10.04 15.29 -3.64
CA ARG B 42 10.90 14.45 -2.83
C ARG B 42 10.15 13.23 -2.28
N PHE B 43 10.59 12.06 -2.71
CA PHE B 43 9.99 10.79 -2.26
C PHE B 43 10.56 10.42 -0.90
N THR B 44 9.69 10.28 0.09
CA THR B 44 10.13 9.94 1.43
C THR B 44 9.86 8.47 1.76
N ILE B 45 9.03 7.82 0.93
CA ILE B 45 8.69 6.43 1.14
C ILE B 45 8.94 5.60 -0.12
N SER B 46 9.67 4.50 0.03
CA SER B 46 9.96 3.61 -1.08
C SER B 46 10.09 2.16 -0.59
N HIS B 47 9.07 1.35 -0.87
CA HIS B 47 9.08 -0.04 -0.46
C HIS B 47 9.05 -0.95 -1.67
N MET B 48 9.92 -1.94 -1.68
CA MET B 48 9.96 -2.88 -2.78
C MET B 48 8.91 -3.95 -2.56
N TYR B 49 8.24 -4.35 -3.63
CA TYR B 49 7.22 -5.40 -3.53
C TYR B 49 7.82 -6.65 -2.91
N ALA B 50 9.10 -6.87 -3.23
CA ALA B 50 9.87 -8.00 -2.73
C ALA B 50 10.14 -7.93 -1.22
N ASP B 51 9.71 -6.86 -0.57
CA ASP B 51 9.93 -6.69 0.87
C ASP B 51 8.63 -6.64 1.64
N ILE B 52 7.51 -6.58 0.92
CA ILE B 52 6.22 -6.56 1.55
C ILE B 52 5.66 -7.96 1.59
N LYS B 53 5.11 -8.36 2.73
CA LYS B 53 4.57 -9.69 2.85
C LYS B 53 3.05 -9.70 2.93
N CYS B 54 2.49 -8.66 3.54
CA CYS B 54 1.06 -8.59 3.75
C CYS B 54 0.58 -7.14 3.68
N GLN B 55 -0.73 -6.95 3.57
CA GLN B 55 -1.28 -5.60 3.51
C GLN B 55 -2.72 -5.57 4.00
N LYS B 56 -3.02 -4.73 4.95
CA LYS B 56 -4.38 -4.67 5.46
C LYS B 56 -5.03 -3.35 5.09
N ILE B 57 -6.36 -3.31 5.16
CA ILE B 57 -7.09 -2.11 4.77
C ILE B 57 -8.14 -1.73 5.83
N SER B 58 -8.14 -0.50 6.32
CA SER B 58 -9.12 -0.11 7.32
C SER B 58 -10.43 0.17 6.62
N PRO B 59 -11.43 -0.70 6.90
CA PRO B 59 -12.79 -0.66 6.31
C PRO B 59 -13.56 0.62 6.60
N GLU B 60 -14.64 0.79 5.86
CA GLU B 60 -15.52 1.94 6.00
C GLU B 60 -16.18 1.93 7.38
N GLY B 61 -16.58 3.10 7.83
CA GLY B 61 -17.20 3.22 9.13
C GLY B 61 -16.27 3.90 10.10
N LYS B 62 -15.08 4.24 9.60
CA LYS B 62 -14.08 4.92 10.38
C LYS B 62 -14.00 6.36 9.92
N ALA B 63 -13.12 7.13 10.52
CA ALA B 63 -12.96 8.53 10.14
C ALA B 63 -12.02 8.66 8.96
N LYS B 64 -11.42 7.54 8.55
CA LYS B 64 -10.48 7.56 7.45
C LYS B 64 -10.27 6.15 6.87
N ILE B 65 -10.46 6.05 5.56
CA ILE B 65 -10.24 4.81 4.83
C ILE B 65 -8.74 4.67 4.63
N GLN B 66 -8.15 3.54 5.03
CA GLN B 66 -6.69 3.42 4.93
C GLN B 66 -6.21 2.04 4.51
N LEU B 67 -4.90 1.97 4.24
CA LEU B 67 -4.19 0.76 3.86
C LEU B 67 -2.89 0.61 4.66
N GLN B 68 -2.76 -0.44 5.48
CA GLN B 68 -1.53 -0.63 6.25
C GLN B 68 -0.69 -1.73 5.61
N LEU B 69 0.57 -1.43 5.34
CA LEU B 69 1.47 -2.40 4.73
C LEU B 69 2.23 -3.15 5.80
N VAL B 70 2.35 -4.46 5.62
CA VAL B 70 3.07 -5.30 6.54
C VAL B 70 4.25 -5.93 5.82
N LEU B 71 5.44 -5.41 6.07
CA LEU B 71 6.63 -5.92 5.43
C LEU B 71 7.15 -7.13 6.18
N HIS B 72 7.67 -8.11 5.46
CA HIS B 72 8.19 -9.32 6.08
C HIS B 72 9.55 -9.07 6.72
N ALA B 73 9.96 -7.81 6.72
CA ALA B 73 11.22 -7.41 7.30
C ALA B 73 10.99 -6.85 8.70
N GLY B 74 9.73 -6.80 9.12
CA GLY B 74 9.39 -6.28 10.42
C GLY B 74 9.04 -4.81 10.37
N ASP B 75 8.41 -4.40 9.28
CA ASP B 75 8.02 -3.01 9.09
C ASP B 75 6.54 -2.93 8.72
N THR B 76 5.92 -1.79 9.02
CA THR B 76 4.52 -1.58 8.71
C THR B 76 4.29 -0.13 8.28
N THR B 77 3.60 0.05 7.17
CA THR B 77 3.33 1.38 6.64
C THR B 77 1.83 1.68 6.61
N ASN B 78 1.39 2.59 7.47
CA ASN B 78 -0.02 2.95 7.53
C ASN B 78 -0.31 4.11 6.59
N PHE B 79 -1.06 3.84 5.53
CA PHE B 79 -1.40 4.87 4.55
C PHE B 79 -2.86 5.30 4.67
N HIS B 80 -3.05 6.53 5.13
CA HIS B 80 -4.37 7.11 5.30
C HIS B 80 -4.81 7.79 4.00
N PHE B 81 -5.86 7.28 3.38
CA PHE B 81 -6.36 7.86 2.14
C PHE B 81 -7.27 9.04 2.44
N SER B 82 -6.70 10.23 2.33
CA SER B 82 -7.44 11.44 2.62
C SER B 82 -7.89 12.15 1.34
N ASN B 83 -7.89 11.41 0.23
CA ASN B 83 -8.31 11.99 -1.04
C ASN B 83 -9.81 11.87 -1.18
N GLU B 84 -10.50 12.93 -0.80
CA GLU B 84 -11.95 13.00 -0.85
C GLU B 84 -12.53 12.54 -2.19
N SER B 85 -11.78 12.76 -3.26
CA SER B 85 -12.21 12.39 -4.59
C SER B 85 -12.31 10.86 -4.79
N THR B 86 -11.22 10.15 -4.56
CA THR B 86 -11.22 8.70 -4.78
C THR B 86 -10.59 7.88 -3.65
N ALA B 87 -10.65 8.38 -2.41
CA ALA B 87 -10.05 7.69 -1.25
C ALA B 87 -10.39 6.19 -1.20
N VAL B 88 -11.65 5.89 -0.97
CA VAL B 88 -12.11 4.50 -0.89
C VAL B 88 -11.79 3.71 -2.15
N LYS B 89 -12.06 4.33 -3.29
CA LYS B 89 -11.85 3.70 -4.59
C LYS B 89 -10.37 3.35 -4.82
N GLU B 90 -9.49 4.31 -4.55
CA GLU B 90 -8.06 4.11 -4.74
C GLU B 90 -7.54 3.10 -3.73
N ARG B 91 -8.06 3.17 -2.51
CA ARG B 91 -7.66 2.27 -1.43
C ARG B 91 -7.78 0.80 -1.86
N ASP B 92 -8.90 0.46 -2.49
CA ASP B 92 -9.12 -0.91 -2.95
C ASP B 92 -8.38 -1.23 -4.22
N ALA B 93 -8.14 -0.21 -5.05
CA ALA B 93 -7.42 -0.43 -6.30
C ALA B 93 -5.97 -0.71 -5.98
N VAL B 94 -5.47 0.03 -5.00
CA VAL B 94 -4.11 -0.13 -4.52
C VAL B 94 -3.99 -1.51 -3.89
N LYS B 95 -4.99 -1.85 -3.08
CA LYS B 95 -5.05 -3.14 -2.41
C LYS B 95 -4.89 -4.27 -3.40
N ASP B 96 -5.79 -4.30 -4.37
CA ASP B 96 -5.77 -5.34 -5.40
C ASP B 96 -4.47 -5.35 -6.17
N LEU B 97 -4.09 -4.22 -6.74
CA LEU B 97 -2.86 -4.12 -7.51
C LEU B 97 -1.66 -4.61 -6.70
N LEU B 98 -1.57 -4.15 -5.47
CA LEU B 98 -0.49 -4.54 -4.58
C LEU B 98 -0.49 -6.03 -4.28
N GLN B 99 -1.58 -6.54 -3.73
CA GLN B 99 -1.64 -7.96 -3.36
C GLN B 99 -1.48 -8.88 -4.56
N GLN B 100 -1.74 -8.38 -5.75
CA GLN B 100 -1.59 -9.19 -6.96
C GLN B 100 -0.12 -9.24 -7.40
N LEU B 101 0.53 -8.09 -7.37
CA LEU B 101 1.93 -8.00 -7.81
C LEU B 101 2.91 -8.38 -6.69
N LEU B 102 2.46 -8.19 -5.45
CA LEU B 102 3.28 -8.48 -4.26
C LEU B 102 4.01 -9.81 -4.31
N PRO B 103 3.29 -10.95 -4.36
CA PRO B 103 3.92 -12.27 -4.34
C PRO B 103 4.72 -12.59 -5.61
N LYS B 104 4.63 -11.72 -6.61
CA LYS B 104 5.36 -11.90 -7.84
C LYS B 104 6.79 -11.40 -7.66
N PHE B 105 6.92 -10.31 -6.92
CA PHE B 105 8.23 -9.71 -6.66
C PHE B 105 8.77 -10.17 -5.31
N LYS B 106 7.86 -10.32 -4.35
CA LYS B 106 8.22 -10.76 -3.01
C LYS B 106 8.81 -12.16 -3.03
N ARG B 107 10.11 -12.25 -2.78
CA ARG B 107 10.79 -13.52 -2.77
C ARG B 107 11.85 -13.53 -1.66
N LYS B 108 11.49 -14.09 -0.52
CA LYS B 108 12.40 -14.16 0.62
C LYS B 108 12.37 -15.55 1.23
N ALA B 109 11.22 -15.91 1.78
CA ALA B 109 11.05 -17.23 2.40
C ALA B 109 9.82 -17.90 1.83
N ASN B 110 9.36 -17.35 0.71
CA ASN B 110 8.17 -17.83 0.01
C ASN B 110 7.96 -16.96 -1.22
N ALA A 5 -24.23 19.95 9.24
CA ALA A 5 -22.96 20.14 8.49
C ALA A 5 -22.22 18.82 8.37
N HIS A 6 -21.23 18.78 7.51
CA HIS A 6 -20.44 17.57 7.30
C HIS A 6 -18.97 17.86 7.52
N HIS A 7 -18.19 16.81 7.75
CA HIS A 7 -16.75 16.96 7.97
C HIS A 7 -16.04 17.14 6.64
N LEU A 8 -16.03 18.38 6.14
CA LEU A 8 -15.38 18.69 4.87
C LEU A 8 -13.86 18.65 5.00
N LYS A 9 -13.39 18.62 6.24
CA LYS A 9 -11.95 18.58 6.51
C LYS A 9 -11.46 17.15 6.37
N ARG A 10 -10.34 16.98 5.66
CA ARG A 10 -9.78 15.65 5.45
C ARG A 10 -8.66 15.38 6.44
N GLY A 11 -9.05 14.99 7.65
CA GLY A 11 -8.09 14.70 8.69
C GLY A 11 -8.76 14.30 9.98
N ALA A 12 -8.93 15.27 10.87
CA ALA A 12 -9.55 15.04 12.16
C ALA A 12 -9.91 16.36 12.82
N THR A 13 -10.25 16.33 14.10
CA THR A 13 -10.59 17.54 14.82
C THR A 13 -10.13 17.46 16.27
N MET A 14 -8.88 17.83 16.50
CA MET A 14 -8.29 17.85 17.83
C MET A 14 -7.69 19.23 18.05
N ASN A 15 -6.82 19.60 17.13
CA ASN A 15 -6.15 20.89 17.14
C ASN A 15 -6.73 21.72 15.98
N GLU A 16 -5.88 22.25 15.10
CA GLU A 16 -6.37 23.01 13.94
C GLU A 16 -7.18 22.07 13.06
N ASP A 17 -6.80 20.82 13.15
CA ASP A 17 -7.42 19.71 12.44
C ASP A 17 -6.78 18.42 12.90
N SER A 18 -5.66 18.06 12.27
CA SER A 18 -4.95 16.85 12.62
C SER A 18 -3.44 17.04 12.39
N ASN A 19 -2.71 17.25 13.48
CA ASN A 19 -1.26 17.44 13.41
C ASN A 19 -0.58 16.58 14.46
N GLU A 20 -1.24 15.49 14.82
CA GLU A 20 -0.72 14.56 15.81
C GLU A 20 -0.41 13.21 15.17
N GLU A 21 -0.87 12.12 15.79
CA GLU A 21 -0.61 10.78 15.26
C GLU A 21 -1.63 9.78 15.80
N GLU A 22 -2.83 10.25 16.14
CA GLU A 22 -3.85 9.38 16.70
C GLU A 22 -5.03 9.18 15.74
N GLU A 23 -5.91 8.26 16.13
CA GLU A 23 -7.15 7.89 15.41
C GLU A 23 -7.00 7.74 13.89
N GLU A 24 -5.83 7.35 13.40
CA GLU A 24 -5.66 7.18 11.97
C GLU A 24 -5.52 5.71 11.63
N SER A 25 -6.28 4.88 12.36
CA SER A 25 -6.31 3.43 12.17
C SER A 25 -4.95 2.79 12.43
N GLU A 26 -4.92 1.83 13.33
CA GLU A 26 -3.67 1.18 13.70
C GLU A 26 -3.84 -0.33 13.76
N ASN A 27 -4.80 -0.76 14.55
CA ASN A 27 -5.09 -2.17 14.72
C ASN A 27 -6.52 -2.45 14.30
N ASP A 28 -6.90 -1.93 13.15
CA ASP A 28 -8.25 -2.07 12.64
C ASP A 28 -8.28 -2.01 11.13
N TRP A 29 -7.81 -3.07 10.52
CA TRP A 29 -7.77 -3.18 9.08
C TRP A 29 -8.18 -4.58 8.65
N GLU A 30 -8.89 -4.67 7.54
CA GLU A 30 -9.25 -5.96 6.97
C GLU A 30 -7.96 -6.43 6.34
N GLU A 31 -7.27 -7.30 7.05
CA GLU A 31 -5.97 -7.73 6.62
C GLU A 31 -5.95 -8.54 5.33
N VAL A 32 -5.39 -7.90 4.32
CA VAL A 32 -5.20 -8.46 3.00
C VAL A 32 -3.87 -9.17 2.92
N GLU A 33 -3.86 -10.27 2.25
CA GLU A 33 -2.64 -11.05 2.11
C GLU A 33 -2.26 -11.21 0.64
N GLU A 34 -0.97 -11.40 0.37
CA GLU A 34 -0.46 -11.58 -0.99
C GLU A 34 -1.34 -12.52 -1.80
N LEU A 35 -1.73 -12.09 -2.99
CA LEU A 35 -2.62 -12.85 -3.85
C LEU A 35 -1.99 -13.13 -5.21
N SER A 36 -2.09 -14.38 -5.64
CA SER A 36 -1.55 -14.79 -6.93
C SER A 36 -2.69 -15.24 -7.84
N GLU A 37 -2.50 -15.05 -9.14
CA GLU A 37 -3.48 -15.45 -10.13
C GLU A 37 -3.72 -16.96 -10.13
N PRO A 38 -4.96 -17.38 -9.82
CA PRO A 38 -5.32 -18.78 -9.80
C PRO A 38 -5.57 -19.31 -11.21
N VAL A 39 -4.58 -19.99 -11.75
CA VAL A 39 -4.69 -20.55 -13.09
C VAL A 39 -4.49 -22.06 -13.06
N LEU A 40 -5.20 -22.75 -13.93
CA LEU A 40 -5.12 -24.20 -14.00
C LEU A 40 -5.14 -24.64 -15.46
N GLY A 41 -4.59 -25.81 -15.72
CA GLY A 41 -4.55 -26.33 -17.08
C GLY A 41 -4.08 -27.77 -17.11
N ASP A 42 -3.89 -28.30 -18.31
CA ASP A 42 -3.43 -29.67 -18.47
C ASP A 42 -1.93 -29.75 -18.26
N VAL A 43 -1.54 -30.09 -17.03
CA VAL A 43 -0.12 -30.20 -16.67
C VAL A 43 0.18 -31.60 -16.15
N ARG A 44 1.43 -31.83 -15.77
CA ARG A 44 1.84 -33.14 -15.26
C ARG A 44 2.49 -33.00 -13.89
N GLU A 45 3.48 -32.13 -13.82
CA GLU A 45 4.24 -31.88 -12.60
C GLU A 45 3.36 -31.26 -11.51
N SER A 46 2.57 -30.25 -11.87
CA SER A 46 1.71 -29.56 -10.91
C SER A 46 0.58 -30.47 -10.43
N THR A 47 0.18 -31.41 -11.29
CA THR A 47 -0.89 -32.34 -10.95
C THR A 47 -0.38 -33.44 -10.02
N ALA A 48 0.94 -33.61 -9.99
CA ALA A 48 1.54 -34.62 -9.14
C ALA A 48 1.98 -34.02 -7.83
N PHE A 49 2.85 -32.99 -7.92
CA PHE A 49 3.46 -32.26 -6.79
C PHE A 49 4.17 -33.21 -5.79
N SER A 50 3.43 -34.14 -5.23
CA SER A 50 3.95 -35.11 -4.31
C SER A 50 3.01 -36.32 -4.30
N ARG A 51 2.00 -36.28 -3.45
CA ARG A 51 1.02 -37.34 -3.36
C ARG A 51 -0.10 -36.98 -2.39
N SER A 52 -1.29 -36.92 -2.93
CA SER A 52 -2.49 -36.61 -2.17
C SER A 52 -3.68 -37.22 -2.89
N MET B 3 9.05 7.06 -16.37
CA MET B 3 8.77 7.74 -17.66
C MET B 3 9.03 6.81 -18.83
N ALA B 4 7.96 6.12 -19.27
CA ALA B 4 8.01 5.19 -20.40
C ALA B 4 8.74 3.89 -20.02
N THR B 5 10.03 4.00 -19.75
CA THR B 5 10.83 2.84 -19.36
C THR B 5 11.96 3.26 -18.42
N SER B 6 11.67 3.26 -17.14
CA SER B 6 12.66 3.62 -16.14
C SER B 6 12.39 2.87 -14.86
N SER B 7 13.36 2.84 -13.96
CA SER B 7 13.20 2.16 -12.68
C SER B 7 12.41 3.03 -11.70
N GLU B 8 11.27 3.52 -12.18
CA GLU B 8 10.39 4.37 -11.42
C GLU B 8 9.10 4.55 -12.22
N GLU B 9 8.62 3.45 -12.79
CA GLU B 9 7.41 3.49 -13.60
C GLU B 9 6.18 3.33 -12.72
N VAL B 10 5.49 4.44 -12.50
CA VAL B 10 4.29 4.43 -11.68
C VAL B 10 3.08 3.92 -12.46
N LEU B 11 2.58 2.78 -12.04
CA LEU B 11 1.42 2.16 -12.67
C LEU B 11 0.14 2.79 -12.13
N LEU B 12 0.11 3.02 -10.82
CA LEU B 12 -1.06 3.60 -10.18
C LEU B 12 -0.69 4.86 -9.41
N ILE B 13 -1.30 5.97 -9.77
CA ILE B 13 -1.04 7.25 -9.11
C ILE B 13 -2.20 7.62 -8.20
N VAL B 14 -1.96 7.53 -6.90
CA VAL B 14 -2.97 7.88 -5.91
C VAL B 14 -2.64 9.23 -5.31
N LYS B 15 -3.66 10.06 -5.15
CA LYS B 15 -3.47 11.40 -4.59
C LYS B 15 -3.79 11.46 -3.11
N LYS B 16 -3.69 12.68 -2.57
CA LYS B 16 -3.93 13.00 -1.16
C LYS B 16 -3.93 11.81 -0.21
N VAL B 17 -2.74 11.32 0.12
CA VAL B 17 -2.58 10.21 1.05
C VAL B 17 -1.78 10.67 2.25
N ARG B 18 -2.35 10.58 3.43
CA ARG B 18 -1.68 11.01 4.63
C ARG B 18 -1.20 9.82 5.43
N GLN B 19 0.08 9.76 5.74
CA GLN B 19 0.60 8.66 6.52
C GLN B 19 0.89 9.15 7.93
N LYS B 20 0.00 8.81 8.85
CA LYS B 20 0.11 9.21 10.25
C LYS B 20 0.07 10.74 10.36
N LYS B 21 -0.93 11.32 9.69
CA LYS B 21 -1.18 12.76 9.67
C LYS B 21 -0.18 13.53 8.80
N GLN B 22 0.59 12.83 7.99
CA GLN B 22 1.58 13.48 7.13
C GLN B 22 1.05 13.56 5.70
N ASP B 23 1.03 14.75 5.11
CA ASP B 23 0.51 14.94 3.76
C ASP B 23 1.38 14.23 2.72
N GLY B 24 0.74 13.57 1.77
CA GLY B 24 1.47 12.90 0.72
C GLY B 24 0.58 12.37 -0.36
N ALA B 25 1.17 11.57 -1.22
CA ALA B 25 0.49 10.92 -2.31
C ALA B 25 1.09 9.54 -2.47
N LEU B 26 0.28 8.55 -2.77
CA LEU B 26 0.76 7.19 -2.87
C LEU B 26 0.91 6.79 -4.34
N TYR B 27 2.13 6.42 -4.72
CA TYR B 27 2.41 6.01 -6.09
C TYR B 27 2.83 4.55 -6.16
N LEU B 28 2.16 3.79 -7.00
CA LEU B 28 2.45 2.38 -7.18
C LEU B 28 3.28 2.16 -8.43
N MET B 29 4.56 1.88 -8.25
CA MET B 29 5.45 1.66 -9.39
C MET B 29 5.41 0.19 -9.80
N ALA B 30 6.20 -0.15 -10.79
CA ALA B 30 6.26 -1.52 -11.30
C ALA B 30 7.30 -2.34 -10.54
N GLU B 31 8.02 -1.70 -9.64
CA GLU B 31 9.06 -2.37 -8.87
C GLU B 31 8.77 -2.30 -7.38
N ARG B 32 8.37 -1.12 -6.94
CA ARG B 32 8.08 -0.90 -5.54
C ARG B 32 7.02 0.16 -5.36
N ILE B 33 6.51 0.24 -4.14
CA ILE B 33 5.50 1.23 -3.80
C ILE B 33 6.21 2.43 -3.20
N ALA B 34 5.86 3.63 -3.64
CA ALA B 34 6.51 4.82 -3.12
C ALA B 34 5.49 5.89 -2.75
N TRP B 35 5.78 6.58 -1.68
CA TRP B 35 4.91 7.63 -1.19
C TRP B 35 5.72 8.91 -1.06
N ALA B 36 5.12 10.01 -1.50
CA ALA B 36 5.77 11.30 -1.44
C ALA B 36 4.75 12.36 -1.08
N PRO B 37 5.13 13.36 -0.27
CA PRO B 37 4.22 14.44 0.14
C PRO B 37 3.46 15.05 -1.05
N GLU B 38 2.21 15.43 -0.82
CA GLU B 38 1.36 15.98 -1.88
C GLU B 38 1.91 17.31 -2.40
N GLY B 39 2.09 17.37 -3.71
CA GLY B 39 2.62 18.56 -4.33
C GLY B 39 4.12 18.46 -4.53
N LYS B 40 4.70 17.35 -4.08
CA LYS B 40 6.13 17.12 -4.19
C LYS B 40 6.38 15.96 -5.16
N ASP B 41 7.47 16.04 -5.91
CA ASP B 41 7.80 15.00 -6.89
C ASP B 41 8.80 13.99 -6.35
N ARG B 42 9.30 14.21 -5.15
CA ARG B 42 10.31 13.33 -4.61
C ARG B 42 9.75 12.41 -3.54
N PHE B 43 9.72 11.13 -3.88
CA PHE B 43 9.25 10.10 -2.97
C PHE B 43 10.28 9.93 -1.87
N THR B 44 9.85 10.13 -0.64
CA THR B 44 10.74 10.05 0.50
C THR B 44 10.66 8.68 1.15
N ILE B 45 9.61 7.93 0.82
CA ILE B 45 9.42 6.59 1.36
C ILE B 45 9.11 5.63 0.23
N SER B 46 9.89 4.56 0.11
CA SER B 46 9.69 3.59 -0.94
C SER B 46 9.92 2.16 -0.41
N HIS B 47 8.99 1.26 -0.70
CA HIS B 47 9.10 -0.13 -0.24
C HIS B 47 9.01 -1.09 -1.41
N MET B 48 10.04 -1.91 -1.56
CA MET B 48 10.07 -2.89 -2.64
C MET B 48 8.99 -3.94 -2.42
N TYR B 49 8.30 -4.33 -3.49
CA TYR B 49 7.25 -5.34 -3.36
C TYR B 49 7.85 -6.63 -2.80
N ALA B 50 9.12 -6.85 -3.14
CA ALA B 50 9.88 -8.01 -2.67
C ALA B 50 10.16 -7.94 -1.16
N ASP B 51 9.76 -6.86 -0.50
CA ASP B 51 9.99 -6.70 0.93
C ASP B 51 8.67 -6.63 1.70
N ILE B 52 7.58 -6.49 0.98
CA ILE B 52 6.28 -6.44 1.63
C ILE B 52 5.72 -7.85 1.71
N LYS B 53 5.15 -8.18 2.86
CA LYS B 53 4.61 -9.52 3.03
C LYS B 53 3.09 -9.50 3.14
N CYS B 54 2.54 -8.45 3.71
CA CYS B 54 1.10 -8.37 3.92
C CYS B 54 0.61 -6.94 3.80
N GLN B 55 -0.70 -6.77 3.69
CA GLN B 55 -1.28 -5.43 3.58
C GLN B 55 -2.71 -5.42 4.10
N LYS B 56 -3.01 -4.54 5.02
CA LYS B 56 -4.35 -4.49 5.56
C LYS B 56 -5.03 -3.19 5.16
N ILE B 57 -6.36 -3.16 5.26
CA ILE B 57 -7.13 -1.99 4.87
C ILE B 57 -8.12 -1.55 5.94
N SER B 58 -8.16 -0.28 6.30
CA SER B 58 -9.10 0.18 7.30
C SER B 58 -10.45 0.33 6.63
N PRO B 59 -11.41 -0.51 7.07
CA PRO B 59 -12.78 -0.57 6.52
C PRO B 59 -13.66 0.61 6.88
N GLU B 60 -14.80 0.68 6.19
CA GLU B 60 -15.79 1.72 6.40
C GLU B 60 -16.28 1.70 7.84
N GLY B 61 -16.76 2.84 8.28
CA GLY B 61 -17.21 2.97 9.65
C GLY B 61 -16.23 3.83 10.39
N LYS B 62 -15.06 3.95 9.78
CA LYS B 62 -13.98 4.76 10.31
C LYS B 62 -14.05 6.11 9.63
N ALA B 63 -13.38 7.10 10.18
CA ALA B 63 -13.39 8.43 9.61
C ALA B 63 -12.44 8.53 8.42
N LYS B 64 -11.69 7.45 8.17
CA LYS B 64 -10.73 7.43 7.08
C LYS B 64 -10.60 6.05 6.47
N ILE B 65 -10.63 6.00 5.14
CA ILE B 65 -10.44 4.76 4.39
C ILE B 65 -8.94 4.62 4.16
N GLN B 66 -8.31 3.57 4.70
CA GLN B 66 -6.85 3.47 4.61
C GLN B 66 -6.31 2.08 4.31
N LEU B 67 -4.99 2.04 4.06
CA LEU B 67 -4.24 0.82 3.76
C LEU B 67 -2.94 0.77 4.56
N GLN B 68 -2.73 -0.29 5.36
CA GLN B 68 -1.49 -0.44 6.12
C GLN B 68 -0.65 -1.55 5.51
N LEU B 69 0.63 -1.27 5.30
CA LEU B 69 1.54 -2.25 4.73
C LEU B 69 2.30 -2.99 5.81
N VAL B 70 2.41 -4.30 5.66
CA VAL B 70 3.15 -5.13 6.60
C VAL B 70 4.32 -5.77 5.89
N LEU B 71 5.51 -5.29 6.15
CA LEU B 71 6.70 -5.81 5.51
C LEU B 71 7.21 -7.02 6.28
N HIS B 72 7.74 -8.01 5.57
CA HIS B 72 8.26 -9.21 6.21
C HIS B 72 9.63 -8.95 6.85
N ALA B 73 10.03 -7.70 6.83
CA ALA B 73 11.30 -7.28 7.42
C ALA B 73 11.08 -6.70 8.81
N GLY B 74 9.82 -6.66 9.22
CA GLY B 74 9.47 -6.13 10.52
C GLY B 74 9.12 -4.66 10.46
N ASP B 75 8.49 -4.26 9.36
CA ASP B 75 8.10 -2.87 9.16
C ASP B 75 6.61 -2.79 8.78
N THR B 76 5.99 -1.66 9.08
CA THR B 76 4.59 -1.45 8.77
C THR B 76 4.37 0.01 8.35
N THR B 77 3.68 0.22 7.24
CA THR B 77 3.44 1.56 6.75
C THR B 77 1.95 1.86 6.63
N ASN B 78 1.47 2.85 7.38
CA ASN B 78 0.07 3.23 7.35
C ASN B 78 -0.18 4.32 6.31
N PHE B 79 -1.17 4.10 5.44
CA PHE B 79 -1.50 5.08 4.41
C PHE B 79 -2.98 5.44 4.43
N HIS B 80 -3.28 6.66 4.86
CA HIS B 80 -4.65 7.15 4.92
C HIS B 80 -5.01 7.83 3.61
N PHE B 81 -6.05 7.33 2.95
CA PHE B 81 -6.49 7.90 1.69
C PHE B 81 -7.42 9.08 1.94
N SER B 82 -6.83 10.26 2.08
CA SER B 82 -7.57 11.47 2.34
C SER B 82 -8.02 12.13 1.04
N ASN B 83 -7.92 11.39 -0.05
CA ASN B 83 -8.31 11.89 -1.36
C ASN B 83 -9.82 11.77 -1.50
N GLU B 84 -10.52 12.84 -1.14
CA GLU B 84 -11.99 12.87 -1.17
C GLU B 84 -12.57 12.50 -2.54
N SER B 85 -11.76 12.62 -3.58
CA SER B 85 -12.20 12.31 -4.93
C SER B 85 -12.39 10.80 -5.15
N THR B 86 -11.35 10.01 -4.89
CA THR B 86 -11.44 8.57 -5.13
C THR B 86 -10.89 7.72 -3.97
N ALA B 87 -10.81 8.30 -2.77
CA ALA B 87 -10.28 7.61 -1.56
C ALA B 87 -10.57 6.12 -1.51
N VAL B 88 -11.83 5.76 -1.30
CA VAL B 88 -12.25 4.36 -1.21
C VAL B 88 -11.84 3.56 -2.45
N LYS B 89 -12.10 4.14 -3.61
CA LYS B 89 -11.80 3.49 -4.88
C LYS B 89 -10.29 3.23 -5.04
N GLU B 90 -9.48 4.23 -4.70
CA GLU B 90 -8.03 4.11 -4.78
C GLU B 90 -7.53 3.09 -3.77
N ARG B 91 -8.10 3.13 -2.57
CA ARG B 91 -7.73 2.23 -1.49
C ARG B 91 -7.79 0.77 -1.93
N ASP B 92 -8.90 0.38 -2.54
CA ASP B 92 -9.06 -1.00 -2.99
C ASP B 92 -8.29 -1.31 -4.26
N ALA B 93 -8.06 -0.29 -5.09
CA ALA B 93 -7.32 -0.50 -6.32
C ALA B 93 -5.86 -0.75 -5.97
N VAL B 94 -5.39 0.02 -4.99
CA VAL B 94 -4.04 -0.11 -4.50
C VAL B 94 -3.91 -1.47 -3.83
N LYS B 95 -4.92 -1.82 -3.04
CA LYS B 95 -4.97 -3.09 -2.33
C LYS B 95 -4.76 -4.23 -3.30
N ASP B 96 -5.63 -4.30 -4.29
CA ASP B 96 -5.58 -5.35 -5.31
C ASP B 96 -4.25 -5.38 -6.04
N LEU B 97 -3.89 -4.26 -6.66
CA LEU B 97 -2.62 -4.18 -7.40
C LEU B 97 -1.45 -4.61 -6.54
N LEU B 98 -1.41 -4.13 -5.31
CA LEU B 98 -0.33 -4.45 -4.38
C LEU B 98 -0.30 -5.94 -4.05
N GLN B 99 -1.43 -6.49 -3.60
CA GLN B 99 -1.48 -7.89 -3.22
C GLN B 99 -1.28 -8.80 -4.41
N GLN B 100 -1.57 -8.30 -5.61
CA GLN B 100 -1.39 -9.09 -6.82
C GLN B 100 0.09 -9.17 -7.18
N LEU B 101 0.83 -8.08 -6.93
CA LEU B 101 2.24 -8.02 -7.25
C LEU B 101 3.10 -8.56 -6.10
N LEU B 102 2.56 -8.52 -4.89
CA LEU B 102 3.25 -8.99 -3.69
C LEU B 102 3.92 -10.36 -3.84
N PRO B 103 3.17 -11.42 -4.19
CA PRO B 103 3.76 -12.75 -4.31
C PRO B 103 4.55 -12.93 -5.61
N LYS B 104 4.43 -11.96 -6.50
CA LYS B 104 5.16 -12.00 -7.76
C LYS B 104 6.60 -11.57 -7.51
N PHE B 105 6.74 -10.51 -6.73
CA PHE B 105 8.04 -9.96 -6.38
C PHE B 105 8.62 -10.63 -5.16
N LYS B 106 7.91 -11.64 -4.65
CA LYS B 106 8.38 -12.37 -3.49
C LYS B 106 9.66 -13.15 -3.84
N ARG B 107 10.80 -12.61 -3.42
CA ARG B 107 12.07 -13.24 -3.69
C ARG B 107 12.78 -13.58 -2.38
N LYS B 108 14.12 -13.59 -2.42
CA LYS B 108 14.97 -13.89 -1.26
C LYS B 108 15.01 -15.39 -1.01
N ALA B 109 13.84 -16.01 -1.00
CA ALA B 109 13.74 -17.44 -0.82
C ALA B 109 13.35 -18.08 -2.15
N ASN B 110 13.48 -17.26 -3.17
CA ASN B 110 13.17 -17.63 -4.55
C ASN B 110 13.54 -16.46 -5.45
N ALA A 5 24.71 13.24 17.53
CA ALA A 5 23.35 13.40 16.96
C ALA A 5 23.33 12.87 15.53
N HIS A 6 22.12 12.55 15.04
CA HIS A 6 21.94 12.05 13.68
C HIS A 6 22.73 10.75 13.46
N HIS A 7 22.79 9.92 14.48
CA HIS A 7 23.52 8.65 14.40
C HIS A 7 22.82 7.70 13.44
N LEU A 8 21.54 7.48 13.67
CA LEU A 8 20.77 6.59 12.82
C LEU A 8 20.30 7.34 11.56
N LYS A 9 19.66 6.62 10.65
CA LYS A 9 19.16 7.22 9.42
C LYS A 9 17.70 6.88 9.24
N ARG A 10 16.94 7.79 8.64
CA ARG A 10 15.51 7.55 8.45
C ARG A 10 15.23 6.98 7.06
N GLY A 11 15.50 5.70 6.91
CA GLY A 11 15.24 5.03 5.66
C GLY A 11 13.93 4.27 5.73
N ALA A 12 12.91 4.77 5.05
CA ALA A 12 11.59 4.16 5.06
C ALA A 12 11.06 4.08 6.49
N THR A 13 10.30 3.04 6.80
CA THR A 13 9.76 2.86 8.13
C THR A 13 10.54 1.77 8.87
N MET A 14 10.12 1.48 10.10
CA MET A 14 10.74 0.45 10.93
C MET A 14 9.98 0.37 12.25
N ASN A 15 8.66 0.29 12.14
CA ASN A 15 7.80 0.26 13.31
C ASN A 15 7.40 -1.16 13.68
N GLU A 16 6.68 -1.27 14.79
CA GLU A 16 6.21 -2.54 15.31
C GLU A 16 4.82 -2.87 14.75
N ASP A 17 4.09 -3.71 15.47
CA ASP A 17 2.75 -4.10 15.07
C ASP A 17 1.75 -2.98 15.35
N SER A 18 1.77 -2.46 16.56
CA SER A 18 0.88 -1.37 16.96
C SER A 18 1.48 -0.04 16.49
N ASN A 19 1.10 0.36 15.29
CA ASN A 19 1.60 1.60 14.69
C ASN A 19 0.63 2.76 14.87
N GLU A 20 -0.02 2.81 16.03
CA GLU A 20 -0.97 3.89 16.33
C GLU A 20 -0.29 5.25 16.32
N GLU A 21 0.54 5.50 17.34
CA GLU A 21 1.26 6.77 17.51
C GLU A 21 0.30 7.91 17.83
N GLU A 22 -0.52 8.28 16.86
CA GLU A 22 -1.49 9.35 17.01
C GLU A 22 -2.85 8.85 16.52
N GLU A 23 -3.82 9.75 16.40
CA GLU A 23 -5.14 9.34 15.94
C GLU A 23 -5.14 9.17 14.42
N GLU A 24 -4.99 7.93 13.99
CA GLU A 24 -5.02 7.62 12.57
C GLU A 24 -5.84 6.35 12.37
N SER A 25 -6.76 6.13 13.33
CA SER A 25 -7.66 4.97 13.34
C SER A 25 -6.99 3.70 12.82
N GLU A 26 -6.15 3.10 13.65
CA GLU A 26 -5.42 1.90 13.29
C GLU A 26 -6.08 0.65 13.87
N ASN A 27 -5.27 -0.40 14.06
CA ASN A 27 -5.69 -1.69 14.64
C ASN A 27 -7.04 -2.18 14.12
N ASP A 28 -7.28 -1.97 12.84
CA ASP A 28 -8.53 -2.39 12.21
C ASP A 28 -8.44 -2.25 10.72
N TRP A 29 -7.81 -3.22 10.12
CA TRP A 29 -7.62 -3.26 8.70
C TRP A 29 -8.02 -4.63 8.18
N GLU A 30 -8.69 -4.65 7.03
CA GLU A 30 -9.04 -5.89 6.39
C GLU A 30 -7.73 -6.36 5.81
N GLU A 31 -7.07 -7.26 6.51
CA GLU A 31 -5.76 -7.70 6.13
C GLU A 31 -5.73 -8.49 4.83
N VAL A 32 -5.11 -7.82 3.86
CA VAL A 32 -4.92 -8.32 2.52
C VAL A 32 -3.64 -9.16 2.40
N GLU A 33 -3.73 -10.23 1.65
CA GLU A 33 -2.61 -11.16 1.48
C GLU A 33 -2.10 -11.25 0.06
N GLU A 34 -0.84 -11.65 -0.07
CA GLU A 34 -0.22 -11.84 -1.38
C GLU A 34 -1.13 -12.74 -2.23
N LEU A 35 -1.76 -12.13 -3.22
CA LEU A 35 -2.72 -12.82 -4.06
C LEU A 35 -2.10 -13.24 -5.39
N SER A 36 -2.32 -14.49 -5.75
CA SER A 36 -1.80 -15.03 -6.99
C SER A 36 -2.94 -15.53 -7.86
N GLU A 37 -2.68 -15.61 -9.16
CA GLU A 37 -3.67 -16.06 -10.13
C GLU A 37 -4.01 -17.54 -9.92
N PRO A 38 -5.31 -17.86 -9.87
CA PRO A 38 -5.79 -19.23 -9.68
C PRO A 38 -5.77 -20.03 -10.97
N VAL A 39 -5.20 -19.43 -11.98
CA VAL A 39 -5.07 -20.04 -13.29
C VAL A 39 -3.61 -20.12 -13.69
N LEU A 40 -3.24 -21.25 -14.27
CA LEU A 40 -1.85 -21.45 -14.68
C LEU A 40 -1.75 -21.58 -16.19
N GLY A 41 -1.66 -20.43 -16.85
CA GLY A 41 -1.56 -20.42 -18.29
C GLY A 41 -2.90 -20.32 -18.98
N ASP A 42 -3.96 -20.65 -18.25
CA ASP A 42 -5.31 -20.61 -18.79
C ASP A 42 -5.83 -19.18 -18.81
N VAL A 43 -5.48 -18.46 -19.87
CA VAL A 43 -5.90 -17.08 -20.04
C VAL A 43 -6.30 -16.82 -21.49
N ARG A 44 -7.07 -17.75 -22.06
CA ARG A 44 -7.52 -17.66 -23.45
C ARG A 44 -8.20 -16.32 -23.73
N GLU A 45 -9.34 -16.11 -23.09
CA GLU A 45 -10.09 -14.86 -23.25
C GLU A 45 -9.96 -14.04 -21.97
N SER A 46 -9.81 -14.75 -20.86
CA SER A 46 -9.67 -14.14 -19.56
C SER A 46 -8.20 -13.87 -19.26
N THR A 47 -7.55 -13.17 -20.18
CA THR A 47 -6.15 -12.82 -20.00
C THR A 47 -6.06 -11.80 -18.87
N ALA A 48 -5.92 -12.33 -17.66
CA ALA A 48 -5.87 -11.55 -16.44
C ALA A 48 -4.91 -10.36 -16.52
N PHE A 49 -5.49 -9.20 -16.77
CA PHE A 49 -4.75 -7.95 -16.85
C PHE A 49 -4.69 -7.35 -15.44
N SER A 50 -5.65 -7.77 -14.64
CA SER A 50 -5.81 -7.35 -13.26
C SER A 50 -7.03 -8.06 -12.68
N ARG A 51 -8.20 -7.48 -12.96
CA ARG A 51 -9.48 -8.01 -12.52
C ARG A 51 -10.58 -7.09 -13.00
N SER A 52 -10.20 -5.86 -13.15
CA SER A 52 -11.06 -4.78 -13.60
C SER A 52 -10.16 -3.59 -13.95
N MET B 3 14.37 6.66 -10.81
CA MET B 3 15.46 6.07 -10.01
C MET B 3 16.09 4.91 -10.76
N ALA B 4 15.42 3.76 -10.72
CA ALA B 4 15.88 2.58 -11.41
C ALA B 4 14.85 2.21 -12.46
N THR B 5 15.00 2.78 -13.65
CA THR B 5 14.05 2.55 -14.73
C THR B 5 14.20 1.18 -15.37
N SER B 6 13.98 0.16 -14.56
CA SER B 6 14.02 -1.21 -15.01
C SER B 6 12.58 -1.71 -15.10
N SER B 7 11.83 -1.38 -14.06
CA SER B 7 10.41 -1.72 -13.95
C SER B 7 9.76 -0.86 -12.87
N GLU B 8 10.13 0.42 -12.79
CA GLU B 8 9.58 1.30 -11.77
C GLU B 8 8.40 2.10 -12.34
N GLU B 9 7.78 1.54 -13.36
CA GLU B 9 6.63 2.15 -14.01
C GLU B 9 5.52 2.42 -12.99
N VAL B 10 5.15 3.68 -12.86
CA VAL B 10 4.09 4.07 -11.95
C VAL B 10 2.75 3.66 -12.55
N LEU B 11 2.35 2.46 -12.21
CA LEU B 11 1.11 1.87 -12.68
C LEU B 11 -0.11 2.58 -12.12
N LEU B 12 -0.10 2.83 -10.82
CA LEU B 12 -1.21 3.49 -10.16
C LEU B 12 -0.79 4.77 -9.44
N ILE B 13 -1.46 5.87 -9.78
CA ILE B 13 -1.18 7.14 -9.15
C ILE B 13 -2.32 7.53 -8.22
N VAL B 14 -2.06 7.47 -6.93
CA VAL B 14 -3.05 7.81 -5.94
C VAL B 14 -2.79 9.22 -5.40
N LYS B 15 -3.84 9.98 -5.24
CA LYS B 15 -3.73 11.34 -4.75
C LYS B 15 -4.01 11.43 -3.25
N LYS B 16 -3.98 12.66 -2.75
CA LYS B 16 -4.18 13.01 -1.33
C LYS B 16 -4.03 11.83 -0.36
N VAL B 17 -2.79 11.44 -0.09
CA VAL B 17 -2.48 10.36 0.83
C VAL B 17 -1.72 10.92 2.02
N ARG B 18 -2.19 10.66 3.23
CA ARG B 18 -1.55 11.16 4.42
C ARG B 18 -0.94 10.03 5.23
N GLN B 19 0.37 10.08 5.44
CA GLN B 19 1.00 9.07 6.26
C GLN B 19 1.33 9.71 7.59
N LYS B 20 0.52 9.38 8.60
CA LYS B 20 0.68 9.93 9.93
C LYS B 20 0.54 11.46 9.90
N LYS B 21 -0.52 11.91 9.24
CA LYS B 21 -0.87 13.33 9.10
C LYS B 21 0.04 14.07 8.10
N GLN B 22 0.86 13.34 7.35
CA GLN B 22 1.75 13.97 6.38
C GLN B 22 1.16 13.87 4.98
N ASP B 23 1.05 15.00 4.30
CA ASP B 23 0.50 15.05 2.95
C ASP B 23 1.43 14.41 1.94
N GLY B 24 0.85 13.77 0.93
CA GLY B 24 1.64 13.14 -0.10
C GLY B 24 0.79 12.39 -1.10
N ALA B 25 1.45 11.85 -2.10
CA ALA B 25 0.78 11.08 -3.13
C ALA B 25 1.37 9.69 -3.16
N LEU B 26 0.54 8.70 -3.42
CA LEU B 26 0.99 7.33 -3.44
C LEU B 26 1.17 6.85 -4.88
N TYR B 27 2.40 6.55 -5.26
CA TYR B 27 2.70 6.12 -6.61
C TYR B 27 3.07 4.64 -6.64
N LEU B 28 2.15 3.83 -7.13
CA LEU B 28 2.34 2.39 -7.23
C LEU B 28 3.14 2.03 -8.46
N MET B 29 4.41 1.71 -8.27
CA MET B 29 5.26 1.31 -9.36
C MET B 29 5.29 -0.22 -9.43
N ALA B 30 5.71 -0.76 -10.56
CA ALA B 30 5.76 -2.21 -10.71
C ALA B 30 6.76 -2.83 -9.74
N GLU B 31 7.96 -2.25 -9.68
CA GLU B 31 9.03 -2.74 -8.81
C GLU B 31 8.74 -2.48 -7.33
N ARG B 32 8.29 -1.28 -7.02
CA ARG B 32 8.07 -0.91 -5.64
C ARG B 32 6.96 0.12 -5.47
N ILE B 33 6.49 0.25 -4.24
CA ILE B 33 5.47 1.22 -3.92
C ILE B 33 6.14 2.43 -3.29
N ALA B 34 5.95 3.59 -3.89
CA ALA B 34 6.58 4.79 -3.39
C ALA B 34 5.57 5.88 -3.07
N TRP B 35 5.89 6.68 -2.09
CA TRP B 35 5.03 7.75 -1.66
C TRP B 35 5.87 9.01 -1.48
N ALA B 36 5.36 10.13 -1.99
CA ALA B 36 6.05 11.40 -1.89
C ALA B 36 5.06 12.50 -1.58
N PRO B 37 5.42 13.42 -0.66
CA PRO B 37 4.55 14.53 -0.27
C PRO B 37 4.09 15.36 -1.47
N GLU B 38 2.84 15.84 -1.41
CA GLU B 38 2.27 16.63 -2.49
C GLU B 38 3.01 17.96 -2.64
N GLY B 39 3.57 18.17 -3.82
CA GLY B 39 4.30 19.39 -4.08
C GLY B 39 5.77 19.26 -3.74
N LYS B 40 6.18 18.05 -3.39
CA LYS B 40 7.56 17.79 -3.03
C LYS B 40 8.20 16.90 -4.08
N ASP B 41 9.42 17.23 -4.48
CA ASP B 41 10.15 16.50 -5.52
C ASP B 41 10.87 15.28 -4.98
N ARG B 42 10.97 15.16 -3.66
CA ARG B 42 11.69 14.04 -3.06
C ARG B 42 10.75 13.01 -2.44
N PHE B 43 10.95 11.75 -2.81
CA PHE B 43 10.17 10.64 -2.29
C PHE B 43 10.71 10.25 -0.92
N THR B 44 9.85 10.22 0.08
CA THR B 44 10.26 9.87 1.43
C THR B 44 9.96 8.41 1.75
N ILE B 45 9.10 7.80 0.94
CA ILE B 45 8.72 6.40 1.17
C ILE B 45 8.87 5.57 -0.10
N SER B 46 9.63 4.49 -0.02
CA SER B 46 9.83 3.60 -1.14
C SER B 46 10.02 2.17 -0.62
N HIS B 47 9.04 1.31 -0.86
CA HIS B 47 9.11 -0.08 -0.39
C HIS B 47 9.03 -1.05 -1.56
N MET B 48 10.07 -1.86 -1.71
CA MET B 48 10.11 -2.85 -2.77
C MET B 48 9.09 -3.93 -2.48
N TYR B 49 8.33 -4.33 -3.49
CA TYR B 49 7.31 -5.37 -3.32
C TYR B 49 7.94 -6.63 -2.74
N ALA B 50 9.21 -6.84 -3.08
CA ALA B 50 9.98 -8.00 -2.62
C ALA B 50 10.06 -8.13 -1.09
N ASP B 51 9.75 -7.06 -0.36
CA ASP B 51 9.82 -7.10 1.10
C ASP B 51 8.46 -6.93 1.75
N ILE B 52 7.45 -6.60 0.96
CA ILE B 52 6.12 -6.45 1.51
C ILE B 52 5.42 -7.79 1.44
N LYS B 53 5.16 -8.37 2.60
CA LYS B 53 4.54 -9.67 2.65
C LYS B 53 3.04 -9.59 2.44
N CYS B 54 2.46 -8.50 2.90
CA CYS B 54 1.03 -8.30 2.80
C CYS B 54 0.69 -6.84 3.07
N GLN B 55 -0.59 -6.55 3.05
CA GLN B 55 -1.07 -5.21 3.28
C GLN B 55 -2.43 -5.29 3.93
N LYS B 56 -2.81 -4.32 4.69
CA LYS B 56 -4.13 -4.35 5.29
C LYS B 56 -4.81 -3.02 5.00
N ILE B 57 -6.13 -3.03 4.94
CA ILE B 57 -6.88 -1.83 4.60
C ILE B 57 -7.90 -1.47 5.69
N SER B 58 -7.92 -0.22 6.13
CA SER B 58 -8.86 0.16 7.18
C SER B 58 -10.23 0.40 6.57
N PRO B 59 -11.17 -0.49 6.92
CA PRO B 59 -12.56 -0.46 6.42
C PRO B 59 -13.36 0.74 6.90
N GLU B 60 -14.52 0.93 6.28
CA GLU B 60 -15.42 2.01 6.62
C GLU B 60 -15.86 1.92 8.07
N GLY B 61 -16.26 3.05 8.63
CA GLY B 61 -16.67 3.10 10.01
C GLY B 61 -15.72 3.93 10.83
N LYS B 62 -14.55 4.18 10.26
CA LYS B 62 -13.53 4.99 10.92
C LYS B 62 -13.67 6.43 10.43
N ALA B 63 -12.71 7.26 10.78
CA ALA B 63 -12.73 8.65 10.36
C ALA B 63 -12.02 8.80 9.02
N LYS B 64 -11.45 7.70 8.54
CA LYS B 64 -10.72 7.72 7.29
C LYS B 64 -10.48 6.31 6.75
N ILE B 65 -10.47 6.19 5.43
CA ILE B 65 -10.22 4.93 4.76
C ILE B 65 -8.72 4.85 4.49
N GLN B 66 -8.06 3.78 4.93
CA GLN B 66 -6.60 3.72 4.79
C GLN B 66 -6.05 2.34 4.40
N LEU B 67 -4.75 2.34 4.11
CA LEU B 67 -4.01 1.14 3.73
C LEU B 67 -2.72 1.02 4.56
N GLN B 68 -2.57 -0.06 5.33
CA GLN B 68 -1.34 -0.27 6.11
C GLN B 68 -0.50 -1.35 5.43
N LEU B 69 0.77 -1.10 5.24
CA LEU B 69 1.66 -2.07 4.61
C LEU B 69 2.34 -2.92 5.67
N VAL B 70 2.35 -4.23 5.45
CA VAL B 70 2.98 -5.15 6.39
C VAL B 70 4.15 -5.85 5.70
N LEU B 71 5.35 -5.41 6.02
CA LEU B 71 6.54 -6.00 5.43
C LEU B 71 6.93 -7.24 6.21
N HIS B 72 7.46 -8.25 5.52
CA HIS B 72 7.86 -9.49 6.19
C HIS B 72 9.18 -9.29 6.93
N ALA B 73 9.65 -8.06 6.96
CA ALA B 73 10.88 -7.70 7.65
C ALA B 73 10.54 -7.21 9.06
N GLY B 74 9.23 -7.07 9.32
CA GLY B 74 8.78 -6.61 10.61
C GLY B 74 8.52 -5.11 10.62
N ASP B 75 8.01 -4.59 9.51
CA ASP B 75 7.72 -3.17 9.38
C ASP B 75 6.30 -2.94 8.88
N THR B 76 5.70 -1.83 9.28
CA THR B 76 4.35 -1.48 8.87
C THR B 76 4.25 -0.01 8.46
N THR B 77 3.58 0.26 7.34
CA THR B 77 3.44 1.63 6.85
C THR B 77 1.97 2.03 6.72
N ASN B 78 1.55 3.06 7.45
CA ASN B 78 0.15 3.53 7.42
C ASN B 78 -0.05 4.55 6.30
N PHE B 79 -1.03 4.31 5.44
CA PHE B 79 -1.34 5.23 4.36
C PHE B 79 -2.82 5.63 4.42
N HIS B 80 -3.07 6.84 4.89
CA HIS B 80 -4.42 7.37 5.02
C HIS B 80 -4.86 8.05 3.72
N PHE B 81 -5.92 7.53 3.12
CA PHE B 81 -6.44 8.08 1.88
C PHE B 81 -7.35 9.26 2.19
N SER B 82 -6.80 10.46 2.13
CA SER B 82 -7.57 11.67 2.41
C SER B 82 -8.24 12.19 1.14
N ASN B 83 -8.26 11.35 0.10
CA ASN B 83 -8.88 11.73 -1.15
C ASN B 83 -10.37 11.49 -1.05
N GLU B 84 -11.10 12.52 -0.68
CA GLU B 84 -12.54 12.46 -0.48
C GLU B 84 -13.30 12.00 -1.74
N SER B 85 -12.63 12.00 -2.88
CA SER B 85 -13.28 11.61 -4.13
C SER B 85 -13.57 10.10 -4.17
N THR B 86 -12.53 9.27 -4.10
CA THR B 86 -12.72 7.82 -4.15
C THR B 86 -11.90 7.09 -3.10
N ALA B 87 -11.65 7.73 -1.95
CA ALA B 87 -10.85 7.15 -0.86
C ALA B 87 -11.10 5.64 -0.67
N VAL B 88 -12.36 5.27 -0.50
CA VAL B 88 -12.73 3.88 -0.29
C VAL B 88 -12.33 3.00 -1.47
N LYS B 89 -12.64 3.47 -2.68
CA LYS B 89 -12.36 2.71 -3.88
C LYS B 89 -10.87 2.72 -4.22
N GLU B 90 -10.18 3.80 -3.86
CA GLU B 90 -8.75 3.89 -4.09
C GLU B 90 -8.07 2.82 -3.25
N ARG B 91 -8.56 2.66 -2.02
CA ARG B 91 -8.03 1.65 -1.12
C ARG B 91 -8.19 0.27 -1.76
N ASP B 92 -9.32 0.08 -2.43
CA ASP B 92 -9.61 -1.17 -3.11
C ASP B 92 -8.69 -1.43 -4.29
N ALA B 93 -8.45 -0.40 -5.11
CA ALA B 93 -7.63 -0.56 -6.30
C ALA B 93 -6.19 -0.74 -5.92
N VAL B 94 -5.76 0.03 -4.95
CA VAL B 94 -4.39 -0.05 -4.47
C VAL B 94 -4.16 -1.43 -3.87
N LYS B 95 -5.13 -1.86 -3.08
CA LYS B 95 -5.10 -3.17 -2.44
C LYS B 95 -4.94 -4.28 -3.46
N ASP B 96 -5.86 -4.29 -4.41
CA ASP B 96 -5.89 -5.29 -5.47
C ASP B 96 -4.58 -5.31 -6.23
N LEU B 97 -4.20 -4.16 -6.76
CA LEU B 97 -2.96 -4.05 -7.52
C LEU B 97 -1.78 -4.54 -6.71
N LEU B 98 -1.68 -4.06 -5.48
CA LEU B 98 -0.60 -4.44 -4.59
C LEU B 98 -0.60 -5.93 -4.30
N GLN B 99 -1.74 -6.49 -3.87
CA GLN B 99 -1.78 -7.91 -3.55
C GLN B 99 -1.60 -8.78 -4.78
N GLN B 100 -1.86 -8.25 -5.95
CA GLN B 100 -1.69 -9.01 -7.18
C GLN B 100 -0.23 -9.02 -7.61
N LEU B 101 0.44 -7.88 -7.49
CA LEU B 101 1.83 -7.78 -7.89
C LEU B 101 2.80 -8.21 -6.79
N LEU B 102 2.40 -8.01 -5.54
CA LEU B 102 3.23 -8.35 -4.38
C LEU B 102 3.91 -9.71 -4.46
N PRO B 103 3.15 -10.82 -4.58
CA PRO B 103 3.75 -12.16 -4.61
C PRO B 103 4.64 -12.43 -5.81
N LYS B 104 4.67 -11.51 -6.76
CA LYS B 104 5.52 -11.66 -7.94
C LYS B 104 6.93 -11.19 -7.63
N PHE B 105 7.04 -10.32 -6.63
CA PHE B 105 8.33 -9.78 -6.23
C PHE B 105 8.69 -10.20 -4.82
N LYS B 106 7.70 -10.30 -3.95
CA LYS B 106 7.94 -10.67 -2.56
C LYS B 106 8.25 -12.15 -2.43
N ARG B 107 9.31 -12.44 -1.71
CA ARG B 107 9.76 -13.80 -1.46
C ARG B 107 11.01 -13.75 -0.59
N LYS B 108 10.83 -13.98 0.70
CA LYS B 108 11.95 -13.94 1.64
C LYS B 108 11.87 -15.13 2.58
N ALA B 109 11.00 -15.06 3.56
CA ALA B 109 10.80 -16.14 4.52
C ALA B 109 9.51 -16.85 4.17
N ASN B 110 9.00 -16.49 3.02
CA ASN B 110 7.76 -17.03 2.47
C ASN B 110 7.52 -16.41 1.11
N ALA A 5 -4.64 -3.95 30.63
CA ALA A 5 -4.86 -5.25 31.31
C ALA A 5 -4.33 -6.38 30.44
N HIS A 6 -4.96 -7.56 30.54
CA HIS A 6 -4.53 -8.72 29.75
C HIS A 6 -5.04 -8.63 28.32
N HIS A 7 -4.55 -7.64 27.59
CA HIS A 7 -4.94 -7.42 26.20
C HIS A 7 -3.87 -6.60 25.50
N LEU A 8 -2.65 -6.73 26.01
CA LEU A 8 -1.51 -6.00 25.48
C LEU A 8 -1.74 -4.49 25.63
N LYS A 9 -1.24 -3.70 24.69
CA LYS A 9 -1.43 -2.27 24.75
C LYS A 9 -2.60 -1.86 23.87
N ARG A 10 -3.48 -2.82 23.60
CA ARG A 10 -4.65 -2.59 22.77
C ARG A 10 -5.77 -1.93 23.56
N GLY A 11 -5.48 -0.75 24.09
CA GLY A 11 -6.47 0.00 24.84
C GLY A 11 -7.09 1.07 23.97
N ALA A 12 -6.49 1.25 22.81
CA ALA A 12 -6.93 2.23 21.83
C ALA A 12 -6.24 1.92 20.50
N THR A 13 -6.27 2.86 19.58
CA THR A 13 -5.64 2.67 18.28
C THR A 13 -4.13 2.75 18.43
N MET A 14 -3.49 1.61 18.68
CA MET A 14 -2.05 1.54 18.84
C MET A 14 -1.54 0.16 18.43
N ASN A 15 -0.24 0.03 18.23
CA ASN A 15 0.33 -1.25 17.80
C ASN A 15 1.54 -1.66 18.64
N GLU A 16 1.33 -1.79 19.96
CA GLU A 16 2.40 -2.17 20.89
C GLU A 16 3.59 -1.21 20.77
N ASP A 17 3.30 -0.03 20.30
CA ASP A 17 4.27 1.03 20.10
C ASP A 17 4.43 1.86 21.37
N SER A 18 5.14 2.97 21.26
CA SER A 18 5.32 3.85 22.39
C SER A 18 4.20 4.88 22.39
N ASN A 19 4.27 5.79 21.43
CA ASN A 19 3.28 6.84 21.26
C ASN A 19 3.29 7.27 19.79
N GLU A 20 3.44 6.28 18.93
CA GLU A 20 3.51 6.50 17.49
C GLU A 20 2.11 6.46 16.90
N GLU A 21 1.30 5.53 17.38
CA GLU A 21 -0.08 5.39 16.91
C GLU A 21 -0.96 6.29 17.77
N GLU A 22 -2.02 6.85 17.19
CA GLU A 22 -2.87 7.76 17.95
C GLU A 22 -4.32 7.81 17.45
N GLU A 23 -4.63 8.78 16.60
CA GLU A 23 -5.99 8.99 16.10
C GLU A 23 -6.21 8.38 14.72
N GLU A 24 -5.17 7.83 14.16
CA GLU A 24 -5.26 7.23 12.84
C GLU A 24 -5.66 5.76 12.97
N SER A 25 -5.85 5.08 11.84
CA SER A 25 -6.18 3.67 11.87
C SER A 25 -4.87 2.91 12.05
N GLU A 26 -4.83 1.99 13.01
CA GLU A 26 -3.59 1.30 13.30
C GLU A 26 -3.79 -0.21 13.49
N ASN A 27 -4.77 -0.59 14.29
CA ASN A 27 -5.05 -2.00 14.54
C ASN A 27 -6.47 -2.34 14.13
N ASP A 28 -6.82 -1.95 12.92
CA ASP A 28 -8.17 -2.14 12.42
C ASP A 28 -8.21 -2.13 10.91
N TRP A 29 -7.72 -3.20 10.31
CA TRP A 29 -7.67 -3.33 8.87
C TRP A 29 -8.05 -4.73 8.44
N GLU A 30 -8.76 -4.82 7.32
CA GLU A 30 -9.05 -6.11 6.73
C GLU A 30 -7.75 -6.52 6.09
N GLU A 31 -7.03 -7.38 6.77
CA GLU A 31 -5.72 -7.77 6.32
C GLU A 31 -5.69 -8.55 5.02
N VAL A 32 -5.15 -7.86 4.03
CA VAL A 32 -4.94 -8.35 2.68
C VAL A 32 -3.65 -9.16 2.58
N GLU A 33 -3.70 -10.24 1.83
CA GLU A 33 -2.55 -11.12 1.69
C GLU A 33 -2.01 -11.21 0.28
N GLU A 34 -0.72 -11.55 0.20
CA GLU A 34 -0.05 -11.74 -1.09
C GLU A 34 -0.92 -12.61 -1.99
N LEU A 35 -1.51 -11.99 -3.00
CA LEU A 35 -2.41 -12.68 -3.90
C LEU A 35 -1.73 -13.09 -5.19
N SER A 36 -1.85 -14.36 -5.50
CA SER A 36 -1.27 -14.92 -6.70
C SER A 36 -2.36 -15.41 -7.63
N GLU A 37 -2.01 -15.61 -8.90
CA GLU A 37 -2.94 -16.10 -9.92
C GLU A 37 -3.66 -17.36 -9.43
N PRO A 38 -4.97 -17.45 -9.69
CA PRO A 38 -5.79 -18.60 -9.28
C PRO A 38 -5.31 -19.92 -9.87
N VAL A 39 -4.67 -20.71 -9.03
CA VAL A 39 -4.16 -22.01 -9.43
C VAL A 39 -4.70 -23.08 -8.48
N LEU A 40 -5.01 -24.25 -9.02
CA LEU A 40 -5.54 -25.33 -8.22
C LEU A 40 -4.80 -26.62 -8.51
N GLY A 41 -4.32 -27.27 -7.45
CA GLY A 41 -3.60 -28.52 -7.60
C GLY A 41 -4.35 -29.67 -6.95
N ASP A 42 -5.65 -29.68 -7.14
CA ASP A 42 -6.50 -30.72 -6.55
C ASP A 42 -7.22 -31.49 -7.66
N VAL A 43 -7.47 -32.76 -7.41
CA VAL A 43 -8.15 -33.61 -8.36
C VAL A 43 -9.49 -34.06 -7.78
N ARG A 44 -10.40 -33.11 -7.65
CA ARG A 44 -11.72 -33.36 -7.08
C ARG A 44 -12.50 -34.40 -7.87
N GLU A 45 -12.32 -34.42 -9.18
CA GLU A 45 -13.02 -35.38 -10.03
C GLU A 45 -12.50 -36.80 -9.79
N SER A 46 -11.20 -36.94 -9.61
CA SER A 46 -10.60 -38.24 -9.35
C SER A 46 -10.87 -38.67 -7.91
N THR A 47 -10.99 -37.70 -7.02
CA THR A 47 -11.25 -37.98 -5.62
C THR A 47 -12.76 -37.98 -5.33
N ALA A 48 -13.55 -38.07 -6.40
CA ALA A 48 -15.01 -38.12 -6.26
C ALA A 48 -15.44 -39.57 -6.17
N PHE A 49 -14.45 -40.43 -5.99
CA PHE A 49 -14.65 -41.86 -5.85
C PHE A 49 -15.58 -42.15 -4.67
N SER A 50 -16.87 -42.22 -4.95
CA SER A 50 -17.86 -42.45 -3.93
C SER A 50 -17.75 -43.87 -3.34
N ARG A 51 -17.52 -44.84 -4.22
CA ARG A 51 -17.38 -46.24 -3.82
C ARG A 51 -16.92 -47.08 -5.00
N SER A 52 -16.67 -48.35 -4.73
CA SER A 52 -16.25 -49.28 -5.76
C SER A 52 -17.47 -50.10 -6.19
N MET B 3 10.20 5.43 -14.90
CA MET B 3 9.02 5.88 -15.68
C MET B 3 9.35 5.84 -17.16
N ALA B 4 8.64 4.97 -17.89
CA ALA B 4 8.83 4.80 -19.33
C ALA B 4 10.15 4.11 -19.59
N THR B 5 10.60 3.31 -18.63
CA THR B 5 11.85 2.58 -18.74
C THR B 5 11.74 1.21 -18.07
N SER B 6 12.42 1.07 -16.93
CA SER B 6 12.41 -0.17 -16.17
C SER B 6 12.80 0.13 -14.72
N SER B 7 12.58 1.37 -14.31
CA SER B 7 12.89 1.82 -12.97
C SER B 7 12.05 3.03 -12.61
N GLU B 8 11.37 2.95 -11.47
CA GLU B 8 10.50 4.03 -11.01
C GLU B 8 9.30 4.14 -11.95
N GLU B 9 8.69 3.00 -12.24
CA GLU B 9 7.54 2.97 -13.13
C GLU B 9 6.26 3.08 -12.31
N VAL B 10 5.65 4.24 -12.32
CA VAL B 10 4.44 4.47 -11.57
C VAL B 10 3.23 3.96 -12.32
N LEU B 11 2.74 2.80 -11.88
CA LEU B 11 1.58 2.16 -12.47
C LEU B 11 0.29 2.82 -12.01
N LEU B 12 0.22 3.09 -10.72
CA LEU B 12 -0.96 3.71 -10.13
C LEU B 12 -0.62 4.97 -9.35
N ILE B 13 -1.27 6.07 -9.69
CA ILE B 13 -1.04 7.33 -9.01
C ILE B 13 -2.22 7.65 -8.10
N VAL B 14 -1.99 7.54 -6.80
CA VAL B 14 -3.00 7.80 -5.80
C VAL B 14 -2.82 9.20 -5.24
N LYS B 15 -3.91 9.90 -5.00
CA LYS B 15 -3.85 11.25 -4.48
C LYS B 15 -4.11 11.32 -2.99
N LYS B 16 -4.05 12.57 -2.48
CA LYS B 16 -4.23 12.93 -1.07
C LYS B 16 -4.14 11.76 -0.09
N VAL B 17 -2.91 11.31 0.15
CA VAL B 17 -2.65 10.23 1.08
C VAL B 17 -1.85 10.79 2.25
N ARG B 18 -2.30 10.55 3.47
CA ARG B 18 -1.63 11.05 4.65
C ARG B 18 -1.05 9.93 5.50
N GLN B 19 0.20 10.05 5.86
CA GLN B 19 0.85 9.06 6.72
C GLN B 19 1.04 9.69 8.09
N LYS B 20 0.27 9.21 9.06
CA LYS B 20 0.35 9.73 10.42
C LYS B 20 0.01 11.23 10.41
N LYS B 21 -1.00 11.57 9.61
CA LYS B 21 -1.50 12.93 9.45
C LYS B 21 -0.63 13.81 8.53
N GLN B 22 0.31 13.20 7.81
CA GLN B 22 1.17 13.97 6.89
C GLN B 22 0.69 13.81 5.45
N ASP B 23 0.42 14.93 4.78
CA ASP B 23 -0.06 14.92 3.40
C ASP B 23 1.00 14.45 2.41
N GLY B 24 0.52 13.82 1.35
CA GLY B 24 1.39 13.34 0.31
C GLY B 24 0.64 12.61 -0.77
N ALA B 25 1.38 12.07 -1.73
CA ALA B 25 0.79 11.33 -2.83
C ALA B 25 1.37 9.94 -2.84
N LEU B 26 0.55 8.95 -3.15
CA LEU B 26 0.99 7.58 -3.17
C LEU B 26 1.21 7.13 -4.61
N TYR B 27 2.44 6.79 -4.95
CA TYR B 27 2.78 6.37 -6.29
C TYR B 27 3.11 4.88 -6.33
N LEU B 28 2.15 4.09 -6.80
CA LEU B 28 2.33 2.65 -6.92
C LEU B 28 3.17 2.33 -8.13
N MET B 29 4.40 1.94 -7.90
CA MET B 29 5.28 1.60 -9.01
C MET B 29 5.28 0.10 -9.22
N ALA B 30 6.10 -0.37 -10.14
CA ALA B 30 6.17 -1.78 -10.44
C ALA B 30 7.13 -2.49 -9.49
N GLU B 31 8.23 -1.83 -9.19
CA GLU B 31 9.25 -2.40 -8.32
C GLU B 31 8.94 -2.16 -6.86
N ARG B 32 8.38 -1.00 -6.54
CA ARG B 32 8.11 -0.65 -5.16
C ARG B 32 6.96 0.34 -5.03
N ILE B 33 6.42 0.42 -3.83
CA ILE B 33 5.36 1.36 -3.53
C ILE B 33 6.02 2.59 -2.91
N ALA B 34 5.82 3.75 -3.50
CA ALA B 34 6.44 4.96 -2.99
C ALA B 34 5.43 6.03 -2.64
N TRP B 35 5.72 6.75 -1.59
CA TRP B 35 4.87 7.84 -1.12
C TRP B 35 5.74 9.06 -0.85
N ALA B 36 5.22 10.24 -1.18
CA ALA B 36 5.96 11.47 -0.97
C ALA B 36 5.02 12.63 -0.65
N PRO B 37 5.37 13.48 0.34
CA PRO B 37 4.56 14.65 0.72
C PRO B 37 4.28 15.51 -0.51
N GLU B 38 3.01 15.82 -0.76
CA GLU B 38 2.61 16.56 -1.96
C GLU B 38 3.39 17.87 -2.15
N GLY B 39 3.61 18.22 -3.42
CA GLY B 39 4.35 19.41 -3.76
C GLY B 39 5.81 19.08 -4.00
N LYS B 40 6.09 17.79 -4.07
CA LYS B 40 7.43 17.28 -4.26
C LYS B 40 7.61 16.57 -5.60
N ASP B 41 8.84 16.15 -5.84
CA ASP B 41 9.19 15.37 -7.04
C ASP B 41 9.84 14.06 -6.58
N ARG B 42 10.38 14.07 -5.37
CA ARG B 42 11.05 12.90 -4.82
C ARG B 42 10.22 12.20 -3.78
N PHE B 43 10.21 10.88 -3.88
CA PHE B 43 9.47 10.03 -2.96
C PHE B 43 10.35 9.75 -1.75
N THR B 44 9.87 10.12 -0.57
CA THR B 44 10.63 9.95 0.65
C THR B 44 10.36 8.57 1.28
N ILE B 45 9.32 7.91 0.80
CA ILE B 45 8.95 6.59 1.28
C ILE B 45 8.92 5.62 0.10
N SER B 46 9.66 4.54 0.18
CA SER B 46 9.70 3.56 -0.90
C SER B 46 9.91 2.15 -0.36
N HIS B 47 8.91 1.30 -0.52
CA HIS B 47 8.98 -0.09 -0.07
C HIS B 47 8.87 -1.04 -1.23
N MET B 48 9.94 -1.79 -1.47
CA MET B 48 9.99 -2.75 -2.56
C MET B 48 8.98 -3.87 -2.35
N TYR B 49 8.23 -4.22 -3.40
CA TYR B 49 7.23 -5.29 -3.31
C TYR B 49 7.91 -6.55 -2.78
N ALA B 50 9.15 -6.74 -3.22
CA ALA B 50 9.98 -7.87 -2.81
C ALA B 50 10.10 -8.05 -1.29
N ASP B 51 9.84 -7.00 -0.51
CA ASP B 51 9.96 -7.10 0.93
C ASP B 51 8.62 -6.88 1.64
N ILE B 52 7.56 -6.72 0.87
CA ILE B 52 6.25 -6.56 1.47
C ILE B 52 5.56 -7.92 1.46
N LYS B 53 5.15 -8.38 2.61
CA LYS B 53 4.51 -9.67 2.70
C LYS B 53 3.00 -9.57 2.50
N CYS B 54 2.44 -8.47 2.98
CA CYS B 54 1.01 -8.27 2.88
C CYS B 54 0.66 -6.81 3.17
N GLN B 55 -0.62 -6.52 3.15
CA GLN B 55 -1.10 -5.18 3.42
C GLN B 55 -2.46 -5.29 4.04
N LYS B 56 -2.89 -4.30 4.79
CA LYS B 56 -4.19 -4.37 5.39
C LYS B 56 -4.94 -3.07 5.08
N ILE B 57 -6.25 -3.12 5.04
CA ILE B 57 -7.03 -1.95 4.68
C ILE B 57 -8.04 -1.57 5.76
N SER B 58 -8.10 -0.31 6.13
CA SER B 58 -9.07 0.12 7.13
C SER B 58 -10.41 0.28 6.44
N PRO B 59 -11.34 -0.63 6.80
CA PRO B 59 -12.69 -0.74 6.22
C PRO B 59 -13.63 0.40 6.58
N GLU B 60 -14.76 0.43 5.87
CA GLU B 60 -15.79 1.43 6.08
C GLU B 60 -16.28 1.37 7.52
N GLY B 61 -16.75 2.51 8.01
CA GLY B 61 -17.21 2.60 9.37
C GLY B 61 -16.31 3.54 10.14
N LYS B 62 -15.07 3.61 9.69
CA LYS B 62 -14.09 4.50 10.29
C LYS B 62 -14.28 5.89 9.69
N ALA B 63 -13.74 6.90 10.35
CA ALA B 63 -13.87 8.27 9.87
C ALA B 63 -12.97 8.53 8.67
N LYS B 64 -12.15 7.54 8.33
CA LYS B 64 -11.24 7.67 7.20
C LYS B 64 -10.85 6.31 6.64
N ILE B 65 -10.77 6.25 5.32
CA ILE B 65 -10.38 5.02 4.61
C ILE B 65 -8.86 4.94 4.60
N GLN B 66 -8.30 3.79 4.95
CA GLN B 66 -6.84 3.70 5.02
C GLN B 66 -6.25 2.38 4.50
N LEU B 67 -4.92 2.35 4.37
CA LEU B 67 -4.17 1.19 3.91
C LEU B 67 -2.85 1.05 4.70
N GLN B 68 -2.63 -0.08 5.37
CA GLN B 68 -1.38 -0.28 6.09
C GLN B 68 -0.56 -1.35 5.40
N LEU B 69 0.73 -1.11 5.25
CA LEU B 69 1.62 -2.07 4.62
C LEU B 69 2.32 -2.90 5.68
N VAL B 70 2.40 -4.21 5.45
CA VAL B 70 3.07 -5.10 6.38
C VAL B 70 4.23 -5.79 5.68
N LEU B 71 5.44 -5.38 6.02
CA LEU B 71 6.62 -5.95 5.41
C LEU B 71 7.04 -7.18 6.20
N HIS B 72 7.53 -8.21 5.51
CA HIS B 72 7.95 -9.44 6.17
C HIS B 72 9.31 -9.24 6.85
N ALA B 73 9.79 -8.00 6.81
CA ALA B 73 11.07 -7.65 7.43
C ALA B 73 10.83 -7.07 8.81
N GLY B 74 9.57 -6.95 9.19
CA GLY B 74 9.22 -6.41 10.49
C GLY B 74 8.93 -4.92 10.43
N ASP B 75 8.37 -4.49 9.31
CA ASP B 75 8.04 -3.09 9.11
C ASP B 75 6.59 -2.93 8.69
N THR B 76 5.99 -1.80 9.03
CA THR B 76 4.60 -1.53 8.69
C THR B 76 4.41 -0.06 8.33
N THR B 77 3.75 0.22 7.22
CA THR B 77 3.52 1.58 6.78
C THR B 77 2.03 1.91 6.71
N ASN B 78 1.55 2.75 7.60
CA ASN B 78 0.14 3.12 7.64
C ASN B 78 -0.14 4.35 6.78
N PHE B 79 -1.07 4.20 5.82
CA PHE B 79 -1.44 5.31 4.94
C PHE B 79 -2.94 5.61 5.07
N HIS B 80 -3.24 6.90 5.13
CA HIS B 80 -4.61 7.40 5.25
C HIS B 80 -5.06 8.04 3.94
N PHE B 81 -6.16 7.56 3.39
CA PHE B 81 -6.69 8.10 2.14
C PHE B 81 -7.59 9.29 2.44
N SER B 82 -7.01 10.48 2.43
CA SER B 82 -7.75 11.70 2.72
C SER B 82 -8.40 12.28 1.47
N ASN B 83 -8.43 11.49 0.40
CA ASN B 83 -9.05 11.94 -0.83
C ASN B 83 -10.51 11.51 -0.86
N GLU B 84 -11.39 12.37 -0.38
CA GLU B 84 -12.82 12.09 -0.30
C GLU B 84 -13.41 11.66 -1.66
N SER B 85 -12.85 12.21 -2.74
CA SER B 85 -13.31 11.91 -4.08
C SER B 85 -13.24 10.42 -4.43
N THR B 86 -12.11 9.78 -4.20
CA THR B 86 -11.97 8.38 -4.55
C THR B 86 -11.33 7.53 -3.44
N ALA B 87 -11.34 8.01 -2.20
CA ALA B 87 -10.75 7.30 -1.06
C ALA B 87 -11.00 5.79 -1.07
N VAL B 88 -12.27 5.42 -0.99
CA VAL B 88 -12.66 4.01 -0.97
C VAL B 88 -12.22 3.29 -2.24
N LYS B 89 -12.41 3.93 -3.38
CA LYS B 89 -12.07 3.36 -4.68
C LYS B 89 -10.56 3.17 -4.82
N GLU B 90 -9.80 4.19 -4.42
CA GLU B 90 -8.35 4.14 -4.51
C GLU B 90 -7.79 3.06 -3.60
N ARG B 91 -8.34 2.97 -2.39
CA ARG B 91 -7.89 1.98 -1.41
C ARG B 91 -7.94 0.56 -1.97
N ASP B 92 -9.11 0.19 -2.49
CA ASP B 92 -9.31 -1.16 -3.02
C ASP B 92 -8.52 -1.40 -4.30
N ALA B 93 -8.29 -0.37 -5.09
CA ALA B 93 -7.54 -0.53 -6.33
C ALA B 93 -6.08 -0.75 -5.99
N VAL B 94 -5.61 0.01 -5.02
CA VAL B 94 -4.26 -0.10 -4.54
C VAL B 94 -4.07 -1.47 -3.90
N LYS B 95 -5.05 -1.84 -3.08
CA LYS B 95 -5.08 -3.12 -2.39
C LYS B 95 -4.85 -4.27 -3.36
N ASP B 96 -5.71 -4.33 -4.36
CA ASP B 96 -5.65 -5.36 -5.38
C ASP B 96 -4.32 -5.34 -6.11
N LEU B 97 -3.97 -4.18 -6.67
CA LEU B 97 -2.73 -4.03 -7.40
C LEU B 97 -1.54 -4.49 -6.56
N LEU B 98 -1.51 -4.03 -5.32
CA LEU B 98 -0.44 -4.38 -4.40
C LEU B 98 -0.40 -5.88 -4.13
N GLN B 99 -1.53 -6.48 -3.72
CA GLN B 99 -1.53 -7.90 -3.40
C GLN B 99 -1.34 -8.77 -4.63
N GLN B 100 -1.69 -8.25 -5.80
CA GLN B 100 -1.53 -9.02 -7.03
C GLN B 100 -0.07 -9.04 -7.47
N LEU B 101 0.63 -7.92 -7.28
CA LEU B 101 2.02 -7.81 -7.67
C LEU B 101 2.98 -8.26 -6.58
N LEU B 102 2.55 -8.14 -5.32
CA LEU B 102 3.37 -8.49 -4.16
C LEU B 102 4.13 -9.81 -4.30
N PRO B 103 3.44 -10.95 -4.46
CA PRO B 103 4.11 -12.25 -4.55
C PRO B 103 4.89 -12.45 -5.86
N LYS B 104 4.74 -11.50 -6.78
CA LYS B 104 5.44 -11.57 -8.05
C LYS B 104 6.85 -10.99 -7.93
N PHE B 105 7.06 -10.19 -6.88
CA PHE B 105 8.36 -9.55 -6.66
C PHE B 105 9.00 -10.03 -5.37
N LYS B 106 8.26 -10.82 -4.59
CA LYS B 106 8.75 -11.33 -3.30
C LYS B 106 10.17 -11.87 -3.40
N ARG B 107 11.07 -11.25 -2.65
CA ARG B 107 12.49 -11.61 -2.64
C ARG B 107 12.77 -12.73 -1.65
N LYS B 108 11.73 -13.16 -0.95
CA LYS B 108 11.86 -14.24 0.04
C LYS B 108 10.71 -15.22 -0.12
N ALA B 109 10.83 -16.38 0.52
CA ALA B 109 9.77 -17.39 0.45
C ALA B 109 8.71 -17.10 1.50
N ASN B 110 8.85 -15.95 2.11
CA ASN B 110 7.96 -15.47 3.14
C ASN B 110 8.01 -13.96 3.17
N ALA A 5 16.79 16.51 23.22
CA ALA A 5 17.69 16.63 24.38
C ALA A 5 16.89 16.63 25.68
N HIS A 6 16.90 15.50 26.37
CA HIS A 6 16.17 15.36 27.63
C HIS A 6 17.07 14.82 28.72
N HIS A 7 17.40 15.69 29.67
CA HIS A 7 18.25 15.34 30.81
C HIS A 7 19.66 14.91 30.34
N LEU A 8 19.82 13.61 30.10
CA LEU A 8 21.09 13.06 29.67
C LEU A 8 20.89 11.60 29.29
N LYS A 9 19.67 11.28 28.84
CA LYS A 9 19.33 9.92 28.45
C LYS A 9 18.54 9.93 27.15
N ARG A 10 18.57 11.06 26.47
CA ARG A 10 17.87 11.21 25.21
C ARG A 10 18.38 12.43 24.45
N GLY A 11 19.36 12.22 23.58
CA GLY A 11 19.91 13.31 22.79
C GLY A 11 18.92 13.79 21.76
N ALA A 12 18.57 12.91 20.84
CA ALA A 12 17.61 13.20 19.79
C ALA A 12 16.54 12.13 19.78
N THR A 13 16.80 11.06 19.04
CA THR A 13 15.87 9.95 18.95
C THR A 13 16.64 8.64 19.05
N MET A 14 16.07 7.65 19.71
CA MET A 14 16.71 6.36 19.87
C MET A 14 15.74 5.22 19.58
N ASN A 15 14.50 5.37 20.03
CA ASN A 15 13.49 4.34 19.82
C ASN A 15 12.12 4.97 19.64
N GLU A 16 12.10 6.24 19.28
CA GLU A 16 10.86 6.98 19.08
C GLU A 16 10.97 7.88 17.86
N ASP A 17 9.83 8.38 17.40
CA ASP A 17 9.79 9.26 16.24
C ASP A 17 8.64 10.25 16.40
N SER A 18 8.67 11.33 15.63
CA SER A 18 7.64 12.34 15.70
C SER A 18 7.03 12.58 14.32
N ASN A 19 7.53 11.87 13.32
CA ASN A 19 7.03 12.01 11.96
C ASN A 19 5.95 10.96 11.68
N GLU A 20 6.28 9.71 11.95
CA GLU A 20 5.34 8.61 11.72
C GLU A 20 4.57 8.30 12.99
N GLU A 21 3.91 9.31 13.55
CA GLU A 21 3.12 9.10 14.76
C GLU A 21 2.02 10.15 14.90
N GLU A 22 0.83 9.65 15.18
CA GLU A 22 -0.39 10.46 15.35
C GLU A 22 -1.56 9.49 15.47
N GLU A 23 -2.75 9.98 15.82
CA GLU A 23 -3.89 9.08 15.95
C GLU A 23 -4.28 8.55 14.58
N GLU A 24 -4.40 7.24 14.48
CA GLU A 24 -4.74 6.60 13.22
C GLU A 24 -5.16 5.16 13.50
N SER A 25 -5.52 4.40 12.48
CA SER A 25 -5.92 3.01 12.66
C SER A 25 -4.71 2.16 13.06
N GLU A 26 -4.97 1.03 13.71
CA GLU A 26 -3.88 0.18 14.20
C GLU A 26 -3.95 -1.25 13.66
N ASN A 27 -4.99 -2.00 14.02
CA ASN A 27 -5.16 -3.38 13.57
C ASN A 27 -6.58 -3.61 13.09
N ASP A 28 -7.25 -2.50 12.88
CA ASP A 28 -8.63 -2.43 12.45
C ASP A 28 -8.70 -2.35 10.94
N TRP A 29 -7.94 -3.20 10.33
CA TRP A 29 -7.85 -3.28 8.89
C TRP A 29 -8.22 -4.66 8.39
N GLU A 30 -8.86 -4.71 7.23
CA GLU A 30 -9.16 -5.96 6.58
C GLU A 30 -7.84 -6.42 6.03
N GLU A 31 -7.21 -7.33 6.73
CA GLU A 31 -5.89 -7.78 6.37
C GLU A 31 -5.82 -8.53 5.04
N VAL A 32 -5.17 -7.85 4.11
CA VAL A 32 -4.93 -8.34 2.77
C VAL A 32 -3.58 -9.03 2.67
N GLU A 33 -3.55 -10.12 1.94
CA GLU A 33 -2.32 -10.91 1.80
C GLU A 33 -1.89 -11.05 0.35
N GLU A 34 -0.60 -11.28 0.15
CA GLU A 34 -0.04 -11.47 -1.18
C GLU A 34 -0.90 -12.46 -1.98
N LEU A 35 -1.57 -11.94 -2.99
CA LEU A 35 -2.49 -12.73 -3.80
C LEU A 35 -1.91 -13.02 -5.19
N SER A 36 -2.04 -14.27 -5.62
CA SER A 36 -1.56 -14.67 -6.92
C SER A 36 -2.71 -15.22 -7.76
N GLU A 37 -2.65 -14.97 -9.05
CA GLU A 37 -3.66 -15.44 -9.98
C GLU A 37 -3.66 -16.95 -10.07
N PRO A 38 -4.83 -17.59 -9.85
CA PRO A 38 -4.97 -19.06 -9.93
C PRO A 38 -4.92 -19.57 -11.35
N VAL A 39 -4.71 -18.65 -12.26
CA VAL A 39 -4.63 -18.93 -13.68
C VAL A 39 -3.25 -18.56 -14.19
N LEU A 40 -2.58 -17.79 -13.37
CA LEU A 40 -1.24 -17.29 -13.64
C LEU A 40 -1.27 -16.28 -14.78
N GLY A 41 -0.09 -15.93 -15.28
CA GLY A 41 0.00 -14.97 -16.36
C GLY A 41 0.77 -15.54 -17.53
N ASP A 42 0.36 -16.72 -17.95
CA ASP A 42 1.02 -17.40 -19.07
C ASP A 42 0.06 -17.54 -20.24
N VAL A 43 0.58 -17.30 -21.44
CA VAL A 43 -0.20 -17.42 -22.66
C VAL A 43 0.48 -18.36 -23.64
N ARG A 44 1.17 -19.35 -23.09
CA ARG A 44 1.89 -20.32 -23.89
C ARG A 44 1.35 -21.73 -23.64
N GLU A 45 0.70 -21.90 -22.50
CA GLU A 45 0.14 -23.21 -22.12
C GLU A 45 -0.87 -23.71 -23.14
N SER A 46 -0.54 -24.83 -23.75
CA SER A 46 -1.39 -25.46 -24.74
C SER A 46 -1.18 -26.97 -24.72
N THR A 47 -0.51 -27.44 -23.67
CA THR A 47 -0.21 -28.87 -23.53
C THR A 47 -1.36 -29.60 -22.84
N ALA A 48 -2.49 -28.92 -22.70
CA ALA A 48 -3.67 -29.49 -22.06
C ALA A 48 -4.24 -30.65 -22.85
N PHE A 49 -3.81 -30.80 -24.11
CA PHE A 49 -4.28 -31.90 -24.95
C PHE A 49 -3.83 -33.22 -24.34
N SER A 50 -2.84 -33.11 -23.44
CA SER A 50 -2.28 -34.25 -22.72
C SER A 50 -1.52 -35.20 -23.65
N ARG A 51 -2.26 -35.95 -24.47
CA ARG A 51 -1.65 -36.89 -25.39
C ARG A 51 -2.56 -37.13 -26.59
N SER A 52 -2.29 -36.41 -27.66
CA SER A 52 -3.03 -36.54 -28.90
C SER A 52 -2.07 -36.87 -30.03
N MET B 3 8.50 3.99 -15.94
CA MET B 3 8.70 4.52 -17.30
C MET B 3 10.13 4.29 -17.74
N ALA B 4 10.58 3.04 -17.64
CA ALA B 4 11.94 2.68 -18.03
C ALA B 4 12.00 1.24 -18.53
N THR B 5 11.61 0.30 -17.67
CA THR B 5 11.63 -1.11 -18.03
C THR B 5 10.61 -1.88 -17.20
N SER B 6 10.97 -2.19 -15.97
CA SER B 6 10.09 -2.93 -15.07
C SER B 6 10.42 -2.59 -13.62
N SER B 7 10.93 -1.39 -13.41
CA SER B 7 11.32 -0.94 -12.08
C SER B 7 10.44 0.21 -11.63
N GLU B 8 10.84 1.42 -12.01
CA GLU B 8 10.10 2.63 -11.64
C GLU B 8 8.96 2.88 -12.62
N GLU B 9 8.15 1.87 -12.84
CA GLU B 9 7.02 1.98 -13.73
C GLU B 9 5.80 2.33 -12.91
N VAL B 10 5.38 3.59 -12.96
CA VAL B 10 4.22 4.03 -12.21
C VAL B 10 2.94 3.47 -12.80
N LEU B 11 2.43 2.46 -12.14
CA LEU B 11 1.23 1.78 -12.56
C LEU B 11 -0.01 2.52 -12.06
N LEU B 12 0.04 2.93 -10.81
CA LEU B 12 -1.08 3.63 -10.20
C LEU B 12 -0.64 4.90 -9.47
N ILE B 13 -1.35 5.98 -9.72
CA ILE B 13 -1.07 7.25 -9.07
C ILE B 13 -2.19 7.59 -8.12
N VAL B 14 -1.91 7.48 -6.85
CA VAL B 14 -2.86 7.77 -5.81
C VAL B 14 -2.65 9.18 -5.31
N LYS B 15 -3.73 9.85 -4.94
CA LYS B 15 -3.62 11.23 -4.48
C LYS B 15 -3.95 11.36 -3.00
N LYS B 16 -3.87 12.61 -2.52
CA LYS B 16 -4.08 13.00 -1.13
C LYS B 16 -4.03 11.84 -0.12
N VAL B 17 -2.84 11.27 0.02
CA VAL B 17 -2.60 10.18 0.95
C VAL B 17 -1.79 10.73 2.12
N ARG B 18 -2.24 10.46 3.33
CA ARG B 18 -1.56 10.96 4.51
C ARG B 18 -0.98 9.84 5.36
N GLN B 19 0.28 9.94 5.69
CA GLN B 19 0.89 8.96 6.57
C GLN B 19 1.03 9.61 7.92
N LYS B 20 0.17 9.22 8.85
CA LYS B 20 0.14 9.80 10.18
C LYS B 20 -0.17 11.30 10.09
N LYS B 21 -1.14 11.59 9.21
CA LYS B 21 -1.64 12.95 8.97
C LYS B 21 -0.78 13.78 8.02
N GLN B 22 0.31 13.20 7.51
CA GLN B 22 1.18 13.94 6.59
C GLN B 22 0.68 13.75 5.16
N ASP B 23 0.28 14.84 4.52
CA ASP B 23 -0.26 14.80 3.16
C ASP B 23 0.80 14.49 2.11
N GLY B 24 0.36 13.85 1.04
CA GLY B 24 1.24 13.51 -0.05
C GLY B 24 0.53 12.72 -1.13
N ALA B 25 1.30 12.22 -2.07
CA ALA B 25 0.78 11.43 -3.17
C ALA B 25 1.41 10.05 -3.13
N LEU B 26 0.63 9.04 -3.46
CA LEU B 26 1.12 7.67 -3.42
C LEU B 26 1.37 7.19 -4.86
N TYR B 27 2.59 6.79 -5.16
CA TYR B 27 2.94 6.33 -6.50
C TYR B 27 3.28 4.85 -6.52
N LEU B 28 2.37 4.06 -7.06
CA LEU B 28 2.55 2.63 -7.17
C LEU B 28 3.36 2.29 -8.41
N MET B 29 4.58 1.83 -8.20
CA MET B 29 5.43 1.46 -9.32
C MET B 29 5.47 -0.06 -9.45
N ALA B 30 6.33 -0.56 -10.32
CA ALA B 30 6.42 -2.00 -10.55
C ALA B 30 7.25 -2.69 -9.47
N GLU B 31 8.46 -2.20 -9.24
CA GLU B 31 9.35 -2.82 -8.27
C GLU B 31 9.07 -2.36 -6.83
N ARG B 32 8.52 -1.17 -6.66
CA ARG B 32 8.26 -0.66 -5.32
C ARG B 32 7.18 0.40 -5.29
N ILE B 33 6.57 0.55 -4.13
CA ILE B 33 5.54 1.54 -3.89
C ILE B 33 6.18 2.72 -3.18
N ALA B 34 6.11 3.90 -3.78
CA ALA B 34 6.72 5.08 -3.19
C ALA B 34 5.70 6.14 -2.87
N TRP B 35 5.94 6.85 -1.78
CA TRP B 35 5.06 7.93 -1.35
C TRP B 35 5.89 9.19 -1.15
N ALA B 36 5.29 10.33 -1.46
CA ALA B 36 5.97 11.61 -1.31
C ALA B 36 5.00 12.68 -0.85
N PRO B 37 5.35 13.47 0.20
CA PRO B 37 4.49 14.54 0.71
C PRO B 37 4.18 15.55 -0.39
N GLU B 38 3.00 16.14 -0.38
CA GLU B 38 2.65 17.07 -1.46
C GLU B 38 3.57 18.28 -1.49
N GLY B 39 3.78 18.82 -2.69
CA GLY B 39 4.68 19.93 -2.87
C GLY B 39 6.10 19.45 -2.97
N LYS B 40 6.23 18.22 -3.46
CA LYS B 40 7.52 17.56 -3.59
C LYS B 40 7.91 17.34 -5.04
N ASP B 41 9.18 16.98 -5.24
CA ASP B 41 9.70 16.68 -6.55
C ASP B 41 10.32 15.28 -6.54
N ARG B 42 10.44 14.70 -5.36
CA ARG B 42 11.02 13.37 -5.19
C ARG B 42 10.22 12.57 -4.18
N PHE B 43 10.41 11.25 -4.19
CA PHE B 43 9.73 10.38 -3.25
C PHE B 43 10.60 10.22 -2.02
N THR B 44 10.01 10.24 -0.84
CA THR B 44 10.77 10.11 0.38
C THR B 44 10.70 8.71 0.97
N ILE B 45 9.57 8.03 0.75
CA ILE B 45 9.39 6.68 1.26
C ILE B 45 9.12 5.72 0.12
N SER B 46 9.78 4.57 0.13
CA SER B 46 9.61 3.58 -0.91
C SER B 46 9.77 2.16 -0.34
N HIS B 47 8.80 1.31 -0.61
CA HIS B 47 8.82 -0.07 -0.14
C HIS B 47 8.72 -1.02 -1.33
N MET B 48 9.67 -1.92 -1.45
CA MET B 48 9.65 -2.88 -2.56
C MET B 48 8.67 -3.99 -2.28
N TYR B 49 7.91 -4.39 -3.30
CA TYR B 49 6.93 -5.46 -3.16
C TYR B 49 7.60 -6.71 -2.60
N ALA B 50 8.84 -6.93 -3.03
CA ALA B 50 9.67 -8.04 -2.58
C ALA B 50 9.83 -8.07 -1.05
N ASP B 51 9.68 -6.93 -0.40
CA ASP B 51 9.82 -6.81 1.05
C ASP B 51 8.48 -6.72 1.76
N ILE B 52 7.44 -6.39 1.03
CA ILE B 52 6.12 -6.31 1.63
C ILE B 52 5.50 -7.69 1.66
N LYS B 53 5.07 -8.11 2.83
CA LYS B 53 4.48 -9.42 2.97
C LYS B 53 2.98 -9.35 2.74
N CYS B 54 2.38 -8.27 3.20
CA CYS B 54 0.94 -8.09 3.05
C CYS B 54 0.55 -6.66 3.35
N GLN B 55 -0.73 -6.38 3.29
CA GLN B 55 -1.25 -5.06 3.55
C GLN B 55 -2.64 -5.17 4.11
N LYS B 56 -2.98 -4.37 5.06
CA LYS B 56 -4.32 -4.42 5.60
C LYS B 56 -5.01 -3.11 5.32
N ILE B 57 -6.31 -3.12 5.19
CA ILE B 57 -7.05 -1.91 4.84
C ILE B 57 -8.12 -1.57 5.86
N SER B 58 -8.14 -0.34 6.37
CA SER B 58 -9.14 0.03 7.35
C SER B 58 -10.47 0.23 6.63
N PRO B 59 -11.42 -0.67 6.93
CA PRO B 59 -12.78 -0.74 6.34
C PRO B 59 -13.64 0.49 6.51
N GLU B 60 -14.73 0.51 5.76
CA GLU B 60 -15.71 1.59 5.80
C GLU B 60 -16.37 1.63 7.17
N GLY B 61 -16.89 2.78 7.53
CA GLY B 61 -17.51 2.95 8.83
C GLY B 61 -16.57 3.65 9.76
N LYS B 62 -15.29 3.64 9.41
CA LYS B 62 -14.27 4.30 10.18
C LYS B 62 -14.21 5.75 9.78
N ALA B 63 -13.61 6.59 10.60
CA ALA B 63 -13.51 8.02 10.30
C ALA B 63 -12.52 8.26 9.18
N LYS B 64 -11.84 7.22 8.73
CA LYS B 64 -10.86 7.33 7.67
C LYS B 64 -10.57 5.98 7.03
N ILE B 65 -10.73 5.91 5.72
CA ILE B 65 -10.44 4.69 4.96
C ILE B 65 -8.95 4.66 4.72
N GLN B 66 -8.28 3.59 5.10
CA GLN B 66 -6.82 3.55 5.00
C GLN B 66 -6.25 2.21 4.54
N LEU B 67 -4.94 2.23 4.28
CA LEU B 67 -4.16 1.08 3.87
C LEU B 67 -2.88 0.95 4.72
N GLN B 68 -2.72 -0.14 5.46
CA GLN B 68 -1.51 -0.33 6.25
C GLN B 68 -0.62 -1.38 5.56
N LEU B 69 0.63 -1.05 5.34
CA LEU B 69 1.57 -1.96 4.70
C LEU B 69 2.32 -2.75 5.75
N VAL B 70 2.42 -4.05 5.56
CA VAL B 70 3.12 -4.91 6.50
C VAL B 70 4.29 -5.59 5.79
N LEU B 71 5.50 -5.15 6.10
CA LEU B 71 6.68 -5.73 5.49
C LEU B 71 7.15 -6.91 6.31
N HIS B 72 7.62 -7.96 5.66
CA HIS B 72 8.07 -9.16 6.36
C HIS B 72 9.44 -8.91 6.98
N ALA B 73 9.94 -7.69 6.82
CA ALA B 73 11.22 -7.29 7.39
C ALA B 73 11.02 -6.66 8.77
N GLY B 74 9.76 -6.48 9.15
CA GLY B 74 9.45 -5.88 10.43
C GLY B 74 9.11 -4.41 10.32
N ASP B 75 8.52 -4.04 9.19
CA ASP B 75 8.13 -2.65 8.94
C ASP B 75 6.64 -2.57 8.62
N THR B 76 6.01 -1.47 9.00
CA THR B 76 4.59 -1.27 8.76
C THR B 76 4.29 0.21 8.50
N THR B 77 3.54 0.49 7.44
CA THR B 77 3.21 1.87 7.10
C THR B 77 1.70 2.12 7.16
N ASN B 78 1.30 3.25 7.72
CA ASN B 78 -0.12 3.60 7.83
C ASN B 78 -0.48 4.66 6.79
N PHE B 79 -1.17 4.27 5.71
CA PHE B 79 -1.55 5.21 4.67
C PHE B 79 -3.03 5.60 4.77
N HIS B 80 -3.25 6.85 5.13
CA HIS B 80 -4.60 7.41 5.28
C HIS B 80 -5.05 8.02 3.95
N PHE B 81 -6.13 7.50 3.40
CA PHE B 81 -6.67 8.02 2.15
C PHE B 81 -7.57 9.21 2.43
N SER B 82 -6.97 10.39 2.51
CA SER B 82 -7.70 11.62 2.80
C SER B 82 -8.27 12.25 1.52
N ASN B 83 -8.23 11.50 0.43
CA ASN B 83 -8.75 11.99 -0.83
C ASN B 83 -10.23 11.65 -0.93
N GLU B 84 -11.08 12.56 -0.47
CA GLU B 84 -12.53 12.37 -0.48
C GLU B 84 -13.04 11.92 -1.83
N SER B 85 -12.48 12.49 -2.88
CA SER B 85 -12.86 12.19 -4.25
C SER B 85 -12.88 10.68 -4.56
N THR B 86 -11.76 10.00 -4.34
CA THR B 86 -11.67 8.57 -4.64
C THR B 86 -11.01 7.76 -3.52
N ALA B 87 -11.15 8.20 -2.27
CA ALA B 87 -10.54 7.52 -1.12
C ALA B 87 -10.80 6.01 -1.11
N VAL B 88 -12.05 5.64 -0.89
CA VAL B 88 -12.45 4.23 -0.83
C VAL B 88 -12.10 3.50 -2.12
N LYS B 89 -12.35 4.16 -3.25
CA LYS B 89 -12.09 3.58 -4.56
C LYS B 89 -10.61 3.27 -4.77
N GLU B 90 -9.75 4.25 -4.49
CA GLU B 90 -8.32 4.08 -4.64
C GLU B 90 -7.81 3.07 -3.62
N ARG B 91 -8.38 3.13 -2.43
CA ARG B 91 -8.01 2.23 -1.33
C ARG B 91 -8.04 0.77 -1.78
N ASP B 92 -9.11 0.40 -2.46
CA ASP B 92 -9.28 -0.97 -2.93
C ASP B 92 -8.45 -1.29 -4.15
N ALA B 93 -8.28 -0.31 -5.05
CA ALA B 93 -7.51 -0.54 -6.26
C ALA B 93 -6.05 -0.70 -5.91
N VAL B 94 -5.62 0.11 -4.96
CA VAL B 94 -4.26 0.05 -4.47
C VAL B 94 -4.03 -1.29 -3.80
N LYS B 95 -5.02 -1.69 -2.99
CA LYS B 95 -4.99 -2.96 -2.28
C LYS B 95 -4.82 -4.11 -3.25
N ASP B 96 -5.72 -4.16 -4.22
CA ASP B 96 -5.73 -5.20 -5.23
C ASP B 96 -4.42 -5.23 -6.00
N LEU B 97 -4.03 -4.09 -6.56
CA LEU B 97 -2.79 -3.98 -7.32
C LEU B 97 -1.61 -4.43 -6.47
N LEU B 98 -1.53 -3.91 -5.26
CA LEU B 98 -0.45 -4.25 -4.35
C LEU B 98 -0.42 -5.73 -4.02
N GLN B 99 -1.57 -6.30 -3.62
CA GLN B 99 -1.59 -7.71 -3.26
C GLN B 99 -1.38 -8.61 -4.46
N GLN B 100 -1.71 -8.13 -5.65
CA GLN B 100 -1.51 -8.91 -6.86
C GLN B 100 -0.03 -8.96 -7.22
N LEU B 101 0.66 -7.84 -7.06
CA LEU B 101 2.08 -7.76 -7.39
C LEU B 101 2.98 -8.21 -6.23
N LEU B 102 2.42 -8.18 -5.01
CA LEU B 102 3.16 -8.57 -3.81
C LEU B 102 3.91 -9.90 -3.95
N PRO B 103 3.22 -11.00 -4.30
CA PRO B 103 3.88 -12.29 -4.44
C PRO B 103 4.60 -12.44 -5.77
N LYS B 104 4.39 -11.47 -6.67
CA LYS B 104 5.03 -11.50 -7.98
C LYS B 104 6.47 -11.01 -7.88
N PHE B 105 6.68 -9.99 -7.07
CA PHE B 105 8.01 -9.42 -6.89
C PHE B 105 8.68 -9.95 -5.65
N LYS B 106 8.10 -11.00 -5.07
CA LYS B 106 8.63 -11.63 -3.86
C LYS B 106 10.13 -11.86 -3.97
N ARG B 107 10.85 -11.65 -2.88
CA ARG B 107 12.30 -11.82 -2.86
C ARG B 107 12.72 -13.21 -3.27
N LYS B 108 13.61 -13.27 -4.25
CA LYS B 108 14.15 -14.52 -4.77
C LYS B 108 15.66 -14.35 -4.92
N ALA B 109 16.07 -13.82 -6.05
CA ALA B 109 17.48 -13.55 -6.31
C ALA B 109 17.69 -12.05 -6.17
N ASN B 110 16.64 -11.43 -5.64
CA ASN B 110 16.57 -10.00 -5.41
C ASN B 110 15.23 -9.72 -4.75
N ALA A 5 27.66 14.51 5.57
CA ALA A 5 26.96 14.32 6.87
C ALA A 5 25.48 14.07 6.63
N HIS A 6 24.80 13.55 7.64
CA HIS A 6 23.37 13.27 7.54
C HIS A 6 22.77 13.15 8.92
N HIS A 7 21.47 12.87 9.00
CA HIS A 7 20.79 12.73 10.27
C HIS A 7 21.09 11.35 10.86
N LEU A 8 22.10 11.29 11.70
CA LEU A 8 22.50 10.05 12.34
C LEU A 8 21.81 9.87 13.69
N LYS A 9 21.01 10.86 14.08
CA LYS A 9 20.29 10.80 15.34
C LYS A 9 19.05 9.92 15.20
N ARG A 10 19.23 8.64 15.39
CA ARG A 10 18.14 7.68 15.29
C ARG A 10 18.05 6.85 16.57
N GLY A 11 16.98 6.11 16.73
CA GLY A 11 16.83 5.27 17.91
C GLY A 11 15.68 5.70 18.80
N ALA A 12 15.01 6.80 18.43
CA ALA A 12 13.89 7.33 19.19
C ALA A 12 14.26 7.61 20.65
N THR A 13 15.48 8.11 20.84
CA THR A 13 15.98 8.42 22.18
C THR A 13 15.11 9.49 22.85
N MET A 14 14.70 10.46 22.06
CA MET A 14 13.83 11.53 22.55
C MET A 14 12.66 11.67 21.60
N ASN A 15 12.37 10.56 20.93
CA ASN A 15 11.27 10.46 19.96
C ASN A 15 11.55 11.36 18.74
N GLU A 16 12.80 11.37 18.29
CA GLU A 16 13.19 12.14 17.13
C GLU A 16 13.09 11.28 15.88
N ASP A 17 12.56 10.09 16.09
CA ASP A 17 12.39 9.11 15.02
C ASP A 17 10.92 9.04 14.63
N SER A 18 10.20 10.12 14.94
CA SER A 18 8.78 10.22 14.66
C SER A 18 8.48 9.96 13.19
N ASN A 19 7.56 9.03 12.93
CA ASN A 19 7.21 8.69 11.56
C ASN A 19 5.90 7.91 11.49
N GLU A 20 5.78 6.84 12.27
CA GLU A 20 4.58 5.99 12.21
C GLU A 20 4.01 5.63 13.58
N GLU A 21 4.47 6.29 14.64
CA GLU A 21 3.97 5.98 15.98
C GLU A 21 2.72 6.79 16.31
N GLU A 22 2.40 7.76 15.46
CA GLU A 22 1.22 8.59 15.66
C GLU A 22 -0.05 7.79 15.40
N GLU A 23 -1.20 8.43 15.59
CA GLU A 23 -2.49 7.79 15.39
C GLU A 23 -2.89 7.88 13.92
N GLU A 24 -3.70 6.94 13.46
CA GLU A 24 -4.22 6.96 12.09
C GLU A 24 -5.17 5.78 11.91
N SER A 25 -6.14 5.70 12.82
CA SER A 25 -7.18 4.66 12.84
C SER A 25 -6.69 3.29 12.36
N GLU A 26 -5.77 2.72 13.11
CA GLU A 26 -5.21 1.41 12.77
C GLU A 26 -5.83 0.32 13.62
N ASN A 27 -5.08 -0.78 13.77
CA ASN A 27 -5.47 -1.95 14.59
C ASN A 27 -6.81 -2.57 14.15
N ASP A 28 -7.26 -2.20 12.97
CA ASP A 28 -8.52 -2.69 12.43
C ASP A 28 -8.51 -2.53 10.93
N TRP A 29 -7.84 -3.44 10.31
CA TRP A 29 -7.71 -3.47 8.88
C TRP A 29 -8.06 -4.85 8.35
N GLU A 30 -8.76 -4.90 7.22
CA GLU A 30 -9.08 -6.15 6.60
C GLU A 30 -7.78 -6.57 5.97
N GLU A 31 -7.10 -7.48 6.64
CA GLU A 31 -5.78 -7.89 6.22
C GLU A 31 -5.73 -8.63 4.89
N VAL A 32 -5.15 -7.92 3.94
CA VAL A 32 -4.91 -8.38 2.59
C VAL A 32 -3.57 -9.10 2.51
N GLU A 33 -3.54 -10.17 1.78
CA GLU A 33 -2.32 -10.97 1.65
C GLU A 33 -1.87 -11.13 0.21
N GLU A 34 -0.58 -11.37 0.03
CA GLU A 34 0.01 -11.57 -1.29
C GLU A 34 -0.88 -12.49 -2.12
N LEU A 35 -1.48 -11.91 -3.15
CA LEU A 35 -2.41 -12.62 -4.01
C LEU A 35 -1.79 -12.94 -5.37
N SER A 36 -1.95 -14.19 -5.78
CA SER A 36 -1.43 -14.63 -7.07
C SER A 36 -2.58 -14.86 -8.04
N GLU A 37 -2.25 -14.99 -9.32
CA GLU A 37 -3.25 -15.22 -10.37
C GLU A 37 -4.17 -16.39 -10.01
N PRO A 38 -5.48 -16.10 -9.86
CA PRO A 38 -6.49 -17.11 -9.51
C PRO A 38 -6.97 -17.90 -10.71
N VAL A 39 -6.21 -17.80 -11.78
CA VAL A 39 -6.52 -18.51 -13.01
C VAL A 39 -5.61 -19.71 -13.19
N LEU A 40 -6.18 -20.80 -13.68
CA LEU A 40 -5.41 -22.02 -13.88
C LEU A 40 -5.36 -22.37 -15.36
N GLY A 41 -4.30 -21.93 -16.02
CA GLY A 41 -4.13 -22.19 -17.43
C GLY A 41 -2.77 -21.76 -17.92
N ASP A 42 -2.34 -22.32 -19.03
CA ASP A 42 -1.04 -21.98 -19.61
C ASP A 42 -1.21 -20.97 -20.73
N VAL A 43 -0.33 -19.98 -20.76
CA VAL A 43 -0.37 -18.95 -21.78
C VAL A 43 0.45 -19.40 -23.00
N ARG A 44 -0.04 -20.41 -23.66
CA ARG A 44 0.64 -20.98 -24.82
C ARG A 44 0.31 -20.21 -26.08
N GLU A 45 0.99 -19.09 -26.26
CA GLU A 45 0.82 -18.25 -27.43
C GLU A 45 1.87 -18.63 -28.46
N SER A 46 1.78 -18.05 -29.66
CA SER A 46 2.72 -18.34 -30.72
C SER A 46 4.12 -17.83 -30.38
N THR A 47 4.19 -16.84 -29.48
CA THR A 47 5.46 -16.28 -29.06
C THR A 47 6.25 -17.30 -28.25
N ALA A 48 7.16 -17.99 -28.92
CA ALA A 48 7.99 -19.00 -28.29
C ALA A 48 9.32 -19.09 -29.02
N PHE A 49 9.40 -20.04 -29.94
CA PHE A 49 10.60 -20.23 -30.74
C PHE A 49 10.59 -19.20 -31.85
N SER A 50 9.38 -18.74 -32.17
CA SER A 50 9.15 -17.75 -33.19
C SER A 50 7.66 -17.41 -33.24
N ARG A 51 6.95 -18.11 -34.13
CA ARG A 51 5.50 -17.98 -34.37
C ARG A 51 5.22 -18.25 -35.83
N SER A 52 6.27 -18.57 -36.53
CA SER A 52 6.24 -18.87 -37.95
C SER A 52 7.47 -19.68 -38.30
N MET B 3 6.82 4.24 -18.64
CA MET B 3 8.10 4.92 -18.29
C MET B 3 9.00 4.97 -19.52
N ALA B 4 10.01 5.83 -19.48
CA ALA B 4 10.94 5.98 -20.59
C ALA B 4 11.91 4.80 -20.66
N THR B 5 11.97 4.03 -19.58
CA THR B 5 12.84 2.88 -19.50
C THR B 5 12.16 1.80 -18.67
N SER B 6 12.65 0.57 -18.73
CA SER B 6 12.08 -0.54 -17.98
C SER B 6 12.50 -0.47 -16.51
N SER B 7 12.17 0.64 -15.86
CA SER B 7 12.50 0.85 -14.46
C SER B 7 11.53 1.85 -13.85
N GLU B 8 10.94 1.47 -12.73
CA GLU B 8 9.98 2.30 -12.01
C GLU B 8 8.79 2.67 -12.88
N GLU B 9 8.03 1.66 -13.27
CA GLU B 9 6.84 1.89 -14.08
C GLU B 9 5.69 2.27 -13.16
N VAL B 10 5.37 3.55 -13.15
CA VAL B 10 4.31 4.07 -12.31
C VAL B 10 2.95 3.63 -12.84
N LEU B 11 2.43 2.58 -12.24
CA LEU B 11 1.16 2.00 -12.62
C LEU B 11 0.00 2.82 -12.07
N LEU B 12 0.12 3.21 -10.81
CA LEU B 12 -0.93 3.98 -10.16
C LEU B 12 -0.39 5.17 -9.38
N ILE B 13 -1.12 6.28 -9.44
CA ILE B 13 -0.76 7.49 -8.71
C ILE B 13 -1.92 7.92 -7.84
N VAL B 14 -1.77 7.74 -6.54
CA VAL B 14 -2.79 8.10 -5.60
C VAL B 14 -2.49 9.47 -5.00
N LYS B 15 -3.53 10.22 -4.70
CA LYS B 15 -3.38 11.55 -4.13
C LYS B 15 -3.67 11.55 -2.65
N LYS B 16 -3.47 12.71 -2.01
CA LYS B 16 -3.66 12.91 -0.57
C LYS B 16 -3.71 11.63 0.27
N VAL B 17 -2.57 10.95 0.31
CA VAL B 17 -2.43 9.76 1.11
C VAL B 17 -1.69 10.17 2.37
N ARG B 18 -2.41 10.25 3.48
CA ARG B 18 -1.84 10.71 4.73
C ARG B 18 -1.26 9.58 5.55
N GLN B 19 0.00 9.72 5.91
CA GLN B 19 0.64 8.75 6.78
C GLN B 19 0.91 9.47 8.09
N LYS B 20 0.09 9.16 9.08
CA LYS B 20 0.20 9.78 10.40
C LYS B 20 -0.08 11.28 10.33
N LYS B 21 -1.17 11.61 9.63
CA LYS B 21 -1.66 12.98 9.47
C LYS B 21 -0.88 13.80 8.45
N GLN B 22 -0.01 13.15 7.69
CA GLN B 22 0.76 13.85 6.66
C GLN B 22 0.38 13.33 5.28
N ASP B 23 -0.19 14.19 4.44
CA ASP B 23 -0.62 13.77 3.10
C ASP B 23 0.49 13.78 2.09
N GLY B 24 0.34 12.91 1.11
CA GLY B 24 1.30 12.80 0.05
C GLY B 24 0.75 12.05 -1.12
N ALA B 25 1.55 11.91 -2.15
CA ALA B 25 1.16 11.20 -3.34
C ALA B 25 1.72 9.80 -3.27
N LEU B 26 0.90 8.82 -3.59
CA LEU B 26 1.31 7.44 -3.53
C LEU B 26 1.60 6.94 -4.94
N TYR B 27 2.88 6.69 -5.21
CA TYR B 27 3.31 6.23 -6.52
C TYR B 27 3.50 4.72 -6.54
N LEU B 28 2.61 4.03 -7.22
CA LEU B 28 2.71 2.59 -7.33
C LEU B 28 3.48 2.20 -8.57
N MET B 29 4.73 1.86 -8.39
CA MET B 29 5.55 1.44 -9.51
C MET B 29 5.42 -0.08 -9.65
N ALA B 30 6.15 -0.65 -10.58
CA ALA B 30 6.08 -2.08 -10.81
C ALA B 30 6.93 -2.83 -9.79
N GLU B 31 8.15 -2.37 -9.61
CA GLU B 31 9.08 -3.02 -8.69
C GLU B 31 8.87 -2.61 -7.23
N ARG B 32 8.48 -1.36 -7.00
CA ARG B 32 8.29 -0.91 -5.62
C ARG B 32 7.22 0.18 -5.51
N ILE B 33 6.78 0.43 -4.29
CA ILE B 33 5.78 1.44 -4.00
C ILE B 33 6.45 2.61 -3.27
N ALA B 34 6.37 3.80 -3.84
CA ALA B 34 6.99 4.96 -3.24
C ALA B 34 5.96 6.01 -2.83
N TRP B 35 6.25 6.71 -1.76
CA TRP B 35 5.36 7.74 -1.27
C TRP B 35 6.15 9.03 -0.98
N ALA B 36 5.51 10.16 -1.24
CA ALA B 36 6.12 11.46 -1.02
C ALA B 36 5.03 12.47 -0.64
N PRO B 37 5.28 13.33 0.38
CA PRO B 37 4.30 14.33 0.84
C PRO B 37 3.74 15.20 -0.29
N GLU B 38 2.45 15.56 -0.22
CA GLU B 38 1.83 16.36 -1.26
C GLU B 38 2.55 17.70 -1.48
N GLY B 39 2.69 18.07 -2.75
CA GLY B 39 3.36 19.31 -3.09
C GLY B 39 4.85 19.12 -3.28
N LYS B 40 5.26 17.89 -3.54
CA LYS B 40 6.67 17.56 -3.72
C LYS B 40 6.99 17.13 -5.14
N ASP B 41 8.28 17.01 -5.44
CA ASP B 41 8.75 16.59 -6.75
C ASP B 41 9.53 15.27 -6.64
N ARG B 42 10.04 15.01 -5.46
CA ARG B 42 10.82 13.81 -5.18
C ARG B 42 10.00 12.80 -4.37
N PHE B 43 10.65 11.75 -3.89
CA PHE B 43 10.01 10.73 -3.08
C PHE B 43 10.74 10.63 -1.76
N THR B 44 10.05 10.21 -0.71
CA THR B 44 10.67 10.09 0.60
C THR B 44 10.70 8.65 1.10
N ILE B 45 9.61 7.92 0.89
CA ILE B 45 9.54 6.54 1.33
C ILE B 45 9.36 5.60 0.14
N SER B 46 10.01 4.44 0.19
CA SER B 46 9.91 3.47 -0.89
C SER B 46 10.02 2.05 -0.32
N HIS B 47 9.03 1.21 -0.65
CA HIS B 47 9.01 -0.17 -0.19
C HIS B 47 8.97 -1.10 -1.38
N MET B 48 9.85 -2.09 -1.40
CA MET B 48 9.87 -3.04 -2.50
C MET B 48 8.75 -4.05 -2.29
N TYR B 49 8.05 -4.42 -3.36
CA TYR B 49 6.96 -5.40 -3.25
C TYR B 49 7.50 -6.67 -2.59
N ALA B 50 8.75 -6.98 -2.91
CA ALA B 50 9.46 -8.12 -2.37
C ALA B 50 9.45 -8.17 -0.84
N ASP B 51 9.58 -7.01 -0.20
CA ASP B 51 9.63 -6.92 1.27
C ASP B 51 8.24 -6.83 1.88
N ILE B 52 7.26 -6.40 1.10
CA ILE B 52 5.91 -6.28 1.63
C ILE B 52 5.25 -7.63 1.64
N LYS B 53 5.11 -8.21 2.82
CA LYS B 53 4.51 -9.51 2.96
C LYS B 53 3.02 -9.43 2.67
N CYS B 54 2.40 -8.35 3.10
CA CYS B 54 0.99 -8.16 2.92
C CYS B 54 0.59 -6.72 3.23
N GLN B 55 -0.69 -6.44 3.15
CA GLN B 55 -1.21 -5.11 3.41
C GLN B 55 -2.59 -5.26 3.99
N LYS B 56 -2.98 -4.38 4.87
CA LYS B 56 -4.31 -4.48 5.43
C LYS B 56 -5.06 -3.19 5.17
N ILE B 57 -6.36 -3.25 5.06
CA ILE B 57 -7.15 -2.07 4.74
C ILE B 57 -8.17 -1.74 5.84
N SER B 58 -8.16 -0.51 6.34
CA SER B 58 -9.09 -0.14 7.39
C SER B 58 -10.47 0.09 6.80
N PRO B 59 -11.40 -0.82 7.19
CA PRO B 59 -12.79 -0.85 6.73
C PRO B 59 -13.62 0.33 7.21
N GLU B 60 -14.80 0.46 6.62
CA GLU B 60 -15.74 1.52 6.97
C GLU B 60 -16.07 1.46 8.45
N GLY B 61 -16.49 2.59 8.99
CA GLY B 61 -16.81 2.68 10.40
C GLY B 61 -15.82 3.58 11.09
N LYS B 62 -14.69 3.76 10.44
CA LYS B 62 -13.64 4.64 10.93
C LYS B 62 -13.79 5.99 10.25
N ALA B 63 -13.19 7.02 10.81
CA ALA B 63 -13.28 8.36 10.23
C ALA B 63 -12.43 8.49 8.97
N LYS B 64 -11.68 7.45 8.64
CA LYS B 64 -10.83 7.49 7.47
C LYS B 64 -10.59 6.09 6.90
N ILE B 65 -10.83 5.95 5.60
CA ILE B 65 -10.61 4.69 4.89
C ILE B 65 -9.13 4.60 4.56
N GLN B 66 -8.44 3.54 5.00
CA GLN B 66 -6.99 3.49 4.81
C GLN B 66 -6.43 2.12 4.43
N LEU B 67 -5.13 2.14 4.11
CA LEU B 67 -4.36 0.96 3.73
C LEU B 67 -3.06 0.89 4.53
N GLN B 68 -2.86 -0.17 5.32
CA GLN B 68 -1.63 -0.31 6.08
C GLN B 68 -0.73 -1.36 5.41
N LEU B 69 0.54 -1.04 5.24
CA LEU B 69 1.48 -1.97 4.62
C LEU B 69 2.18 -2.77 5.70
N VAL B 70 2.28 -4.07 5.51
CA VAL B 70 2.94 -4.93 6.48
C VAL B 70 4.14 -5.62 5.84
N LEU B 71 5.32 -5.17 6.18
CA LEU B 71 6.53 -5.75 5.64
C LEU B 71 7.00 -6.87 6.55
N HIS B 72 7.46 -7.96 5.96
CA HIS B 72 7.92 -9.12 6.74
C HIS B 72 9.25 -8.81 7.43
N ALA B 73 9.77 -7.61 7.20
CA ALA B 73 11.03 -7.17 7.80
C ALA B 73 10.76 -6.54 9.16
N GLY B 74 9.48 -6.41 9.50
CA GLY B 74 9.11 -5.81 10.77
C GLY B 74 8.75 -4.34 10.62
N ASP B 75 8.20 -3.99 9.47
CA ASP B 75 7.81 -2.61 9.18
C ASP B 75 6.34 -2.55 8.78
N THR B 76 5.68 -1.45 9.11
CA THR B 76 4.28 -1.24 8.79
C THR B 76 4.01 0.24 8.55
N THR B 77 3.34 0.55 7.44
CA THR B 77 3.03 1.95 7.13
C THR B 77 1.52 2.15 7.01
N ASN B 78 1.01 3.25 7.57
CA ASN B 78 -0.42 3.55 7.52
C ASN B 78 -0.71 4.58 6.43
N PHE B 79 -1.33 4.15 5.34
CA PHE B 79 -1.66 5.06 4.26
C PHE B 79 -3.14 5.43 4.31
N HIS B 80 -3.41 6.62 4.80
CA HIS B 80 -4.77 7.13 4.93
C HIS B 80 -5.20 7.89 3.68
N PHE B 81 -6.22 7.37 3.02
CA PHE B 81 -6.73 8.00 1.80
C PHE B 81 -7.69 9.13 2.17
N SER B 82 -7.15 10.34 2.28
CA SER B 82 -7.95 11.50 2.65
C SER B 82 -8.60 12.16 1.43
N ASN B 83 -8.34 11.62 0.24
CA ASN B 83 -8.92 12.17 -0.96
C ASN B 83 -10.34 11.66 -1.11
N GLU B 84 -11.28 12.41 -0.56
CA GLU B 84 -12.71 12.08 -0.54
C GLU B 84 -13.23 11.59 -1.91
N SER B 85 -12.77 12.21 -2.98
CA SER B 85 -13.19 11.88 -4.33
C SER B 85 -13.05 10.38 -4.63
N THR B 86 -11.90 9.81 -4.32
CA THR B 86 -11.66 8.41 -4.62
C THR B 86 -11.03 7.63 -3.46
N ALA B 87 -11.19 8.13 -2.24
CA ALA B 87 -10.61 7.50 -1.04
C ALA B 87 -10.82 6.00 -0.99
N VAL B 88 -12.08 5.59 -0.87
CA VAL B 88 -12.43 4.17 -0.79
C VAL B 88 -12.05 3.43 -2.06
N LYS B 89 -12.32 4.05 -3.19
CA LYS B 89 -12.05 3.46 -4.50
C LYS B 89 -10.56 3.19 -4.70
N GLU B 90 -9.73 4.18 -4.42
CA GLU B 90 -8.30 4.04 -4.59
C GLU B 90 -7.72 3.04 -3.60
N ARG B 91 -8.30 2.99 -2.40
CA ARG B 91 -7.85 2.03 -1.38
C ARG B 91 -7.90 0.60 -1.90
N ASP B 92 -9.02 0.24 -2.48
CA ASP B 92 -9.19 -1.12 -3.01
C ASP B 92 -8.41 -1.34 -4.29
N ALA B 93 -8.20 -0.29 -5.06
CA ALA B 93 -7.46 -0.42 -6.31
C ALA B 93 -6.00 -0.64 -5.99
N VAL B 94 -5.53 0.10 -5.02
CA VAL B 94 -4.17 -0.01 -4.55
C VAL B 94 -3.98 -1.37 -3.89
N LYS B 95 -4.98 -1.75 -3.09
CA LYS B 95 -5.00 -3.04 -2.40
C LYS B 95 -4.76 -4.17 -3.39
N ASP B 96 -5.62 -4.22 -4.38
CA ASP B 96 -5.56 -5.23 -5.43
C ASP B 96 -4.23 -5.19 -6.17
N LEU B 97 -3.89 -4.03 -6.70
CA LEU B 97 -2.63 -3.87 -7.44
C LEU B 97 -1.45 -4.35 -6.60
N LEU B 98 -1.40 -3.89 -5.36
CA LEU B 98 -0.33 -4.26 -4.45
C LEU B 98 -0.32 -5.76 -4.18
N GLN B 99 -1.46 -6.33 -3.76
CA GLN B 99 -1.48 -7.76 -3.44
C GLN B 99 -1.28 -8.64 -4.67
N GLN B 100 -1.63 -8.13 -5.84
CA GLN B 100 -1.45 -8.90 -7.07
C GLN B 100 0.03 -8.99 -7.44
N LEU B 101 0.75 -7.90 -7.25
CA LEU B 101 2.17 -7.85 -7.58
C LEU B 101 3.04 -8.31 -6.40
N LEU B 102 2.50 -8.23 -5.20
CA LEU B 102 3.20 -8.60 -3.97
C LEU B 102 3.95 -9.94 -4.04
N PRO B 103 3.29 -11.05 -4.41
CA PRO B 103 3.94 -12.35 -4.46
C PRO B 103 4.78 -12.55 -5.73
N LYS B 104 4.66 -11.63 -6.67
CA LYS B 104 5.42 -11.71 -7.92
C LYS B 104 6.87 -11.31 -7.67
N PHE B 105 7.07 -10.61 -6.56
CA PHE B 105 8.40 -10.16 -6.18
C PHE B 105 8.91 -10.92 -4.97
N LYS B 106 8.25 -12.04 -4.67
CA LYS B 106 8.63 -12.85 -3.53
C LYS B 106 9.66 -13.90 -3.90
N ARG B 107 10.90 -13.61 -3.56
CA ARG B 107 12.04 -14.49 -3.82
C ARG B 107 13.14 -14.14 -2.84
N LYS B 108 13.42 -12.84 -2.79
CA LYS B 108 14.44 -12.27 -1.92
C LYS B 108 14.37 -10.77 -2.07
N ALA B 109 15.34 -10.05 -1.50
CA ALA B 109 15.37 -8.61 -1.63
C ALA B 109 15.68 -8.26 -3.09
N ASN B 110 14.64 -7.82 -3.80
CA ASN B 110 14.74 -7.48 -5.22
C ASN B 110 15.05 -8.72 -6.05
#